data_8K5H
#
_entry.id   8K5H
#
_cell.length_a   1.00
_cell.length_b   1.00
_cell.length_c   1.00
_cell.angle_alpha   90.00
_cell.angle_beta   90.00
_cell.angle_gamma   90.00
#
_symmetry.space_group_name_H-M   'P 1'
#
loop_
_entity.id
_entity.type
_entity.pdbx_description
1 polymer 'Spike glycoprotein'
2 polymer 'UT28K-RD Fab heavy chain'
3 polymer 'UT28K-RD Fab light chain'
4 branched 2-acetamido-2-deoxy-beta-D-glucopyranose-(1-4)-2-acetamido-2-deoxy-beta-D-glucopyranose
5 non-polymer 2-acetamido-2-deoxy-beta-D-glucopyranose
#
loop_
_entity_poly.entity_id
_entity_poly.type
_entity_poly.pdbx_seq_one_letter_code
_entity_poly.pdbx_strand_id
1 'polypeptide(L)'
;GTSSQCVNLTTRTQLPPAYTNSFTRGVYYPDKVFRSSVLHSTQDLFLPFFSNVTWFHVISGTNGTKRFDNPVLPFNDGVY
FASIEKSNIIRGWIFGTTLDSKTQSLLIVNNATNVVIKVCEFQFCNDPFLDHKNNKSWMESEFRVYSSANNCTFEYVSQP
FLMDLEGKQGNFKNLREFVFKNIDGYFKIYSKHTPIIVREPEDLPQGFSALEPLVDLPIGINITRFQTLLALHRSYLTPG
DSSSGWTAGAAAYYVGYLQPRTFLLKYNENGTITDAVDCALDPLSETKCTLKSFTVEKGIYQTSNFRVQPTESIVRFPNI
TNLCPFDEVFNATRFASVYAWNRKRISNCVADYSVLYNLAPFFTFKCYGVSPTKLNDLCFTNVYADSFVIRGDEVRQIAP
GQTGNIADYNYKLPDDFTGCVIAWNSNKLDSKVSGNYNYLYRLFRKSNLKPFERDISTEIYQAGNKPCNGVAGFNCYFPL
RSYSFRPTYGVGHQPYRVVVLSFELLHAPATVCGPKKSTNLVKNKCVNFNFNGLKGTGVLTESNKKFLPFQQFGRDIADT
TDAVRDPQTLEILDITPCSFGGVSVITPGTNTSNQVAVLYQGVNCTEVPVAIHADQLTPTWRVYSTGSNVFQTRAGCLIG
AEYVNNSYECDIPIGAGICASYQTQTKSHGSAGSVASQSIIAYTMSLGAENSVAYSNNSIAIPTNFTISVTTEILPVSMT
KTSVDCTMYICGDSTECSNLLLQYGSFCTQLKRALTGIAVEQDKNTQEVFAQVKQIYKTPPIKYFGGFNFSQILPDPSKP
SKRSPIEDLLFNKVTLADAGFIKQYGDCLGDIAARDLICAQKFKGLTVLPPLLTDEMIAQYTSALLAGTITSGWTFGAGP
ALQIPFPMQMAYRFNGIGVTQNVLYENQKLIANQFNSAIGKIQDSLSSTPSALGKLQDVVNHNAQALNTLVKQLSSKFGA
ISSVLNDIFSRLDPPEAEVQIDRLITGRLQSLQTYVTQQLIRAAEIRASANLAATKMSECVLGQSKRVDFCGKGYHLMSF
PQSAPHGVVFLHVTYVPAQEKNFTTAPAICHDGKAHFPREGVFVSNGTHWFVTQRNFYEPQIITTDNTFVSGNCDVVIGI
VNNTVYDPLQPELDSFKEELDKYFKNHTSPDVDLGDISGINASVVNIQKEIDRLNEVAKNLNESLIDLQELGKYEQYIAS
;
B,A,C
2 'polypeptide(L)'
;QMQLVQSGPEVKKPGTSVKVSCKASGFRFSISAVQWVRQARGQRLEWIGWIVVGSGDTNYAQKFQERVTITRDMSTSTAY
MELSSLRFEDTAVYYCAAPYCGGDCSDGFDIWGQGTMVTVSSASTKGPSVFPLAPSSKSTSGGTAALGCLVKDYFPEPVT
VSWNSGALTSGVHTFPAVLQSSGLYSLSSVVTVPSSSLGTQTYICNVNHKPSNTKVDKKVEPKSCDKTHTCPPCPAPEGS
SGHHHHHHHHHH
;
H
3 'polypeptide(L)'
;METPAQLLFLLLLWLPDTTGEIVLTQSPGTLSLSPGERATLSCRASQSVSSSYLAWYQQKPGQAPRLLIYGASSRATGIP
DRFSGSGSGTDFTLTISRLEPEDFAVYYCQQYGNSPWTFGQGTKVEIKRTVAAPSVFIFPPSDEQLKSGTASVVCLLNNF
YPREAKVQWKVDNALQSGNSQESVTEQDSKDSTYSLSSTLTLSKADYEKHKVYACEVTHQGLSSPVTKSFNRGEC
;
L
#
loop_
_chem_comp.id
_chem_comp.type
_chem_comp.name
_chem_comp.formula
NAG D-saccharide, beta linking 2-acetamido-2-deoxy-beta-D-glucopyranose 'C8 H15 N O6'
#
# COMPACT_ATOMS: atom_id res chain seq x y z
N ALA A 18 35.72 23.55 -47.49
CA ALA A 18 36.37 22.24 -47.44
C ALA A 18 35.82 21.43 -46.28
N TYR A 19 34.85 20.56 -46.57
CA TYR A 19 34.19 19.75 -45.55
C TYR A 19 34.48 18.28 -45.77
N THR A 20 34.21 17.48 -44.74
CA THR A 20 34.44 16.05 -44.77
C THR A 20 33.72 15.40 -43.60
N ASN A 21 33.10 14.25 -43.86
CA ASN A 21 32.43 13.53 -42.80
C ASN A 21 33.40 12.72 -41.94
N SER A 22 32.92 12.31 -40.76
CA SER A 22 33.78 11.88 -39.66
C SER A 22 34.04 10.38 -39.61
N PHE A 23 33.16 9.54 -40.13
CA PHE A 23 33.34 8.09 -40.08
C PHE A 23 33.47 7.55 -38.66
N THR A 24 32.72 8.13 -37.73
CA THR A 24 32.61 7.59 -36.38
C THR A 24 33.98 7.47 -35.72
N ARG A 25 34.60 8.61 -35.48
CA ARG A 25 35.89 8.67 -34.80
C ARG A 25 35.80 9.65 -33.66
N GLY A 26 36.68 9.47 -32.68
CA GLY A 26 36.75 10.41 -31.59
C GLY A 26 35.97 9.99 -30.37
N VAL A 27 36.17 8.76 -29.94
CA VAL A 27 35.60 8.27 -28.70
C VAL A 27 36.70 8.20 -27.66
N TYR A 28 36.44 8.74 -26.48
CA TYR A 28 37.44 8.84 -25.44
C TYR A 28 36.89 8.25 -24.15
N TYR A 29 37.78 7.82 -23.28
CA TYR A 29 37.35 7.20 -22.03
C TYR A 29 36.65 8.21 -21.15
N PRO A 30 35.33 8.17 -21.08
CA PRO A 30 34.60 9.28 -20.45
C PRO A 30 34.76 9.27 -18.95
N ASP A 31 34.68 8.09 -18.36
CA ASP A 31 34.71 7.93 -16.92
C ASP A 31 36.15 7.68 -16.47
N LYS A 32 36.31 7.25 -15.23
CA LYS A 32 37.62 7.15 -14.62
C LYS A 32 37.82 5.77 -14.00
N VAL A 33 37.00 4.79 -14.41
CA VAL A 33 36.67 3.63 -13.60
C VAL A 33 36.88 2.37 -14.42
N PHE A 34 37.10 1.26 -13.73
CA PHE A 34 37.35 -0.02 -14.37
C PHE A 34 36.05 -0.81 -14.57
N ARG A 35 35.84 -1.29 -15.79
CA ARG A 35 34.70 -2.14 -16.12
C ARG A 35 35.16 -3.28 -17.02
N SER A 36 34.58 -4.45 -16.80
CA SER A 36 35.04 -5.69 -17.43
C SER A 36 33.86 -6.43 -18.04
N SER A 37 33.85 -6.55 -19.36
CA SER A 37 32.85 -7.34 -20.07
C SER A 37 31.43 -6.87 -19.76
N VAL A 38 31.20 -5.57 -19.90
CA VAL A 38 29.87 -5.00 -19.77
C VAL A 38 29.64 -4.01 -20.90
N LEU A 39 28.38 -3.71 -21.14
CA LEU A 39 27.96 -2.64 -22.02
C LEU A 39 27.40 -1.51 -21.17
N HIS A 40 27.96 -0.32 -21.33
CA HIS A 40 27.58 0.82 -20.51
C HIS A 40 26.90 1.89 -21.35
N SER A 41 26.20 2.79 -20.67
CA SER A 41 25.45 3.86 -21.30
C SER A 41 25.82 5.17 -20.63
N THR A 42 26.39 6.11 -21.38
CA THR A 42 26.91 7.33 -20.80
C THR A 42 26.32 8.56 -21.49
N GLN A 43 26.10 9.60 -20.71
CA GLN A 43 25.64 10.89 -21.21
C GLN A 43 26.75 11.90 -20.99
N ASP A 44 27.32 12.43 -22.06
CA ASP A 44 28.47 13.31 -21.96
C ASP A 44 28.63 14.03 -23.30
N LEU A 45 29.75 14.72 -23.49
CA LEU A 45 30.04 15.48 -24.69
C LEU A 45 30.83 14.59 -25.65
N PHE A 46 30.20 14.18 -26.74
CA PHE A 46 30.85 13.31 -27.70
C PHE A 46 30.69 13.86 -29.10
N LEU A 47 31.61 13.49 -29.97
CA LEU A 47 31.54 13.92 -31.36
C LEU A 47 30.51 13.05 -32.09
N PRO A 48 29.45 13.63 -32.63
CA PRO A 48 28.43 12.80 -33.29
C PRO A 48 28.99 12.04 -34.48
N PHE A 49 28.45 10.85 -34.68
CA PHE A 49 28.92 9.97 -35.74
C PHE A 49 28.53 10.52 -37.10
N PHE A 50 29.36 10.25 -38.10
CA PHE A 50 29.13 10.69 -39.47
C PHE A 50 28.80 12.18 -39.51
N SER A 51 29.75 12.98 -39.03
CA SER A 51 29.56 14.41 -38.92
C SER A 51 30.55 15.15 -39.79
N ASN A 52 30.14 16.31 -40.27
CA ASN A 52 30.98 17.13 -41.12
C ASN A 52 32.05 17.83 -40.30
N VAL A 53 33.30 17.77 -40.77
CA VAL A 53 34.42 18.40 -40.09
C VAL A 53 35.03 19.43 -41.03
N THR A 54 35.35 20.60 -40.49
CA THR A 54 36.05 21.63 -41.24
C THR A 54 37.51 21.25 -41.35
N TRP A 55 38.08 21.38 -42.55
CA TRP A 55 39.46 20.95 -42.72
C TRP A 55 40.22 21.92 -43.61
N PHE A 56 41.50 22.07 -43.31
CA PHE A 56 42.40 22.98 -44.01
C PHE A 56 43.67 22.24 -44.39
N HIS A 57 44.28 22.66 -45.49
CA HIS A 57 45.47 22.00 -46.00
C HIS A 57 46.71 22.86 -45.78
N VAL A 58 47.85 22.19 -45.61
CA VAL A 58 49.12 22.86 -45.39
C VAL A 58 49.49 23.70 -46.61
N ASP A 69 46.97 29.20 -44.24
CA ASP A 69 46.35 27.95 -43.82
C ASP A 69 46.23 27.87 -42.31
N ASN A 70 46.30 29.02 -41.65
CA ASN A 70 46.18 29.11 -40.20
C ASN A 70 45.10 30.11 -39.87
N PRO A 71 43.85 29.75 -40.09
CA PRO A 71 42.77 30.71 -39.87
C PRO A 71 42.45 30.87 -38.39
N VAL A 72 41.37 31.57 -38.09
CA VAL A 72 40.92 31.81 -36.73
C VAL A 72 39.60 31.06 -36.53
N LEU A 73 39.53 30.27 -35.45
CA LEU A 73 38.41 29.36 -35.27
C LEU A 73 37.72 29.60 -33.94
N PRO A 74 36.40 29.46 -33.89
CA PRO A 74 35.70 29.55 -32.61
C PRO A 74 35.88 28.29 -31.79
N PHE A 75 35.44 28.36 -30.54
CA PHE A 75 35.58 27.26 -29.59
C PHE A 75 34.35 27.28 -28.70
N ASN A 76 33.41 26.40 -29.01
CA ASN A 76 32.27 26.15 -28.14
C ASN A 76 32.70 25.11 -27.11
N ASP A 77 31.74 24.47 -26.46
CA ASP A 77 31.99 23.57 -25.32
C ASP A 77 33.19 22.66 -25.50
N GLY A 78 33.57 22.30 -26.72
CA GLY A 78 34.77 21.51 -26.89
C GLY A 78 35.20 21.46 -28.34
N VAL A 79 36.32 20.77 -28.58
CA VAL A 79 36.94 20.67 -29.89
C VAL A 79 37.63 19.33 -30.03
N TYR A 80 37.58 18.77 -31.22
CA TYR A 80 38.35 17.59 -31.61
C TYR A 80 39.30 17.99 -32.74
N PHE A 81 40.54 17.53 -32.65
CA PHE A 81 41.62 17.97 -33.54
C PHE A 81 42.40 16.76 -34.02
N ALA A 82 42.78 16.77 -35.29
CA ALA A 82 43.54 15.68 -35.87
C ALA A 82 44.66 16.24 -36.73
N SER A 83 45.60 15.37 -37.10
CA SER A 83 46.73 15.75 -37.94
C SER A 83 47.43 14.52 -38.51
N ILE A 84 47.72 14.54 -39.80
CA ILE A 84 48.25 13.36 -40.48
C ILE A 84 49.65 13.68 -41.03
N GLU A 85 50.43 14.44 -40.27
CA GLU A 85 51.71 14.94 -40.76
C GLU A 85 52.74 13.82 -40.92
N LYS A 86 53.79 14.13 -41.71
CA LYS A 86 55.00 13.33 -41.82
C LYS A 86 56.13 13.88 -40.97
N SER A 87 56.31 15.19 -40.94
CA SER A 87 57.17 15.87 -39.99
C SER A 87 56.36 16.96 -39.32
N ASN A 88 56.84 17.44 -38.18
CA ASN A 88 56.08 18.41 -37.40
C ASN A 88 55.99 19.71 -38.20
N ILE A 89 54.82 19.99 -38.76
CA ILE A 89 54.60 21.25 -39.46
C ILE A 89 53.78 22.22 -38.61
N ILE A 90 52.92 21.73 -37.73
CA ILE A 90 52.18 22.56 -36.79
C ILE A 90 52.39 21.97 -35.40
N ARG A 91 52.68 22.84 -34.44
CA ARG A 91 52.89 22.42 -33.06
C ARG A 91 52.22 23.43 -32.13
N GLY A 92 51.50 22.91 -31.14
CA GLY A 92 50.94 23.73 -30.11
C GLY A 92 49.72 24.53 -30.54
N TRP A 93 49.10 25.17 -29.55
CA TRP A 93 47.83 25.86 -29.74
C TRP A 93 47.76 27.07 -28.82
N ILE A 94 46.90 28.02 -29.18
CA ILE A 94 46.62 29.20 -28.39
C ILE A 94 45.14 29.20 -28.03
N PHE A 95 44.84 29.44 -26.77
CA PHE A 95 43.45 29.55 -26.32
C PHE A 95 43.29 30.86 -25.56
N GLY A 96 42.13 31.49 -25.73
CA GLY A 96 41.87 32.71 -25.01
C GLY A 96 40.52 33.27 -25.37
N THR A 97 40.26 34.48 -24.87
CA THR A 97 39.05 35.24 -25.16
C THR A 97 39.29 36.33 -26.18
N THR A 98 40.36 37.12 -26.01
CA THR A 98 40.73 38.16 -26.95
C THR A 98 42.08 37.94 -27.61
N LEU A 99 42.94 37.11 -27.04
CA LEU A 99 44.28 36.83 -27.59
C LEU A 99 45.09 38.11 -27.77
N ASP A 100 45.14 38.93 -26.73
CA ASP A 100 45.91 40.17 -26.78
C ASP A 100 46.22 40.62 -25.35
N SER A 101 46.62 41.88 -25.19
CA SER A 101 47.19 42.42 -23.97
C SER A 101 46.17 42.79 -22.90
N LYS A 102 44.93 42.27 -22.93
CA LYS A 102 44.02 42.56 -21.83
C LYS A 102 43.44 41.33 -21.15
N THR A 103 43.53 40.15 -21.77
CA THR A 103 42.91 38.94 -21.25
C THR A 103 43.91 37.79 -21.24
N GLN A 104 43.67 36.85 -20.35
CA GLN A 104 44.56 35.71 -20.17
C GLN A 104 44.56 34.81 -21.40
N SER A 105 45.66 34.11 -21.61
CA SER A 105 45.79 33.23 -22.75
C SER A 105 46.70 32.06 -22.40
N LEU A 106 46.36 30.89 -22.96
CA LEU A 106 47.15 29.68 -22.80
C LEU A 106 48.32 29.67 -23.78
N LEU A 107 49.14 28.63 -23.68
CA LEU A 107 50.26 28.47 -24.60
C LEU A 107 50.73 27.04 -24.51
N ILE A 108 50.61 26.30 -25.61
CA ILE A 108 51.16 24.97 -25.77
C ILE A 108 52.24 25.05 -26.84
N VAL A 109 53.45 24.66 -26.50
CA VAL A 109 54.51 24.39 -27.48
C VAL A 109 55.27 23.17 -27.02
N ASN A 110 55.57 22.28 -27.94
CA ASN A 110 56.44 21.14 -27.70
C ASN A 110 57.75 21.38 -28.41
N ASN A 111 58.76 21.81 -27.66
CA ASN A 111 60.10 21.98 -28.19
C ASN A 111 60.78 20.62 -28.28
N ALA A 112 62.09 20.62 -28.51
CA ALA A 112 62.78 19.37 -28.85
C ALA A 112 62.61 18.31 -27.78
N THR A 113 62.51 18.71 -26.51
CA THR A 113 62.39 17.72 -25.45
C THR A 113 61.42 18.13 -24.35
N ASN A 114 60.51 19.07 -24.58
CA ASN A 114 59.67 19.51 -23.48
C ASN A 114 58.43 20.22 -24.01
N VAL A 115 57.40 20.25 -23.17
CA VAL A 115 56.19 21.02 -23.41
C VAL A 115 56.15 22.17 -22.41
N VAL A 116 55.82 23.35 -22.90
CA VAL A 116 56.09 24.57 -22.15
C VAL A 116 54.80 25.22 -21.69
N ILE A 117 53.77 24.40 -21.44
CA ILE A 117 52.49 24.93 -21.00
C ILE A 117 52.64 25.89 -19.84
N LYS A 118 52.21 27.14 -20.07
CA LYS A 118 52.18 28.17 -19.05
C LYS A 118 50.97 29.06 -19.30
N VAL A 119 50.42 29.60 -18.22
CA VAL A 119 49.32 30.54 -18.29
C VAL A 119 49.86 31.88 -17.83
N CYS A 120 49.92 32.84 -18.74
CA CYS A 120 50.47 34.13 -18.40
C CYS A 120 49.65 35.15 -19.20
N GLU A 121 49.95 36.42 -19.04
CA GLU A 121 49.22 37.45 -19.79
C GLU A 121 50.11 37.89 -20.92
N PHE A 122 49.78 37.48 -22.14
CA PHE A 122 50.67 37.69 -23.28
C PHE A 122 50.13 38.78 -24.19
N GLN A 123 50.88 39.05 -25.24
CA GLN A 123 50.38 39.75 -26.43
C GLN A 123 50.99 39.02 -27.62
N PHE A 124 50.15 38.55 -28.52
CA PHE A 124 50.60 37.71 -29.61
C PHE A 124 50.73 38.52 -30.89
N CYS A 125 51.44 37.95 -31.85
CA CYS A 125 51.61 38.57 -33.15
C CYS A 125 50.36 38.40 -34.00
N ASN A 126 50.24 39.25 -35.01
CA ASN A 126 49.15 39.10 -35.97
C ASN A 126 49.29 37.80 -36.76
N ASP A 127 50.52 37.41 -37.06
CA ASP A 127 50.81 36.13 -37.71
C ASP A 127 51.90 35.44 -36.88
N PRO A 128 51.52 34.77 -35.80
CA PRO A 128 52.50 33.99 -35.04
C PRO A 128 52.71 32.63 -35.69
N PHE A 129 53.97 32.21 -35.73
CA PHE A 129 54.35 30.97 -36.40
C PHE A 129 55.73 30.58 -35.92
N LEU A 130 56.24 29.47 -36.44
CA LEU A 130 57.60 29.02 -36.19
C LEU A 130 58.37 28.97 -37.50
N ASP A 131 59.62 29.37 -37.45
CA ASP A 131 60.49 29.41 -38.63
C ASP A 131 60.60 28.06 -39.32
N GLU A 140 63.77 29.78 -31.68
CA GLU A 140 63.06 29.56 -32.94
C GLU A 140 62.24 30.78 -33.33
N SER A 141 60.98 30.82 -32.90
CA SER A 141 60.15 31.99 -33.15
C SER A 141 59.22 32.30 -31.98
N GLU A 142 59.55 31.84 -30.77
CA GLU A 142 58.73 32.15 -29.60
C GLU A 142 58.72 33.65 -29.32
N PHE A 143 59.82 34.34 -29.60
CA PHE A 143 59.87 35.79 -29.48
C PHE A 143 58.97 36.48 -30.49
N ARG A 144 58.58 35.79 -31.56
CA ARG A 144 57.70 36.36 -32.56
C ARG A 144 56.25 35.96 -32.37
N VAL A 145 55.98 34.80 -31.79
CA VAL A 145 54.59 34.45 -31.51
C VAL A 145 54.01 35.37 -30.45
N TYR A 146 54.84 35.88 -29.55
CA TYR A 146 54.41 36.81 -28.53
C TYR A 146 55.59 37.66 -28.10
N SER A 147 55.30 38.77 -27.44
CA SER A 147 56.34 39.70 -27.00
C SER A 147 56.29 40.02 -25.52
N SER A 148 55.13 39.99 -24.87
CA SER A 148 55.01 40.42 -23.48
C SER A 148 54.47 39.29 -22.62
N ALA A 149 54.72 39.41 -21.31
CA ALA A 149 54.32 38.37 -20.37
C ALA A 149 54.25 38.96 -18.97
N ASN A 150 53.06 38.96 -18.39
CA ASN A 150 52.85 39.36 -16.99
C ASN A 150 51.74 38.49 -16.41
N ASN A 151 51.45 38.71 -15.13
CA ASN A 151 50.49 37.88 -14.39
C ASN A 151 50.75 36.39 -14.64
N CYS A 152 51.98 35.99 -14.36
CA CYS A 152 52.42 34.63 -14.61
C CYS A 152 52.03 33.76 -13.42
N THR A 153 51.00 32.93 -13.59
CA THR A 153 50.41 32.17 -12.51
C THR A 153 50.64 30.68 -12.60
N PHE A 154 50.60 30.09 -13.79
CA PHE A 154 50.71 28.64 -13.92
C PHE A 154 51.85 28.31 -14.88
N GLU A 155 52.62 27.28 -14.51
CA GLU A 155 53.72 26.81 -15.32
C GLU A 155 53.84 25.32 -15.11
N TYR A 156 53.88 24.55 -16.19
CA TYR A 156 53.94 23.11 -16.09
C TYR A 156 54.91 22.58 -17.15
N VAL A 157 55.73 21.61 -16.76
CA VAL A 157 56.80 21.07 -17.58
C VAL A 157 56.72 19.55 -17.56
N SER A 158 56.88 18.93 -18.71
CA SER A 158 56.98 17.46 -18.79
C SER A 158 57.45 17.04 -20.17
N GLN A 159 57.69 15.74 -20.29
CA GLN A 159 58.13 15.15 -21.54
C GLN A 159 57.06 15.38 -22.61
N PRO A 160 57.46 15.68 -23.84
CA PRO A 160 56.51 16.22 -24.83
C PRO A 160 55.27 15.35 -25.04
N PHE A 161 54.12 16.03 -25.13
CA PHE A 161 52.89 15.34 -25.51
C PHE A 161 53.01 14.76 -26.91
N LEU A 162 53.57 15.54 -27.83
CA LEU A 162 53.72 15.07 -29.20
C LEU A 162 54.99 14.25 -29.34
N MET A 163 55.17 13.27 -28.47
CA MET A 163 56.27 12.34 -28.57
C MET A 163 56.06 11.32 -29.64
N ASP A 164 55.02 11.54 -30.42
CA ASP A 164 54.54 10.55 -31.37
C ASP A 164 55.47 10.53 -32.56
N LEU A 165 56.31 9.49 -32.65
CA LEU A 165 57.26 9.35 -33.73
C LEU A 165 56.82 8.29 -34.73
N GLY A 170 58.38 6.59 -44.15
CA GLY A 170 58.01 5.56 -45.13
C GLY A 170 56.53 5.24 -45.13
N ASN A 171 55.72 6.25 -45.46
CA ASN A 171 54.27 6.12 -45.65
C ASN A 171 53.60 5.93 -44.29
N PHE A 172 54.41 5.69 -43.25
CA PHE A 172 53.88 5.54 -41.89
C PHE A 172 53.54 6.92 -41.33
N LYS A 173 52.40 7.42 -41.77
CA LYS A 173 52.01 8.78 -41.42
C LYS A 173 51.73 8.83 -39.92
N ASN A 174 52.16 9.91 -39.28
CA ASN A 174 51.99 10.01 -37.83
C ASN A 174 50.62 10.61 -37.55
N LEU A 175 49.73 9.82 -36.98
CA LEU A 175 48.37 10.26 -36.70
C LEU A 175 48.25 10.72 -35.25
N ARG A 176 47.64 11.88 -35.07
CA ARG A 176 47.46 12.46 -33.75
C ARG A 176 46.00 12.83 -33.61
N GLU A 177 45.39 12.43 -32.52
CA GLU A 177 44.01 12.82 -32.22
C GLU A 177 43.98 13.39 -30.81
N PHE A 178 43.40 14.57 -30.67
CA PHE A 178 43.30 15.22 -29.38
C PHE A 178 41.90 15.76 -29.18
N VAL A 179 41.41 15.67 -27.95
CA VAL A 179 40.12 16.22 -27.58
C VAL A 179 40.34 17.17 -26.42
N PHE A 180 40.10 18.45 -26.65
CA PHE A 180 40.24 19.45 -25.61
C PHE A 180 38.88 19.76 -25.03
N LYS A 181 38.84 20.01 -23.72
CA LYS A 181 37.58 20.30 -23.08
C LYS A 181 37.85 21.15 -21.85
N ASN A 182 37.09 22.24 -21.71
CA ASN A 182 37.23 23.17 -20.60
C ASN A 182 35.90 23.24 -19.86
N ILE A 183 35.85 22.64 -18.67
CA ILE A 183 34.65 22.64 -17.85
C ILE A 183 35.06 22.85 -16.39
N ASP A 184 34.27 23.67 -15.69
CA ASP A 184 34.45 23.87 -14.24
C ASP A 184 35.86 24.36 -13.91
N GLY A 185 36.39 25.25 -14.74
CA GLY A 185 37.75 25.72 -14.54
C GLY A 185 38.76 24.59 -14.58
N TYR A 186 38.56 23.65 -15.49
CA TYR A 186 39.44 22.50 -15.60
C TYR A 186 39.69 22.23 -17.07
N PHE A 187 40.93 21.94 -17.42
CA PHE A 187 41.30 21.74 -18.81
C PHE A 187 41.83 20.32 -18.96
N LYS A 188 41.23 19.56 -19.88
CA LYS A 188 41.51 18.14 -20.03
C LYS A 188 41.92 17.83 -21.46
N ILE A 189 42.88 16.94 -21.61
CA ILE A 189 43.45 16.61 -22.92
C ILE A 189 43.53 15.10 -23.06
N TYR A 190 43.15 14.60 -24.24
CA TYR A 190 43.22 13.19 -24.55
C TYR A 190 44.02 12.99 -25.83
N SER A 191 44.58 11.80 -26.00
CA SER A 191 45.47 11.59 -27.14
C SER A 191 45.51 10.12 -27.50
N LYS A 192 46.00 9.85 -28.70
CA LYS A 192 46.20 8.48 -29.16
C LYS A 192 47.15 8.50 -30.36
N HIS A 193 47.97 7.45 -30.45
CA HIS A 193 48.86 7.21 -31.58
C HIS A 193 48.33 6.07 -32.43
N THR A 194 48.10 6.32 -33.72
CA THR A 194 47.72 5.29 -34.67
C THR A 194 48.43 5.53 -35.99
N PRO A 195 49.61 4.97 -36.19
CA PRO A 195 50.32 5.16 -37.46
C PRO A 195 49.50 4.63 -38.63
N ILE A 196 49.47 5.41 -39.72
CA ILE A 196 48.70 5.03 -40.90
C ILE A 196 49.53 4.07 -41.74
N ILE A 197 48.90 2.97 -42.17
CA ILE A 197 49.62 1.94 -42.89
C ILE A 197 49.91 2.38 -44.32
N VAL A 198 48.87 2.70 -45.08
CA VAL A 198 48.97 2.98 -46.50
C VAL A 198 48.42 4.37 -46.77
N ARG A 199 48.97 5.03 -47.78
CA ARG A 199 48.55 6.39 -48.12
C ARG A 199 47.06 6.39 -48.46
N GLU A 200 46.36 7.42 -48.02
CA GLU A 200 44.94 7.54 -48.29
C GLU A 200 44.65 8.87 -48.95
N PRO A 201 43.52 8.99 -49.64
CA PRO A 201 43.01 10.31 -50.00
C PRO A 201 42.62 11.10 -48.76
N GLU A 202 42.11 12.31 -48.98
CA GLU A 202 41.95 13.29 -47.90
C GLU A 202 41.05 12.82 -46.76
N ASP A 203 40.20 11.81 -46.98
CA ASP A 203 39.31 11.35 -45.93
C ASP A 203 40.07 10.67 -44.78
N LEU A 204 39.39 10.55 -43.64
CA LEU A 204 40.00 9.94 -42.47
C LEU A 204 40.08 8.42 -42.64
N PRO A 205 41.00 7.77 -41.94
CA PRO A 205 41.03 6.31 -41.94
C PRO A 205 39.94 5.73 -41.07
N GLN A 206 38.94 5.10 -41.67
CA GLN A 206 37.82 4.58 -40.89
C GLN A 206 38.29 3.47 -39.96
N GLY A 207 37.70 3.42 -38.79
CA GLY A 207 38.08 2.48 -37.76
C GLY A 207 37.72 3.02 -36.40
N PHE A 208 37.88 2.17 -35.40
CA PHE A 208 37.58 2.53 -34.02
C PHE A 208 38.84 2.49 -33.19
N SER A 209 39.12 3.60 -32.50
CA SER A 209 40.30 3.67 -31.63
C SER A 209 39.97 4.67 -30.53
N ALA A 210 39.73 4.15 -29.33
CA ALA A 210 39.40 5.01 -28.20
C ALA A 210 40.60 5.85 -27.80
N LEU A 211 40.34 7.11 -27.47
CA LEU A 211 41.40 8.01 -27.05
C LEU A 211 41.74 7.79 -25.58
N GLU A 212 42.91 8.28 -25.19
CA GLU A 212 43.51 8.01 -23.88
C GLU A 212 43.68 9.32 -23.13
N PRO A 213 43.30 9.41 -21.86
CA PRO A 213 43.50 10.65 -21.12
C PRO A 213 44.98 10.99 -21.03
N LEU A 214 45.28 12.29 -20.98
CA LEU A 214 46.67 12.74 -20.94
C LEU A 214 46.99 13.50 -19.66
N VAL A 215 46.27 14.59 -19.38
CA VAL A 215 46.62 15.45 -18.26
C VAL A 215 45.47 16.40 -17.96
N ASP A 216 45.27 16.71 -16.69
CA ASP A 216 44.27 17.67 -16.25
C ASP A 216 44.98 18.90 -15.70
N LEU A 217 44.41 20.07 -15.96
CA LEU A 217 45.00 21.31 -15.47
C LEU A 217 43.97 22.12 -14.71
N PRO A 218 44.35 22.75 -13.60
CA PRO A 218 43.39 23.47 -12.77
C PRO A 218 43.24 24.93 -13.14
N ILE A 219 43.73 25.31 -14.32
CA ILE A 219 43.59 26.69 -14.78
C ILE A 219 42.12 27.09 -14.84
N GLY A 220 41.84 28.33 -14.49
CA GLY A 220 40.47 28.80 -14.39
C GLY A 220 40.15 29.91 -15.35
N ILE A 221 40.67 29.80 -16.56
CA ILE A 221 40.58 30.88 -17.53
C ILE A 221 39.29 30.79 -18.33
N ASN A 222 38.75 31.95 -18.67
CA ASN A 222 37.72 32.03 -19.69
C ASN A 222 38.31 31.72 -21.06
N ILE A 223 37.66 30.82 -21.80
CA ILE A 223 38.09 30.49 -23.15
C ILE A 223 36.88 30.59 -24.08
N THR A 224 37.03 31.33 -25.17
CA THR A 224 36.02 31.35 -26.21
C THR A 224 36.63 31.37 -27.59
N ARG A 225 37.94 31.19 -27.71
CA ARG A 225 38.62 31.32 -28.98
C ARG A 225 39.65 30.21 -29.07
N PHE A 226 40.27 30.05 -30.23
CA PHE A 226 41.18 28.92 -30.41
C PHE A 226 42.04 29.18 -31.64
N GLN A 227 43.35 29.06 -31.48
CA GLN A 227 44.32 29.39 -32.52
C GLN A 227 45.37 28.31 -32.62
N THR A 228 45.95 28.15 -33.80
CA THR A 228 46.94 27.11 -34.04
C THR A 228 48.25 27.74 -34.53
N LEU A 229 49.34 27.01 -34.33
CA LEU A 229 50.70 27.51 -34.57
C LEU A 229 51.44 26.63 -35.57
N LEU A 230 51.41 27.03 -36.84
CA LEU A 230 52.15 26.32 -37.87
C LEU A 230 53.65 26.61 -37.73
N ALA A 231 54.45 25.80 -38.43
CA ALA A 231 55.89 26.02 -38.47
C ALA A 231 56.39 26.13 -39.91
N ALA A 252 45.82 17.44 -43.93
CA ALA A 252 46.70 18.16 -43.02
C ALA A 252 46.19 18.04 -41.60
N TYR A 253 45.34 18.98 -41.20
CA TYR A 253 44.76 18.98 -39.87
C TYR A 253 43.27 19.27 -39.93
N TYR A 254 42.51 18.55 -39.11
CA TYR A 254 41.05 18.56 -39.15
C TYR A 254 40.51 19.11 -37.86
N VAL A 255 39.32 19.70 -37.93
CA VAL A 255 38.69 20.35 -36.78
C VAL A 255 37.27 19.84 -36.67
N GLY A 256 36.87 19.48 -35.46
CA GLY A 256 35.52 19.03 -35.22
C GLY A 256 34.97 19.63 -33.94
N TYR A 257 33.66 19.77 -33.89
CA TYR A 257 32.97 20.35 -32.75
C TYR A 257 32.03 19.31 -32.17
N LEU A 258 32.13 19.07 -30.87
CA LEU A 258 31.33 18.05 -30.23
C LEU A 258 30.25 18.67 -29.36
N GLN A 259 29.22 17.90 -29.09
CA GLN A 259 27.98 18.36 -28.48
C GLN A 259 27.42 17.28 -27.57
N PRO A 260 26.52 17.64 -26.66
CA PRO A 260 26.01 16.64 -25.70
C PRO A 260 25.15 15.59 -26.37
N ARG A 261 25.50 14.32 -26.16
CA ARG A 261 24.77 13.19 -26.70
C ARG A 261 25.04 11.97 -25.84
N THR A 262 24.15 10.99 -25.93
CA THR A 262 24.28 9.76 -25.16
C THR A 262 24.79 8.63 -26.04
N PHE A 263 25.64 7.79 -25.48
CA PHE A 263 26.29 6.71 -26.22
C PHE A 263 26.12 5.40 -25.47
N LEU A 264 26.34 4.31 -26.20
CA LEU A 264 26.43 2.97 -25.62
C LEU A 264 27.84 2.47 -25.89
N LEU A 265 28.51 1.98 -24.86
CA LEU A 265 29.93 1.67 -24.92
C LEU A 265 30.16 0.20 -24.63
N LYS A 266 31.06 -0.41 -25.40
CA LYS A 266 31.43 -1.81 -25.23
C LYS A 266 32.78 -1.91 -24.56
N TYR A 267 32.83 -2.59 -23.43
CA TYR A 267 34.07 -2.86 -22.71
C TYR A 267 34.37 -4.34 -22.77
N ASN A 268 35.63 -4.69 -22.99
CA ASN A 268 35.99 -6.10 -23.02
C ASN A 268 36.46 -6.53 -21.64
N GLU A 269 36.99 -7.75 -21.54
CA GLU A 269 37.36 -8.30 -20.25
C GLU A 269 38.56 -7.59 -19.65
N ASN A 270 39.49 -7.13 -20.48
CA ASN A 270 40.67 -6.44 -19.98
C ASN A 270 40.29 -5.10 -19.39
N GLY A 271 39.37 -4.39 -20.04
CA GLY A 271 39.01 -3.05 -19.65
C GLY A 271 39.11 -2.09 -20.81
N THR A 272 39.43 -2.61 -22.00
CA THR A 272 39.57 -1.76 -23.17
C THR A 272 38.22 -1.58 -23.84
N ILE A 273 37.98 -0.37 -24.33
CA ILE A 273 36.78 -0.06 -25.09
C ILE A 273 37.02 -0.50 -26.53
N THR A 274 36.14 -1.36 -27.04
CA THR A 274 36.32 -1.89 -28.38
C THR A 274 35.30 -1.41 -29.39
N ASP A 275 34.13 -0.96 -28.95
CA ASP A 275 33.09 -0.60 -29.88
C ASP A 275 32.07 0.28 -29.20
N ALA A 276 31.28 0.99 -30.00
CA ALA A 276 30.27 1.89 -29.46
C ALA A 276 29.27 2.21 -30.55
N VAL A 277 28.05 2.55 -30.13
CA VAL A 277 26.98 2.88 -31.06
C VAL A 277 26.39 4.23 -30.66
N ASP A 278 26.21 5.09 -31.66
CA ASP A 278 25.53 6.35 -31.42
C ASP A 278 24.06 6.09 -31.18
N CYS A 279 23.45 6.85 -30.29
CA CYS A 279 22.14 6.53 -29.76
C CYS A 279 21.06 7.43 -30.31
N ALA A 280 21.34 8.22 -31.33
CA ALA A 280 20.31 9.08 -31.88
C ALA A 280 20.35 9.22 -33.39
N LEU A 281 21.33 8.64 -34.08
CA LEU A 281 21.44 8.96 -35.49
C LEU A 281 20.40 8.26 -36.35
N ASP A 282 19.85 7.13 -35.93
CA ASP A 282 18.83 6.50 -36.75
C ASP A 282 18.02 5.52 -35.89
N PRO A 283 16.83 5.13 -36.36
CA PRO A 283 15.96 4.28 -35.54
C PRO A 283 16.57 2.96 -35.13
N LEU A 284 17.32 2.33 -36.01
CA LEU A 284 17.90 1.06 -35.65
C LEU A 284 18.85 1.23 -34.47
N SER A 285 19.62 2.32 -34.48
CA SER A 285 20.56 2.53 -33.38
C SER A 285 19.81 2.81 -32.08
N GLU A 286 18.76 3.62 -32.10
CA GLU A 286 18.09 3.82 -30.82
C GLU A 286 17.40 2.54 -30.36
N THR A 287 17.00 1.67 -31.28
CA THR A 287 16.46 0.38 -30.86
C THR A 287 17.52 -0.45 -30.16
N LYS A 288 18.75 -0.47 -30.70
CA LYS A 288 19.81 -1.18 -30.00
C LYS A 288 20.04 -0.60 -28.62
N CYS A 289 20.01 0.72 -28.50
CA CYS A 289 20.14 1.34 -27.19
C CYS A 289 19.07 0.83 -26.23
N THR A 290 17.81 0.91 -26.64
CA THR A 290 16.75 0.54 -25.70
C THR A 290 16.77 -0.95 -25.39
N LEU A 291 17.30 -1.77 -26.28
CA LEU A 291 17.44 -3.19 -26.01
C LEU A 291 18.73 -3.52 -25.27
N LYS A 292 19.62 -2.54 -25.09
CA LYS A 292 20.87 -2.76 -24.38
C LYS A 292 21.69 -3.85 -25.04
N SER A 293 21.71 -3.86 -26.37
CA SER A 293 22.39 -4.90 -27.10
C SER A 293 22.86 -4.35 -28.44
N PHE A 294 23.63 -5.17 -29.15
CA PHE A 294 24.11 -4.82 -30.47
C PHE A 294 23.39 -5.54 -31.60
N THR A 295 22.69 -6.62 -31.30
CA THR A 295 21.94 -7.36 -32.30
C THR A 295 20.46 -7.34 -31.95
N VAL A 296 19.62 -7.27 -32.97
CA VAL A 296 18.18 -7.13 -32.79
C VAL A 296 17.48 -8.23 -33.58
N GLU A 297 16.55 -8.92 -32.94
CA GLU A 297 15.81 -9.98 -33.58
C GLU A 297 14.57 -9.44 -34.27
N LYS A 298 13.93 -10.31 -35.05
CA LYS A 298 12.75 -9.92 -35.79
C LYS A 298 11.64 -9.50 -34.86
N GLY A 299 11.00 -8.39 -35.14
CA GLY A 299 9.88 -7.95 -34.34
C GLY A 299 9.63 -6.47 -34.47
N ILE A 300 8.67 -6.00 -33.68
CA ILE A 300 8.34 -4.60 -33.60
C ILE A 300 8.59 -4.13 -32.18
N TYR A 301 9.32 -3.03 -32.05
CA TYR A 301 9.84 -2.56 -30.77
C TYR A 301 9.41 -1.13 -30.52
N GLN A 302 9.11 -0.83 -29.25
CA GLN A 302 8.67 0.49 -28.85
C GLN A 302 9.85 1.25 -28.24
N THR A 303 10.16 2.42 -28.78
CA THR A 303 11.37 3.12 -28.40
C THR A 303 11.10 4.41 -27.62
N SER A 304 10.33 5.34 -28.18
CA SER A 304 10.24 6.65 -27.55
C SER A 304 8.93 7.30 -27.96
N ASN A 305 8.82 8.60 -27.76
CA ASN A 305 7.64 9.35 -28.17
C ASN A 305 8.05 10.48 -29.10
N PHE A 306 7.09 11.33 -29.43
CA PHE A 306 7.38 12.54 -30.19
C PHE A 306 6.36 13.60 -29.83
N ARG A 307 6.74 14.86 -29.98
CA ARG A 307 5.81 15.96 -29.77
C ARG A 307 6.26 17.17 -30.56
N VAL A 308 5.28 17.90 -31.09
CA VAL A 308 5.55 19.10 -31.86
C VAL A 308 6.18 20.16 -30.94
N GLN A 309 7.22 20.80 -31.41
CA GLN A 309 7.83 21.80 -30.54
C GLN A 309 7.22 23.17 -30.73
N PRO A 310 7.25 24.00 -29.69
CA PRO A 310 6.71 25.35 -29.81
C PRO A 310 7.56 26.23 -30.69
N THR A 311 6.92 27.23 -31.28
CA THR A 311 7.56 28.09 -32.28
C THR A 311 7.95 29.46 -31.73
N GLU A 312 7.03 30.19 -31.09
CA GLU A 312 7.39 31.45 -30.45
C GLU A 312 6.65 31.56 -29.13
N SER A 313 6.58 32.77 -28.58
CA SER A 313 5.97 33.02 -27.29
C SER A 313 5.04 34.23 -27.39
N ILE A 314 4.02 34.24 -26.54
CA ILE A 314 3.11 35.37 -26.45
C ILE A 314 2.83 35.62 -24.98
N VAL A 315 2.50 36.85 -24.61
CA VAL A 315 2.39 37.21 -23.21
C VAL A 315 1.02 37.76 -22.84
N ARG A 316 0.42 38.61 -23.68
CA ARG A 316 -0.98 38.96 -23.51
C ARG A 316 -1.30 39.39 -22.07
N PHE A 317 -0.77 40.53 -21.69
CA PHE A 317 -1.10 41.13 -20.40
C PHE A 317 -2.11 42.25 -20.59
N PRO A 318 -2.67 42.78 -19.51
CA PRO A 318 -3.57 43.92 -19.65
C PRO A 318 -2.84 45.16 -20.16
N ASN A 319 -3.59 46.03 -20.84
CA ASN A 319 -3.05 47.24 -21.47
C ASN A 319 -3.31 48.51 -20.68
N ILE A 320 -2.77 48.53 -19.46
CA ILE A 320 -2.84 49.72 -18.62
C ILE A 320 -1.42 50.14 -18.27
N THR A 321 -1.25 51.41 -17.88
CA THR A 321 0.09 51.93 -17.67
C THR A 321 0.30 52.77 -16.43
N ASN A 322 -0.72 53.31 -15.79
CA ASN A 322 -0.49 54.22 -14.69
C ASN A 322 0.24 53.53 -13.54
N LEU A 323 1.19 54.22 -12.95
CA LEU A 323 2.03 53.64 -11.91
C LEU A 323 1.29 53.67 -10.57
N CYS A 324 1.73 52.81 -9.65
CA CYS A 324 1.01 52.56 -8.42
C CYS A 324 1.31 53.56 -7.32
N PRO A 325 0.43 53.66 -6.33
CA PRO A 325 0.63 54.58 -5.21
C PRO A 325 1.38 53.95 -4.06
N PHE A 326 2.55 53.41 -4.33
CA PHE A 326 3.38 52.94 -3.23
C PHE A 326 4.10 54.08 -2.57
N ASP A 327 4.30 55.16 -3.31
CA ASP A 327 4.91 56.35 -2.74
C ASP A 327 4.09 56.92 -1.60
N GLU A 328 2.77 56.98 -1.75
CA GLU A 328 1.96 57.52 -0.67
C GLU A 328 2.01 56.63 0.54
N VAL A 329 2.07 55.32 0.35
CA VAL A 329 2.07 54.43 1.49
C VAL A 329 3.39 54.53 2.24
N PHE A 330 4.51 54.54 1.52
CA PHE A 330 5.80 54.49 2.21
C PHE A 330 6.31 55.87 2.55
N ASN A 331 6.36 56.78 1.58
CA ASN A 331 6.67 58.18 1.82
C ASN A 331 5.40 58.82 2.42
N ALA A 332 5.16 58.60 3.70
CA ALA A 332 3.98 59.17 4.34
C ALA A 332 4.38 60.02 5.51
N THR A 333 3.58 61.05 5.79
CA THR A 333 3.97 61.98 6.84
C THR A 333 3.64 61.45 8.22
N ARG A 334 2.43 60.93 8.41
CA ARG A 334 1.96 60.50 9.72
C ARG A 334 1.24 59.18 9.58
N PHE A 335 1.79 58.12 10.15
CA PHE A 335 1.10 56.84 10.11
C PHE A 335 -0.05 56.84 11.10
N ALA A 336 -0.69 55.70 11.23
CA ALA A 336 -1.85 55.56 12.10
C ALA A 336 -1.48 54.74 13.32
N SER A 337 -2.18 54.99 14.41
CA SER A 337 -1.90 54.26 15.64
C SER A 337 -2.29 52.80 15.48
N VAL A 338 -1.68 51.95 16.29
CA VAL A 338 -1.90 50.52 16.04
C VAL A 338 -3.35 50.16 16.31
N TYR A 339 -4.03 50.85 17.22
CA TYR A 339 -5.35 50.37 17.58
C TYR A 339 -6.41 50.75 16.58
N ALA A 340 -6.11 51.69 15.69
CA ALA A 340 -7.00 52.04 14.60
C ALA A 340 -6.12 52.17 13.38
N TRP A 341 -5.85 51.06 12.72
CA TRP A 341 -4.94 51.03 11.60
C TRP A 341 -5.62 51.31 10.29
N ASN A 342 -4.96 52.12 9.47
CA ASN A 342 -5.45 52.51 8.18
C ASN A 342 -5.45 51.31 7.24
N ARG A 343 -6.11 51.45 6.10
CA ARG A 343 -6.10 50.41 5.07
C ARG A 343 -6.42 51.02 3.73
N LYS A 344 -5.63 50.70 2.70
CA LYS A 344 -5.75 51.33 1.40
C LYS A 344 -5.82 50.28 0.32
N ARG A 345 -6.80 50.40 -0.57
CA ARG A 345 -6.95 49.49 -1.70
C ARG A 345 -6.04 49.89 -2.83
N ILE A 346 -5.53 48.89 -3.53
CA ILE A 346 -4.72 49.08 -4.73
C ILE A 346 -5.45 48.40 -5.87
N SER A 347 -5.60 49.09 -7.00
CA SER A 347 -6.27 48.44 -8.11
C SER A 347 -5.99 49.20 -9.40
N ASN A 348 -6.12 48.47 -10.50
CA ASN A 348 -5.98 49.02 -11.84
C ASN A 348 -4.69 49.77 -11.99
N CYS A 349 -3.59 49.10 -11.69
CA CYS A 349 -2.32 49.79 -11.73
C CYS A 349 -1.18 48.80 -11.92
N VAL A 350 -0.34 49.04 -12.91
CA VAL A 350 0.88 48.26 -13.05
C VAL A 350 1.77 48.54 -11.85
N ALA A 351 1.97 47.52 -11.03
CA ALA A 351 2.66 47.65 -9.76
C ALA A 351 3.98 46.92 -9.83
N ASP A 352 5.08 47.64 -9.69
CA ASP A 352 6.38 47.02 -9.58
C ASP A 352 6.81 47.03 -8.13
N TYR A 353 7.60 46.05 -7.75
CA TYR A 353 8.12 45.97 -6.40
C TYR A 353 9.60 46.18 -6.37
N SER A 354 10.19 46.54 -7.51
CA SER A 354 11.62 46.82 -7.53
C SER A 354 11.94 48.05 -6.70
N VAL A 355 11.04 49.03 -6.70
CA VAL A 355 11.37 50.30 -6.08
C VAL A 355 11.55 50.14 -4.58
N LEU A 356 10.78 49.26 -3.94
CA LEU A 356 10.75 49.30 -2.49
C LEU A 356 12.04 48.80 -1.86
N TYR A 357 12.82 47.95 -2.54
CA TYR A 357 14.13 47.61 -1.95
C TYR A 357 15.01 48.83 -1.75
N ASN A 358 14.74 49.92 -2.45
CA ASN A 358 15.48 51.16 -2.23
C ASN A 358 14.99 51.79 -0.93
N LEU A 359 15.46 51.24 0.18
CA LEU A 359 15.12 51.78 1.48
C LEU A 359 16.31 51.58 2.41
N ALA A 360 16.21 52.15 3.60
CA ALA A 360 17.13 51.79 4.65
C ALA A 360 16.98 50.29 4.91
N PRO A 361 18.04 49.61 5.32
CA PRO A 361 17.96 48.16 5.46
C PRO A 361 16.75 47.70 6.26
N PHE A 362 15.80 47.08 5.57
CA PHE A 362 14.59 46.63 6.23
C PHE A 362 14.95 45.82 7.43
N PHE A 363 14.38 46.17 8.57
CA PHE A 363 14.57 45.30 9.72
C PHE A 363 13.89 43.96 9.49
N THR A 364 13.04 43.86 8.47
CA THR A 364 12.32 42.63 8.19
C THR A 364 11.76 42.70 6.78
N PHE A 365 11.91 41.62 6.03
CA PHE A 365 11.18 41.44 4.79
C PHE A 365 10.84 39.96 4.69
N LYS A 366 9.67 39.59 5.18
CA LYS A 366 9.23 38.21 5.09
C LYS A 366 8.07 38.14 4.13
N CYS A 367 7.84 36.96 3.54
CA CYS A 367 6.87 36.97 2.47
C CYS A 367 5.93 35.76 2.42
N TYR A 368 5.98 34.85 3.39
CA TYR A 368 4.84 34.02 3.76
C TYR A 368 3.94 33.50 2.65
N GLY A 369 4.45 32.66 1.76
CA GLY A 369 3.60 32.05 0.75
C GLY A 369 4.00 32.37 -0.67
N VAL A 370 5.02 33.20 -0.88
CA VAL A 370 5.53 33.49 -2.21
C VAL A 370 6.88 34.15 -2.04
N SER A 371 7.80 33.79 -2.88
CA SER A 371 9.14 34.32 -2.66
C SER A 371 9.21 35.77 -3.11
N PRO A 372 9.86 36.65 -2.34
CA PRO A 372 9.85 38.07 -2.69
C PRO A 372 10.50 38.37 -4.01
N THR A 373 11.48 37.58 -4.43
CA THR A 373 12.22 37.93 -5.63
C THR A 373 11.35 37.84 -6.88
N LYS A 374 10.55 36.80 -7.00
CA LYS A 374 9.71 36.67 -8.19
C LYS A 374 8.32 37.24 -7.92
N LEU A 375 8.31 38.55 -7.69
CA LEU A 375 7.07 39.28 -7.45
C LEU A 375 6.69 40.17 -8.62
N ASN A 376 7.43 40.12 -9.72
CA ASN A 376 7.07 40.85 -10.94
C ASN A 376 6.56 39.93 -12.02
N ASP A 377 6.23 38.69 -11.69
CA ASP A 377 5.80 37.72 -12.69
C ASP A 377 4.34 37.35 -12.54
N LEU A 378 3.65 37.87 -11.54
CA LEU A 378 2.33 37.41 -11.18
C LEU A 378 1.31 38.51 -11.37
N CYS A 379 0.10 38.11 -11.69
CA CYS A 379 -1.04 39.00 -11.67
C CYS A 379 -1.93 38.62 -10.50
N PHE A 380 -2.29 39.60 -9.69
CA PHE A 380 -3.04 39.41 -8.47
C PHE A 380 -4.47 39.86 -8.66
N THR A 381 -5.21 39.77 -7.58
CA THR A 381 -6.47 40.48 -7.45
C THR A 381 -6.44 41.22 -6.13
N ASN A 382 -7.02 42.42 -6.11
CA ASN A 382 -7.28 43.21 -4.91
C ASN A 382 -6.12 43.17 -3.90
N VAL A 383 -4.99 43.76 -4.31
CA VAL A 383 -3.93 43.98 -3.35
C VAL A 383 -4.35 45.00 -2.32
N TYR A 384 -4.11 44.70 -1.04
CA TYR A 384 -4.54 45.50 0.08
C TYR A 384 -3.33 45.78 0.95
N ALA A 385 -3.12 47.03 1.30
CA ALA A 385 -1.97 47.40 2.12
C ALA A 385 -2.45 48.24 3.29
N ASP A 386 -2.09 47.84 4.50
CA ASP A 386 -2.55 48.55 5.69
C ASP A 386 -1.43 48.70 6.69
N SER A 387 -1.36 49.86 7.31
CA SER A 387 -0.17 50.36 7.94
C SER A 387 -0.46 50.92 9.33
N PHE A 388 0.57 50.95 10.15
CA PHE A 388 0.51 51.44 11.52
C PHE A 388 1.93 51.58 12.02
N VAL A 389 2.09 51.81 13.32
CA VAL A 389 3.41 52.01 13.93
C VAL A 389 3.40 51.45 15.34
N ILE A 390 4.47 50.73 15.70
CA ILE A 390 4.57 50.08 16.98
C ILE A 390 6.00 50.19 17.51
N ARG A 391 6.23 49.55 18.64
CA ARG A 391 7.49 49.58 19.37
C ARG A 391 8.42 48.48 18.90
N GLY A 392 9.70 48.65 19.21
CA GLY A 392 10.73 47.75 18.73
C GLY A 392 10.53 46.28 18.96
N ASP A 393 10.58 45.87 20.21
CA ASP A 393 10.58 44.46 20.55
C ASP A 393 9.32 43.74 20.10
N GLU A 394 8.24 44.45 19.82
CA GLU A 394 7.00 43.81 19.43
C GLU A 394 6.91 43.54 17.94
N VAL A 395 7.93 43.87 17.16
CA VAL A 395 7.82 43.67 15.73
C VAL A 395 7.70 42.21 15.39
N ARG A 396 8.35 41.34 16.14
CA ARG A 396 8.27 39.92 15.86
C ARG A 396 6.95 39.31 16.29
N GLN A 397 6.01 40.13 16.70
CA GLN A 397 4.68 39.65 17.06
C GLN A 397 3.71 39.72 15.90
N ILE A 398 4.09 40.34 14.79
CA ILE A 398 3.22 40.44 13.62
C ILE A 398 3.56 39.25 12.72
N ALA A 399 2.94 38.12 12.99
CA ALA A 399 3.17 36.92 12.20
C ALA A 399 2.05 35.94 12.51
N PRO A 400 1.70 35.07 11.57
CA PRO A 400 0.64 34.11 11.82
C PRO A 400 0.96 33.24 13.02
N GLY A 401 -0.07 32.97 13.81
CA GLY A 401 0.05 32.04 14.91
C GLY A 401 0.97 32.45 16.03
N GLN A 402 0.87 33.68 16.50
CA GLN A 402 1.59 34.08 17.69
C GLN A 402 0.65 34.79 18.65
N THR A 403 1.06 34.82 19.91
CA THR A 403 0.25 35.41 20.97
C THR A 403 1.06 36.43 21.73
N GLY A 404 0.34 37.35 22.34
CA GLY A 404 0.95 38.52 22.96
C GLY A 404 0.04 39.72 22.78
N ASN A 405 0.39 40.78 23.51
CA ASN A 405 -0.56 41.87 23.73
C ASN A 405 -1.05 42.45 22.41
N ILE A 406 -0.13 42.83 21.53
CA ILE A 406 -0.54 43.38 20.24
C ILE A 406 -1.34 42.34 19.47
N ALA A 407 -0.85 41.12 19.42
CA ALA A 407 -1.47 40.13 18.57
C ALA A 407 -2.86 39.72 19.03
N ASP A 408 -3.24 39.99 20.27
CA ASP A 408 -4.58 39.58 20.66
C ASP A 408 -5.50 40.73 21.03
N TYR A 409 -5.02 41.96 21.12
CA TYR A 409 -5.94 43.09 21.29
C TYR A 409 -5.84 44.16 20.23
N ASN A 410 -4.90 44.11 19.33
CA ASN A 410 -4.79 45.24 18.44
C ASN A 410 -4.80 44.87 16.96
N TYR A 411 -4.20 43.74 16.59
CA TYR A 411 -4.02 43.37 15.19
C TYR A 411 -3.65 41.91 15.10
N LYS A 412 -4.41 41.14 14.32
CA LYS A 412 -4.16 39.71 14.23
C LYS A 412 -4.24 39.22 12.80
N LEU A 413 -3.15 38.66 12.31
CA LEU A 413 -3.12 38.00 11.01
C LEU A 413 -3.73 36.62 11.13
N PRO A 414 -4.35 36.12 10.08
CA PRO A 414 -4.90 34.76 10.13
C PRO A 414 -3.80 33.74 9.95
N ASP A 415 -4.16 32.48 10.16
CA ASP A 415 -3.18 31.41 10.09
C ASP A 415 -2.65 31.19 8.68
N ASP A 416 -3.54 31.24 7.69
CA ASP A 416 -3.14 31.03 6.29
C ASP A 416 -2.86 32.35 5.58
N PHE A 417 -2.02 33.17 6.17
CA PHE A 417 -1.66 34.43 5.54
C PHE A 417 -0.94 34.18 4.22
N THR A 418 -1.02 35.17 3.33
CA THR A 418 -0.35 35.12 2.03
C THR A 418 -0.03 36.55 1.57
N GLY A 419 1.17 36.99 1.91
CA GLY A 419 1.57 38.36 1.65
C GLY A 419 2.95 38.59 2.23
N CYS A 420 3.37 39.84 2.21
CA CYS A 420 4.73 40.18 2.58
C CYS A 420 4.67 41.07 3.81
N VAL A 421 5.83 41.37 4.42
CA VAL A 421 5.87 42.19 5.62
C VAL A 421 7.12 43.06 5.62
N ILE A 422 6.97 44.32 6.03
CA ILE A 422 8.05 45.29 6.00
C ILE A 422 8.09 46.00 7.35
N ALA A 423 9.27 46.49 7.75
CA ALA A 423 9.40 47.26 8.98
C ALA A 423 10.75 47.95 8.96
N TRP A 424 10.79 49.25 9.29
CA TRP A 424 12.07 49.89 8.99
C TRP A 424 12.55 50.96 9.96
N ASN A 425 12.14 50.96 11.22
CA ASN A 425 12.83 51.72 12.27
C ASN A 425 12.92 53.21 11.98
N SER A 426 11.76 53.84 12.00
CA SER A 426 11.72 55.29 11.93
C SER A 426 11.95 55.80 13.33
N ASN A 427 13.16 56.29 13.60
CA ASN A 427 13.39 57.08 14.80
C ASN A 427 13.79 58.50 14.46
N LYS A 428 14.11 58.79 13.21
CA LYS A 428 14.38 60.17 12.85
C LYS A 428 13.11 60.97 12.67
N LEU A 429 11.95 60.34 12.70
CA LEU A 429 10.70 61.04 12.44
C LEU A 429 9.74 61.01 13.60
N ASP A 430 9.58 59.87 14.25
CA ASP A 430 8.52 59.68 15.22
C ASP A 430 8.99 59.81 16.66
N SER A 431 10.17 60.36 16.90
CA SER A 431 10.62 60.57 18.26
C SER A 431 11.18 61.97 18.42
N LYS A 432 10.84 62.60 19.54
CA LYS A 432 11.39 63.91 19.87
C LYS A 432 11.71 63.99 21.35
N GLY A 435 9.53 64.60 23.38
CA GLY A 435 8.96 63.28 23.27
C GLY A 435 7.58 63.30 22.66
N ASN A 436 7.22 62.23 21.96
CA ASN A 436 5.95 62.16 21.27
C ASN A 436 4.94 61.35 22.06
N TYR A 437 3.70 61.83 22.08
CA TYR A 437 2.68 61.19 22.90
C TYR A 437 1.32 61.11 22.21
N ASN A 438 1.27 61.11 20.89
CA ASN A 438 0.00 60.81 20.24
C ASN A 438 0.05 59.53 19.44
N TYR A 439 0.76 58.52 19.94
CA TYR A 439 0.63 57.16 19.47
C TYR A 439 0.05 56.32 20.60
N LEU A 440 -0.98 55.54 20.30
CA LEU A 440 -1.82 54.94 21.31
C LEU A 440 -1.96 53.44 21.05
N TYR A 441 -2.28 52.69 22.09
CA TYR A 441 -2.52 51.27 21.90
C TYR A 441 -3.39 50.71 23.02
N ARG A 442 -4.19 49.71 22.69
CA ARG A 442 -5.12 49.13 23.66
C ARG A 442 -4.39 48.26 24.66
N LEU A 443 -5.00 48.10 25.84
CA LEU A 443 -4.34 47.39 26.91
C LEU A 443 -5.24 46.38 27.59
N PHE A 444 -6.54 46.67 27.66
CA PHE A 444 -7.51 45.79 28.28
C PHE A 444 -8.58 45.40 27.28
N ARG A 445 -9.08 44.18 27.39
CA ARG A 445 -10.21 43.80 26.57
C ARG A 445 -10.81 42.52 27.12
N LYS A 446 -12.10 42.32 26.87
CA LYS A 446 -12.76 41.12 27.39
C LYS A 446 -12.20 39.86 26.78
N SER A 447 -12.12 39.79 25.46
CA SER A 447 -11.68 38.59 24.78
C SER A 447 -10.83 38.96 23.58
N ASN A 448 -10.12 37.98 23.05
CA ASN A 448 -9.20 38.24 21.96
C ASN A 448 -9.95 38.64 20.71
N LEU A 449 -9.21 39.22 19.77
CA LEU A 449 -9.79 39.61 18.50
C LEU A 449 -10.01 38.39 17.61
N LYS A 450 -10.49 38.65 16.44
CA LYS A 450 -10.67 37.78 15.32
C LYS A 450 -9.78 38.27 14.19
N PRO A 451 -9.33 37.40 13.30
CA PRO A 451 -8.39 37.85 12.26
C PRO A 451 -8.91 39.05 11.50
N PHE A 452 -8.04 40.03 11.32
CA PHE A 452 -8.32 41.19 10.47
C PHE A 452 -9.54 41.98 10.95
N GLU A 453 -9.58 42.27 12.23
CA GLU A 453 -10.69 43.00 12.83
C GLU A 453 -10.17 44.25 13.54
N ARG A 454 -10.85 45.37 13.35
CA ARG A 454 -10.45 46.64 13.94
C ARG A 454 -11.44 47.01 15.02
N ASP A 455 -10.93 47.26 16.23
CA ASP A 455 -11.76 47.68 17.34
C ASP A 455 -11.38 49.10 17.69
N ILE A 456 -12.34 50.02 17.62
CA ILE A 456 -12.05 51.44 17.71
C ILE A 456 -12.64 52.07 18.95
N SER A 457 -13.58 51.42 19.63
CA SER A 457 -14.33 52.07 20.69
C SER A 457 -13.45 52.40 21.89
N THR A 458 -13.75 53.52 22.53
CA THR A 458 -13.10 53.96 23.77
C THR A 458 -14.16 54.02 24.86
N GLU A 459 -14.42 52.91 25.50
CA GLU A 459 -15.35 52.85 26.61
C GLU A 459 -14.67 52.26 27.82
N ILE A 460 -15.15 52.66 28.99
CA ILE A 460 -14.49 52.28 30.22
C ILE A 460 -14.54 50.78 30.39
N TYR A 461 -13.37 50.16 30.50
CA TYR A 461 -13.29 48.75 30.83
C TYR A 461 -13.85 48.50 32.22
N GLN A 462 -14.57 47.40 32.38
CA GLN A 462 -15.22 47.07 33.64
C GLN A 462 -14.82 45.67 34.05
N ALA A 463 -13.86 45.56 34.95
CA ALA A 463 -13.26 44.27 35.29
C ALA A 463 -14.04 43.51 36.35
N GLY A 464 -15.17 44.04 36.79
CA GLY A 464 -15.88 43.43 37.88
C GLY A 464 -17.32 43.14 37.56
N ASN A 465 -18.12 42.85 38.58
CA ASN A 465 -19.51 42.55 38.38
C ASN A 465 -20.42 43.75 38.55
N LYS A 466 -19.88 44.90 38.92
CA LYS A 466 -20.73 46.02 39.27
C LYS A 466 -20.55 47.14 38.28
N PRO A 467 -21.63 47.72 37.78
CA PRO A 467 -21.52 48.60 36.62
C PRO A 467 -20.77 49.87 36.94
N CYS A 468 -20.14 50.44 35.92
CA CYS A 468 -19.51 51.74 35.97
C CYS A 468 -20.37 52.75 35.24
N ASN A 469 -20.33 53.98 35.71
CA ASN A 469 -21.15 55.04 35.14
C ASN A 469 -20.29 56.02 34.33
N GLY A 470 -19.32 55.49 33.62
CA GLY A 470 -18.46 56.33 32.81
C GLY A 470 -17.43 57.12 33.57
N VAL A 471 -17.03 56.65 34.76
CA VAL A 471 -16.01 57.33 35.55
C VAL A 471 -15.03 56.30 36.05
N ALA A 472 -13.74 56.63 35.98
CA ALA A 472 -12.70 55.72 36.41
C ALA A 472 -12.77 55.51 37.91
N GLY A 473 -12.19 54.39 38.35
CA GLY A 473 -12.16 54.08 39.76
C GLY A 473 -11.63 52.69 39.97
N PHE A 474 -11.83 52.19 41.18
CA PHE A 474 -11.49 50.80 41.43
C PHE A 474 -12.30 49.90 40.53
N ASN A 475 -11.62 48.95 39.88
CA ASN A 475 -12.25 48.03 38.93
C ASN A 475 -12.98 48.79 37.84
N CYS A 476 -12.36 49.87 37.37
CA CYS A 476 -12.99 50.69 36.33
C CYS A 476 -11.86 51.48 35.67
N TYR A 477 -11.33 50.96 34.58
CA TYR A 477 -10.11 51.51 34.01
C TYR A 477 -10.38 52.04 32.62
N PHE A 478 -9.36 52.65 32.05
CA PHE A 478 -9.37 53.16 30.70
C PHE A 478 -8.54 52.27 29.81
N PRO A 479 -8.98 51.95 28.64
CA PRO A 479 -8.25 50.96 27.84
C PRO A 479 -6.91 51.45 27.33
N LEU A 480 -6.89 52.61 26.69
CA LEU A 480 -5.76 53.02 25.88
C LEU A 480 -4.58 53.47 26.76
N ARG A 481 -3.40 53.56 26.14
CA ARG A 481 -2.20 54.07 26.79
C ARG A 481 -1.25 54.63 25.75
N SER A 482 -0.51 55.66 26.12
CA SER A 482 0.39 56.32 25.20
C SER A 482 1.77 55.70 25.25
N TYR A 483 2.53 55.93 24.18
CA TYR A 483 3.82 55.26 24.01
C TYR A 483 4.99 56.05 24.57
N SER A 484 5.09 57.34 24.26
CA SER A 484 6.18 58.19 24.76
C SER A 484 7.54 57.75 24.22
N PHE A 485 7.71 57.93 22.91
CA PHE A 485 8.92 57.53 22.21
C PHE A 485 9.97 58.61 22.39
N ARG A 486 10.69 58.55 23.46
CA ARG A 486 11.74 59.56 23.42
C ARG A 486 13.01 58.97 22.85
N PRO A 487 13.92 59.75 22.31
CA PRO A 487 15.19 59.18 21.87
C PRO A 487 15.99 58.68 23.04
N THR A 488 17.09 57.98 22.73
CA THR A 488 18.00 57.40 23.71
C THR A 488 17.32 56.37 24.61
N TYR A 489 16.36 55.62 24.05
CA TYR A 489 15.82 54.44 24.71
C TYR A 489 16.39 53.15 24.17
N GLY A 490 17.29 53.20 23.21
CA GLY A 490 17.81 51.98 22.66
C GLY A 490 16.81 51.35 21.71
N VAL A 491 17.28 50.30 21.04
CA VAL A 491 16.50 49.72 19.96
C VAL A 491 15.24 49.06 20.50
N GLY A 492 15.28 48.54 21.72
CA GLY A 492 14.12 47.87 22.25
C GLY A 492 12.88 48.75 22.28
N HIS A 493 13.05 50.01 22.65
CA HIS A 493 11.93 50.93 22.82
C HIS A 493 11.95 52.04 21.78
N GLN A 494 12.37 51.73 20.61
CA GLN A 494 12.41 52.79 19.64
C GLN A 494 11.29 52.62 18.63
N PRO A 495 10.79 53.70 18.06
CA PRO A 495 9.65 53.60 17.16
C PRO A 495 9.97 52.83 15.89
N TYR A 496 8.91 52.34 15.25
CA TYR A 496 9.01 51.39 14.15
C TYR A 496 7.77 51.49 13.28
N ARG A 497 7.95 51.79 12.00
CA ARG A 497 6.84 51.75 11.07
C ARG A 497 6.69 50.34 10.52
N VAL A 498 5.46 49.98 10.18
CA VAL A 498 5.17 48.66 9.66
C VAL A 498 4.14 48.75 8.55
N VAL A 499 4.31 47.97 7.50
CA VAL A 499 3.35 47.87 6.40
C VAL A 499 3.20 46.42 6.02
N VAL A 500 1.97 45.91 5.99
CA VAL A 500 1.72 44.53 5.60
C VAL A 500 0.84 44.52 4.37
N LEU A 501 1.19 43.68 3.41
CA LEU A 501 0.46 43.54 2.16
C LEU A 501 -0.23 42.21 2.16
N SER A 502 -1.53 42.19 1.90
CA SER A 502 -2.26 40.94 1.74
C SER A 502 -2.90 40.97 0.37
N PHE A 503 -2.58 39.98 -0.45
CA PHE A 503 -3.15 39.92 -1.78
C PHE A 503 -3.59 38.53 -2.13
N GLU A 504 -4.89 38.37 -2.37
CA GLU A 504 -5.44 37.09 -2.77
C GLU A 504 -4.91 36.72 -4.13
N LEU A 505 -4.67 35.43 -4.33
CA LEU A 505 -3.71 35.00 -5.33
C LEU A 505 -4.29 34.16 -6.45
N LEU A 506 -5.53 33.69 -6.35
CA LEU A 506 -6.17 33.10 -7.52
C LEU A 506 -6.57 34.22 -8.46
N HIS A 507 -6.17 34.10 -9.71
CA HIS A 507 -6.40 35.18 -10.68
C HIS A 507 -7.85 35.08 -11.16
N ALA A 508 -8.75 35.60 -10.35
CA ALA A 508 -10.06 36.05 -10.81
C ALA A 508 -9.76 37.24 -11.71
N PRO A 509 -10.74 37.93 -12.29
CA PRO A 509 -10.39 39.08 -13.14
C PRO A 509 -9.28 39.94 -12.55
N ALA A 510 -8.14 39.96 -13.23
CA ALA A 510 -6.93 40.54 -12.68
C ALA A 510 -6.94 42.04 -12.81
N THR A 511 -6.33 42.71 -11.85
CA THR A 511 -6.31 44.17 -11.83
C THR A 511 -4.91 44.73 -11.63
N VAL A 512 -4.11 44.13 -10.75
CA VAL A 512 -2.83 44.68 -10.37
C VAL A 512 -1.77 43.68 -10.74
N CYS A 513 -0.90 44.02 -11.68
CA CYS A 513 0.26 43.16 -11.90
C CYS A 513 1.36 43.82 -12.69
N GLY A 514 2.56 43.30 -12.49
CA GLY A 514 3.79 44.00 -12.76
C GLY A 514 4.09 44.13 -14.23
N PRO A 515 5.14 44.88 -14.53
CA PRO A 515 5.38 45.26 -15.91
C PRO A 515 5.82 44.08 -16.75
N LYS A 516 5.29 44.03 -17.96
CA LYS A 516 5.71 43.03 -18.94
C LYS A 516 5.12 43.42 -20.28
N LYS A 517 5.88 43.20 -21.34
CA LYS A 517 5.47 43.61 -22.67
C LYS A 517 4.24 42.83 -23.08
N SER A 518 3.80 43.06 -24.31
CA SER A 518 2.62 42.38 -24.83
C SER A 518 2.81 42.14 -26.31
N THR A 519 2.87 40.88 -26.71
CA THR A 519 3.02 40.54 -28.11
C THR A 519 1.67 40.30 -28.75
N ASN A 520 1.65 40.37 -30.07
CA ASN A 520 0.43 40.02 -30.78
C ASN A 520 0.19 38.52 -30.68
N LEU A 521 -1.06 38.14 -30.45
CA LEU A 521 -1.37 36.73 -30.23
C LEU A 521 -1.53 36.00 -31.55
N VAL A 522 -1.08 34.76 -31.58
CA VAL A 522 -1.18 33.91 -32.77
C VAL A 522 -2.03 32.70 -32.42
N LYS A 523 -2.76 32.21 -33.40
CA LYS A 523 -3.67 31.11 -33.18
C LYS A 523 -3.39 29.99 -34.19
N ASN A 524 -3.81 28.79 -33.82
CA ASN A 524 -3.64 27.59 -34.64
C ASN A 524 -2.17 27.22 -34.84
N LYS A 525 -1.32 27.49 -33.86
CA LYS A 525 0.07 27.10 -33.93
C LYS A 525 0.55 26.74 -32.53
N CYS A 526 1.28 25.64 -32.40
CA CYS A 526 1.77 25.25 -31.08
C CYS A 526 2.76 26.29 -30.59
N VAL A 527 2.38 27.03 -29.56
CA VAL A 527 3.10 28.23 -29.14
C VAL A 527 3.18 28.27 -27.63
N ASN A 528 4.33 28.67 -27.11
CA ASN A 528 4.46 28.97 -25.70
C ASN A 528 3.57 30.15 -25.34
N PHE A 529 2.74 30.00 -24.34
CA PHE A 529 1.83 31.07 -23.97
C PHE A 529 2.03 31.43 -22.51
N ASN A 530 1.60 32.63 -22.16
CA ASN A 530 1.62 33.02 -20.77
C ASN A 530 0.50 34.05 -20.60
N PHE A 531 -0.70 33.55 -20.35
CA PHE A 531 -1.86 34.41 -20.21
C PHE A 531 -1.93 34.88 -18.79
N ASN A 532 -1.60 36.12 -18.55
CA ASN A 532 -1.91 36.78 -17.29
C ASN A 532 -1.23 36.15 -16.10
N GLY A 533 -0.47 35.09 -16.30
CA GLY A 533 0.09 34.38 -15.19
C GLY A 533 0.21 32.89 -15.41
N LEU A 534 -0.66 32.31 -16.23
CA LEU A 534 -0.47 30.92 -16.61
C LEU A 534 0.77 30.78 -17.45
N LYS A 535 1.19 29.54 -17.64
CA LYS A 535 2.27 29.28 -18.56
C LYS A 535 2.11 27.88 -19.11
N GLY A 536 2.77 27.63 -20.23
CA GLY A 536 2.73 26.32 -20.82
C GLY A 536 2.48 26.41 -22.30
N THR A 537 2.45 25.26 -22.96
CA THR A 537 2.31 25.20 -24.41
C THR A 537 0.92 24.72 -24.77
N GLY A 538 0.48 25.09 -25.97
CA GLY A 538 -0.82 24.66 -26.41
C GLY A 538 -1.13 25.28 -27.75
N VAL A 539 -2.34 25.03 -28.22
CA VAL A 539 -2.82 25.60 -29.46
C VAL A 539 -4.09 26.38 -29.14
N LEU A 540 -4.03 27.69 -29.29
CA LEU A 540 -5.13 28.56 -28.91
C LEU A 540 -6.07 28.72 -30.10
N THR A 541 -7.33 28.36 -29.92
CA THR A 541 -8.29 28.43 -31.01
C THR A 541 -9.48 29.28 -30.59
N GLU A 542 -10.47 29.37 -31.47
CA GLU A 542 -11.71 30.02 -31.13
C GLU A 542 -12.58 29.07 -30.33
N SER A 543 -13.57 29.62 -29.65
CA SER A 543 -14.39 28.84 -28.73
C SER A 543 -15.85 29.24 -28.85
N ASN A 544 -16.70 28.39 -28.28
CA ASN A 544 -18.13 28.62 -28.27
C ASN A 544 -18.71 28.76 -26.88
N LYS A 545 -17.91 28.63 -25.83
CA LYS A 545 -18.43 28.73 -24.48
C LYS A 545 -18.84 30.16 -24.18
N LYS A 546 -19.63 30.32 -23.11
CA LYS A 546 -20.16 31.60 -22.70
C LYS A 546 -19.83 31.84 -21.24
N PHE A 547 -19.03 32.85 -20.96
CA PHE A 547 -18.57 33.15 -19.62
C PHE A 547 -19.38 34.30 -19.07
N LEU A 548 -19.81 34.18 -17.83
CA LEU A 548 -20.50 35.29 -17.18
C LEU A 548 -19.49 36.37 -16.83
N PRO A 549 -19.95 37.60 -16.58
CA PRO A 549 -19.02 38.71 -16.38
C PRO A 549 -18.02 38.49 -15.26
N PHE A 550 -18.37 37.68 -14.26
CA PHE A 550 -17.47 37.39 -13.15
C PHE A 550 -16.67 36.12 -13.37
N GLN A 551 -16.75 35.53 -14.54
CA GLN A 551 -16.57 34.10 -14.71
C GLN A 551 -15.42 33.91 -15.68
N GLN A 552 -14.19 33.92 -15.18
CA GLN A 552 -13.10 34.37 -16.03
C GLN A 552 -12.35 33.24 -16.72
N PHE A 553 -11.84 32.22 -16.03
CA PHE A 553 -11.16 31.11 -16.70
C PHE A 553 -11.78 29.79 -16.34
N GLY A 554 -12.12 29.01 -17.35
CA GLY A 554 -12.74 27.72 -17.13
C GLY A 554 -11.75 26.67 -16.67
N ARG A 555 -12.29 25.49 -16.39
CA ARG A 555 -11.50 24.42 -15.80
C ARG A 555 -12.13 23.09 -16.17
N ASP A 556 -11.37 22.01 -16.02
CA ASP A 556 -11.78 20.70 -16.49
C ASP A 556 -11.78 19.69 -15.35
N ILE A 557 -12.03 18.42 -15.70
CA ILE A 557 -12.22 17.39 -14.69
C ILE A 557 -10.97 17.25 -13.83
N ALA A 558 -9.82 17.11 -14.45
CA ALA A 558 -8.60 16.96 -13.69
C ALA A 558 -8.13 18.27 -13.10
N ASP A 559 -8.95 19.32 -13.20
CA ASP A 559 -8.66 20.62 -12.62
C ASP A 559 -7.37 21.19 -13.25
N THR A 560 -7.47 21.45 -14.55
CA THR A 560 -6.45 22.17 -15.29
C THR A 560 -7.12 23.20 -16.17
N THR A 561 -6.50 24.36 -16.30
CA THR A 561 -7.08 25.40 -17.12
C THR A 561 -7.20 24.94 -18.56
N ASP A 562 -8.37 25.14 -19.15
CA ASP A 562 -8.57 24.79 -20.54
C ASP A 562 -9.38 25.83 -21.29
N ALA A 563 -9.61 27.00 -20.72
CA ALA A 563 -10.21 28.12 -21.41
C ALA A 563 -9.70 29.37 -20.74
N VAL A 564 -9.80 30.51 -21.41
CA VAL A 564 -9.31 31.74 -20.80
C VAL A 564 -9.88 32.92 -21.55
N ARG A 565 -10.19 33.96 -20.82
CA ARG A 565 -10.60 35.22 -21.42
C ARG A 565 -9.35 36.06 -21.69
N ASP A 566 -9.03 36.25 -22.95
CA ASP A 566 -7.85 37.03 -23.29
C ASP A 566 -8.03 38.44 -22.76
N PRO A 567 -7.08 38.94 -22.00
CA PRO A 567 -7.25 40.23 -21.35
C PRO A 567 -7.63 41.40 -22.23
N GLN A 568 -6.88 41.71 -23.28
CA GLN A 568 -7.16 42.93 -24.02
C GLN A 568 -8.40 42.78 -24.87
N THR A 569 -8.37 41.89 -25.84
CA THR A 569 -9.57 41.57 -26.60
C THR A 569 -10.29 40.44 -25.87
N LEU A 570 -11.42 40.75 -25.27
CA LEU A 570 -12.04 39.78 -24.39
C LEU A 570 -12.66 38.64 -25.17
N GLU A 571 -11.82 37.82 -25.77
CA GLU A 571 -12.27 36.62 -26.45
C GLU A 571 -12.14 35.42 -25.54
N ILE A 572 -12.79 34.33 -25.93
CA ILE A 572 -12.72 33.08 -25.20
C ILE A 572 -11.95 32.10 -26.09
N LEU A 573 -10.88 31.53 -25.55
CA LEU A 573 -10.01 30.65 -26.31
C LEU A 573 -10.08 29.24 -25.71
N ASP A 574 -9.58 28.28 -26.48
CA ASP A 574 -9.47 26.90 -26.01
C ASP A 574 -8.02 26.45 -26.13
N ILE A 575 -7.49 25.95 -25.02
CA ILE A 575 -6.11 25.53 -24.92
C ILE A 575 -6.07 24.01 -25.01
N THR A 576 -5.38 23.50 -26.02
CA THR A 576 -5.19 22.07 -26.17
C THR A 576 -3.74 21.78 -26.50
N PRO A 577 -3.17 20.69 -25.96
CA PRO A 577 -1.74 20.44 -26.16
C PRO A 577 -1.46 19.99 -27.58
N CYS A 578 -0.35 20.45 -28.13
CA CYS A 578 -0.07 20.11 -29.50
C CYS A 578 0.39 18.65 -29.60
N SER A 579 0.19 18.07 -30.77
CA SER A 579 0.03 16.62 -30.90
C SER A 579 1.27 15.87 -30.46
N PHE A 580 1.06 14.64 -30.00
CA PHE A 580 2.12 13.77 -29.53
C PHE A 580 1.71 12.33 -29.80
N GLY A 581 2.54 11.40 -29.36
CA GLY A 581 2.26 10.00 -29.57
C GLY A 581 3.54 9.18 -29.49
N GLY A 582 3.37 7.88 -29.63
CA GLY A 582 4.47 6.95 -29.52
C GLY A 582 4.94 6.43 -30.87
N VAL A 583 6.08 5.76 -30.85
CA VAL A 583 6.71 5.26 -32.08
C VAL A 583 7.08 3.80 -31.89
N SER A 584 7.26 3.11 -33.01
CA SER A 584 7.63 1.70 -33.00
C SER A 584 8.37 1.38 -34.28
N VAL A 585 9.40 0.53 -34.18
CA VAL A 585 10.32 0.26 -35.27
C VAL A 585 10.18 -1.21 -35.66
N ILE A 586 10.06 -1.46 -36.97
CA ILE A 586 9.85 -2.80 -37.52
C ILE A 586 11.14 -3.23 -38.21
N THR A 587 11.80 -4.26 -37.69
CA THR A 587 13.04 -4.72 -38.27
C THR A 587 12.93 -6.17 -38.70
N PRO A 588 13.64 -6.58 -39.76
CA PRO A 588 13.62 -7.98 -40.15
C PRO A 588 14.70 -8.77 -39.45
N GLY A 589 15.33 -8.18 -38.45
CA GLY A 589 16.46 -8.80 -37.80
C GLY A 589 17.75 -8.16 -38.24
N THR A 590 18.71 -8.01 -37.33
CA THR A 590 19.98 -7.40 -37.70
C THR A 590 20.79 -8.35 -38.57
N ASN A 591 20.62 -9.65 -38.37
CA ASN A 591 21.33 -10.62 -39.19
C ASN A 591 20.96 -10.48 -40.66
N THR A 592 19.67 -10.35 -40.95
CA THR A 592 19.23 -10.30 -42.34
C THR A 592 19.54 -8.95 -42.99
N SER A 593 19.26 -7.85 -42.31
CA SER A 593 19.45 -6.54 -42.91
C SER A 593 19.55 -5.48 -41.85
N ASN A 594 19.87 -4.27 -42.29
CA ASN A 594 19.90 -3.08 -41.46
C ASN A 594 18.92 -2.04 -41.98
N GLN A 595 17.76 -2.50 -42.43
CA GLN A 595 16.76 -1.65 -43.05
C GLN A 595 15.49 -1.74 -42.23
N VAL A 596 14.91 -0.59 -41.87
CA VAL A 596 13.81 -0.56 -40.94
C VAL A 596 12.65 0.25 -41.51
N ALA A 597 11.50 0.13 -40.85
CA ALA A 597 10.32 0.94 -41.10
C ALA A 597 9.79 1.41 -39.77
N VAL A 598 9.06 2.54 -39.79
CA VAL A 598 8.65 3.23 -38.58
C VAL A 598 7.15 3.41 -38.57
N LEU A 599 6.54 3.24 -37.41
CA LEU A 599 5.10 3.45 -37.23
C LEU A 599 4.88 4.52 -36.18
N TYR A 600 4.12 5.56 -36.53
CA TYR A 600 3.73 6.60 -35.59
C TYR A 600 2.33 6.27 -35.11
N GLN A 601 2.16 6.16 -33.80
CA GLN A 601 0.99 5.51 -33.23
C GLN A 601 -0.12 6.53 -33.02
N GLY A 602 -1.14 6.48 -33.87
CA GLY A 602 -2.34 7.26 -33.66
C GLY A 602 -2.25 8.69 -34.11
N VAL A 603 -1.84 8.90 -35.36
CA VAL A 603 -1.77 10.22 -35.95
C VAL A 603 -2.27 10.14 -37.38
N ASN A 604 -2.53 11.30 -37.95
CA ASN A 604 -2.96 11.41 -39.34
C ASN A 604 -1.74 11.59 -40.23
N CYS A 605 -1.63 10.76 -41.26
CA CYS A 605 -0.48 10.83 -42.16
C CYS A 605 -0.41 12.15 -42.88
N THR A 606 -1.54 12.86 -42.99
CA THR A 606 -1.60 14.05 -43.84
C THR A 606 -0.76 15.18 -43.29
N GLU A 607 -0.93 15.50 -42.01
CA GLU A 607 -0.31 16.71 -41.49
C GLU A 607 0.79 16.45 -40.48
N VAL A 608 0.51 15.67 -39.44
CA VAL A 608 1.42 15.63 -38.29
C VAL A 608 2.82 15.16 -38.66
N PRO A 609 3.01 14.00 -39.32
CA PRO A 609 4.38 13.56 -39.59
C PRO A 609 5.14 14.47 -40.53
N VAL A 610 4.44 15.20 -41.40
CA VAL A 610 5.11 16.16 -42.26
C VAL A 610 5.16 17.56 -41.66
N ALA A 611 4.23 17.90 -40.77
CA ALA A 611 4.34 19.15 -40.03
C ALA A 611 5.52 19.08 -39.06
N ILE A 612 5.79 17.89 -38.52
CA ILE A 612 6.94 17.73 -37.64
C ILE A 612 8.23 17.56 -38.41
N HIS A 613 8.20 17.72 -39.73
CA HIS A 613 9.42 17.59 -40.51
C HIS A 613 10.43 18.65 -40.13
N ALA A 614 10.01 19.70 -39.43
CA ALA A 614 10.91 20.71 -38.90
C ALA A 614 11.19 20.56 -37.40
N ASP A 615 10.22 20.09 -36.62
CA ASP A 615 10.34 20.09 -35.16
C ASP A 615 9.99 18.72 -34.60
N GLN A 616 10.88 18.20 -33.76
CA GLN A 616 10.79 16.84 -33.23
C GLN A 616 11.34 16.77 -31.82
N LEU A 617 10.83 15.81 -31.06
CA LEU A 617 11.57 15.32 -29.92
C LEU A 617 12.70 14.42 -30.37
N THR A 618 12.65 13.95 -31.61
CA THR A 618 13.67 13.10 -32.20
C THR A 618 14.38 13.86 -33.32
N PRO A 619 15.18 14.88 -33.00
CA PRO A 619 15.57 15.88 -34.01
C PRO A 619 16.47 15.35 -35.12
N THR A 620 17.64 14.83 -34.78
CA THR A 620 18.55 14.32 -35.81
C THR A 620 17.97 13.08 -36.45
N TRP A 621 17.17 12.33 -35.70
CA TRP A 621 16.35 11.25 -36.21
C TRP A 621 15.40 11.78 -37.26
N ARG A 622 15.57 11.39 -38.52
CA ARG A 622 14.71 11.95 -39.55
C ARG A 622 14.49 10.87 -40.61
N VAL A 623 13.41 10.10 -40.42
CA VAL A 623 13.07 9.09 -41.41
C VAL A 623 12.52 9.79 -42.65
N TYR A 624 12.98 9.33 -43.82
CA TYR A 624 12.71 10.04 -45.06
C TYR A 624 11.22 10.28 -45.23
N SER A 625 10.90 11.44 -45.81
CA SER A 625 9.50 11.84 -46.00
C SER A 625 8.72 10.74 -46.72
N THR A 626 9.25 10.26 -47.84
CA THR A 626 8.73 9.07 -48.51
C THR A 626 9.92 8.18 -48.80
N GLY A 627 10.33 7.40 -47.80
CA GLY A 627 11.21 6.27 -48.07
C GLY A 627 10.48 5.20 -48.83
N SER A 628 9.27 4.87 -48.38
CA SER A 628 8.23 4.25 -49.18
C SER A 628 6.99 5.11 -49.01
N ASN A 629 5.95 4.78 -49.77
CA ASN A 629 4.75 5.59 -49.68
C ASN A 629 4.18 5.55 -48.28
N VAL A 630 4.00 6.72 -47.67
CA VAL A 630 3.37 6.77 -46.37
C VAL A 630 1.99 6.15 -46.48
N PHE A 631 1.71 5.18 -45.63
CA PHE A 631 0.49 4.41 -45.67
C PHE A 631 -0.27 4.63 -44.37
N GLN A 632 -1.54 5.00 -44.48
CA GLN A 632 -2.36 5.32 -43.31
C GLN A 632 -3.19 4.12 -42.91
N THR A 633 -2.95 3.58 -41.72
CA THR A 633 -3.70 2.49 -41.16
C THR A 633 -4.40 2.95 -39.90
N ARG A 634 -5.26 2.09 -39.37
CA ARG A 634 -5.96 2.43 -38.13
C ARG A 634 -5.00 2.56 -36.96
N ALA A 635 -3.91 1.81 -36.97
CA ALA A 635 -2.95 1.93 -35.88
C ALA A 635 -2.29 3.31 -35.89
N GLY A 636 -2.04 3.86 -37.07
CA GLY A 636 -1.38 5.15 -37.18
C GLY A 636 -0.82 5.41 -38.56
N CYS A 637 0.37 5.97 -38.64
CA CYS A 637 1.00 6.36 -39.89
C CYS A 637 2.27 5.54 -40.06
N LEU A 638 2.36 4.80 -41.16
CA LEU A 638 3.47 3.90 -41.42
C LEU A 638 4.34 4.46 -42.53
N ILE A 639 5.65 4.41 -42.34
CA ILE A 639 6.61 4.96 -43.28
C ILE A 639 7.67 3.92 -43.57
N GLY A 640 8.01 3.77 -44.84
CA GLY A 640 9.07 2.85 -45.21
C GLY A 640 8.61 1.48 -45.65
N ALA A 641 7.33 1.28 -45.89
CA ALA A 641 6.84 -0.01 -46.31
C ALA A 641 5.69 0.19 -47.26
N GLU A 642 5.76 -0.43 -48.43
CA GLU A 642 4.69 -0.28 -49.40
C GLU A 642 3.61 -1.32 -49.19
N TYR A 643 2.41 -1.01 -49.68
CA TYR A 643 1.24 -1.85 -49.49
C TYR A 643 0.98 -2.67 -50.75
N VAL A 644 1.21 -3.97 -50.67
CA VAL A 644 0.90 -4.87 -51.77
C VAL A 644 -0.55 -5.31 -51.61
N ASN A 645 -1.10 -5.94 -52.65
CA ASN A 645 -2.50 -6.34 -52.67
C ASN A 645 -2.71 -7.84 -52.44
N ASN A 646 -1.67 -8.60 -52.15
CA ASN A 646 -1.82 -10.02 -51.86
C ASN A 646 -2.15 -10.20 -50.38
N SER A 647 -2.05 -11.45 -49.91
CA SER A 647 -2.31 -11.75 -48.51
C SER A 647 -1.62 -13.05 -48.15
N TYR A 648 -0.83 -13.02 -47.09
CA TYR A 648 -0.12 -14.21 -46.63
C TYR A 648 -0.33 -14.35 -45.13
N GLU A 649 0.33 -15.30 -44.49
CA GLU A 649 0.22 -15.44 -43.05
C GLU A 649 0.96 -14.29 -42.36
N CYS A 650 0.57 -14.00 -41.12
CA CYS A 650 1.25 -12.93 -40.40
C CYS A 650 2.69 -13.29 -40.09
N ASP A 651 3.50 -12.27 -40.06
CA ASP A 651 4.92 -12.34 -39.74
C ASP A 651 5.32 -11.34 -38.67
N ILE A 652 4.80 -10.12 -38.72
CA ILE A 652 5.08 -9.09 -37.72
C ILE A 652 3.80 -8.29 -37.56
N PRO A 653 3.15 -8.31 -36.40
CA PRO A 653 1.82 -7.73 -36.30
C PRO A 653 1.84 -6.22 -36.25
N ILE A 654 0.86 -5.63 -36.90
CA ILE A 654 0.43 -4.26 -36.69
C ILE A 654 -1.07 -4.32 -36.53
N GLY A 655 -1.64 -3.35 -35.85
CA GLY A 655 -3.03 -3.46 -35.47
C GLY A 655 -3.99 -3.45 -36.65
N ALA A 656 -5.17 -4.03 -36.40
CA ALA A 656 -6.34 -3.89 -37.25
C ALA A 656 -6.24 -4.70 -38.54
N GLY A 657 -5.54 -5.82 -38.52
CA GLY A 657 -5.48 -6.69 -39.66
C GLY A 657 -4.23 -6.58 -40.49
N ILE A 658 -3.50 -5.49 -40.39
CA ILE A 658 -2.28 -5.31 -41.16
C ILE A 658 -1.16 -6.13 -40.54
N CYS A 659 -0.31 -6.69 -41.37
CA CYS A 659 0.84 -7.45 -40.91
C CYS A 659 1.99 -7.05 -41.80
N ALA A 660 3.22 -7.17 -41.31
CA ALA A 660 4.38 -6.74 -42.07
C ALA A 660 5.34 -7.89 -42.28
N SER A 661 6.10 -7.84 -43.36
CA SER A 661 7.08 -8.88 -43.64
C SER A 661 8.11 -8.35 -44.63
N TYR A 662 9.18 -9.13 -44.79
CA TYR A 662 10.34 -8.71 -45.56
C TYR A 662 10.67 -9.79 -46.58
N GLN A 663 10.54 -9.47 -47.85
CA GLN A 663 10.79 -10.44 -48.91
C GLN A 663 10.82 -9.69 -50.23
N THR A 664 11.09 -10.44 -51.29
CA THR A 664 11.17 -9.89 -52.64
C THR A 664 9.86 -9.20 -53.03
N SER A 677 16.28 -7.36 -54.58
CA SER A 677 15.12 -6.47 -54.47
C SER A 677 14.27 -6.81 -53.25
N GLN A 678 14.89 -6.77 -52.08
CA GLN A 678 14.22 -7.06 -50.83
C GLN A 678 13.79 -5.77 -50.16
N SER A 679 12.54 -5.72 -49.71
CA SER A 679 12.01 -4.54 -49.04
C SER A 679 11.11 -5.02 -47.91
N ILE A 680 10.39 -4.09 -47.30
CA ILE A 680 9.41 -4.39 -46.27
C ILE A 680 8.03 -4.06 -46.83
N ILE A 681 7.10 -5.00 -46.72
CA ILE A 681 5.79 -4.86 -47.34
C ILE A 681 4.72 -4.91 -46.26
N ALA A 682 3.58 -4.30 -46.54
CA ALA A 682 2.44 -4.31 -45.65
C ALA A 682 1.26 -4.92 -46.38
N TYR A 683 0.49 -5.75 -45.70
CA TYR A 683 -0.54 -6.52 -46.37
C TYR A 683 -1.59 -6.94 -45.36
N THR A 684 -2.69 -7.47 -45.87
CA THR A 684 -3.78 -7.97 -45.05
C THR A 684 -3.57 -9.44 -44.71
N MET A 685 -3.94 -9.82 -43.50
CA MET A 685 -3.78 -11.20 -43.09
C MET A 685 -4.66 -12.12 -43.92
N SER A 686 -4.27 -13.39 -43.99
CA SER A 686 -5.06 -14.41 -44.65
C SER A 686 -5.50 -15.39 -43.58
N LEU A 687 -6.80 -15.62 -43.49
CA LEU A 687 -7.32 -16.46 -42.42
C LEU A 687 -7.00 -17.93 -42.65
N GLY A 688 -6.86 -18.36 -43.89
CA GLY A 688 -6.51 -19.73 -44.14
C GLY A 688 -6.85 -20.11 -45.57
N ALA A 689 -6.68 -21.41 -45.84
CA ALA A 689 -6.91 -21.93 -47.18
C ALA A 689 -8.39 -21.83 -47.53
N GLU A 690 -8.72 -22.29 -48.73
CA GLU A 690 -10.06 -22.11 -49.27
C GLU A 690 -10.69 -23.47 -49.48
N ASN A 691 -11.91 -23.66 -49.02
CA ASN A 691 -12.51 -24.98 -49.13
C ASN A 691 -14.02 -24.85 -49.21
N SER A 692 -14.65 -25.87 -49.76
CA SER A 692 -16.10 -25.97 -49.86
C SER A 692 -16.44 -27.43 -50.08
N VAL A 693 -17.22 -28.02 -49.18
CA VAL A 693 -17.46 -29.45 -49.17
C VAL A 693 -18.87 -29.73 -49.64
N ALA A 694 -19.00 -30.70 -50.54
CA ALA A 694 -20.27 -31.02 -51.16
C ALA A 694 -21.19 -31.67 -50.14
N TYR A 695 -22.28 -30.99 -49.79
CA TYR A 695 -23.29 -31.60 -48.95
C TYR A 695 -24.47 -32.02 -49.81
N SER A 696 -25.06 -33.15 -49.47
CA SER A 696 -26.33 -33.54 -50.02
C SER A 696 -26.83 -34.73 -49.22
N ASN A 697 -28.14 -34.94 -49.27
CA ASN A 697 -28.66 -36.24 -48.93
C ASN A 697 -28.14 -37.25 -49.95
N ASN A 698 -28.37 -38.53 -49.67
CA ASN A 698 -27.94 -39.64 -50.50
C ASN A 698 -26.44 -39.85 -50.57
N SER A 699 -25.62 -39.00 -49.98
CA SER A 699 -24.19 -39.13 -50.17
C SER A 699 -23.44 -39.14 -48.86
N ILE A 700 -22.43 -40.00 -48.77
CA ILE A 700 -21.54 -40.07 -47.62
C ILE A 700 -20.14 -40.34 -48.14
N ALA A 701 -19.13 -39.99 -47.34
CA ALA A 701 -17.75 -40.24 -47.68
C ALA A 701 -17.09 -41.01 -46.55
N ILE A 702 -16.40 -42.09 -46.87
CA ILE A 702 -15.85 -43.01 -45.87
C ILE A 702 -14.36 -43.24 -46.13
N PRO A 703 -13.55 -43.30 -45.09
CA PRO A 703 -12.11 -43.52 -45.28
C PRO A 703 -11.79 -44.92 -45.74
N THR A 704 -10.58 -45.06 -46.26
CA THR A 704 -10.09 -46.32 -46.80
C THR A 704 -8.76 -46.75 -46.21
N ASN A 705 -8.00 -45.82 -45.65
CA ASN A 705 -6.64 -46.04 -45.19
C ASN A 705 -6.39 -45.05 -44.09
N PHE A 706 -5.47 -45.37 -43.19
CA PHE A 706 -5.28 -44.55 -42.02
C PHE A 706 -3.84 -44.05 -41.96
N THR A 707 -3.51 -43.41 -40.86
CA THR A 707 -2.17 -42.85 -40.67
C THR A 707 -1.94 -42.67 -39.18
N ILE A 708 -0.75 -43.05 -38.71
CA ILE A 708 -0.38 -42.92 -37.31
C ILE A 708 0.57 -41.75 -37.18
N SER A 709 0.25 -40.79 -36.32
CA SER A 709 1.02 -39.57 -36.21
C SER A 709 1.34 -39.28 -34.75
N VAL A 710 2.49 -38.65 -34.52
CA VAL A 710 3.01 -38.38 -33.19
C VAL A 710 3.40 -36.91 -33.11
N THR A 711 2.97 -36.23 -32.04
CA THR A 711 3.20 -34.81 -31.88
C THR A 711 3.53 -34.49 -30.44
N THR A 712 4.14 -33.34 -30.22
CA THR A 712 4.63 -32.95 -28.90
C THR A 712 3.74 -31.91 -28.26
N GLU A 713 4.07 -31.59 -27.00
CA GLU A 713 3.39 -30.55 -26.25
C GLU A 713 4.21 -30.23 -25.01
N ILE A 714 4.65 -28.98 -24.88
CA ILE A 714 5.61 -28.58 -23.85
C ILE A 714 4.90 -27.74 -22.80
N LEU A 715 5.14 -28.03 -21.52
CA LEU A 715 4.45 -27.34 -20.44
C LEU A 715 5.39 -26.96 -19.31
N PRO A 716 5.45 -25.70 -18.91
CA PRO A 716 6.20 -25.35 -17.71
C PRO A 716 5.56 -25.96 -16.48
N VAL A 717 6.40 -26.29 -15.51
CA VAL A 717 6.00 -27.00 -14.31
C VAL A 717 6.42 -26.24 -13.05
N SER A 718 7.67 -25.81 -13.00
CA SER A 718 8.24 -25.17 -11.83
C SER A 718 8.99 -23.93 -12.27
N MET A 719 9.42 -23.13 -11.30
CA MET A 719 10.14 -21.89 -11.58
C MET A 719 11.23 -21.72 -10.53
N THR A 720 12.25 -20.95 -10.87
CA THR A 720 13.42 -20.81 -10.01
C THR A 720 13.06 -20.27 -8.62
N LYS A 721 13.63 -20.88 -7.59
CA LYS A 721 13.43 -20.49 -6.21
C LYS A 721 14.48 -19.47 -5.82
N THR A 722 14.10 -18.51 -4.99
CA THR A 722 15.01 -17.45 -4.56
C THR A 722 14.77 -17.13 -3.09
N SER A 723 15.65 -16.27 -2.55
CA SER A 723 15.58 -15.84 -1.17
C SER A 723 16.25 -14.48 -1.06
N VAL A 724 15.91 -13.76 0.02
CA VAL A 724 16.37 -12.38 0.19
C VAL A 724 16.79 -12.16 1.62
N ASP A 725 17.60 -11.13 1.83
CA ASP A 725 18.08 -10.75 3.15
C ASP A 725 17.77 -9.28 3.40
N CYS A 726 16.87 -9.01 4.35
CA CYS A 726 16.45 -7.67 4.70
C CYS A 726 17.62 -6.71 4.74
N THR A 727 18.52 -7.01 5.67
CA THR A 727 19.55 -6.06 6.04
C THR A 727 20.61 -5.95 4.97
N MET A 728 21.17 -7.08 4.54
CA MET A 728 22.23 -7.03 3.54
C MET A 728 21.77 -6.33 2.28
N TYR A 729 20.48 -6.37 1.97
CA TYR A 729 20.05 -5.62 0.81
C TYR A 729 19.84 -4.14 1.13
N ILE A 730 18.98 -3.85 2.11
CA ILE A 730 18.55 -2.47 2.30
C ILE A 730 19.68 -1.64 2.85
N CYS A 731 20.31 -2.09 3.93
CA CYS A 731 21.36 -1.38 4.65
C CYS A 731 22.67 -2.08 4.36
N GLY A 732 23.53 -1.46 3.57
CA GLY A 732 24.70 -2.23 3.21
C GLY A 732 25.79 -2.14 4.25
N ASP A 733 25.80 -3.12 5.16
CA ASP A 733 26.87 -3.28 6.16
C ASP A 733 27.12 -1.99 6.95
N SER A 734 26.11 -1.14 7.08
CA SER A 734 26.21 0.14 7.77
C SER A 734 25.38 0.05 9.04
N THR A 735 26.05 0.00 10.19
CA THR A 735 25.34 -0.35 11.42
C THR A 735 24.40 0.75 11.88
N GLU A 736 24.72 2.02 11.61
CA GLU A 736 23.76 3.07 11.92
C GLU A 736 22.50 2.92 11.08
N CYS A 737 22.66 2.61 9.80
CA CYS A 737 21.49 2.43 8.95
C CYS A 737 20.68 1.24 9.43
N SER A 738 21.36 0.18 9.84
CA SER A 738 20.67 -1.01 10.34
C SER A 738 19.89 -0.69 11.60
N ASN A 739 20.48 0.11 12.50
CA ASN A 739 19.76 0.52 13.69
C ASN A 739 18.53 1.33 13.33
N LEU A 740 18.66 2.25 12.39
CA LEU A 740 17.52 3.08 12.02
C LEU A 740 16.44 2.26 11.33
N LEU A 741 16.82 1.21 10.62
CA LEU A 741 15.84 0.42 9.89
C LEU A 741 14.81 -0.23 10.79
N LEU A 742 15.15 -0.48 12.06
CA LEU A 742 14.26 -1.20 12.94
C LEU A 742 12.93 -0.49 13.13
N GLN A 743 12.86 0.81 12.84
CA GLN A 743 11.63 1.55 13.06
C GLN A 743 10.49 1.01 12.21
N TYR A 744 10.79 0.61 10.97
CA TYR A 744 9.69 0.38 10.03
C TYR A 744 8.93 -0.89 10.37
N GLY A 745 9.60 -1.90 10.91
CA GLY A 745 8.86 -2.98 11.54
C GLY A 745 8.90 -4.31 10.83
N SER A 746 7.72 -4.79 10.43
CA SER A 746 7.55 -6.15 9.94
C SER A 746 7.54 -6.25 8.43
N PHE A 747 7.93 -5.18 7.73
CA PHE A 747 7.86 -5.22 6.27
C PHE A 747 8.71 -6.33 5.70
N CYS A 748 9.97 -6.41 6.07
CA CYS A 748 10.76 -7.35 5.29
C CYS A 748 10.54 -8.78 5.76
N THR A 749 10.09 -8.98 6.99
CA THR A 749 9.67 -10.32 7.38
C THR A 749 8.46 -10.75 6.57
N GLN A 750 7.56 -9.82 6.27
CA GLN A 750 6.47 -10.14 5.35
C GLN A 750 7.02 -10.60 4.01
N LEU A 751 7.98 -9.85 3.46
CA LEU A 751 8.54 -10.23 2.17
C LEU A 751 9.18 -11.62 2.25
N LYS A 752 9.91 -11.89 3.33
CA LYS A 752 10.53 -13.19 3.50
C LYS A 752 9.49 -14.30 3.51
N ARG A 753 8.39 -14.12 4.24
CA ARG A 753 7.39 -15.17 4.28
C ARG A 753 6.80 -15.43 2.90
N ALA A 754 6.51 -14.36 2.15
CA ALA A 754 5.96 -14.57 0.82
C ALA A 754 6.91 -15.38 -0.04
N LEU A 755 8.19 -15.02 -0.01
CA LEU A 755 9.15 -15.72 -0.84
C LEU A 755 9.30 -17.18 -0.42
N THR A 756 9.29 -17.44 0.89
CA THR A 756 9.40 -18.82 1.35
C THR A 756 8.22 -19.65 0.90
N GLY A 757 7.02 -19.09 0.97
CA GLY A 757 5.87 -19.81 0.47
C GLY A 757 6.01 -20.19 -0.98
N ILE A 758 6.49 -19.24 -1.80
CA ILE A 758 6.68 -19.56 -3.22
C ILE A 758 7.68 -20.70 -3.38
N ALA A 759 8.77 -20.66 -2.64
CA ALA A 759 9.81 -21.68 -2.76
C ALA A 759 9.28 -23.06 -2.43
N VAL A 760 8.50 -23.19 -1.37
CA VAL A 760 7.93 -24.49 -1.03
C VAL A 760 6.94 -24.95 -2.11
N GLU A 761 6.12 -24.02 -2.59
CA GLU A 761 5.13 -24.40 -3.58
C GLU A 761 5.78 -24.94 -4.83
N GLN A 762 6.97 -24.47 -5.18
CA GLN A 762 7.60 -24.99 -6.40
C GLN A 762 7.89 -26.47 -6.29
N ASP A 763 8.43 -26.90 -5.16
CA ASP A 763 8.75 -28.31 -5.00
C ASP A 763 7.48 -29.15 -4.97
N LYS A 764 6.41 -28.63 -4.37
CA LYS A 764 5.16 -29.36 -4.47
C LYS A 764 4.70 -29.49 -5.91
N ASN A 765 4.83 -28.42 -6.68
CA ASN A 765 4.40 -28.45 -8.08
C ASN A 765 5.11 -29.55 -8.84
N THR A 766 6.42 -29.67 -8.62
CA THR A 766 7.17 -30.74 -9.28
C THR A 766 6.74 -32.11 -8.77
N GLN A 767 6.40 -32.23 -7.50
CA GLN A 767 6.03 -33.52 -6.93
C GLN A 767 4.75 -34.05 -7.55
N GLU A 768 3.76 -33.17 -7.73
CA GLU A 768 2.44 -33.64 -8.16
C GLU A 768 2.47 -34.27 -9.53
N VAL A 769 3.24 -33.69 -10.44
CA VAL A 769 3.23 -34.16 -11.82
C VAL A 769 3.82 -35.56 -11.91
N PHE A 770 4.98 -35.75 -11.32
CA PHE A 770 5.77 -36.96 -11.56
C PHE A 770 5.56 -38.05 -10.53
N ALA A 771 5.24 -37.73 -9.29
CA ALA A 771 5.16 -38.78 -8.27
C ALA A 771 3.75 -39.34 -8.22
N GLN A 772 3.43 -40.12 -9.23
CA GLN A 772 2.08 -40.65 -9.35
C GLN A 772 1.97 -42.13 -9.04
N VAL A 773 3.08 -42.86 -9.06
CA VAL A 773 3.11 -44.26 -8.72
C VAL A 773 4.18 -44.47 -7.67
N LYS A 774 3.85 -45.22 -6.63
CA LYS A 774 4.84 -45.50 -5.60
C LYS A 774 5.86 -46.49 -6.12
N GLN A 775 5.40 -47.48 -6.86
CA GLN A 775 6.17 -48.65 -7.20
C GLN A 775 7.04 -48.34 -8.40
N ILE A 776 8.34 -48.58 -8.30
CA ILE A 776 9.27 -48.25 -9.38
C ILE A 776 9.48 -49.50 -10.21
N TYR A 777 8.91 -49.53 -11.42
CA TYR A 777 9.04 -50.68 -12.28
C TYR A 777 10.33 -50.57 -13.08
N LYS A 778 10.71 -51.67 -13.72
CA LYS A 778 11.97 -51.72 -14.45
C LYS A 778 11.75 -52.21 -15.87
N THR A 779 12.63 -51.75 -16.75
CA THR A 779 12.56 -52.11 -18.15
C THR A 779 12.81 -53.61 -18.31
N PRO A 780 12.06 -54.28 -19.17
CA PRO A 780 12.34 -55.68 -19.42
C PRO A 780 13.70 -55.85 -20.08
N PRO A 781 14.34 -57.01 -19.92
CA PRO A 781 15.64 -57.19 -20.59
C PRO A 781 15.51 -57.43 -22.08
N ILE A 782 14.58 -58.27 -22.51
CA ILE A 782 14.35 -58.52 -23.93
C ILE A 782 13.61 -57.34 -24.54
N LYS A 783 14.05 -56.93 -25.72
CA LYS A 783 13.51 -55.74 -26.38
C LYS A 783 12.75 -56.09 -27.65
N TYR A 784 11.92 -57.13 -27.64
CA TYR A 784 11.05 -57.42 -28.77
C TYR A 784 9.61 -57.14 -28.36
N PHE A 785 8.96 -56.22 -29.07
CA PHE A 785 7.59 -55.81 -28.79
C PHE A 785 6.73 -55.90 -30.02
N GLY A 786 6.86 -57.00 -30.76
CA GLY A 786 6.05 -57.23 -31.92
C GLY A 786 6.41 -56.38 -33.12
N GLY A 787 7.55 -55.70 -33.11
CA GLY A 787 7.93 -54.84 -34.21
C GLY A 787 7.90 -53.37 -33.88
N PHE A 788 7.49 -53.00 -32.68
CA PHE A 788 7.49 -51.62 -32.27
C PHE A 788 8.83 -51.32 -31.62
N ASN A 789 9.45 -50.23 -32.03
CA ASN A 789 10.78 -49.87 -31.60
C ASN A 789 10.69 -48.66 -30.68
N PHE A 790 11.17 -48.79 -29.45
CA PHE A 790 11.11 -47.70 -28.49
C PHE A 790 12.49 -47.22 -28.07
N SER A 791 13.55 -47.64 -28.74
CA SER A 791 14.89 -47.30 -28.27
C SER A 791 15.12 -45.80 -28.20
N GLN A 792 14.38 -45.04 -28.98
CA GLN A 792 14.49 -43.59 -28.93
C GLN A 792 14.08 -43.04 -27.58
N ILE A 793 13.02 -43.59 -26.99
CA ILE A 793 12.45 -43.01 -25.78
C ILE A 793 12.92 -43.72 -24.51
N LEU A 794 13.33 -44.97 -24.60
CA LEU A 794 13.74 -45.69 -23.40
C LEU A 794 15.11 -45.20 -22.93
N PRO A 795 15.42 -45.37 -21.65
CA PRO A 795 16.71 -44.90 -21.14
C PRO A 795 17.86 -45.65 -21.79
N ASP A 796 18.95 -44.94 -22.01
CA ASP A 796 20.15 -45.51 -22.62
C ASP A 796 21.20 -45.70 -21.54
N PRO A 797 21.57 -46.93 -21.20
CA PRO A 797 22.48 -47.14 -20.06
C PRO A 797 23.93 -46.83 -20.38
N SER A 798 24.33 -46.84 -21.66
CA SER A 798 25.73 -46.64 -22.00
C SER A 798 26.21 -45.26 -21.57
N LYS A 799 25.49 -44.22 -21.97
CA LYS A 799 25.83 -42.87 -21.56
C LYS A 799 25.67 -42.77 -20.05
N PRO A 800 26.54 -42.02 -19.36
CA PRO A 800 26.63 -42.15 -17.89
C PRO A 800 25.31 -42.02 -17.15
N SER A 801 24.43 -41.11 -17.54
CA SER A 801 23.13 -41.01 -16.90
C SER A 801 22.08 -41.71 -17.74
N LYS A 802 21.01 -42.13 -17.09
CA LYS A 802 19.98 -42.90 -17.78
C LYS A 802 19.04 -41.96 -18.51
N ARG A 803 19.56 -41.11 -19.37
CA ARG A 803 18.75 -40.18 -20.13
C ARG A 803 18.56 -40.70 -21.54
N SER A 804 17.32 -40.74 -21.99
CA SER A 804 17.05 -41.17 -23.33
C SER A 804 17.62 -40.17 -24.33
N PRO A 805 17.83 -40.59 -25.57
CA PRO A 805 18.36 -39.66 -26.57
C PRO A 805 17.55 -38.39 -26.71
N ILE A 806 16.22 -38.47 -26.68
CA ILE A 806 15.42 -37.27 -26.82
C ILE A 806 15.61 -36.36 -25.61
N GLU A 807 15.69 -36.94 -24.42
CA GLU A 807 15.95 -36.11 -23.25
C GLU A 807 17.29 -35.43 -23.37
N ASP A 808 18.25 -36.08 -24.04
CA ASP A 808 19.54 -35.43 -24.24
C ASP A 808 19.40 -34.22 -25.14
N LEU A 809 18.68 -34.34 -26.25
CA LEU A 809 18.51 -33.16 -27.09
C LEU A 809 17.80 -32.04 -26.36
N LEU A 810 16.80 -32.38 -25.54
CA LEU A 810 16.08 -31.36 -24.80
C LEU A 810 16.99 -30.65 -23.81
N PHE A 811 17.80 -31.42 -23.09
CA PHE A 811 18.72 -30.84 -22.11
C PHE A 811 19.89 -30.14 -22.77
N ASN A 812 20.07 -30.30 -24.06
CA ASN A 812 21.07 -29.49 -24.75
C ASN A 812 20.47 -28.25 -25.38
N LYS A 813 19.18 -28.27 -25.71
CA LYS A 813 18.58 -27.09 -26.34
C LYS A 813 18.12 -26.06 -25.34
N VAL A 814 17.47 -26.46 -24.24
CA VAL A 814 16.86 -25.46 -23.36
C VAL A 814 17.90 -24.60 -22.67
N THR A 815 19.05 -25.17 -22.34
CA THR A 815 19.85 -24.67 -21.23
C THR A 815 20.84 -23.59 -21.63
N LEU A 816 20.48 -22.72 -22.58
CA LEU A 816 21.34 -21.60 -22.89
C LEU A 816 21.62 -20.71 -21.68
N ALA A 817 20.74 -20.72 -20.69
CA ALA A 817 20.97 -19.92 -19.50
C ALA A 817 21.13 -20.79 -18.26
N CYS A 839 23.65 -18.29 -7.67
CA CYS A 839 24.68 -18.80 -8.55
C CYS A 839 25.18 -17.69 -9.48
N ALA A 840 25.33 -16.50 -8.91
CA ALA A 840 25.70 -15.33 -9.70
C ALA A 840 26.65 -14.46 -8.89
N GLN A 841 27.24 -13.49 -9.59
CA GLN A 841 28.29 -12.67 -9.01
C GLN A 841 27.75 -11.55 -8.14
N LYS A 842 26.45 -11.25 -8.23
CA LYS A 842 25.82 -10.18 -7.47
C LYS A 842 25.82 -10.43 -5.95
N PHE A 843 25.10 -11.46 -5.51
CA PHE A 843 24.97 -11.86 -4.12
C PHE A 843 24.93 -10.67 -3.17
N LYS A 844 23.96 -9.80 -3.40
CA LYS A 844 23.70 -8.66 -2.53
C LYS A 844 22.69 -8.98 -1.46
N GLY A 845 22.68 -10.21 -0.98
CA GLY A 845 21.60 -10.71 -0.17
C GLY A 845 20.66 -11.64 -0.89
N LEU A 846 20.94 -11.95 -2.14
CA LEU A 846 20.05 -12.71 -3.00
C LEU A 846 20.71 -14.01 -3.39
N THR A 847 20.05 -15.14 -3.13
CA THR A 847 20.54 -16.45 -3.50
C THR A 847 19.56 -17.14 -4.44
N VAL A 848 19.96 -18.31 -4.91
CA VAL A 848 19.11 -19.19 -5.69
C VAL A 848 19.21 -20.58 -5.09
N LEU A 849 18.16 -21.00 -4.41
CA LEU A 849 18.16 -22.28 -3.73
C LEU A 849 18.02 -23.41 -4.74
N PRO A 850 18.49 -24.61 -4.39
CA PRO A 850 18.46 -25.70 -5.33
C PRO A 850 17.17 -26.47 -5.22
N PRO A 851 16.78 -27.18 -6.27
CA PRO A 851 15.58 -28.02 -6.20
C PRO A 851 15.78 -29.20 -5.28
N LEU A 852 14.67 -29.80 -4.88
CA LEU A 852 14.74 -30.90 -3.94
C LEU A 852 14.91 -32.23 -4.64
N LEU A 853 14.24 -32.43 -5.78
CA LEU A 853 14.41 -33.62 -6.59
C LEU A 853 15.41 -33.34 -7.70
N THR A 854 16.41 -34.19 -7.83
CA THR A 854 17.39 -34.00 -8.86
C THR A 854 16.95 -34.67 -10.17
N ASP A 855 17.67 -34.32 -11.23
CA ASP A 855 17.29 -34.79 -12.54
C ASP A 855 17.42 -36.29 -12.67
N GLU A 856 18.33 -36.91 -11.92
CA GLU A 856 18.36 -38.36 -11.89
C GLU A 856 17.05 -38.92 -11.35
N MET A 857 16.53 -38.31 -10.28
CA MET A 857 15.30 -38.79 -9.71
C MET A 857 14.13 -38.62 -10.68
N ILE A 858 14.06 -37.48 -11.35
CA ILE A 858 12.98 -37.27 -12.29
C ILE A 858 13.08 -38.25 -13.46
N ALA A 859 14.30 -38.51 -13.93
CA ALA A 859 14.46 -39.49 -15.00
C ALA A 859 14.03 -40.87 -14.53
N GLN A 860 14.31 -41.20 -13.28
CA GLN A 860 13.85 -42.49 -12.76
C GLN A 860 12.34 -42.60 -12.80
N TYR A 861 11.66 -41.51 -12.45
CA TYR A 861 10.21 -41.55 -12.41
C TYR A 861 9.63 -41.73 -13.81
N THR A 862 10.11 -40.97 -14.78
CA THR A 862 9.59 -41.13 -16.13
C THR A 862 9.91 -42.51 -16.67
N SER A 863 11.05 -43.08 -16.29
CA SER A 863 11.34 -44.44 -16.72
C SER A 863 10.36 -45.43 -16.13
N ALA A 864 9.99 -45.25 -14.86
CA ALA A 864 9.01 -46.15 -14.26
C ALA A 864 7.69 -46.09 -14.98
N LEU A 865 7.22 -44.88 -15.30
CA LEU A 865 5.95 -44.78 -16.02
C LEU A 865 6.04 -45.41 -17.39
N LEU A 866 7.15 -45.21 -18.11
CA LEU A 866 7.28 -45.79 -19.44
C LEU A 866 7.27 -47.31 -19.37
N ALA A 867 8.01 -47.89 -18.43
CA ALA A 867 8.09 -49.34 -18.35
C ALA A 867 6.74 -49.93 -17.99
N GLY A 868 6.06 -49.34 -17.01
CA GLY A 868 4.74 -49.84 -16.67
C GLY A 868 3.80 -49.78 -17.85
N THR A 869 3.81 -48.66 -18.58
CA THR A 869 2.90 -48.51 -19.69
C THR A 869 3.17 -49.53 -20.79
N ILE A 870 4.44 -49.76 -21.11
CA ILE A 870 4.75 -50.73 -22.15
C ILE A 870 4.31 -52.13 -21.73
N THR A 871 4.59 -52.51 -20.48
CA THR A 871 4.29 -53.89 -20.12
C THR A 871 2.79 -54.10 -19.91
N SER A 872 2.21 -53.42 -18.94
CA SER A 872 0.78 -53.50 -18.73
C SER A 872 0.13 -52.24 -19.28
N GLY A 873 -1.17 -52.31 -19.52
CA GLY A 873 -1.80 -51.19 -20.17
C GLY A 873 -2.14 -50.08 -19.22
N TRP A 874 -3.42 -49.71 -19.16
CA TRP A 874 -3.86 -48.75 -18.17
C TRP A 874 -3.97 -49.35 -16.78
N THR A 875 -3.82 -50.67 -16.67
CA THR A 875 -4.16 -51.38 -15.45
C THR A 875 -3.31 -50.93 -14.28
N PHE A 876 -2.11 -50.46 -14.53
CA PHE A 876 -1.19 -50.22 -13.44
C PHE A 876 -1.48 -48.93 -12.71
N GLY A 877 -2.37 -48.09 -13.23
CA GLY A 877 -2.71 -46.86 -12.55
C GLY A 877 -4.00 -47.00 -11.78
N ALA A 878 -4.68 -48.12 -12.00
CA ALA A 878 -5.89 -48.44 -11.25
C ALA A 878 -5.69 -49.53 -10.23
N GLY A 879 -4.71 -50.40 -10.40
CA GLY A 879 -4.44 -51.45 -9.45
C GLY A 879 -3.07 -52.05 -9.66
N PRO A 880 -2.93 -53.33 -9.36
CA PRO A 880 -1.66 -54.01 -9.62
C PRO A 880 -1.42 -54.20 -11.10
N ALA A 881 -0.15 -54.27 -11.48
CA ALA A 881 0.19 -54.39 -12.87
C ALA A 881 -0.15 -55.79 -13.36
N LEU A 882 -0.82 -55.87 -14.50
CA LEU A 882 -1.22 -57.12 -15.12
C LEU A 882 -0.65 -57.14 -16.53
N GLN A 883 0.32 -58.02 -16.76
CA GLN A 883 1.00 -58.01 -18.04
C GLN A 883 0.03 -58.33 -19.16
N ILE A 884 0.38 -57.91 -20.37
CA ILE A 884 -0.41 -58.20 -21.57
C ILE A 884 0.49 -58.01 -22.78
N PRO A 885 0.41 -58.87 -23.79
CA PRO A 885 1.17 -58.64 -25.02
C PRO A 885 0.85 -57.30 -25.66
N PHE A 886 1.89 -56.67 -26.20
CA PHE A 886 1.74 -55.31 -26.69
C PHE A 886 0.78 -55.21 -27.88
N PRO A 887 0.84 -56.08 -28.89
CA PRO A 887 -0.19 -56.01 -29.94
C PRO A 887 -1.59 -56.24 -29.43
N MET A 888 -1.79 -57.08 -28.41
CA MET A 888 -3.14 -57.21 -27.90
C MET A 888 -3.60 -55.93 -27.22
N GLN A 889 -2.68 -55.26 -26.52
CA GLN A 889 -3.02 -53.95 -25.97
C GLN A 889 -3.41 -52.98 -27.06
N MET A 890 -2.67 -52.99 -28.16
CA MET A 890 -2.98 -52.08 -29.25
C MET A 890 -4.34 -52.37 -29.86
N ALA A 891 -4.70 -53.65 -29.96
CA ALA A 891 -6.04 -54.00 -30.41
C ALA A 891 -7.10 -53.47 -29.47
N TYR A 892 -6.86 -53.57 -28.16
CA TYR A 892 -7.78 -52.99 -27.20
C TYR A 892 -8.02 -51.51 -27.47
N ARG A 893 -6.95 -50.77 -27.70
CA ARG A 893 -7.10 -49.34 -27.96
C ARG A 893 -7.84 -49.07 -29.26
N PHE A 894 -7.58 -49.86 -30.30
CA PHE A 894 -8.31 -49.70 -31.55
C PHE A 894 -9.80 -49.90 -31.34
N ASN A 895 -10.17 -50.89 -30.54
CA ASN A 895 -11.58 -51.00 -30.14
C ASN A 895 -12.03 -49.75 -29.43
N GLY A 896 -11.16 -49.18 -28.61
CA GLY A 896 -11.53 -47.98 -27.89
C GLY A 896 -11.96 -46.85 -28.80
N ILE A 897 -11.26 -46.66 -29.91
CA ILE A 897 -11.58 -45.52 -30.77
C ILE A 897 -12.60 -45.85 -31.85
N GLY A 898 -13.12 -47.06 -31.89
CA GLY A 898 -14.24 -47.37 -32.74
C GLY A 898 -13.95 -48.14 -34.01
N VAL A 899 -12.79 -48.76 -34.14
CA VAL A 899 -12.47 -49.61 -35.28
C VAL A 899 -12.26 -51.02 -34.76
N THR A 900 -12.86 -51.99 -35.44
CA THR A 900 -12.75 -53.38 -35.03
C THR A 900 -11.30 -53.80 -34.97
N GLN A 901 -11.05 -54.90 -34.29
CA GLN A 901 -9.68 -55.30 -33.95
C GLN A 901 -9.04 -56.24 -34.95
N ASN A 902 -9.74 -56.70 -35.97
CA ASN A 902 -9.05 -57.47 -36.99
C ASN A 902 -8.10 -56.59 -37.77
N VAL A 903 -8.38 -55.30 -37.83
CA VAL A 903 -7.60 -54.39 -38.65
C VAL A 903 -6.16 -54.32 -38.16
N LEU A 904 -5.96 -54.25 -36.85
CA LEU A 904 -4.60 -54.22 -36.35
C LEU A 904 -3.86 -55.50 -36.70
N TYR A 905 -4.51 -56.64 -36.48
CA TYR A 905 -3.83 -57.90 -36.71
C TYR A 905 -3.57 -58.14 -38.17
N GLU A 906 -4.30 -57.48 -39.06
CA GLU A 906 -4.02 -57.66 -40.47
C GLU A 906 -3.07 -56.63 -41.04
N ASN A 907 -2.90 -55.48 -40.41
CA ASN A 907 -1.92 -54.49 -40.88
C ASN A 907 -0.84 -54.23 -39.85
N GLN A 908 -0.52 -55.23 -39.04
CA GLN A 908 0.49 -55.08 -37.99
C GLN A 908 1.79 -54.50 -38.49
N LYS A 909 2.37 -55.06 -39.55
CA LYS A 909 3.67 -54.60 -40.01
C LYS A 909 3.62 -53.17 -40.50
N LEU A 910 2.61 -52.85 -41.30
CA LEU A 910 2.47 -51.49 -41.81
C LEU A 910 2.34 -50.50 -40.67
N ILE A 911 1.57 -50.86 -39.64
CA ILE A 911 1.37 -49.95 -38.53
C ILE A 911 2.67 -49.73 -37.79
N ALA A 912 3.39 -50.82 -37.51
CA ALA A 912 4.66 -50.69 -36.80
C ALA A 912 5.63 -49.80 -37.56
N ASN A 913 5.71 -49.98 -38.88
CA ASN A 913 6.61 -49.15 -39.66
C ASN A 913 6.24 -47.68 -39.57
N GLN A 914 4.95 -47.36 -39.69
CA GLN A 914 4.54 -45.97 -39.59
C GLN A 914 4.92 -45.38 -38.25
N PHE A 915 4.69 -46.13 -37.17
CA PHE A 915 4.97 -45.60 -35.85
C PHE A 915 6.45 -45.36 -35.67
N ASN A 916 7.28 -46.29 -36.14
CA ASN A 916 8.72 -46.13 -36.01
C ASN A 916 9.21 -44.92 -36.80
N SER A 917 8.68 -44.73 -38.00
CA SER A 917 9.09 -43.57 -38.80
C SER A 917 8.73 -42.26 -38.12
N ALA A 918 7.54 -42.17 -37.53
CA ALA A 918 7.15 -40.94 -36.85
C ALA A 918 8.05 -40.66 -35.66
N ILE A 919 8.33 -41.67 -34.85
CA ILE A 919 9.25 -41.47 -33.74
C ILE A 919 10.60 -40.99 -34.25
N GLY A 920 11.06 -41.56 -35.36
CA GLY A 920 12.33 -41.11 -35.91
C GLY A 920 12.30 -39.64 -36.28
N LYS A 921 11.25 -39.21 -36.95
CA LYS A 921 11.18 -37.83 -37.40
C LYS A 921 11.10 -36.83 -36.27
N ILE A 922 10.62 -37.24 -35.09
CA ILE A 922 10.51 -36.29 -33.99
C ILE A 922 11.85 -35.65 -33.65
N GLN A 923 12.92 -36.45 -33.64
CA GLN A 923 14.24 -35.91 -33.33
C GLN A 923 14.58 -34.73 -34.21
N ASP A 924 14.41 -34.88 -35.51
CA ASP A 924 14.76 -33.81 -36.44
C ASP A 924 13.84 -32.61 -36.28
N SER A 925 12.54 -32.86 -36.13
CA SER A 925 11.62 -31.75 -35.94
C SER A 925 12.00 -30.93 -34.72
N LEU A 926 12.51 -31.58 -33.68
CA LEU A 926 12.95 -30.84 -32.50
C LEU A 926 14.27 -30.15 -32.77
N SER A 927 15.15 -30.80 -33.52
CA SER A 927 16.44 -30.20 -33.87
C SER A 927 16.29 -29.01 -34.80
N SER A 928 15.10 -28.79 -35.36
CA SER A 928 14.86 -27.60 -36.17
C SER A 928 15.18 -26.36 -35.37
N THR A 929 15.92 -25.45 -35.99
CA THR A 929 16.46 -24.30 -35.26
C THR A 929 15.39 -23.40 -34.65
N PRO A 930 14.31 -23.00 -35.35
CA PRO A 930 13.29 -22.18 -34.69
C PRO A 930 12.78 -22.87 -33.45
N SER A 931 13.10 -22.29 -32.30
CA SER A 931 12.94 -22.99 -31.03
C SER A 931 11.45 -23.14 -30.72
N ALA A 932 11.00 -24.38 -30.64
CA ALA A 932 9.68 -24.64 -30.08
C ALA A 932 9.71 -24.63 -28.57
N LEU A 933 10.89 -24.49 -27.98
CA LEU A 933 11.08 -24.53 -26.54
C LEU A 933 11.08 -23.15 -25.92
N GLY A 934 10.51 -22.17 -26.61
CA GLY A 934 10.40 -20.85 -26.04
C GLY A 934 9.63 -20.84 -24.75
N LYS A 935 8.71 -21.78 -24.58
CA LYS A 935 7.93 -21.82 -23.36
C LYS A 935 8.81 -22.05 -22.14
N LEU A 936 9.80 -22.93 -22.25
CA LEU A 936 10.73 -23.14 -21.15
C LEU A 936 11.91 -22.20 -21.17
N GLN A 937 12.17 -21.52 -22.27
CA GLN A 937 13.22 -20.51 -22.24
C GLN A 937 12.76 -19.23 -21.55
N ASP A 938 11.48 -18.90 -21.70
CA ASP A 938 10.99 -17.66 -21.12
C ASP A 938 11.04 -17.66 -19.60
N VAL A 939 10.94 -18.83 -18.96
CA VAL A 939 11.01 -18.84 -17.51
C VAL A 939 12.37 -18.35 -17.03
N VAL A 940 13.43 -18.91 -17.60
CA VAL A 940 14.76 -18.48 -17.17
C VAL A 940 15.00 -17.04 -17.55
N ASN A 941 14.51 -16.62 -18.73
CA ASN A 941 14.71 -15.24 -19.13
C ASN A 941 14.03 -14.27 -18.17
N HIS A 942 12.78 -14.53 -17.83
CA HIS A 942 12.06 -13.64 -16.93
C HIS A 942 12.75 -13.55 -15.58
N ASN A 943 13.15 -14.69 -15.03
CA ASN A 943 13.75 -14.65 -13.71
C ASN A 943 15.07 -13.90 -13.71
N ALA A 944 15.92 -14.17 -14.71
CA ALA A 944 17.21 -13.50 -14.75
C ALA A 944 17.04 -12.00 -14.91
N GLN A 945 16.12 -11.59 -15.77
CA GLN A 945 15.93 -10.15 -15.99
C GLN A 945 15.37 -9.47 -14.75
N ALA A 946 14.44 -10.11 -14.05
CA ALA A 946 13.91 -9.50 -12.84
C ALA A 946 14.99 -9.32 -11.79
N LEU A 947 15.84 -10.33 -11.62
CA LEU A 947 16.91 -10.20 -10.64
C LEU A 947 17.86 -9.07 -11.03
N ASN A 948 18.18 -8.96 -12.33
CA ASN A 948 19.07 -7.89 -12.75
C ASN A 948 18.48 -6.52 -12.48
N THR A 949 17.19 -6.35 -12.73
CA THR A 949 16.57 -5.06 -12.44
C THR A 949 16.64 -4.75 -10.96
N LEU A 950 16.32 -5.72 -10.12
CA LEU A 950 16.37 -5.46 -8.68
C LEU A 950 17.76 -5.07 -8.25
N VAL A 951 18.78 -5.75 -8.75
CA VAL A 951 20.14 -5.43 -8.34
C VAL A 951 20.54 -4.05 -8.85
N LYS A 952 20.25 -3.75 -10.11
CA LYS A 952 20.63 -2.46 -10.68
C LYS A 952 19.94 -1.30 -9.99
N GLN A 953 18.81 -1.55 -9.35
CA GLN A 953 18.13 -0.50 -8.61
C GLN A 953 18.95 0.07 -7.47
N LEU A 954 19.97 -0.63 -7.01
CA LEU A 954 20.72 -0.18 -5.85
C LEU A 954 21.57 1.05 -6.13
N SER A 955 21.85 1.34 -7.40
CA SER A 955 22.62 2.53 -7.74
C SER A 955 21.72 3.70 -8.12
N SER A 956 20.75 4.00 -7.27
CA SER A 956 19.82 5.08 -7.54
C SER A 956 19.65 5.88 -6.26
N LYS A 957 19.33 7.17 -6.42
CA LYS A 957 19.30 8.08 -5.28
C LYS A 957 17.90 8.48 -4.84
N PHE A 958 16.88 8.24 -5.66
CA PHE A 958 15.49 8.51 -5.29
C PHE A 958 15.32 9.96 -4.83
N GLY A 959 15.91 10.87 -5.58
CA GLY A 959 15.82 12.27 -5.24
C GLY A 959 16.57 12.67 -3.99
N ALA A 960 17.73 12.08 -3.75
CA ALA A 960 18.63 12.48 -2.69
C ALA A 960 19.94 12.94 -3.30
N ILE A 961 20.78 13.58 -2.49
CA ILE A 961 22.00 14.16 -3.03
C ILE A 961 22.97 13.06 -3.46
N SER A 962 23.03 11.96 -2.73
CA SER A 962 23.98 10.92 -3.04
C SER A 962 23.38 9.55 -2.76
N SER A 963 24.00 8.52 -3.34
CA SER A 963 23.53 7.15 -3.24
C SER A 963 24.40 6.28 -2.35
N VAL A 964 25.25 6.87 -1.51
CA VAL A 964 26.11 6.12 -0.60
C VAL A 964 25.84 6.60 0.82
N LEU A 965 25.48 5.65 1.69
CA LEU A 965 25.06 6.01 3.04
C LEU A 965 26.17 6.70 3.81
N ASN A 966 27.38 6.14 3.75
CA ASN A 966 28.47 6.71 4.52
C ASN A 966 28.86 8.08 3.99
N ASP A 967 28.73 8.28 2.67
CA ASP A 967 28.93 9.60 2.09
C ASP A 967 27.93 10.59 2.66
N ILE A 968 26.65 10.21 2.71
CA ILE A 968 25.64 11.07 3.31
C ILE A 968 26.05 11.44 4.74
N PHE A 969 26.40 10.43 5.53
CA PHE A 969 26.71 10.65 6.93
C PHE A 969 27.89 11.60 7.10
N SER A 970 28.96 11.40 6.32
CA SER A 970 30.12 12.27 6.44
C SER A 970 29.78 13.70 6.03
N ARG A 971 29.06 13.86 4.92
CA ARG A 971 28.92 15.19 4.36
C ARG A 971 27.89 16.04 5.09
N LEU A 972 26.84 15.45 5.66
CA LEU A 972 25.78 16.27 6.23
C LEU A 972 25.72 16.17 7.76
N ASP A 973 24.93 17.08 8.33
CA ASP A 973 24.58 17.14 9.74
C ASP A 973 23.46 16.14 10.05
N PRO A 974 23.38 15.67 11.30
CA PRO A 974 22.60 14.46 11.60
C PRO A 974 21.14 14.53 11.16
N PRO A 975 20.43 15.66 11.37
CA PRO A 975 19.04 15.73 10.87
C PRO A 975 18.89 15.50 9.37
N GLU A 976 19.65 16.29 8.59
CA GLU A 976 19.53 16.23 7.15
C GLU A 976 20.00 14.87 6.64
N ALA A 977 21.05 14.32 7.27
CA ALA A 977 21.49 12.98 6.95
C ALA A 977 20.38 11.97 7.22
N GLU A 978 19.63 12.14 8.31
CA GLU A 978 18.50 11.27 8.58
C GLU A 978 17.46 11.37 7.48
N VAL A 979 17.22 12.59 6.99
CA VAL A 979 16.24 12.75 5.92
C VAL A 979 16.66 11.97 4.68
N GLN A 980 17.93 12.08 4.29
CA GLN A 980 18.42 11.32 3.14
C GLN A 980 18.36 9.81 3.39
N ILE A 981 18.70 9.38 4.59
CA ILE A 981 18.65 7.95 4.89
C ILE A 981 17.24 7.43 4.73
N ASP A 982 16.26 8.18 5.23
CA ASP A 982 14.88 7.76 5.09
C ASP A 982 14.47 7.73 3.62
N ARG A 983 14.92 8.70 2.84
CA ARG A 983 14.57 8.70 1.42
C ARG A 983 15.09 7.43 0.73
N LEU A 984 16.37 7.12 0.91
CA LEU A 984 16.93 5.93 0.28
C LEU A 984 16.27 4.67 0.79
N ILE A 985 16.01 4.59 2.09
CA ILE A 985 15.47 3.36 2.65
C ILE A 985 14.05 3.12 2.12
N THR A 986 13.25 4.18 2.01
CA THR A 986 11.90 3.99 1.46
C THR A 986 11.97 3.59 0.00
N GLY A 987 12.86 4.20 -0.78
CA GLY A 987 12.96 3.81 -2.18
C GLY A 987 13.33 2.36 -2.35
N ARG A 988 14.34 1.90 -1.60
CA ARG A 988 14.76 0.52 -1.73
C ARG A 988 13.67 -0.45 -1.27
N LEU A 989 12.98 -0.12 -0.18
CA LEU A 989 11.91 -0.99 0.29
C LEU A 989 10.83 -1.12 -0.78
N GLN A 990 10.44 -0.01 -1.39
CA GLN A 990 9.36 -0.07 -2.35
C GLN A 990 9.79 -0.87 -3.58
N SER A 991 11.04 -0.72 -4.00
CA SER A 991 11.51 -1.48 -5.16
C SER A 991 11.44 -2.98 -4.89
N LEU A 992 11.92 -3.40 -3.72
CA LEU A 992 11.87 -4.81 -3.39
C LEU A 992 10.42 -5.30 -3.34
N GLN A 993 9.53 -4.44 -2.83
CA GLN A 993 8.11 -4.79 -2.76
C GLN A 993 7.55 -5.08 -4.15
N THR A 994 7.88 -4.24 -5.13
CA THR A 994 7.42 -4.49 -6.48
C THR A 994 7.92 -5.83 -7.00
N TYR A 995 9.19 -6.13 -6.73
CA TYR A 995 9.72 -7.43 -7.13
C TYR A 995 8.86 -8.56 -6.60
N VAL A 996 8.58 -8.53 -5.30
CA VAL A 996 7.84 -9.62 -4.69
C VAL A 996 6.45 -9.74 -5.28
N THR A 997 5.78 -8.60 -5.51
CA THR A 997 4.44 -8.66 -6.06
C THR A 997 4.42 -9.32 -7.44
N GLN A 998 5.31 -8.91 -8.33
CA GLN A 998 5.33 -9.52 -9.65
C GLN A 998 5.62 -11.01 -9.56
N GLN A 999 6.53 -11.39 -8.67
CA GLN A 999 6.86 -12.80 -8.56
C GLN A 999 5.66 -13.62 -8.08
N LEU A 1000 4.92 -13.08 -7.12
CA LEU A 1000 3.73 -13.76 -6.64
C LEU A 1000 2.72 -13.95 -7.75
N ILE A 1001 2.56 -12.94 -8.59
CA ILE A 1001 1.61 -13.08 -9.69
C ILE A 1001 2.05 -14.17 -10.65
N ARG A 1002 3.35 -14.22 -10.98
CA ARG A 1002 3.85 -15.22 -11.93
C ARG A 1002 3.68 -16.64 -11.40
N ALA A 1003 3.90 -16.83 -10.11
CA ALA A 1003 3.81 -18.17 -9.55
C ALA A 1003 2.43 -18.77 -9.76
N ALA A 1004 1.40 -17.95 -9.84
CA ALA A 1004 0.04 -18.46 -10.00
C ALA A 1004 -0.16 -19.09 -11.37
N GLU A 1005 0.35 -18.46 -12.43
CA GLU A 1005 0.20 -19.09 -13.73
C GLU A 1005 1.09 -20.31 -13.86
N ILE A 1006 2.27 -20.30 -13.24
CA ILE A 1006 3.06 -21.52 -13.25
C ILE A 1006 2.30 -22.65 -12.58
N ARG A 1007 1.59 -22.36 -11.50
CA ARG A 1007 0.86 -23.43 -10.83
C ARG A 1007 -0.33 -23.90 -11.64
N ALA A 1008 -1.00 -23.00 -12.35
CA ALA A 1008 -2.06 -23.47 -13.24
C ALA A 1008 -1.53 -24.42 -14.29
N SER A 1009 -0.38 -24.10 -14.86
CA SER A 1009 0.23 -25.00 -15.83
C SER A 1009 0.60 -26.33 -15.20
N ALA A 1010 1.09 -26.33 -13.96
CA ALA A 1010 1.43 -27.58 -13.30
C ALA A 1010 0.21 -28.44 -13.07
N ASN A 1011 -0.90 -27.84 -12.66
CA ASN A 1011 -2.12 -28.62 -12.48
C ASN A 1011 -2.59 -29.22 -13.79
N LEU A 1012 -2.43 -28.47 -14.88
CA LEU A 1012 -2.74 -29.03 -16.19
C LEU A 1012 -1.86 -30.23 -16.51
N ALA A 1013 -0.57 -30.12 -16.24
CA ALA A 1013 0.35 -31.21 -16.55
C ALA A 1013 0.00 -32.47 -15.77
N ALA A 1014 -0.36 -32.31 -14.50
CA ALA A 1014 -0.79 -33.46 -13.71
C ALA A 1014 -2.03 -34.11 -14.29
N THR A 1015 -2.99 -33.29 -14.71
CA THR A 1015 -4.20 -33.87 -15.31
C THR A 1015 -3.88 -34.61 -16.59
N LYS A 1016 -3.00 -34.06 -17.41
CA LYS A 1016 -2.61 -34.76 -18.63
C LYS A 1016 -1.87 -36.04 -18.34
N MET A 1017 -1.08 -36.09 -17.27
CA MET A 1017 -0.43 -37.34 -16.91
C MET A 1017 -1.44 -38.38 -16.52
N SER A 1018 -2.50 -37.99 -15.81
CA SER A 1018 -3.49 -38.97 -15.38
C SER A 1018 -4.35 -39.46 -16.54
N GLU A 1019 -4.85 -38.54 -17.36
CA GLU A 1019 -5.78 -38.90 -18.42
C GLU A 1019 -5.06 -39.42 -19.68
N CYS A 1020 -4.03 -38.71 -20.14
CA CYS A 1020 -3.36 -39.06 -21.38
C CYS A 1020 -2.49 -40.30 -21.24
N VAL A 1021 -1.71 -40.42 -20.16
CA VAL A 1021 -0.64 -41.40 -20.08
C VAL A 1021 -1.05 -42.67 -19.34
N LEU A 1022 -1.70 -42.53 -18.19
CA LEU A 1022 -2.19 -43.69 -17.46
C LEU A 1022 -3.57 -44.13 -17.91
N GLY A 1023 -3.99 -43.75 -19.11
CA GLY A 1023 -5.30 -44.15 -19.62
C GLY A 1023 -5.44 -43.69 -21.04
N GLN A 1024 -6.62 -43.97 -21.62
CA GLN A 1024 -6.95 -43.56 -22.97
C GLN A 1024 -8.11 -42.59 -22.95
N SER A 1025 -7.93 -41.42 -23.57
CA SER A 1025 -8.81 -40.29 -23.36
C SER A 1025 -9.83 -40.14 -24.47
N LYS A 1026 -11.05 -39.79 -24.09
CA LYS A 1026 -12.12 -39.58 -25.05
C LYS A 1026 -12.39 -38.12 -25.32
N ARG A 1027 -11.77 -37.21 -24.58
CA ARG A 1027 -12.00 -35.80 -24.83
C ARG A 1027 -11.35 -35.40 -26.13
N VAL A 1028 -11.96 -34.46 -26.82
CA VAL A 1028 -11.49 -34.05 -28.13
C VAL A 1028 -10.41 -33.00 -27.95
N ASP A 1029 -9.29 -33.22 -28.63
CA ASP A 1029 -8.13 -32.33 -28.69
C ASP A 1029 -7.41 -32.18 -27.37
N PHE A 1030 -7.87 -32.85 -26.31
CA PHE A 1030 -7.12 -32.79 -25.06
C PHE A 1030 -5.77 -33.45 -25.21
N CYS A 1031 -5.76 -34.69 -25.69
CA CYS A 1031 -4.55 -35.47 -25.84
C CYS A 1031 -4.29 -35.55 -27.35
N GLY A 1032 -3.65 -34.52 -27.89
CA GLY A 1032 -3.27 -34.54 -29.28
C GLY A 1032 -4.38 -34.13 -30.23
N LYS A 1033 -4.10 -34.24 -31.51
CA LYS A 1033 -5.05 -33.89 -32.57
C LYS A 1033 -5.30 -35.11 -33.46
N GLY A 1034 -6.44 -35.74 -33.28
CA GLY A 1034 -6.76 -37.00 -33.91
C GLY A 1034 -7.68 -37.78 -32.99
N TYR A 1035 -7.55 -39.10 -33.05
CA TYR A 1035 -8.11 -39.98 -32.03
C TYR A 1035 -6.98 -40.55 -31.21
N HIS A 1036 -7.08 -40.45 -29.90
CA HIS A 1036 -5.96 -40.72 -29.03
C HIS A 1036 -5.76 -42.22 -28.85
N LEU A 1037 -4.51 -42.65 -28.86
CA LEU A 1037 -4.17 -44.03 -28.60
C LEU A 1037 -3.29 -44.20 -27.36
N MET A 1038 -2.20 -43.46 -27.23
CA MET A 1038 -1.32 -43.56 -26.06
C MET A 1038 -0.34 -42.39 -26.06
N SER A 1039 0.35 -42.20 -24.94
CA SER A 1039 1.31 -41.12 -24.84
C SER A 1039 2.48 -41.51 -23.93
N PHE A 1040 3.60 -40.82 -24.12
CA PHE A 1040 4.86 -41.14 -23.45
C PHE A 1040 5.49 -39.87 -22.90
N PRO A 1041 5.60 -39.71 -21.59
CA PRO A 1041 6.25 -38.52 -21.04
C PRO A 1041 7.74 -38.53 -21.28
N GLN A 1042 8.32 -37.33 -21.31
CA GLN A 1042 9.77 -37.18 -21.39
C GLN A 1042 10.17 -35.92 -20.64
N SER A 1043 11.18 -36.02 -19.80
CA SER A 1043 11.54 -34.93 -18.90
C SER A 1043 12.35 -33.86 -19.62
N ALA A 1044 12.24 -32.63 -19.11
CA ALA A 1044 12.92 -31.48 -19.68
C ALA A 1044 13.08 -30.43 -18.59
N PRO A 1045 13.98 -29.47 -18.77
CA PRO A 1045 14.23 -28.48 -17.71
C PRO A 1045 13.02 -27.60 -17.45
N HIS A 1046 12.60 -27.55 -16.20
CA HIS A 1046 11.46 -26.75 -15.77
C HIS A 1046 10.17 -27.13 -16.48
N GLY A 1047 10.00 -28.41 -16.83
CA GLY A 1047 8.75 -28.81 -17.44
C GLY A 1047 8.81 -30.25 -17.90
N VAL A 1048 7.95 -30.58 -18.86
CA VAL A 1048 7.82 -31.94 -19.37
C VAL A 1048 7.31 -31.88 -20.80
N VAL A 1049 7.63 -32.91 -21.58
CA VAL A 1049 7.27 -33.00 -22.98
C VAL A 1049 6.48 -34.27 -23.19
N PHE A 1050 5.35 -34.17 -23.85
CA PHE A 1050 4.50 -35.31 -24.14
C PHE A 1050 4.59 -35.66 -25.62
N LEU A 1051 4.33 -36.92 -25.94
CA LEU A 1051 4.31 -37.39 -27.32
C LEU A 1051 3.01 -38.14 -27.52
N HIS A 1052 2.14 -37.61 -28.35
CA HIS A 1052 0.75 -38.05 -28.42
C HIS A 1052 0.55 -38.86 -29.69
N VAL A 1053 0.33 -40.17 -29.54
CA VAL A 1053 0.19 -41.06 -30.69
C VAL A 1053 -1.28 -41.20 -31.03
N THR A 1054 -1.65 -40.86 -32.26
CA THR A 1054 -3.04 -40.74 -32.65
C THR A 1054 -3.34 -41.46 -33.95
N TYR A 1055 -4.56 -41.29 -34.41
CA TYR A 1055 -5.15 -41.92 -35.59
C TYR A 1055 -5.62 -40.83 -36.53
N VAL A 1056 -5.40 -40.98 -37.83
CA VAL A 1056 -5.86 -39.96 -38.77
C VAL A 1056 -6.44 -40.63 -40.00
N PRO A 1057 -7.74 -40.55 -40.24
CA PRO A 1057 -8.32 -41.20 -41.42
C PRO A 1057 -7.79 -40.58 -42.71
N ALA A 1058 -7.71 -41.40 -43.76
CA ALA A 1058 -7.12 -40.95 -45.01
C ALA A 1058 -7.77 -41.65 -46.18
N GLN A 1059 -7.64 -41.03 -47.36
CA GLN A 1059 -8.06 -41.59 -48.64
C GLN A 1059 -9.57 -41.87 -48.67
N GLU A 1060 -10.34 -40.79 -48.63
CA GLU A 1060 -11.79 -40.87 -48.66
C GLU A 1060 -12.27 -41.53 -49.94
N LYS A 1061 -13.58 -41.78 -49.99
CA LYS A 1061 -14.21 -42.35 -51.17
C LYS A 1061 -15.72 -42.11 -51.08
N ASN A 1062 -16.34 -41.83 -52.22
CA ASN A 1062 -17.71 -41.34 -52.28
C ASN A 1062 -18.67 -42.52 -52.38
N PHE A 1063 -19.86 -42.38 -51.80
CA PHE A 1063 -20.82 -43.47 -51.78
C PHE A 1063 -22.24 -42.93 -51.73
N THR A 1064 -23.20 -43.84 -51.78
CA THR A 1064 -24.62 -43.52 -51.68
C THR A 1064 -25.23 -44.29 -50.51
N THR A 1065 -26.09 -43.63 -49.74
CA THR A 1065 -26.56 -44.19 -48.49
C THR A 1065 -28.09 -44.24 -48.47
N ALA A 1066 -28.60 -44.82 -47.38
CA ALA A 1066 -30.02 -45.01 -47.15
C ALA A 1066 -30.25 -45.30 -45.67
N PRO A 1067 -31.20 -44.63 -45.03
CA PRO A 1067 -31.40 -44.83 -43.60
C PRO A 1067 -31.88 -46.21 -43.22
N ALA A 1068 -32.50 -46.96 -44.12
CA ALA A 1068 -33.11 -48.23 -43.75
C ALA A 1068 -33.35 -49.05 -45.01
N ILE A 1069 -33.83 -50.27 -44.81
CA ILE A 1069 -34.08 -51.22 -45.89
C ILE A 1069 -35.46 -51.82 -45.70
N CYS A 1070 -36.30 -51.74 -46.73
CA CYS A 1070 -37.58 -52.44 -46.75
C CYS A 1070 -37.39 -53.82 -47.36
N HIS A 1071 -37.60 -54.86 -46.56
CA HIS A 1071 -37.52 -56.22 -47.09
C HIS A 1071 -38.88 -56.72 -47.53
N ASP A 1072 -39.82 -56.85 -46.60
CA ASP A 1072 -41.21 -57.12 -46.95
C ASP A 1072 -42.09 -56.60 -45.81
N GLY A 1073 -42.56 -55.37 -45.98
CA GLY A 1073 -43.36 -54.76 -44.92
C GLY A 1073 -42.64 -54.61 -43.61
N LYS A 1074 -41.33 -54.71 -43.61
CA LYS A 1074 -40.53 -54.46 -42.42
C LYS A 1074 -39.38 -53.54 -42.76
N ALA A 1075 -38.96 -52.75 -41.78
CA ALA A 1075 -37.86 -51.81 -41.95
C ALA A 1075 -36.67 -52.27 -41.12
N HIS A 1076 -35.51 -52.37 -41.75
CA HIS A 1076 -34.30 -52.85 -41.12
C HIS A 1076 -33.31 -51.72 -40.92
N PHE A 1077 -32.92 -51.48 -39.68
CA PHE A 1077 -31.94 -50.49 -39.29
C PHE A 1077 -30.62 -51.16 -38.97
N PRO A 1078 -29.48 -50.57 -39.29
CA PRO A 1078 -28.22 -51.24 -39.02
C PRO A 1078 -27.95 -51.29 -37.53
N ARG A 1079 -27.12 -52.25 -37.13
CA ARG A 1079 -26.83 -52.42 -35.71
C ARG A 1079 -25.69 -51.51 -35.25
N GLU A 1080 -24.52 -51.59 -35.88
CA GLU A 1080 -23.48 -50.59 -35.68
C GLU A 1080 -22.98 -49.95 -36.96
N GLY A 1081 -23.44 -50.37 -38.12
CA GLY A 1081 -22.86 -49.97 -39.37
C GLY A 1081 -23.53 -48.78 -40.01
N VAL A 1082 -23.33 -48.67 -41.33
CA VAL A 1082 -23.95 -47.68 -42.19
C VAL A 1082 -24.20 -48.35 -43.53
N PHE A 1083 -25.38 -48.13 -44.10
CA PHE A 1083 -25.67 -48.70 -45.41
C PHE A 1083 -25.02 -47.88 -46.51
N VAL A 1084 -24.36 -48.56 -47.44
CA VAL A 1084 -23.76 -47.92 -48.59
C VAL A 1084 -24.17 -48.69 -49.84
N SER A 1085 -23.94 -48.09 -51.00
CA SER A 1085 -24.30 -48.68 -52.27
C SER A 1085 -23.10 -48.67 -53.19
N ASN A 1086 -22.59 -49.86 -53.50
CA ASN A 1086 -21.50 -49.98 -54.46
C ASN A 1086 -21.87 -49.30 -55.78
N GLY A 1087 -23.14 -49.32 -56.12
CA GLY A 1087 -23.64 -48.77 -57.36
C GLY A 1087 -24.79 -49.63 -57.86
N THR A 1088 -24.73 -50.90 -57.55
CA THR A 1088 -25.81 -51.83 -57.87
C THR A 1088 -26.25 -52.65 -56.66
N HIS A 1089 -25.32 -53.06 -55.82
CA HIS A 1089 -25.63 -53.85 -54.64
C HIS A 1089 -25.35 -53.05 -53.37
N TRP A 1090 -26.16 -53.34 -52.36
CA TRP A 1090 -26.07 -52.68 -51.07
C TRP A 1090 -25.27 -53.51 -50.08
N PHE A 1091 -24.60 -52.82 -49.16
CA PHE A 1091 -23.80 -53.45 -48.13
C PHE A 1091 -24.00 -52.72 -46.82
N VAL A 1092 -23.36 -53.24 -45.77
CA VAL A 1092 -23.30 -52.58 -44.48
C VAL A 1092 -21.85 -52.48 -44.08
N THR A 1093 -21.43 -51.32 -43.61
CA THR A 1093 -20.03 -51.08 -43.34
C THR A 1093 -19.88 -50.37 -42.02
N GLN A 1094 -18.73 -50.56 -41.39
CA GLN A 1094 -18.45 -49.83 -40.17
C GLN A 1094 -18.11 -48.40 -40.52
N ARG A 1095 -17.91 -47.59 -39.50
CA ARG A 1095 -18.02 -46.15 -39.62
C ARG A 1095 -16.74 -45.58 -40.19
N ASN A 1096 -15.61 -45.95 -39.60
CA ASN A 1096 -14.32 -45.30 -39.83
C ASN A 1096 -13.35 -46.13 -40.67
N PHE A 1097 -13.79 -47.18 -41.32
CA PHE A 1097 -12.88 -47.93 -42.19
C PHE A 1097 -13.72 -48.71 -43.16
N TYR A 1098 -13.62 -48.39 -44.44
CA TYR A 1098 -14.45 -49.06 -45.41
C TYR A 1098 -14.19 -50.55 -45.43
N GLU A 1099 -15.16 -51.33 -45.00
CA GLU A 1099 -15.08 -52.79 -45.06
C GLU A 1099 -16.49 -53.33 -45.20
N PRO A 1100 -16.94 -53.57 -46.42
CA PRO A 1100 -18.35 -53.87 -46.65
C PRO A 1100 -18.69 -55.32 -46.35
N GLN A 1101 -19.92 -55.53 -45.91
CA GLN A 1101 -20.44 -56.84 -45.59
C GLN A 1101 -21.77 -57.04 -46.29
N ILE A 1102 -22.23 -58.28 -46.31
CA ILE A 1102 -23.53 -58.61 -46.88
C ILE A 1102 -24.59 -58.31 -45.85
N ILE A 1103 -25.67 -57.65 -46.28
CA ILE A 1103 -26.72 -57.29 -45.34
C ILE A 1103 -27.39 -58.57 -44.87
N THR A 1104 -27.53 -58.72 -43.55
CA THR A 1104 -28.01 -59.96 -42.98
C THR A 1104 -28.73 -59.64 -41.68
N THR A 1105 -29.55 -60.59 -41.22
CA THR A 1105 -30.29 -60.41 -39.98
C THR A 1105 -29.41 -60.43 -38.74
N ASP A 1106 -28.13 -60.74 -38.87
CA ASP A 1106 -27.21 -60.54 -37.76
C ASP A 1106 -26.59 -59.15 -37.75
N ASN A 1107 -26.79 -58.36 -38.80
CA ASN A 1107 -26.29 -57.00 -38.85
C ASN A 1107 -27.36 -55.97 -38.59
N THR A 1108 -28.63 -56.36 -38.57
CA THR A 1108 -29.73 -55.41 -38.57
C THR A 1108 -30.75 -55.79 -37.49
N PHE A 1109 -31.48 -54.80 -37.01
CA PHE A 1109 -32.60 -55.02 -36.11
C PHE A 1109 -33.82 -54.33 -36.66
N VAL A 1110 -34.95 -55.00 -36.63
CA VAL A 1110 -36.15 -54.60 -37.34
C VAL A 1110 -37.14 -53.94 -36.38
N SER A 1111 -37.84 -52.92 -36.86
CA SER A 1111 -38.88 -52.26 -36.08
C SER A 1111 -39.81 -51.51 -37.01
N GLY A 1112 -41.09 -51.83 -36.95
CA GLY A 1112 -42.07 -51.11 -37.73
C GLY A 1112 -42.23 -51.63 -39.15
N ASN A 1113 -42.88 -50.81 -39.97
CA ASN A 1113 -43.06 -51.07 -41.38
C ASN A 1113 -42.54 -49.87 -42.18
N CYS A 1114 -42.76 -49.88 -43.49
CA CYS A 1114 -42.09 -48.97 -44.40
C CYS A 1114 -42.95 -47.79 -44.85
N ASP A 1115 -43.72 -47.17 -43.96
CA ASP A 1115 -44.48 -45.99 -44.36
C ASP A 1115 -44.28 -44.81 -43.41
N VAL A 1116 -43.19 -44.81 -42.64
CA VAL A 1116 -42.88 -43.68 -41.76
C VAL A 1116 -41.54 -43.06 -42.09
N VAL A 1117 -40.54 -43.87 -42.42
CA VAL A 1117 -39.18 -43.38 -42.59
C VAL A 1117 -39.05 -42.72 -43.94
N ILE A 1118 -38.53 -41.50 -43.95
CA ILE A 1118 -38.32 -40.74 -45.18
C ILE A 1118 -36.97 -41.14 -45.74
N GLY A 1119 -36.96 -41.84 -46.87
CA GLY A 1119 -35.72 -42.26 -47.50
C GLY A 1119 -35.47 -43.74 -47.52
N ILE A 1120 -36.44 -44.57 -47.18
CA ILE A 1120 -36.25 -46.00 -47.14
C ILE A 1120 -36.22 -46.55 -48.57
N VAL A 1121 -35.46 -47.62 -48.78
CA VAL A 1121 -35.25 -48.16 -50.12
C VAL A 1121 -35.50 -49.66 -50.13
N ASN A 1122 -35.75 -50.18 -51.32
CA ASN A 1122 -36.06 -51.59 -51.55
C ASN A 1122 -34.77 -52.38 -51.45
N ASN A 1123 -34.86 -53.60 -50.91
CA ASN A 1123 -33.75 -54.54 -51.03
C ASN A 1123 -34.18 -55.87 -50.44
N THR A 1124 -33.24 -56.80 -50.37
CA THR A 1124 -33.45 -58.10 -49.77
C THR A 1124 -32.50 -58.28 -48.61
N VAL A 1125 -32.88 -59.13 -47.66
CA VAL A 1125 -32.09 -59.39 -46.47
C VAL A 1125 -31.87 -60.89 -46.36
N TYR A 1126 -30.62 -61.31 -46.48
CA TYR A 1126 -30.26 -62.71 -46.40
C TYR A 1126 -30.47 -63.22 -44.98
N ASP A 1127 -30.83 -64.49 -44.88
CA ASP A 1127 -31.01 -65.16 -43.60
C ASP A 1127 -30.09 -66.36 -43.54
N PRO A 1128 -29.20 -66.46 -42.55
CA PRO A 1128 -28.23 -67.57 -42.53
C PRO A 1128 -28.86 -68.95 -42.38
N LEU A 1129 -30.09 -69.03 -41.86
CA LEU A 1129 -30.67 -70.33 -41.57
C LEU A 1129 -31.15 -71.06 -42.82
N GLN A 1130 -31.62 -70.33 -43.83
CA GLN A 1130 -32.19 -70.97 -45.02
C GLN A 1130 -31.23 -71.90 -45.75
N PRO A 1131 -29.95 -71.58 -45.95
CA PRO A 1131 -29.07 -72.55 -46.61
C PRO A 1131 -29.00 -73.88 -45.89
N GLU A 1132 -28.99 -73.87 -44.56
CA GLU A 1132 -28.94 -75.11 -43.81
C GLU A 1132 -30.31 -75.74 -43.63
N LEU A 1133 -31.39 -75.01 -43.92
CA LEU A 1133 -32.73 -75.56 -43.81
C LEU A 1133 -33.24 -76.15 -45.12
N ASP A 1134 -32.33 -76.69 -45.94
CA ASP A 1134 -32.72 -77.31 -47.20
C ASP A 1134 -33.15 -78.77 -47.03
N SER A 1135 -33.02 -79.34 -45.84
CA SER A 1135 -33.40 -80.73 -45.62
C SER A 1135 -34.90 -80.94 -45.75
N ALA B 18 -45.04 33.44 12.39
CA ALA B 18 -45.47 32.59 11.27
C ALA B 18 -44.27 31.94 10.63
N TYR B 19 -44.33 30.63 10.41
CA TYR B 19 -43.26 29.90 9.76
C TYR B 19 -43.75 29.21 8.50
N THR B 20 -42.85 29.07 7.53
CA THR B 20 -43.07 28.27 6.34
C THR B 20 -41.78 27.56 6.00
N ASN B 21 -41.82 26.67 5.02
CA ASN B 21 -40.73 25.74 4.81
C ASN B 21 -40.02 26.02 3.50
N SER B 22 -38.69 25.84 3.50
CA SER B 22 -37.82 26.50 2.53
C SER B 22 -38.00 25.97 1.11
N PHE B 23 -38.08 24.65 0.94
CA PHE B 23 -38.43 24.01 -0.33
C PHE B 23 -37.27 24.03 -1.33
N THR B 24 -36.06 23.75 -0.85
CA THR B 24 -34.87 23.62 -1.70
C THR B 24 -34.61 24.90 -2.51
N ARG B 25 -34.28 25.96 -1.78
CA ARG B 25 -33.94 27.22 -2.41
C ARG B 25 -32.70 27.80 -1.74
N GLY B 26 -31.96 28.62 -2.48
CA GLY B 26 -30.89 29.38 -1.90
C GLY B 26 -29.49 28.83 -2.13
N VAL B 27 -29.19 28.45 -3.35
CA VAL B 27 -27.83 28.04 -3.72
C VAL B 27 -27.20 29.18 -4.50
N TYR B 28 -25.88 29.29 -4.40
CA TYR B 28 -25.15 30.33 -5.08
C TYR B 28 -23.88 29.77 -5.68
N TYR B 29 -23.39 30.40 -6.72
CA TYR B 29 -22.22 29.90 -7.40
C TYR B 29 -21.06 29.97 -6.43
N PRO B 30 -20.43 28.85 -6.07
CA PRO B 30 -19.47 28.87 -4.97
C PRO B 30 -18.13 29.44 -5.34
N ASP B 31 -17.77 29.48 -6.62
CA ASP B 31 -16.46 29.97 -7.00
C ASP B 31 -16.51 30.48 -8.43
N LYS B 32 -15.52 31.28 -8.78
CA LYS B 32 -15.50 32.01 -10.04
C LYS B 32 -14.67 31.27 -11.10
N VAL B 33 -15.13 30.08 -11.46
CA VAL B 33 -14.56 29.36 -12.57
C VAL B 33 -15.72 28.80 -13.37
N PHE B 34 -15.42 28.24 -14.52
CA PHE B 34 -16.47 27.75 -15.39
C PHE B 34 -16.40 26.26 -15.46
N ARG B 35 -17.56 25.61 -15.45
CA ARG B 35 -17.61 24.17 -15.47
C ARG B 35 -18.82 23.78 -16.30
N SER B 36 -18.75 22.60 -16.90
CA SER B 36 -19.83 22.18 -17.77
C SER B 36 -19.90 20.67 -17.79
N SER B 37 -21.13 20.16 -17.83
CA SER B 37 -21.37 18.72 -17.93
C SER B 37 -20.62 17.94 -16.88
N VAL B 38 -20.60 18.46 -15.66
CA VAL B 38 -19.86 17.84 -14.56
C VAL B 38 -20.74 17.86 -13.32
N LEU B 39 -20.34 17.05 -12.34
CA LEU B 39 -20.91 17.10 -11.00
C LEU B 39 -19.82 17.52 -10.04
N HIS B 40 -20.12 18.50 -9.20
CA HIS B 40 -19.15 19.08 -8.30
C HIS B 40 -19.64 19.05 -6.86
N SER B 41 -18.73 18.80 -5.94
CA SER B 41 -19.08 18.65 -4.52
C SER B 41 -18.28 19.65 -3.71
N THR B 42 -18.93 20.72 -3.27
CA THR B 42 -18.28 21.76 -2.51
C THR B 42 -18.48 21.50 -1.03
N GLN B 43 -18.08 22.47 -0.21
CA GLN B 43 -18.42 22.46 1.21
C GLN B 43 -18.28 23.91 1.67
N ASP B 44 -19.36 24.49 2.17
CA ASP B 44 -19.41 25.93 2.40
C ASP B 44 -20.67 26.20 3.24
N LEU B 45 -21.05 27.46 3.35
CA LEU B 45 -22.22 27.85 4.13
C LEU B 45 -23.44 27.98 3.22
N PHE B 46 -24.43 27.12 3.43
CA PHE B 46 -25.65 27.13 2.65
C PHE B 46 -26.86 27.10 3.57
N LEU B 47 -28.04 27.23 2.96
CA LEU B 47 -29.30 27.08 3.67
C LEU B 47 -29.80 25.66 3.55
N PRO B 48 -30.00 24.93 4.65
CA PRO B 48 -30.36 23.53 4.54
C PRO B 48 -31.67 23.34 3.78
N PHE B 49 -31.74 22.27 3.01
CA PHE B 49 -32.97 21.98 2.28
C PHE B 49 -34.10 21.73 3.27
N PHE B 50 -35.31 22.12 2.86
CA PHE B 50 -36.51 21.94 3.65
C PHE B 50 -36.30 22.46 5.07
N SER B 51 -36.02 23.76 5.16
CA SER B 51 -35.73 24.37 6.44
C SER B 51 -36.95 25.12 6.94
N ASN B 52 -36.76 25.90 7.99
CA ASN B 52 -37.87 26.52 8.72
C ASN B 52 -37.58 28.02 8.81
N VAL B 53 -38.26 28.80 7.99
CA VAL B 53 -37.98 30.22 7.85
C VAL B 53 -39.11 31.02 8.48
N THR B 54 -38.75 32.19 8.99
CA THR B 54 -39.73 33.11 9.54
C THR B 54 -40.41 33.87 8.41
N TRP B 55 -41.57 34.45 8.72
CA TRP B 55 -42.48 34.96 7.71
C TRP B 55 -43.07 36.26 8.23
N PHE B 56 -42.84 37.36 7.54
CA PHE B 56 -43.37 38.65 7.97
C PHE B 56 -44.24 39.25 6.88
N HIS B 57 -45.29 39.95 7.31
CA HIS B 57 -46.22 40.60 6.40
C HIS B 57 -46.38 42.06 6.77
N VAL B 58 -46.58 42.89 5.75
CA VAL B 58 -46.82 44.32 5.93
C VAL B 58 -47.90 44.77 4.96
N ILE B 59 -48.59 45.84 5.34
CA ILE B 59 -49.64 46.42 4.51
C ILE B 59 -49.53 47.93 4.49
N ASP B 69 -43.74 45.22 9.93
CA ASP B 69 -43.06 44.70 11.11
C ASP B 69 -41.55 44.71 10.92
N ASN B 70 -40.84 45.48 11.74
CA ASN B 70 -39.40 45.66 11.62
C ASN B 70 -38.74 45.30 12.94
N PRO B 71 -38.60 44.02 13.25
CA PRO B 71 -37.91 43.61 14.46
C PRO B 71 -36.41 43.75 14.28
N VAL B 72 -35.69 43.47 15.36
CA VAL B 72 -34.23 43.41 15.35
C VAL B 72 -33.88 41.92 15.44
N LEU B 73 -33.51 41.35 14.33
CA LEU B 73 -33.29 39.92 14.27
C LEU B 73 -31.83 39.60 14.49
N PRO B 74 -31.53 38.46 15.09
CA PRO B 74 -30.14 38.05 15.23
C PRO B 74 -29.54 37.68 13.88
N PHE B 75 -28.24 37.82 13.78
CA PHE B 75 -27.48 37.56 12.56
C PHE B 75 -26.45 36.53 12.98
N ASN B 76 -26.76 35.26 12.80
CA ASN B 76 -25.82 34.19 13.05
C ASN B 76 -24.87 34.13 11.87
N ASP B 77 -24.23 32.99 11.67
CA ASP B 77 -23.22 32.80 10.63
C ASP B 77 -23.58 33.47 9.31
N GLY B 78 -24.86 33.49 8.96
CA GLY B 78 -25.28 34.15 7.73
C GLY B 78 -26.79 34.14 7.65
N VAL B 79 -27.31 34.91 6.71
CA VAL B 79 -28.74 35.04 6.55
C VAL B 79 -29.10 34.90 5.09
N TYR B 80 -30.25 34.30 4.83
CA TYR B 80 -30.88 34.27 3.53
C TYR B 80 -32.11 35.15 3.60
N PHE B 81 -32.29 35.99 2.59
CA PHE B 81 -33.35 36.97 2.56
C PHE B 81 -34.07 36.90 1.23
N ALA B 82 -35.39 37.02 1.23
CA ALA B 82 -36.19 37.02 0.03
C ALA B 82 -37.27 38.07 0.15
N SER B 83 -37.97 38.33 -0.95
CA SER B 83 -39.06 39.30 -0.92
C SER B 83 -39.97 39.04 -2.11
N ILE B 84 -41.26 39.26 -1.89
CA ILE B 84 -42.27 39.16 -2.95
C ILE B 84 -43.08 40.45 -2.89
N GLU B 85 -42.90 41.31 -3.90
CA GLU B 85 -43.28 42.70 -3.71
C GLU B 85 -43.28 43.50 -5.01
N LYS B 86 -44.30 44.33 -5.23
CA LYS B 86 -44.49 44.99 -6.52
C LYS B 86 -43.77 46.34 -6.56
N SER B 87 -44.17 47.26 -5.71
CA SER B 87 -43.42 48.49 -5.51
C SER B 87 -42.47 48.28 -4.35
N ASN B 88 -41.30 48.89 -4.42
CA ASN B 88 -40.28 48.62 -3.41
C ASN B 88 -40.62 49.31 -2.08
N ILE B 89 -41.53 48.67 -1.32
CA ILE B 89 -41.79 49.16 0.03
C ILE B 89 -40.55 49.03 0.88
N ILE B 90 -39.73 48.00 0.63
CA ILE B 90 -38.49 47.80 1.38
C ILE B 90 -37.32 48.25 0.52
N ARG B 91 -36.48 49.11 1.08
CA ARG B 91 -35.28 49.60 0.41
C ARG B 91 -34.16 49.53 1.44
N GLY B 92 -33.41 48.45 1.41
CA GLY B 92 -32.13 48.42 2.11
C GLY B 92 -32.20 47.88 3.51
N TRP B 93 -31.03 47.78 4.11
CA TRP B 93 -30.81 47.07 5.36
C TRP B 93 -29.86 47.88 6.22
N ILE B 94 -29.81 47.55 7.51
CA ILE B 94 -28.75 48.02 8.39
C ILE B 94 -28.30 46.83 9.22
N PHE B 95 -27.00 46.78 9.49
CA PHE B 95 -26.41 45.73 10.30
C PHE B 95 -25.74 46.38 11.50
N GLY B 96 -25.03 45.57 12.28
CA GLY B 96 -24.31 46.13 13.41
C GLY B 96 -24.41 45.24 14.62
N THR B 97 -23.56 45.48 15.62
CA THR B 97 -23.59 44.65 16.81
C THR B 97 -24.54 45.19 17.88
N THR B 98 -24.64 46.52 18.02
CA THR B 98 -25.58 47.10 18.97
C THR B 98 -26.46 48.17 18.36
N LEU B 99 -26.15 48.68 17.19
CA LEU B 99 -26.93 49.68 16.46
C LEU B 99 -27.00 51.02 17.19
N ASP B 100 -26.28 51.19 18.28
CA ASP B 100 -26.15 52.50 18.91
C ASP B 100 -24.91 53.18 18.34
N SER B 101 -24.45 54.24 19.00
CA SER B 101 -23.30 54.99 18.53
C SER B 101 -22.07 54.83 19.42
N LYS B 102 -21.86 53.64 19.98
CA LYS B 102 -20.59 53.31 20.60
C LYS B 102 -19.82 52.26 19.82
N THR B 103 -20.42 51.64 18.82
CA THR B 103 -19.77 50.65 17.98
C THR B 103 -20.16 50.90 16.52
N GLN B 104 -19.30 50.47 15.63
CA GLN B 104 -19.52 50.66 14.21
C GLN B 104 -20.65 49.77 13.71
N SER B 105 -21.19 50.11 12.56
CA SER B 105 -22.31 49.35 11.99
C SER B 105 -22.54 49.78 10.56
N LEU B 106 -22.97 48.85 9.73
CA LEU B 106 -23.13 49.13 8.30
C LEU B 106 -24.35 50.00 8.03
N LEU B 107 -24.58 50.23 6.74
CA LEU B 107 -25.80 50.84 6.23
C LEU B 107 -25.84 50.67 4.73
N ILE B 108 -26.92 50.11 4.21
CA ILE B 108 -27.14 50.01 2.77
C ILE B 108 -28.51 50.57 2.50
N VAL B 109 -28.57 51.72 1.85
CA VAL B 109 -29.81 52.33 1.42
C VAL B 109 -29.78 52.47 -0.08
N ASN B 110 -30.85 52.06 -0.72
CA ASN B 110 -30.94 52.04 -2.17
C ASN B 110 -31.94 53.11 -2.57
N ASN B 111 -31.43 54.29 -2.92
CA ASN B 111 -32.26 55.43 -3.29
C ASN B 111 -32.65 55.31 -4.76
N ALA B 112 -33.19 56.38 -5.34
CA ALA B 112 -33.89 56.27 -6.62
C ALA B 112 -32.96 55.82 -7.74
N THR B 113 -31.71 56.26 -7.71
CA THR B 113 -30.81 56.01 -8.84
C THR B 113 -29.46 55.42 -8.46
N ASN B 114 -29.18 55.16 -7.18
CA ASN B 114 -27.88 54.65 -6.78
C ASN B 114 -28.03 53.87 -5.49
N VAL B 115 -26.89 53.59 -4.86
CA VAL B 115 -26.81 52.80 -3.64
C VAL B 115 -25.68 53.34 -2.79
N VAL B 116 -25.88 53.37 -1.47
CA VAL B 116 -24.93 53.97 -0.55
C VAL B 116 -24.54 52.93 0.48
N ILE B 117 -23.25 52.79 0.74
CA ILE B 117 -22.74 51.89 1.76
C ILE B 117 -21.77 52.67 2.63
N LYS B 118 -21.99 52.64 3.94
CA LYS B 118 -21.07 53.26 4.88
C LYS B 118 -20.88 52.35 6.08
N VAL B 119 -19.63 52.08 6.44
CA VAL B 119 -19.29 51.27 7.59
C VAL B 119 -19.13 52.25 8.74
N CYS B 120 -19.57 53.47 8.52
CA CYS B 120 -19.25 54.58 9.39
C CYS B 120 -19.95 54.42 10.73
N GLU B 121 -19.70 55.35 11.62
CA GLU B 121 -20.31 55.33 12.95
C GLU B 121 -21.66 56.02 12.91
N PHE B 122 -22.68 55.40 13.53
CA PHE B 122 -24.03 55.94 13.45
C PHE B 122 -24.75 55.88 14.79
N GLN B 123 -25.74 56.76 14.94
CA GLN B 123 -26.73 56.72 16.00
C GLN B 123 -28.09 56.57 15.31
N PHE B 124 -28.55 55.34 15.15
CA PHE B 124 -29.78 55.11 14.40
C PHE B 124 -31.00 55.57 15.18
N CYS B 125 -31.83 56.37 14.53
CA CYS B 125 -33.10 56.77 15.11
C CYS B 125 -34.01 55.56 15.24
N ASN B 126 -34.82 55.55 16.29
CA ASN B 126 -35.71 54.42 16.52
C ASN B 126 -36.69 54.24 15.37
N ASP B 127 -37.17 55.33 14.81
CA ASP B 127 -37.99 55.25 13.60
C ASP B 127 -37.08 55.04 12.40
N PRO B 128 -37.10 53.85 11.79
CA PRO B 128 -36.15 53.56 10.73
C PRO B 128 -36.71 53.80 9.34
N PHE B 129 -38.01 54.10 9.25
CA PHE B 129 -38.64 54.17 7.94
C PHE B 129 -38.08 55.33 7.15
N LEU B 130 -37.95 55.13 5.84
CA LEU B 130 -37.38 56.15 4.97
C LEU B 130 -38.47 56.75 4.10
N MET B 139 -39.65 58.85 -0.84
CA MET B 139 -38.75 59.99 -1.00
C MET B 139 -38.65 60.78 0.30
N GLU B 140 -38.78 60.10 1.43
CA GLU B 140 -38.77 60.77 2.72
C GLU B 140 -37.34 61.06 3.16
N SER B 141 -37.21 61.53 4.39
CA SER B 141 -35.91 61.96 4.89
C SER B 141 -34.98 60.77 5.04
N GLU B 142 -33.80 60.89 4.44
CA GLU B 142 -32.79 59.84 4.59
C GLU B 142 -32.20 59.87 5.99
N PHE B 143 -31.98 61.06 6.54
CA PHE B 143 -31.52 61.15 7.91
C PHE B 143 -32.60 60.79 8.92
N ARG B 144 -33.78 60.36 8.46
CA ARG B 144 -34.77 59.85 9.39
C ARG B 144 -34.27 58.60 10.10
N VAL B 145 -33.25 57.96 9.56
CA VAL B 145 -32.72 56.74 10.16
C VAL B 145 -31.67 57.04 11.22
N TYR B 146 -30.81 58.04 11.01
CA TYR B 146 -29.74 58.35 11.95
C TYR B 146 -29.69 59.84 12.20
N SER B 147 -29.30 60.21 13.43
CA SER B 147 -29.16 61.60 13.81
C SER B 147 -27.81 62.18 13.47
N SER B 148 -26.73 61.42 13.69
CA SER B 148 -25.39 61.96 13.48
C SER B 148 -24.43 60.83 13.09
N ALA B 149 -23.32 61.22 12.46
CA ALA B 149 -22.32 60.27 12.02
C ALA B 149 -20.93 60.84 12.25
N ASN B 150 -20.05 60.03 12.84
CA ASN B 150 -18.66 60.39 13.09
C ASN B 150 -17.77 59.25 12.64
N ASN B 151 -16.46 59.49 12.64
CA ASN B 151 -15.45 58.46 12.41
C ASN B 151 -15.72 57.66 11.14
N CYS B 152 -16.23 58.30 10.11
CA CYS B 152 -16.72 57.55 8.95
C CYS B 152 -15.56 56.87 8.25
N THR B 153 -15.68 55.55 8.03
CA THR B 153 -14.54 54.73 7.68
C THR B 153 -14.46 54.38 6.20
N PHE B 154 -15.50 53.78 5.66
CA PHE B 154 -15.43 53.24 4.29
C PHE B 154 -16.74 53.49 3.59
N GLU B 155 -16.71 54.28 2.53
CA GLU B 155 -17.90 54.62 1.76
C GLU B 155 -17.80 54.01 0.37
N TYR B 156 -18.93 53.99 -0.32
CA TYR B 156 -19.02 53.30 -1.60
C TYR B 156 -20.33 53.68 -2.26
N VAL B 157 -20.29 54.03 -3.54
CA VAL B 157 -21.49 54.33 -4.30
C VAL B 157 -21.39 53.67 -5.66
N SER B 158 -22.51 53.13 -6.15
CA SER B 158 -22.51 52.48 -7.45
C SER B 158 -23.94 52.36 -7.94
N GLN B 159 -24.14 51.56 -8.99
CA GLN B 159 -25.46 51.35 -9.56
C GLN B 159 -26.34 50.55 -8.61
N PRO B 160 -27.60 50.94 -8.43
CA PRO B 160 -28.41 50.40 -7.33
C PRO B 160 -28.82 48.94 -7.51
N PHE B 161 -29.03 48.26 -6.37
CA PHE B 161 -29.33 46.83 -6.38
C PHE B 161 -30.69 46.53 -6.97
N LEU B 162 -31.71 47.28 -6.56
CA LEU B 162 -33.05 47.14 -7.14
C LEU B 162 -32.99 47.46 -8.62
N MET B 163 -33.22 46.45 -9.45
CA MET B 163 -33.05 46.64 -10.88
C MET B 163 -34.16 45.99 -11.71
N ASP B 164 -35.22 45.51 -11.09
CA ASP B 164 -36.16 44.67 -11.81
C ASP B 164 -36.87 45.46 -12.90
N LEU B 165 -37.19 44.75 -13.99
CA LEU B 165 -37.92 45.35 -15.09
C LEU B 165 -39.34 45.69 -14.65
N GLN B 169 -45.26 45.24 -14.88
CA GLN B 169 -46.48 45.77 -15.47
C GLN B 169 -47.67 44.92 -15.05
N GLY B 170 -47.45 44.02 -14.12
CA GLY B 170 -48.47 43.09 -13.69
C GLY B 170 -48.23 41.70 -14.24
N ASN B 171 -49.20 40.82 -13.98
CA ASN B 171 -49.18 39.43 -14.42
C ASN B 171 -48.03 38.67 -13.78
N PHE B 172 -47.29 39.32 -12.88
CA PHE B 172 -46.19 38.69 -12.18
C PHE B 172 -45.84 39.54 -10.97
N LYS B 173 -44.88 39.06 -10.19
CA LYS B 173 -44.42 39.77 -9.00
C LYS B 173 -42.92 39.59 -8.92
N ASN B 174 -42.24 40.58 -8.34
CA ASN B 174 -40.79 40.53 -8.22
C ASN B 174 -40.41 39.61 -7.06
N LEU B 175 -39.52 38.66 -7.33
CA LEU B 175 -38.98 37.79 -6.29
C LEU B 175 -37.48 38.03 -6.24
N ARG B 176 -37.05 38.84 -5.30
CA ARG B 176 -35.64 39.11 -5.08
C ARG B 176 -35.13 38.21 -3.98
N GLU B 177 -33.93 37.66 -4.14
CA GLU B 177 -33.31 36.86 -3.09
C GLU B 177 -31.88 37.32 -2.90
N PHE B 178 -31.38 37.15 -1.68
CA PHE B 178 -30.07 37.69 -1.32
C PHE B 178 -29.39 36.75 -0.34
N VAL B 179 -28.07 36.84 -0.27
CA VAL B 179 -27.30 36.16 0.77
C VAL B 179 -26.25 37.12 1.30
N PHE B 180 -26.18 37.25 2.61
CA PHE B 180 -25.19 38.09 3.26
C PHE B 180 -24.32 37.21 4.14
N LYS B 181 -23.01 37.35 4.01
CA LYS B 181 -22.10 36.48 4.72
C LYS B 181 -20.87 37.27 5.12
N ASN B 182 -20.31 36.92 6.27
CA ASN B 182 -19.20 37.66 6.86
C ASN B 182 -18.17 36.67 7.36
N ILE B 183 -17.03 36.60 6.67
CA ILE B 183 -15.89 35.81 7.14
C ILE B 183 -14.64 36.69 7.06
N ASP B 184 -13.68 36.40 7.94
CA ASP B 184 -12.32 36.95 8.00
C ASP B 184 -12.25 38.41 7.56
N GLY B 185 -13.18 39.23 8.02
CA GLY B 185 -13.16 40.63 7.66
C GLY B 185 -13.63 40.95 6.27
N TYR B 186 -14.42 40.07 5.67
CA TYR B 186 -14.97 40.31 4.34
C TYR B 186 -16.47 40.15 4.39
N PHE B 187 -17.17 41.04 3.70
CA PHE B 187 -18.62 41.00 3.61
C PHE B 187 -18.97 40.81 2.15
N LYS B 188 -19.76 39.78 1.85
CA LYS B 188 -20.07 39.43 0.47
C LYS B 188 -21.56 39.35 0.26
N ILE B 189 -22.01 39.84 -0.88
CA ILE B 189 -23.43 39.92 -1.22
C ILE B 189 -23.67 39.15 -2.51
N TYR B 190 -24.66 38.27 -2.50
CA TYR B 190 -25.11 37.54 -3.67
C TYR B 190 -26.46 38.10 -4.08
N SER B 191 -26.95 37.68 -5.25
CA SER B 191 -28.23 38.23 -5.69
C SER B 191 -28.81 37.34 -6.77
N LYS B 192 -30.10 37.59 -7.05
CA LYS B 192 -30.84 36.99 -8.14
C LYS B 192 -32.22 37.61 -8.09
N HIS B 193 -32.96 37.53 -9.20
CA HIS B 193 -34.37 37.90 -9.17
C HIS B 193 -35.10 37.15 -10.27
N THR B 194 -36.41 37.04 -10.11
CA THR B 194 -37.22 36.28 -11.06
C THR B 194 -38.70 36.60 -10.92
N PRO B 195 -39.39 36.87 -12.02
CA PRO B 195 -40.84 37.05 -11.95
C PRO B 195 -41.53 35.75 -11.59
N ILE B 196 -42.62 35.87 -10.85
CA ILE B 196 -43.34 34.70 -10.37
C ILE B 196 -44.76 34.73 -10.94
N ILE B 197 -45.43 33.58 -10.81
CA ILE B 197 -46.68 33.34 -11.53
C ILE B 197 -47.87 33.43 -10.60
N VAL B 198 -47.87 32.64 -9.54
CA VAL B 198 -49.02 32.56 -8.64
C VAL B 198 -48.79 33.52 -7.48
N ARG B 199 -49.87 34.11 -6.98
CA ARG B 199 -49.79 34.89 -5.75
C ARG B 199 -50.67 34.33 -4.64
N GLU B 200 -51.44 33.27 -4.90
CA GLU B 200 -52.46 32.85 -3.94
C GLU B 200 -51.91 32.41 -2.59
N PRO B 201 -50.94 31.48 -2.49
CA PRO B 201 -50.47 31.07 -1.17
C PRO B 201 -49.49 32.06 -0.58
N GLU B 202 -48.76 32.73 -1.47
CA GLU B 202 -47.67 33.64 -1.12
C GLU B 202 -46.54 32.92 -0.38
N ASP B 203 -46.47 31.60 -0.54
CA ASP B 203 -45.36 30.82 -0.03
C ASP B 203 -44.30 30.66 -1.10
N LEU B 204 -43.12 30.28 -0.67
CA LEU B 204 -41.98 30.20 -1.57
C LEU B 204 -42.26 29.21 -2.68
N PRO B 205 -42.18 29.62 -3.94
CA PRO B 205 -42.56 28.73 -5.03
C PRO B 205 -41.51 27.66 -5.27
N GLN B 206 -41.90 26.65 -6.03
CA GLN B 206 -40.99 25.60 -6.42
C GLN B 206 -39.88 26.17 -7.31
N GLY B 207 -38.92 25.33 -7.63
CA GLY B 207 -38.00 25.66 -8.69
C GLY B 207 -36.59 25.64 -8.18
N PHE B 208 -35.69 26.12 -9.03
CA PHE B 208 -34.28 26.07 -8.71
C PHE B 208 -33.60 27.21 -9.46
N SER B 209 -33.03 28.16 -8.73
CA SER B 209 -32.31 29.25 -9.35
C SER B 209 -31.15 29.65 -8.45
N ALA B 210 -29.96 29.73 -9.02
CA ALA B 210 -28.78 30.03 -8.24
C ALA B 210 -28.50 31.52 -8.22
N LEU B 211 -27.64 31.93 -7.30
CA LEU B 211 -27.44 33.33 -6.95
C LEU B 211 -26.05 33.75 -7.42
N GLU B 212 -25.98 34.61 -8.43
CA GLU B 212 -24.70 35.04 -8.94
C GLU B 212 -24.00 35.97 -7.95
N PRO B 213 -22.69 35.85 -7.79
CA PRO B 213 -21.99 36.75 -6.87
C PRO B 213 -22.07 38.18 -7.36
N LEU B 214 -22.16 39.11 -6.42
CA LEU B 214 -22.38 40.50 -6.78
C LEU B 214 -21.26 41.42 -6.32
N VAL B 215 -20.94 41.46 -5.04
CA VAL B 215 -20.01 42.44 -4.50
C VAL B 215 -19.27 41.80 -3.33
N ASP B 216 -18.05 42.26 -3.09
CA ASP B 216 -17.29 41.90 -1.91
C ASP B 216 -16.75 43.18 -1.29
N LEU B 217 -16.89 43.31 0.03
CA LEU B 217 -16.48 44.52 0.73
C LEU B 217 -15.43 44.20 1.78
N PRO B 218 -14.39 44.99 1.87
CA PRO B 218 -13.36 44.77 2.88
C PRO B 218 -13.59 45.56 4.15
N ILE B 219 -14.79 45.48 4.70
CA ILE B 219 -15.13 46.17 5.93
C ILE B 219 -14.35 45.53 7.08
N GLY B 220 -14.45 46.08 8.27
CA GLY B 220 -13.67 45.53 9.36
C GLY B 220 -14.37 45.33 10.70
N ILE B 221 -15.62 44.90 10.71
CA ILE B 221 -16.40 45.00 11.93
C ILE B 221 -16.86 43.65 12.45
N ASN B 222 -17.62 43.69 13.54
CA ASN B 222 -18.17 42.52 14.21
C ASN B 222 -19.69 42.63 14.17
N ILE B 223 -20.34 41.68 13.52
CA ILE B 223 -21.76 41.74 13.22
C ILE B 223 -22.51 40.72 14.05
N THR B 224 -23.57 41.14 14.72
CA THR B 224 -24.42 40.20 15.44
C THR B 224 -25.89 40.44 15.15
N ARG B 225 -26.29 41.68 14.90
CA ARG B 225 -27.70 42.01 14.79
C ARG B 225 -27.99 42.73 13.49
N PHE B 226 -29.27 42.76 13.13
CA PHE B 226 -29.69 43.03 11.77
C PHE B 226 -31.13 43.55 11.75
N GLN B 227 -31.41 44.50 10.86
CA GLN B 227 -32.74 45.08 10.75
C GLN B 227 -32.92 45.61 9.33
N THR B 228 -34.16 45.56 8.83
CA THR B 228 -34.44 46.03 7.49
C THR B 228 -35.03 47.44 7.55
N LEU B 229 -34.81 48.20 6.48
CA LEU B 229 -35.31 49.57 6.37
C LEU B 229 -36.54 49.56 5.48
N LEU B 230 -37.70 49.65 6.11
CA LEU B 230 -38.98 49.52 5.43
C LEU B 230 -39.56 50.92 5.27
N ALA B 231 -39.87 51.31 4.03
CA ALA B 231 -40.27 52.68 3.74
C ALA B 231 -41.75 52.73 3.40
N LEU B 232 -42.53 53.38 4.27
CA LEU B 232 -43.96 53.58 4.07
C LEU B 232 -44.24 55.08 3.98
N HIS B 233 -45.01 55.48 2.97
CA HIS B 233 -45.19 56.90 2.72
C HIS B 233 -46.43 57.48 3.35
N ARG B 234 -47.54 56.73 3.36
CA ARG B 234 -48.76 57.22 3.99
C ARG B 234 -48.64 57.22 5.51
N ALA B 250 -48.30 45.37 1.44
CA ALA B 250 -48.54 44.55 0.26
C ALA B 250 -47.28 43.82 -0.14
N ALA B 251 -46.51 43.39 0.86
CA ALA B 251 -45.25 42.71 0.60
C ALA B 251 -44.96 41.75 1.75
N ALA B 252 -44.14 40.74 1.46
CA ALA B 252 -43.77 39.74 2.44
C ALA B 252 -42.30 39.41 2.30
N TYR B 253 -41.59 39.36 3.41
CA TYR B 253 -40.17 39.03 3.36
C TYR B 253 -39.84 37.96 4.38
N TYR B 254 -38.84 37.15 4.06
CA TYR B 254 -38.50 35.96 4.83
C TYR B 254 -37.07 36.05 5.32
N VAL B 255 -36.72 35.12 6.20
CA VAL B 255 -35.37 35.06 6.79
C VAL B 255 -35.03 33.61 7.07
N GLY B 256 -33.83 33.20 6.67
CA GLY B 256 -33.32 31.89 7.02
C GLY B 256 -31.83 31.92 7.27
N TYR B 257 -31.36 31.23 8.29
CA TYR B 257 -29.96 31.31 8.69
C TYR B 257 -29.14 30.17 8.11
N LEU B 258 -27.87 30.46 7.82
CA LEU B 258 -26.98 29.59 7.08
C LEU B 258 -26.23 28.66 8.02
N GLN B 259 -25.72 27.56 7.47
CA GLN B 259 -24.97 26.57 8.23
C GLN B 259 -23.93 25.93 7.31
N PRO B 260 -22.96 25.22 7.88
CA PRO B 260 -21.96 24.49 7.06
C PRO B 260 -22.48 23.13 6.62
N ARG B 261 -22.59 22.93 5.32
CA ARG B 261 -23.09 21.68 4.77
C ARG B 261 -22.21 21.26 3.60
N THR B 262 -22.68 20.28 2.85
CA THR B 262 -22.00 19.79 1.67
C THR B 262 -23.03 19.48 0.60
N PHE B 263 -22.81 19.94 -0.62
CA PHE B 263 -23.77 19.78 -1.69
C PHE B 263 -23.11 19.13 -2.89
N LEU B 264 -23.94 18.63 -3.80
CA LEU B 264 -23.49 18.02 -5.04
C LEU B 264 -24.18 18.75 -6.17
N LEU B 265 -23.46 19.64 -6.84
CA LEU B 265 -24.02 20.51 -7.84
C LEU B 265 -23.93 19.89 -9.24
N LYS B 266 -24.91 20.21 -10.07
CA LYS B 266 -24.93 19.76 -11.45
C LYS B 266 -24.90 20.95 -12.39
N TYR B 267 -24.01 20.92 -13.36
CA TYR B 267 -23.88 21.97 -14.37
C TYR B 267 -24.29 21.41 -15.71
N ASN B 268 -25.13 22.13 -16.44
CA ASN B 268 -25.52 21.64 -17.76
C ASN B 268 -24.40 21.95 -18.73
N GLU B 269 -24.65 21.78 -20.03
CA GLU B 269 -23.62 22.08 -21.00
C GLU B 269 -23.51 23.56 -21.33
N ASN B 270 -24.49 24.38 -20.97
CA ASN B 270 -24.27 25.79 -21.05
C ASN B 270 -23.37 26.30 -19.94
N GLY B 271 -23.35 25.62 -18.80
CA GLY B 271 -22.58 26.06 -17.66
C GLY B 271 -23.36 26.66 -16.53
N THR B 272 -24.59 26.20 -16.28
CA THR B 272 -25.43 26.69 -15.19
C THR B 272 -25.74 25.57 -14.22
N ILE B 273 -25.87 25.91 -12.95
CA ILE B 273 -26.22 24.95 -11.91
C ILE B 273 -27.73 24.73 -11.96
N THR B 274 -28.15 23.55 -12.38
CA THR B 274 -29.58 23.27 -12.52
C THR B 274 -30.10 22.26 -11.51
N ASP B 275 -29.28 21.79 -10.58
CA ASP B 275 -29.74 20.83 -9.59
C ASP B 275 -28.69 20.68 -8.51
N ALA B 276 -29.12 20.21 -7.34
CA ALA B 276 -28.18 19.86 -6.28
C ALA B 276 -28.87 18.95 -5.29
N VAL B 277 -28.06 18.29 -4.45
CA VAL B 277 -28.58 17.50 -3.35
C VAL B 277 -27.83 17.90 -2.08
N ASP B 278 -28.52 17.80 -0.96
CA ASP B 278 -27.94 18.04 0.35
C ASP B 278 -27.39 16.74 0.89
N CYS B 279 -26.09 16.70 1.12
CA CYS B 279 -25.44 15.44 1.47
C CYS B 279 -25.79 14.97 2.87
N ALA B 280 -26.72 15.62 3.57
CA ALA B 280 -27.01 15.22 4.93
C ALA B 280 -28.48 15.29 5.27
N LEU B 281 -29.36 15.44 4.29
CA LEU B 281 -30.79 15.49 4.60
C LEU B 281 -31.29 14.15 5.12
N ASP B 282 -31.00 13.07 4.40
CA ASP B 282 -31.53 11.77 4.77
C ASP B 282 -30.66 10.70 4.13
N PRO B 283 -30.87 9.42 4.50
CA PRO B 283 -30.00 8.37 3.99
C PRO B 283 -29.94 8.28 2.48
N LEU B 284 -31.06 8.48 1.79
CA LEU B 284 -31.04 8.40 0.34
C LEU B 284 -30.13 9.47 -0.23
N SER B 285 -30.23 10.70 0.28
CA SER B 285 -29.42 11.77 -0.26
C SER B 285 -27.94 11.52 -0.01
N GLU B 286 -27.60 10.99 1.16
CA GLU B 286 -26.17 10.75 1.35
C GLU B 286 -25.69 9.55 0.53
N THR B 287 -26.55 8.57 0.27
CA THR B 287 -26.20 7.52 -0.68
C THR B 287 -25.89 8.11 -2.05
N LYS B 288 -26.74 9.03 -2.52
CA LYS B 288 -26.51 9.66 -3.80
C LYS B 288 -25.20 10.43 -3.80
N CYS B 289 -24.92 11.13 -2.71
CA CYS B 289 -23.67 11.87 -2.60
C CYS B 289 -22.48 10.94 -2.72
N THR B 290 -22.49 9.85 -1.96
CA THR B 290 -21.33 8.96 -1.94
C THR B 290 -21.17 8.18 -3.23
N LEU B 291 -22.24 8.00 -3.99
CA LEU B 291 -22.08 7.39 -5.30
C LEU B 291 -21.80 8.40 -6.39
N LYS B 292 -21.93 9.69 -6.11
CA LYS B 292 -21.73 10.74 -7.10
C LYS B 292 -22.68 10.57 -8.28
N SER B 293 -23.95 10.41 -7.98
CA SER B 293 -24.93 10.22 -9.05
C SER B 293 -26.32 10.53 -8.52
N PHE B 294 -27.11 11.16 -9.37
CA PHE B 294 -28.48 11.51 -9.03
C PHE B 294 -29.43 10.34 -9.13
N THR B 295 -28.93 9.15 -9.46
CA THR B 295 -29.75 7.96 -9.58
C THR B 295 -29.08 6.81 -8.88
N VAL B 296 -29.84 6.06 -8.09
CA VAL B 296 -29.32 4.93 -7.34
C VAL B 296 -30.01 3.67 -7.83
N GLU B 297 -29.22 2.62 -8.05
CA GLU B 297 -29.72 1.34 -8.48
C GLU B 297 -30.11 0.49 -7.28
N LYS B 298 -30.75 -0.63 -7.56
CA LYS B 298 -31.25 -1.50 -6.51
C LYS B 298 -30.12 -2.27 -5.87
N GLY B 299 -30.03 -2.21 -4.54
CA GLY B 299 -29.00 -2.93 -3.83
C GLY B 299 -28.85 -2.38 -2.43
N ILE B 300 -27.79 -2.85 -1.77
CA ILE B 300 -27.44 -2.42 -0.43
C ILE B 300 -26.06 -1.77 -0.49
N TYR B 301 -25.98 -0.52 -0.06
CA TYR B 301 -24.78 0.28 -0.21
C TYR B 301 -24.28 0.67 1.17
N GLN B 302 -22.98 0.80 1.33
CA GLN B 302 -22.40 1.14 2.60
C GLN B 302 -21.80 2.53 2.50
N THR B 303 -22.23 3.43 3.38
CA THR B 303 -21.97 4.85 3.18
C THR B 303 -21.01 5.43 4.21
N SER B 304 -21.35 5.42 5.49
CA SER B 304 -20.50 6.10 6.47
C SER B 304 -20.79 5.56 7.85
N ASN B 305 -19.88 5.84 8.77
CA ASN B 305 -19.93 5.26 10.10
C ASN B 305 -20.78 6.13 11.02
N PHE B 306 -20.74 5.87 12.32
CA PHE B 306 -21.39 6.73 13.28
C PHE B 306 -20.58 6.73 14.57
N ARG B 307 -20.32 7.90 15.12
CA ARG B 307 -19.49 8.02 16.32
C ARG B 307 -20.15 8.93 17.34
N VAL B 308 -20.32 8.42 18.56
CA VAL B 308 -20.90 9.21 19.64
C VAL B 308 -19.94 10.31 20.03
N GLN B 309 -20.44 11.49 20.18
CA GLN B 309 -19.60 12.64 20.38
C GLN B 309 -19.29 12.88 21.86
N PRO B 310 -18.17 13.51 22.15
CA PRO B 310 -17.84 13.79 23.55
C PRO B 310 -18.71 14.91 24.11
N THR B 311 -18.88 14.89 25.42
CA THR B 311 -19.76 15.84 26.09
C THR B 311 -19.02 17.02 26.69
N GLU B 312 -17.85 16.80 27.29
CA GLU B 312 -17.19 17.84 28.07
C GLU B 312 -15.68 17.64 28.00
N SER B 313 -14.96 18.26 28.93
CA SER B 313 -13.51 18.26 28.93
C SER B 313 -12.99 18.02 30.34
N ILE B 314 -11.74 17.56 30.41
CA ILE B 314 -11.12 17.13 31.67
C ILE B 314 -9.66 17.54 31.65
N VAL B 315 -9.18 18.11 32.76
CA VAL B 315 -7.76 18.43 32.92
C VAL B 315 -7.32 18.00 34.31
N ARG B 316 -6.18 17.31 34.39
CA ARG B 316 -5.74 16.64 35.61
C ARG B 316 -4.26 16.80 35.86
N PHE B 317 -3.77 18.04 35.85
CA PHE B 317 -2.40 18.30 36.23
C PHE B 317 -2.20 18.13 37.74
N PRO B 318 -0.95 17.95 38.18
CA PRO B 318 -0.70 17.84 39.62
C PRO B 318 -0.83 19.19 40.32
N ASN B 319 -1.13 19.10 41.61
CA ASN B 319 -1.56 20.24 42.42
C ASN B 319 -0.44 20.88 43.26
N ILE B 320 0.66 21.20 42.61
CA ILE B 320 1.74 21.92 43.28
C ILE B 320 1.81 23.33 42.71
N THR B 321 2.21 24.28 43.55
CA THR B 321 2.32 25.69 43.12
C THR B 321 3.56 26.36 43.73
N ASN B 322 4.67 26.26 43.01
CA ASN B 322 5.86 27.06 43.29
C ASN B 322 6.29 27.70 41.98
N LEU B 323 7.40 28.43 42.03
CA LEU B 323 8.06 28.90 40.82
C LEU B 323 9.50 28.43 40.88
N CYS B 324 9.94 27.68 39.88
CA CYS B 324 11.33 27.28 39.87
C CYS B 324 12.23 28.49 39.67
N PRO B 325 13.32 28.57 40.37
CA PRO B 325 14.10 29.81 40.41
C PRO B 325 14.86 30.05 39.13
N PHE B 326 14.14 30.55 38.11
CA PHE B 326 14.82 31.06 36.94
C PHE B 326 15.61 32.32 37.23
N ASP B 327 15.41 32.90 38.41
CA ASP B 327 15.97 34.21 38.71
C ASP B 327 17.45 34.14 39.10
N GLU B 328 18.00 32.95 39.23
CA GLU B 328 19.45 32.82 39.22
C GLU B 328 19.98 32.10 37.99
N VAL B 329 19.12 31.38 37.26
CA VAL B 329 19.52 30.93 35.94
C VAL B 329 19.85 32.11 35.07
N PHE B 330 18.94 33.07 35.01
CA PHE B 330 19.25 34.40 34.50
C PHE B 330 19.47 35.29 35.71
N ASN B 331 20.18 36.39 35.53
CA ASN B 331 20.74 37.07 36.70
C ASN B 331 21.52 36.17 37.63
N ALA B 332 22.67 35.75 37.18
CA ALA B 332 23.70 35.28 38.08
C ALA B 332 24.84 36.28 38.03
N THR B 333 25.47 36.51 39.17
CA THR B 333 26.53 37.50 39.24
C THR B 333 27.71 37.11 38.34
N ARG B 334 28.13 35.85 38.39
CA ARG B 334 29.31 35.41 37.65
C ARG B 334 28.96 34.10 36.95
N PHE B 335 28.97 34.11 35.62
CA PHE B 335 28.87 32.88 34.87
C PHE B 335 30.21 32.19 34.84
N ALA B 336 30.21 30.87 35.07
CA ALA B 336 31.46 30.14 35.07
C ALA B 336 32.04 30.07 33.65
N SER B 337 33.34 29.83 33.58
CA SER B 337 34.01 29.67 32.31
C SER B 337 33.53 28.40 31.62
N VAL B 338 33.85 28.29 30.33
CA VAL B 338 33.29 27.20 29.53
C VAL B 338 33.79 25.86 30.02
N TYR B 339 35.10 25.73 30.22
CA TYR B 339 35.68 24.43 30.48
C TYR B 339 35.15 23.82 31.77
N ALA B 340 34.59 24.62 32.67
CA ALA B 340 33.94 24.13 33.88
C ALA B 340 32.56 24.78 33.96
N TRP B 341 31.59 24.19 33.30
CA TRP B 341 30.28 24.79 33.16
C TRP B 341 29.33 24.26 34.22
N ASN B 342 28.46 25.14 34.71
CA ASN B 342 27.57 24.82 35.81
C ASN B 342 26.30 24.17 35.30
N ARG B 343 25.76 23.25 36.11
CA ARG B 343 24.53 22.54 35.77
C ARG B 343 23.68 22.41 37.03
N LYS B 344 22.63 23.22 37.13
CA LYS B 344 21.83 23.23 38.34
C LYS B 344 20.51 22.51 38.11
N ARG B 345 20.06 21.80 39.15
CA ARG B 345 18.82 21.04 39.14
C ARG B 345 17.62 21.97 39.15
N ILE B 346 16.62 21.66 38.31
CA ILE B 346 15.33 22.33 38.35
C ILE B 346 14.25 21.30 38.58
N SER B 347 13.39 21.55 39.56
CA SER B 347 12.36 20.58 39.90
C SER B 347 11.26 21.25 40.71
N ASN B 348 10.06 20.68 40.62
CA ASN B 348 8.96 20.94 41.54
C ASN B 348 8.56 22.41 41.55
N CYS B 349 8.00 22.88 40.44
CA CYS B 349 7.24 24.10 40.56
C CYS B 349 6.13 24.07 39.52
N VAL B 350 5.59 25.25 39.23
CA VAL B 350 4.80 25.51 38.04
C VAL B 350 5.63 26.48 37.21
N ALA B 351 6.31 25.95 36.21
CA ALA B 351 7.28 26.74 35.45
C ALA B 351 6.57 27.62 34.42
N ASP B 352 7.04 28.86 34.33
CA ASP B 352 6.62 29.78 33.29
C ASP B 352 7.85 30.23 32.53
N TYR B 353 7.81 30.11 31.21
CA TYR B 353 8.95 30.45 30.37
C TYR B 353 8.78 31.78 29.67
N SER B 354 7.57 32.33 29.68
CA SER B 354 7.36 33.65 29.11
C SER B 354 8.17 34.72 29.83
N VAL B 355 8.54 34.47 31.08
CA VAL B 355 9.32 35.45 31.84
C VAL B 355 10.73 35.59 31.28
N LEU B 356 11.40 34.47 31.02
CA LEU B 356 12.67 34.58 30.32
C LEU B 356 12.46 35.00 28.88
N TYR B 357 11.26 34.74 28.37
CA TYR B 357 10.95 35.04 26.98
C TYR B 357 10.80 36.53 26.73
N ASN B 358 10.38 37.29 27.74
CA ASN B 358 10.33 38.74 27.56
C ASN B 358 11.48 39.45 28.24
N LEU B 359 11.84 39.07 29.46
CA LEU B 359 13.03 39.61 30.09
C LEU B 359 14.27 39.10 29.39
N ALA B 360 15.36 39.86 29.52
CA ALA B 360 16.62 39.51 28.87
C ALA B 360 16.36 39.24 27.40
N PRO B 361 16.09 40.28 26.61
CA PRO B 361 15.53 40.08 25.27
C PRO B 361 16.31 39.03 24.49
N PHE B 362 15.60 38.02 24.01
CA PHE B 362 16.26 36.92 23.32
C PHE B 362 16.86 37.44 22.02
N PHE B 363 18.05 36.98 21.71
CA PHE B 363 18.60 37.20 20.39
C PHE B 363 18.96 35.91 19.67
N THR B 364 19.05 34.79 20.38
CA THR B 364 19.17 33.47 19.76
C THR B 364 18.29 32.52 20.57
N PHE B 365 17.03 32.39 20.15
CA PHE B 365 16.07 31.52 20.82
C PHE B 365 15.65 30.43 19.84
N LYS B 366 16.45 29.38 19.75
CA LYS B 366 16.14 28.25 18.89
C LYS B 366 16.19 26.97 19.70
N CYS B 367 15.35 26.00 19.33
CA CYS B 367 14.94 25.01 20.32
C CYS B 367 15.18 23.58 19.88
N TYR B 368 14.92 23.27 18.62
CA TYR B 368 15.27 21.99 18.02
C TYR B 368 14.46 20.80 18.53
N GLY B 369 13.77 20.96 19.65
CA GLY B 369 13.01 19.83 20.13
C GLY B 369 11.52 19.94 19.93
N VAL B 370 10.94 21.05 20.40
CA VAL B 370 9.49 21.16 20.39
C VAL B 370 9.01 22.44 19.73
N SER B 371 9.25 23.57 20.37
CA SER B 371 8.85 24.88 19.89
C SER B 371 9.32 25.90 20.92
N PRO B 372 9.38 27.19 20.57
CA PRO B 372 9.54 28.22 21.59
C PRO B 372 8.23 28.80 22.07
N THR B 373 7.12 28.42 21.44
CA THR B 373 5.87 29.14 21.62
C THR B 373 4.86 28.39 22.48
N LYS B 374 5.00 27.09 22.64
CA LYS B 374 3.99 26.30 23.32
C LYS B 374 4.62 25.38 24.34
N LEU B 375 5.57 25.91 25.11
CA LEU B 375 6.10 25.19 26.23
C LEU B 375 5.19 25.24 27.44
N ASN B 376 4.27 26.20 27.48
CA ASN B 376 3.51 26.47 28.68
C ASN B 376 2.49 25.39 29.00
N ASP B 377 2.28 24.44 28.09
CA ASP B 377 1.20 23.47 28.23
C ASP B 377 1.71 22.03 28.15
N LEU B 378 2.96 21.81 28.53
CA LEU B 378 3.53 20.47 28.61
C LEU B 378 4.09 20.27 30.00
N CYS B 379 3.97 19.06 30.51
CA CYS B 379 4.55 18.70 31.78
C CYS B 379 5.82 17.91 31.52
N PHE B 380 6.86 18.19 32.29
CA PHE B 380 8.15 17.57 32.06
C PHE B 380 8.54 16.73 33.26
N THR B 381 9.73 16.16 33.18
CA THR B 381 10.43 15.63 34.34
C THR B 381 11.87 16.09 34.26
N ASN B 382 12.38 16.65 35.35
CA ASN B 382 13.81 16.89 35.51
C ASN B 382 14.34 17.82 34.41
N VAL B 383 13.93 19.08 34.51
CA VAL B 383 14.57 20.12 33.69
C VAL B 383 15.97 20.39 34.23
N TYR B 384 16.93 20.54 33.32
CA TYR B 384 18.28 20.92 33.67
C TYR B 384 18.69 22.17 32.93
N ALA B 385 19.68 22.87 33.47
CA ALA B 385 20.11 24.15 32.92
C ALA B 385 21.62 24.30 33.04
N ASP B 386 22.24 24.90 32.03
CA ASP B 386 23.68 25.12 32.00
C ASP B 386 23.97 26.57 31.57
N SER B 387 25.06 27.12 32.08
CA SER B 387 25.40 28.51 31.81
C SER B 387 26.90 28.69 31.71
N PHE B 388 27.34 29.52 30.76
CA PHE B 388 28.75 29.84 30.58
C PHE B 388 28.82 31.03 29.61
N VAL B 389 30.04 31.45 29.29
CA VAL B 389 30.27 32.61 28.43
C VAL B 389 31.29 32.26 27.37
N ILE B 390 30.97 32.53 26.11
CA ILE B 390 31.85 32.22 24.99
C ILE B 390 32.22 33.52 24.27
N ARG B 391 33.16 33.38 23.33
CA ARG B 391 33.83 34.54 22.73
C ARG B 391 33.00 35.25 21.67
N GLY B 392 31.92 34.64 21.21
CA GLY B 392 30.93 35.45 20.53
C GLY B 392 30.51 35.03 19.13
N ASP B 393 31.45 34.60 18.29
CA ASP B 393 31.07 34.07 16.99
C ASP B 393 31.10 32.55 16.98
N GLU B 394 31.18 31.92 18.14
CA GLU B 394 30.96 30.49 18.25
C GLU B 394 29.55 30.15 18.69
N VAL B 395 28.67 31.15 18.78
CA VAL B 395 27.31 30.89 19.24
C VAL B 395 26.62 29.91 18.32
N ARG B 396 26.86 30.01 17.01
CA ARG B 396 26.25 29.06 16.11
C ARG B 396 26.84 27.67 16.23
N GLN B 397 27.99 27.53 16.89
CA GLN B 397 28.62 26.22 16.96
C GLN B 397 28.12 25.40 18.14
N ILE B 398 27.28 25.99 19.00
CA ILE B 398 26.70 25.24 20.11
C ILE B 398 25.76 24.14 19.63
N ALA B 399 25.09 24.34 18.49
CA ALA B 399 23.96 23.52 18.11
C ALA B 399 24.34 22.05 17.92
N PRO B 400 23.40 21.13 18.05
CA PRO B 400 23.71 19.70 17.94
C PRO B 400 24.24 19.35 16.56
N GLY B 401 25.17 18.41 16.54
CA GLY B 401 25.77 17.96 15.29
C GLY B 401 26.58 19.02 14.59
N GLN B 402 27.40 19.75 15.33
CA GLN B 402 28.30 20.72 14.71
C GLN B 402 29.67 20.59 15.36
N THR B 403 30.68 21.00 14.60
CA THR B 403 32.07 20.76 14.98
C THR B 403 32.85 22.07 15.03
N GLY B 404 33.99 22.00 15.68
CA GLY B 404 34.82 23.18 15.90
C GLY B 404 35.55 23.01 17.21
N ASN B 405 36.39 24.02 17.51
CA ASN B 405 37.24 23.93 18.69
C ASN B 405 36.41 23.87 19.98
N ILE B 406 35.50 24.82 20.17
CA ILE B 406 34.79 24.91 21.44
C ILE B 406 33.83 23.75 21.61
N ALA B 407 32.96 23.51 20.62
CA ALA B 407 31.99 22.43 20.71
C ALA B 407 32.64 21.06 20.55
N ASP B 408 33.91 21.00 20.19
CA ASP B 408 34.65 19.76 20.11
C ASP B 408 35.37 19.46 21.40
N TYR B 409 35.86 20.48 22.10
CA TYR B 409 36.82 20.25 23.16
C TYR B 409 36.34 20.65 24.54
N ASN B 410 35.24 21.41 24.67
CA ASN B 410 34.79 21.83 25.99
C ASN B 410 33.32 21.55 26.27
N TYR B 411 32.43 21.65 25.29
CA TYR B 411 31.02 21.37 25.53
C TYR B 411 30.41 20.75 24.28
N LYS B 412 29.85 19.55 24.43
CA LYS B 412 29.29 18.81 23.32
C LYS B 412 27.82 18.53 23.58
N LEU B 413 27.04 18.46 22.51
CA LEU B 413 25.62 18.19 22.65
C LEU B 413 25.27 16.85 22.01
N PRO B 414 24.33 16.11 22.59
CA PRO B 414 23.92 14.84 22.00
C PRO B 414 23.25 15.05 20.66
N ASP B 415 23.20 13.98 19.88
CA ASP B 415 22.54 14.04 18.58
C ASP B 415 21.06 14.34 18.74
N ASP B 416 20.37 13.56 19.57
CA ASP B 416 18.95 13.74 19.82
C ASP B 416 18.80 14.57 21.09
N PHE B 417 18.56 15.86 20.92
CA PHE B 417 18.50 16.78 22.03
C PHE B 417 17.23 17.60 21.88
N THR B 418 16.52 17.81 22.99
CA THR B 418 15.19 18.42 22.94
C THR B 418 15.11 19.80 23.55
N GLY B 419 15.96 20.11 24.53
CA GLY B 419 15.89 21.39 25.21
C GLY B 419 16.12 22.58 24.30
N CYS B 420 16.05 23.78 24.86
CA CYS B 420 16.09 25.02 24.11
C CYS B 420 17.40 25.72 24.42
N VAL B 421 17.89 26.56 23.49
CA VAL B 421 19.17 27.22 23.68
C VAL B 421 18.98 28.74 23.56
N ILE B 422 19.60 29.48 24.49
CA ILE B 422 19.39 30.91 24.65
C ILE B 422 20.77 31.59 24.64
N ALA B 423 20.81 32.84 24.20
CA ALA B 423 22.04 33.63 24.32
C ALA B 423 21.70 35.11 24.28
N TRP B 424 22.62 35.92 24.81
CA TRP B 424 22.51 37.37 24.69
C TRP B 424 23.88 37.98 24.92
N ASN B 425 23.98 39.29 24.67
CA ASN B 425 25.25 40.00 24.68
C ASN B 425 25.52 40.59 26.05
N SER B 426 26.76 40.43 26.53
CA SER B 426 27.18 40.94 27.82
C SER B 426 28.43 41.81 27.72
N ASN B 427 28.58 42.56 26.63
CA ASN B 427 29.77 43.38 26.47
C ASN B 427 29.88 44.43 27.56
N LYS B 428 28.81 45.19 27.79
CA LYS B 428 28.87 46.31 28.72
C LYS B 428 29.06 45.84 30.15
N LEU B 429 28.59 44.64 30.47
CA LEU B 429 28.64 44.12 31.81
C LEU B 429 29.84 43.21 32.03
N ASP B 430 30.57 42.87 30.98
CA ASP B 430 31.62 41.87 31.11
C ASP B 430 32.98 42.30 30.58
N SER B 431 33.08 43.12 29.54
CA SER B 431 34.40 43.49 29.02
C SER B 431 34.92 44.72 29.73
N LYS B 432 36.21 44.70 30.05
CA LYS B 432 36.84 45.81 30.73
C LYS B 432 38.35 45.83 30.51
N GLY B 435 39.17 42.88 30.11
CA GLY B 435 40.26 42.50 30.98
C GLY B 435 39.95 41.24 31.76
N ASN B 436 38.77 40.67 31.52
CA ASN B 436 38.31 39.49 32.25
C ASN B 436 39.13 38.30 31.78
N TYR B 437 40.38 38.26 32.24
CA TYR B 437 41.26 37.13 31.94
C TYR B 437 40.84 35.87 32.68
N ASN B 438 39.89 36.00 33.61
CA ASN B 438 39.40 34.88 34.40
C ASN B 438 38.43 33.99 33.64
N TYR B 439 38.04 34.36 32.42
CA TYR B 439 37.32 33.44 31.54
C TYR B 439 38.33 32.67 30.70
N LEU B 440 38.29 31.35 30.80
CA LEU B 440 39.29 30.48 30.22
C LEU B 440 38.61 29.43 29.38
N TYR B 441 39.09 29.23 28.16
CA TYR B 441 38.62 28.13 27.32
C TYR B 441 39.81 27.24 26.98
N ARG B 442 39.60 25.93 27.08
CA ARG B 442 40.63 24.97 26.74
C ARG B 442 40.58 24.67 25.24
N LEU B 443 41.75 24.51 24.65
CA LEU B 443 41.87 24.33 23.21
C LEU B 443 42.51 23.00 22.82
N PHE B 444 43.52 22.54 23.56
CA PHE B 444 44.26 21.34 23.20
C PHE B 444 43.88 20.21 24.16
N ARG B 445 43.58 19.04 23.60
CA ARG B 445 43.41 17.84 24.41
C ARG B 445 43.56 16.63 23.51
N LYS B 446 43.87 15.49 24.13
CA LYS B 446 44.18 14.28 23.38
C LYS B 446 42.99 13.79 22.57
N SER B 447 41.80 13.80 23.17
CA SER B 447 40.63 13.19 22.55
C SER B 447 39.43 14.11 22.70
N ASN B 448 38.35 13.72 22.02
CA ASN B 448 37.11 14.48 22.05
C ASN B 448 36.37 14.20 23.36
N LEU B 449 35.10 14.58 23.41
CA LEU B 449 34.24 14.28 24.55
C LEU B 449 32.95 13.64 24.05
N LYS B 450 32.47 12.63 24.77
CA LYS B 450 31.13 12.13 24.52
C LYS B 450 30.14 13.17 25.01
N PRO B 451 28.89 13.16 24.50
CA PRO B 451 28.02 14.34 24.60
C PRO B 451 28.09 15.14 25.89
N PHE B 452 27.76 14.55 27.03
CA PHE B 452 27.67 15.31 28.27
C PHE B 452 28.81 14.88 29.18
N GLU B 453 29.87 15.67 29.21
CA GLU B 453 30.92 15.46 30.20
C GLU B 453 31.64 16.79 30.43
N ARG B 454 32.00 17.03 31.67
CA ARG B 454 32.70 18.24 32.09
C ARG B 454 34.11 17.82 32.49
N ASP B 455 35.09 18.25 31.72
CA ASP B 455 36.48 17.91 32.00
C ASP B 455 37.21 19.19 32.38
N ILE B 456 37.99 19.12 33.46
CA ILE B 456 38.72 20.26 33.98
C ILE B 456 40.22 20.02 34.04
N SER B 457 40.69 18.87 33.56
CA SER B 457 42.11 18.55 33.62
C SER B 457 42.90 19.47 32.69
N THR B 458 44.15 19.72 33.08
CA THR B 458 45.07 20.56 32.29
C THR B 458 46.45 19.89 32.27
N GLU B 459 46.69 19.12 31.21
CA GLU B 459 47.97 18.47 30.99
C GLU B 459 48.61 19.00 29.72
N ILE B 460 49.92 19.21 29.76
CA ILE B 460 50.62 19.86 28.67
C ILE B 460 50.54 18.97 27.44
N TYR B 461 49.95 19.49 26.36
CA TYR B 461 49.72 18.68 25.17
C TYR B 461 51.03 18.21 24.58
N GLN B 462 51.26 16.89 24.63
CA GLN B 462 52.50 16.32 24.13
C GLN B 462 52.40 16.26 22.60
N ALA B 463 52.54 17.42 21.98
CA ALA B 463 52.46 17.49 20.52
C ALA B 463 53.62 16.74 19.88
N GLY B 464 54.79 16.77 20.50
CA GLY B 464 55.96 16.14 19.94
C GLY B 464 56.09 14.67 20.30
N ASN B 465 57.04 14.02 19.63
CA ASN B 465 57.36 12.63 19.96
C ASN B 465 58.22 12.51 21.21
N LYS B 466 59.10 13.47 21.45
CA LYS B 466 59.97 13.40 22.62
C LYS B 466 59.14 13.59 23.89
N PRO B 467 59.28 12.71 24.88
CA PRO B 467 58.52 12.88 26.13
C PRO B 467 59.05 14.03 26.98
N CYS B 468 58.34 15.15 26.98
CA CYS B 468 58.67 16.28 27.85
C CYS B 468 57.77 16.17 29.07
N ASN B 469 58.37 15.88 30.22
CA ASN B 469 57.62 15.55 31.44
C ASN B 469 57.50 16.81 32.30
N GLY B 470 56.30 17.39 32.31
CA GLY B 470 56.09 18.62 33.07
C GLY B 470 56.94 19.77 32.60
N VAL B 471 57.13 19.89 31.29
CA VAL B 471 57.98 20.91 30.70
C VAL B 471 57.17 21.64 29.63
N ALA B 472 57.22 22.97 29.67
CA ALA B 472 56.61 23.78 28.62
C ALA B 472 57.58 23.95 27.45
N GLY B 473 57.97 22.82 26.88
CA GLY B 473 58.98 22.77 25.85
C GLY B 473 58.42 22.84 24.45
N PHE B 474 59.29 22.49 23.49
CA PHE B 474 58.96 22.61 22.08
C PHE B 474 58.03 21.46 21.67
N ASN B 475 56.88 21.82 21.08
CA ASN B 475 55.73 20.91 21.00
C ASN B 475 55.33 20.37 22.37
N CYS B 476 55.37 21.24 23.37
CA CYS B 476 54.69 21.02 24.65
C CYS B 476 53.82 22.24 24.89
N TYR B 477 52.63 22.23 24.31
CA TYR B 477 51.71 23.36 24.38
C TYR B 477 50.78 23.20 25.57
N PHE B 478 50.63 24.25 26.34
CA PHE B 478 49.70 24.24 27.45
C PHE B 478 48.28 24.21 26.89
N PRO B 479 47.43 23.29 27.34
CA PRO B 479 46.13 23.11 26.69
C PRO B 479 45.21 24.33 26.74
N LEU B 480 45.28 25.11 27.82
CA LEU B 480 44.25 26.08 28.14
C LEU B 480 44.65 27.45 27.61
N ARG B 481 43.66 28.22 27.15
CA ARG B 481 43.86 29.57 26.67
C ARG B 481 42.93 30.54 27.39
N SER B 482 43.34 31.81 27.43
CA SER B 482 42.54 32.85 28.04
C SER B 482 41.76 33.62 26.98
N TYR B 483 40.88 34.50 27.45
CA TYR B 483 39.91 35.19 26.59
C TYR B 483 40.30 36.62 26.30
N SER B 484 40.54 37.43 27.34
CA SER B 484 40.98 38.82 27.21
C SER B 484 39.97 39.63 26.40
N PHE B 485 38.82 39.88 27.01
CA PHE B 485 37.74 40.57 26.31
C PHE B 485 38.01 42.06 26.33
N ARG B 486 38.20 42.67 25.12
CA ARG B 486 38.36 44.11 24.97
C ARG B 486 37.06 44.75 24.49
N PRO B 487 36.76 45.96 24.96
CA PRO B 487 35.48 46.59 24.62
C PRO B 487 35.35 47.01 23.16
N THR B 488 36.43 47.01 22.40
CA THR B 488 36.33 47.47 21.01
C THR B 488 35.65 46.44 20.12
N TYR B 489 36.00 45.16 20.26
CA TYR B 489 35.52 44.12 19.34
C TYR B 489 34.10 43.67 19.68
N GLY B 490 33.19 44.65 19.71
CA GLY B 490 31.81 44.38 20.04
C GLY B 490 31.03 43.67 18.95
N VAL B 491 31.64 43.39 17.81
CA VAL B 491 30.96 42.70 16.73
C VAL B 491 31.48 41.28 16.54
N GLY B 492 32.72 40.98 16.89
CA GLY B 492 33.26 39.65 16.71
C GLY B 492 33.70 38.98 17.98
N HIS B 493 34.17 39.75 18.97
CA HIS B 493 34.73 39.16 20.18
C HIS B 493 34.05 39.70 21.43
N GLN B 494 32.79 40.09 21.32
CA GLN B 494 32.05 40.53 22.48
C GLN B 494 31.82 39.33 23.41
N PRO B 495 31.67 39.57 24.69
CA PRO B 495 31.29 38.46 25.58
C PRO B 495 29.81 38.13 25.50
N TYR B 496 29.51 37.00 24.86
CA TYR B 496 28.18 36.43 24.84
C TYR B 496 28.03 35.40 25.94
N ARG B 497 26.90 35.42 26.61
CA ARG B 497 26.59 34.46 27.66
C ARG B 497 25.38 33.64 27.24
N VAL B 498 25.52 32.32 27.29
CA VAL B 498 24.49 31.42 26.80
C VAL B 498 23.96 30.59 27.95
N VAL B 499 22.71 30.17 27.83
CA VAL B 499 22.08 29.24 28.75
C VAL B 499 21.33 28.21 27.93
N VAL B 500 21.63 26.94 28.17
CA VAL B 500 21.00 25.83 27.45
C VAL B 500 20.19 25.02 28.43
N LEU B 501 18.93 24.77 28.09
CA LEU B 501 18.04 23.96 28.91
C LEU B 501 17.96 22.54 28.37
N SER B 502 17.58 21.62 29.24
CA SER B 502 17.45 20.23 28.83
C SER B 502 16.39 19.57 29.69
N PHE B 503 15.55 18.76 29.06
CA PHE B 503 14.48 18.10 29.78
C PHE B 503 14.01 16.88 29.03
N GLU B 504 13.67 15.83 29.78
CA GLU B 504 13.13 14.61 29.20
C GLU B 504 11.61 14.73 29.17
N LEU B 505 10.93 13.64 28.82
CA LEU B 505 9.55 13.80 28.37
C LEU B 505 8.55 12.99 29.18
N LEU B 506 8.58 13.14 30.50
CA LEU B 506 7.50 12.70 31.39
C LEU B 506 7.39 11.19 31.44
N HIS B 507 8.52 10.50 31.44
CA HIS B 507 8.49 9.07 31.69
C HIS B 507 8.47 8.79 33.19
N ALA B 508 9.23 9.57 33.95
CA ALA B 508 9.05 9.68 35.39
C ALA B 508 7.80 10.49 35.66
N PRO B 509 7.28 10.47 36.90
CA PRO B 509 6.09 11.27 37.19
C PRO B 509 6.40 12.74 37.03
N ALA B 510 5.54 13.46 36.33
CA ALA B 510 5.81 14.86 36.00
C ALA B 510 5.98 15.68 37.27
N THR B 511 6.97 16.56 37.27
CA THR B 511 7.23 17.42 38.40
C THR B 511 7.47 18.87 38.05
N VAL B 512 7.85 19.19 36.82
CA VAL B 512 7.98 20.57 36.39
C VAL B 512 6.91 20.84 35.36
N CYS B 513 5.75 21.31 35.82
CA CYS B 513 4.57 21.45 34.98
C CYS B 513 4.30 22.91 34.67
N GLY B 514 3.55 23.12 33.62
CA GLY B 514 3.11 24.46 33.27
C GLY B 514 1.93 24.88 34.11
N PRO B 515 1.51 26.12 33.94
CA PRO B 515 0.36 26.64 34.69
C PRO B 515 -0.96 26.23 34.05
N LYS B 516 -1.72 25.38 34.74
CA LYS B 516 -3.05 25.03 34.31
C LYS B 516 -3.90 24.66 35.52
N LYS B 517 -5.21 24.73 35.32
CA LYS B 517 -6.18 24.48 36.38
C LYS B 517 -6.84 23.13 36.17
N SER B 518 -6.83 22.31 37.22
CA SER B 518 -7.39 20.97 37.14
C SER B 518 -8.87 21.03 37.47
N THR B 519 -9.69 20.52 36.58
CA THR B 519 -11.12 20.36 36.85
C THR B 519 -11.33 19.10 37.67
N ASN B 520 -12.57 18.63 37.74
CA ASN B 520 -12.90 17.40 38.43
C ASN B 520 -13.12 16.28 37.43
N LEU B 521 -12.56 15.11 37.73
CA LEU B 521 -12.69 13.98 36.81
C LEU B 521 -14.12 13.46 36.80
N VAL B 522 -14.55 13.00 35.62
CA VAL B 522 -15.89 12.48 35.40
C VAL B 522 -15.76 11.17 34.64
N LYS B 523 -16.65 10.22 34.94
CA LYS B 523 -16.46 8.84 34.54
C LYS B 523 -17.68 8.30 33.81
N ASN B 524 -17.45 7.21 33.06
CA ASN B 524 -18.49 6.51 32.31
C ASN B 524 -19.18 7.39 31.28
N LYS B 525 -18.45 8.35 30.71
CA LYS B 525 -19.00 9.19 29.65
C LYS B 525 -17.90 9.55 28.67
N CYS B 526 -18.28 9.73 27.41
CA CYS B 526 -17.34 10.20 26.39
C CYS B 526 -16.93 11.63 26.69
N VAL B 527 -15.67 11.83 27.06
CA VAL B 527 -15.12 13.14 27.37
C VAL B 527 -13.77 13.30 26.68
N ASN B 528 -13.34 14.55 26.54
CA ASN B 528 -11.99 14.84 26.11
C ASN B 528 -11.13 15.03 27.36
N PHE B 529 -10.16 14.15 27.54
CA PHE B 529 -9.33 14.18 28.71
C PHE B 529 -7.96 14.74 28.38
N ASN B 530 -7.29 15.27 29.41
CA ASN B 530 -5.93 15.79 29.29
C ASN B 530 -5.22 15.38 30.57
N PHE B 531 -4.68 14.17 30.59
CA PHE B 531 -3.97 13.65 31.75
C PHE B 531 -2.51 14.00 31.61
N ASN B 532 -2.12 15.12 32.22
CA ASN B 532 -0.72 15.46 32.41
C ASN B 532 0.00 15.77 31.11
N GLY B 533 -0.67 15.69 29.96
CA GLY B 533 -0.02 15.94 28.69
C GLY B 533 -0.53 15.01 27.61
N LEU B 534 -1.14 13.90 28.02
CA LEU B 534 -1.85 13.03 27.10
C LEU B 534 -3.22 13.61 26.79
N LYS B 535 -3.55 13.71 25.52
CA LYS B 535 -4.90 14.08 25.13
C LYS B 535 -5.56 12.94 24.38
N GLY B 536 -6.88 12.92 24.43
CA GLY B 536 -7.63 11.93 23.69
C GLY B 536 -9.10 12.06 23.97
N THR B 537 -9.85 11.09 23.48
CA THR B 537 -11.27 10.98 23.76
C THR B 537 -11.59 9.54 24.10
N GLY B 538 -12.43 9.32 25.09
CA GLY B 538 -12.75 7.97 25.47
C GLY B 538 -13.66 7.92 26.67
N VAL B 539 -13.68 6.77 27.32
CA VAL B 539 -14.49 6.51 28.49
C VAL B 539 -13.56 6.00 29.59
N LEU B 540 -13.64 6.61 30.77
CA LEU B 540 -12.76 6.26 31.89
C LEU B 540 -13.55 5.50 32.93
N THR B 541 -13.04 4.34 33.33
CA THR B 541 -13.62 3.55 34.40
C THR B 541 -12.51 3.04 35.33
N GLU B 542 -12.91 2.22 36.29
CA GLU B 542 -11.96 1.60 37.21
C GLU B 542 -11.12 0.55 36.53
N SER B 543 -10.01 0.19 37.17
CA SER B 543 -9.08 -0.79 36.66
C SER B 543 -8.79 -1.85 37.71
N ASN B 544 -8.74 -3.10 37.27
CA ASN B 544 -8.29 -4.18 38.13
C ASN B 544 -6.79 -4.41 38.04
N LYS B 545 -6.09 -3.59 37.26
CA LYS B 545 -4.67 -3.73 37.07
C LYS B 545 -3.92 -3.32 38.33
N LYS B 546 -2.60 -3.30 38.25
CA LYS B 546 -1.77 -2.89 39.37
C LYS B 546 -0.41 -2.47 38.84
N PHE B 547 0.05 -1.31 39.29
CA PHE B 547 1.28 -0.72 38.81
C PHE B 547 2.32 -0.80 39.92
N LEU B 548 3.58 -0.98 39.55
CA LEU B 548 4.62 -0.84 40.54
C LEU B 548 4.74 0.63 40.92
N PRO B 549 5.11 0.91 42.15
CA PRO B 549 5.18 2.31 42.61
C PRO B 549 5.99 3.21 41.70
N PHE B 550 6.83 2.64 40.86
CA PHE B 550 7.56 3.42 39.86
C PHE B 550 6.92 3.35 38.48
N GLN B 551 5.70 2.85 38.38
CA GLN B 551 5.03 2.60 37.12
C GLN B 551 3.88 3.57 36.98
N GLN B 552 3.71 4.17 35.80
CA GLN B 552 2.69 5.19 35.61
C GLN B 552 1.70 4.86 34.51
N PHE B 553 2.18 4.46 33.35
CA PHE B 553 1.37 4.31 32.16
C PHE B 553 1.07 2.86 31.91
N GLY B 554 0.47 2.60 30.77
CA GLY B 554 0.25 1.24 30.30
C GLY B 554 0.05 1.30 28.81
N ARG B 555 0.18 0.15 28.18
CA ARG B 555 0.06 0.09 26.73
C ARG B 555 -0.64 -1.20 26.34
N ASP B 556 -0.87 -1.34 25.05
CA ASP B 556 -1.44 -2.57 24.52
C ASP B 556 -0.59 -3.02 23.35
N ILE B 557 -1.09 -4.02 22.61
CA ILE B 557 -0.30 -4.61 21.53
C ILE B 557 0.13 -3.53 20.53
N ALA B 558 -0.79 -2.67 20.13
CA ALA B 558 -0.52 -1.66 19.13
C ALA B 558 0.01 -0.36 19.72
N ASP B 559 0.54 -0.40 20.95
CA ASP B 559 1.30 0.70 21.55
C ASP B 559 0.39 1.86 21.98
N THR B 560 -0.89 1.80 21.67
CA THR B 560 -1.79 2.81 22.19
C THR B 560 -1.92 2.69 23.71
N THR B 561 -2.11 3.82 24.37
CA THR B 561 -2.30 3.82 25.81
C THR B 561 -3.64 3.24 26.19
N ASP B 562 -3.69 2.44 27.25
CA ASP B 562 -4.95 1.92 27.73
C ASP B 562 -5.14 2.04 29.23
N ALA B 563 -4.13 2.45 29.98
CA ALA B 563 -4.29 2.68 31.41
C ALA B 563 -3.50 3.90 31.79
N VAL B 564 -3.91 4.54 32.88
CA VAL B 564 -3.30 5.81 33.29
C VAL B 564 -3.50 5.97 34.79
N ARG B 565 -2.55 6.63 35.43
CA ARG B 565 -2.58 6.88 36.86
C ARG B 565 -2.90 8.34 37.12
N ASP B 566 -3.91 8.60 37.92
CA ASP B 566 -4.40 9.95 38.11
C ASP B 566 -3.46 10.72 39.04
N PRO B 567 -2.99 11.90 38.65
CA PRO B 567 -2.01 12.60 39.48
C PRO B 567 -2.48 12.97 40.88
N GLN B 568 -3.61 13.67 41.02
CA GLN B 568 -4.02 14.12 42.35
C GLN B 568 -4.26 12.94 43.28
N THR B 569 -5.25 12.12 42.96
CA THR B 569 -5.51 10.92 43.73
C THR B 569 -4.91 9.72 43.00
N LEU B 570 -4.07 8.98 43.70
CA LEU B 570 -3.34 7.88 43.09
C LEU B 570 -4.31 6.77 42.76
N GLU B 571 -4.57 6.56 41.47
CA GLU B 571 -5.56 5.59 41.04
C GLU B 571 -5.36 5.30 39.55
N ILE B 572 -5.57 4.05 39.16
CA ILE B 572 -5.38 3.61 37.80
C ILE B 572 -6.73 3.57 37.10
N LEU B 573 -6.79 4.12 35.90
CA LEU B 573 -8.02 4.23 35.14
C LEU B 573 -7.85 3.51 33.80
N ASP B 574 -8.94 3.37 33.06
CA ASP B 574 -8.94 2.75 31.74
C ASP B 574 -9.42 3.74 30.69
N ILE B 575 -8.81 3.68 29.52
CA ILE B 575 -9.23 4.47 28.38
C ILE B 575 -9.82 3.53 27.35
N THR B 576 -11.07 3.78 26.96
CA THR B 576 -11.77 2.96 26.00
C THR B 576 -12.48 3.87 25.01
N PRO B 577 -12.29 3.67 23.71
CA PRO B 577 -12.88 4.59 22.72
C PRO B 577 -14.40 4.50 22.74
N CYS B 578 -15.03 5.62 22.39
CA CYS B 578 -16.47 5.69 22.39
C CYS B 578 -17.05 4.96 21.18
N SER B 579 -18.29 4.49 21.34
CA SER B 579 -18.85 3.50 20.45
C SER B 579 -18.95 4.00 19.01
N PHE B 580 -18.74 3.09 18.07
CA PHE B 580 -18.79 3.42 16.65
C PHE B 580 -19.08 2.16 15.86
N GLY B 581 -19.53 2.36 14.62
CA GLY B 581 -19.89 1.25 13.77
C GLY B 581 -20.30 1.75 12.40
N GLY B 582 -20.62 0.80 11.52
CA GLY B 582 -20.93 1.10 10.14
C GLY B 582 -22.42 1.13 9.87
N VAL B 583 -22.76 1.66 8.69
CA VAL B 583 -24.15 1.87 8.29
C VAL B 583 -24.29 1.48 6.83
N SER B 584 -25.45 0.92 6.49
CA SER B 584 -25.74 0.47 5.13
C SER B 584 -27.19 0.78 4.81
N VAL B 585 -27.46 1.19 3.57
CA VAL B 585 -28.77 1.70 3.18
C VAL B 585 -29.37 0.79 2.13
N ILE B 586 -30.59 0.29 2.39
CA ILE B 586 -31.29 -0.61 1.48
C ILE B 586 -32.30 0.19 0.66
N THR B 587 -32.13 0.19 -0.66
CA THR B 587 -33.05 0.92 -1.51
C THR B 587 -33.50 0.06 -2.68
N PRO B 588 -34.72 0.25 -3.15
CA PRO B 588 -35.19 -0.41 -4.38
C PRO B 588 -34.81 0.29 -5.66
N GLY B 589 -33.99 1.34 -5.60
CA GLY B 589 -33.71 2.12 -6.79
C GLY B 589 -34.63 3.31 -6.85
N THR B 590 -34.08 4.49 -7.12
CA THR B 590 -34.88 5.71 -7.07
C THR B 590 -35.99 5.70 -8.11
N ASN B 591 -35.82 4.91 -9.16
CA ASN B 591 -36.82 4.80 -10.21
C ASN B 591 -38.11 4.16 -9.74
N THR B 592 -38.11 3.46 -8.61
CA THR B 592 -39.33 2.84 -8.13
C THR B 592 -39.92 3.57 -6.94
N SER B 593 -39.13 3.80 -5.89
CA SER B 593 -39.63 4.52 -4.73
C SER B 593 -38.47 5.25 -4.07
N ASN B 594 -38.77 5.92 -2.96
CA ASN B 594 -37.76 6.65 -2.21
C ASN B 594 -37.64 6.20 -0.77
N GLN B 595 -38.42 5.22 -0.34
CA GLN B 595 -38.28 4.70 1.01
C GLN B 595 -37.00 3.89 1.11
N VAL B 596 -36.31 4.03 2.24
CA VAL B 596 -35.09 3.29 2.48
C VAL B 596 -35.19 2.62 3.84
N ALA B 597 -34.43 1.55 4.00
CA ALA B 597 -34.19 0.94 5.28
C ALA B 597 -32.72 1.05 5.63
N VAL B 598 -32.42 1.06 6.91
CA VAL B 598 -31.07 1.30 7.42
C VAL B 598 -30.66 0.13 8.29
N LEU B 599 -29.48 -0.43 8.03
CA LEU B 599 -28.93 -1.48 8.87
C LEU B 599 -27.69 -0.98 9.58
N TYR B 600 -27.67 -1.12 10.90
CA TYR B 600 -26.54 -0.76 11.73
C TYR B 600 -25.75 -2.02 12.02
N GLN B 601 -24.46 -2.00 11.70
CA GLN B 601 -23.68 -3.23 11.67
C GLN B 601 -23.14 -3.59 13.04
N GLY B 602 -23.44 -4.80 13.49
CA GLY B 602 -22.85 -5.32 14.70
C GLY B 602 -23.16 -4.54 15.95
N VAL B 603 -24.40 -4.07 16.10
CA VAL B 603 -24.87 -3.49 17.33
C VAL B 603 -26.10 -4.25 17.77
N ASN B 604 -26.67 -3.82 18.87
CA ASN B 604 -27.75 -4.53 19.51
C ASN B 604 -28.98 -3.63 19.56
N CYS B 605 -30.11 -4.16 19.08
CA CYS B 605 -31.29 -3.33 18.87
C CYS B 605 -31.81 -2.78 20.18
N THR B 606 -31.64 -3.54 21.27
CA THR B 606 -32.18 -3.16 22.58
C THR B 606 -31.75 -1.75 22.97
N GLU B 607 -30.47 -1.57 23.24
CA GLU B 607 -29.95 -0.23 23.29
C GLU B 607 -30.16 0.41 21.93
N VAL B 608 -30.70 1.62 21.90
CA VAL B 608 -30.95 2.25 20.62
C VAL B 608 -29.59 2.69 20.09
N PRO B 609 -29.17 2.15 18.94
CA PRO B 609 -27.79 2.42 18.50
C PRO B 609 -27.56 3.88 18.26
N VAL B 610 -28.54 4.55 17.66
CA VAL B 610 -28.39 5.96 17.35
C VAL B 610 -28.34 6.78 18.62
N ALA B 611 -29.09 6.39 19.65
CA ALA B 611 -29.22 7.20 20.86
C ALA B 611 -29.59 8.64 20.48
N ILE B 612 -30.78 8.75 19.89
CA ILE B 612 -31.23 9.91 19.13
C ILE B 612 -30.72 11.22 19.70
N HIS B 613 -30.89 11.40 21.00
CA HIS B 613 -30.49 12.66 21.63
C HIS B 613 -28.97 12.85 21.60
N ALA B 614 -28.22 11.77 21.77
CA ALA B 614 -26.78 11.88 21.89
C ALA B 614 -26.17 12.46 20.61
N ASP B 615 -25.29 13.45 20.77
CA ASP B 615 -24.64 14.03 19.61
C ASP B 615 -23.79 12.99 18.90
N GLN B 616 -23.93 12.93 17.58
CA GLN B 616 -23.11 12.05 16.77
C GLN B 616 -23.14 12.53 15.33
N LEU B 617 -22.19 12.04 14.55
CA LEU B 617 -22.25 12.28 13.13
C LEU B 617 -23.35 11.41 12.53
N THR B 618 -23.64 11.67 11.26
CA THR B 618 -24.94 11.36 10.65
C THR B 618 -26.00 12.08 11.46
N PRO B 619 -25.98 13.41 11.51
CA PRO B 619 -26.77 14.14 12.51
C PRO B 619 -28.25 14.27 12.19
N THR B 620 -28.58 14.66 10.96
CA THR B 620 -29.96 14.97 10.63
C THR B 620 -30.83 13.72 10.69
N TRP B 621 -30.23 12.56 10.48
CA TRP B 621 -30.96 11.31 10.53
C TRP B 621 -31.66 11.09 11.85
N ARG B 622 -32.97 11.11 11.87
CA ARG B 622 -33.73 10.69 13.04
C ARG B 622 -34.75 9.70 12.53
N VAL B 623 -34.32 8.45 12.37
CA VAL B 623 -35.24 7.37 12.07
C VAL B 623 -35.87 6.94 13.39
N TYR B 624 -37.00 7.55 13.71
CA TYR B 624 -37.66 7.28 14.98
C TYR B 624 -38.17 5.85 14.99
N SER B 625 -37.74 5.08 15.98
CA SER B 625 -38.12 3.68 16.08
C SER B 625 -39.60 3.54 16.42
N THR B 626 -40.25 2.58 15.79
CA THR B 626 -41.60 2.21 16.19
C THR B 626 -41.67 0.71 16.39
N GLY B 627 -42.89 0.18 16.55
CA GLY B 627 -43.02 -1.26 16.76
C GLY B 627 -42.61 -2.09 15.57
N SER B 628 -43.02 -1.68 14.37
CA SER B 628 -42.75 -2.48 13.18
C SER B 628 -41.30 -2.38 12.74
N ASN B 629 -40.70 -1.21 12.88
CA ASN B 629 -39.39 -0.98 12.27
C ASN B 629 -38.32 -1.88 12.86
N VAL B 630 -38.17 -1.88 14.18
CA VAL B 630 -37.00 -2.52 14.78
C VAL B 630 -37.10 -4.02 14.62
N PHE B 631 -36.00 -4.64 14.20
CA PHE B 631 -35.88 -6.08 14.09
C PHE B 631 -34.41 -6.43 14.12
N GLN B 632 -34.00 -7.30 15.03
CA GLN B 632 -32.59 -7.62 15.17
C GLN B 632 -32.27 -8.93 14.48
N THR B 633 -31.28 -8.89 13.62
CA THR B 633 -30.73 -10.03 12.92
C THR B 633 -29.38 -10.37 13.52
N ARG B 634 -28.68 -11.30 12.90
CA ARG B 634 -27.31 -11.57 13.33
C ARG B 634 -26.36 -10.48 12.87
N ALA B 635 -26.58 -9.93 11.68
CA ALA B 635 -25.69 -8.90 11.17
C ALA B 635 -25.78 -7.63 11.99
N GLY B 636 -26.97 -7.25 12.44
CA GLY B 636 -27.11 -6.07 13.27
C GLY B 636 -28.56 -5.68 13.39
N CYS B 637 -28.78 -4.43 13.79
CA CYS B 637 -30.11 -3.87 13.93
C CYS B 637 -30.59 -3.36 12.58
N LEU B 638 -31.82 -3.71 12.21
CA LEU B 638 -32.39 -3.33 10.91
C LEU B 638 -33.65 -2.52 11.17
N ILE B 639 -33.58 -1.21 10.93
CA ILE B 639 -34.64 -0.29 11.26
C ILE B 639 -35.29 0.20 9.98
N GLY B 640 -36.57 -0.05 9.82
CA GLY B 640 -37.26 0.50 8.68
C GLY B 640 -38.03 -0.50 7.84
N ALA B 641 -38.14 -1.73 8.34
CA ALA B 641 -38.75 -2.82 7.59
C ALA B 641 -39.45 -3.75 8.56
N GLU B 642 -40.44 -4.48 8.05
CA GLU B 642 -41.22 -5.38 8.87
C GLU B 642 -40.97 -6.82 8.47
N TYR B 643 -40.91 -7.70 9.46
CA TYR B 643 -40.56 -9.10 9.26
C TYR B 643 -41.82 -9.91 9.00
N VAL B 644 -42.10 -10.19 7.72
CA VAL B 644 -43.17 -11.11 7.37
C VAL B 644 -42.72 -12.52 7.71
N ASN B 645 -43.64 -13.48 7.65
CA ASN B 645 -43.36 -14.84 8.10
C ASN B 645 -43.48 -15.86 6.97
N ASN B 646 -43.44 -15.42 5.72
CA ASN B 646 -43.42 -16.32 4.59
C ASN B 646 -41.97 -16.58 4.17
N SER B 647 -41.79 -17.11 2.97
CA SER B 647 -40.46 -17.35 2.42
C SER B 647 -40.50 -17.09 0.92
N TYR B 648 -39.46 -16.45 0.41
CA TYR B 648 -39.37 -16.10 -0.99
C TYR B 648 -37.93 -16.32 -1.45
N GLU B 649 -37.68 -16.11 -2.74
CA GLU B 649 -36.31 -16.08 -3.21
C GLU B 649 -35.62 -14.80 -2.79
N CYS B 650 -34.30 -14.84 -2.69
CA CYS B 650 -33.57 -13.63 -2.31
C CYS B 650 -33.69 -12.53 -3.35
N ASP B 651 -33.83 -11.30 -2.87
CA ASP B 651 -33.86 -10.12 -3.71
C ASP B 651 -32.71 -9.17 -3.42
N ILE B 652 -32.60 -8.67 -2.19
CA ILE B 652 -31.49 -7.80 -1.80
C ILE B 652 -30.83 -8.42 -0.56
N PRO B 653 -29.68 -9.07 -0.68
CA PRO B 653 -29.13 -9.82 0.44
C PRO B 653 -28.75 -8.94 1.61
N ILE B 654 -28.91 -9.46 2.82
CA ILE B 654 -28.57 -8.73 4.03
C ILE B 654 -27.58 -9.49 4.89
N GLY B 655 -27.75 -10.78 5.06
CA GLY B 655 -26.78 -11.59 5.76
C GLY B 655 -27.45 -12.53 6.72
N ALA B 656 -26.73 -13.58 7.09
CA ALA B 656 -27.16 -14.58 8.05
C ALA B 656 -28.45 -15.27 7.64
N GLY B 657 -28.80 -15.27 6.36
CA GLY B 657 -29.97 -15.95 5.88
C GLY B 657 -31.21 -15.11 5.73
N ILE B 658 -31.11 -13.80 5.83
CA ILE B 658 -32.26 -12.90 5.75
C ILE B 658 -32.08 -12.02 4.53
N CYS B 659 -33.13 -11.86 3.74
CA CYS B 659 -33.08 -11.05 2.54
C CYS B 659 -34.06 -9.89 2.72
N ALA B 660 -34.27 -9.09 1.67
CA ALA B 660 -35.27 -8.02 1.74
C ALA B 660 -35.81 -7.73 0.35
N SER B 661 -36.99 -7.12 0.30
CA SER B 661 -37.59 -6.79 -0.99
C SER B 661 -38.73 -5.79 -0.81
N TYR B 662 -39.19 -5.25 -1.94
CA TYR B 662 -40.22 -4.22 -2.02
C TYR B 662 -41.48 -4.84 -2.59
N GLN B 663 -42.49 -5.05 -1.75
CA GLN B 663 -43.68 -5.73 -2.19
C GLN B 663 -44.87 -5.30 -1.37
N THR B 664 -46.06 -5.59 -1.88
CA THR B 664 -47.30 -5.29 -1.20
C THR B 664 -47.51 -6.19 0.00
N SER B 677 -49.90 -0.34 1.61
CA SER B 677 -49.68 -0.86 0.26
C SER B 677 -48.25 -1.32 0.12
N GLN B 678 -47.53 -0.75 -0.86
CA GLN B 678 -46.14 -1.11 -1.08
C GLN B 678 -45.30 -0.71 0.12
N SER B 679 -44.37 -1.58 0.49
CA SER B 679 -43.50 -1.33 1.62
C SER B 679 -42.22 -2.14 1.43
N ILE B 680 -41.46 -2.29 2.52
CA ILE B 680 -40.26 -3.10 2.52
C ILE B 680 -40.42 -4.17 3.57
N ILE B 681 -40.16 -5.42 3.19
CA ILE B 681 -40.36 -6.56 4.06
C ILE B 681 -39.09 -7.38 4.09
N ALA B 682 -38.85 -8.03 5.21
CA ALA B 682 -37.63 -8.81 5.41
C ALA B 682 -38.03 -10.21 5.84
N TYR B 683 -37.59 -11.20 5.09
CA TYR B 683 -38.02 -12.56 5.32
C TYR B 683 -36.83 -13.49 5.49
N THR B 684 -37.08 -14.79 5.46
CA THR B 684 -36.01 -15.78 5.48
C THR B 684 -36.10 -16.57 4.18
N MET B 685 -35.01 -16.55 3.41
CA MET B 685 -35.07 -17.02 2.03
C MET B 685 -35.34 -18.52 1.97
N SER B 686 -36.08 -18.93 0.95
CA SER B 686 -36.41 -20.33 0.73
C SER B 686 -35.33 -20.97 -0.12
N LEU B 687 -34.88 -22.16 0.28
CA LEU B 687 -33.83 -22.83 -0.49
C LEU B 687 -34.37 -23.36 -1.81
N GLY B 688 -35.65 -23.62 -1.88
CA GLY B 688 -36.24 -24.13 -3.10
C GLY B 688 -37.56 -24.80 -2.79
N ALA B 689 -38.15 -25.36 -3.83
CA ALA B 689 -39.41 -26.05 -3.68
C ALA B 689 -39.24 -27.27 -2.77
N GLU B 690 -40.35 -27.85 -2.38
CA GLU B 690 -40.35 -29.01 -1.51
C GLU B 690 -40.81 -30.23 -2.29
N ASN B 691 -40.14 -31.35 -2.08
CA ASN B 691 -40.42 -32.54 -2.87
C ASN B 691 -39.97 -33.78 -2.12
N SER B 692 -40.54 -34.91 -2.50
CA SER B 692 -40.11 -36.21 -2.03
C SER B 692 -40.54 -37.22 -3.06
N VAL B 693 -39.70 -38.22 -3.29
CA VAL B 693 -39.93 -39.19 -4.35
C VAL B 693 -39.98 -40.58 -3.74
N ALA B 694 -40.87 -41.41 -4.28
CA ALA B 694 -41.13 -42.72 -3.71
C ALA B 694 -39.91 -43.63 -3.84
N TYR B 695 -39.99 -44.76 -3.16
CA TYR B 695 -38.93 -45.75 -3.25
C TYR B 695 -39.46 -47.07 -2.73
N SER B 696 -39.27 -48.15 -3.49
CA SER B 696 -39.65 -49.47 -3.04
C SER B 696 -38.78 -50.51 -3.71
N ASN B 697 -38.80 -51.71 -3.14
CA ASN B 697 -37.92 -52.76 -3.60
C ASN B 697 -38.13 -53.08 -5.08
N ASN B 698 -39.35 -53.00 -5.56
CA ASN B 698 -39.67 -53.34 -6.93
C ASN B 698 -40.55 -52.25 -7.55
N SER B 699 -39.91 -51.20 -8.04
CA SER B 699 -40.61 -50.16 -8.75
C SER B 699 -39.61 -49.36 -9.56
N ILE B 700 -40.09 -48.73 -10.63
CA ILE B 700 -39.23 -48.03 -11.56
C ILE B 700 -40.11 -47.14 -12.40
N ALA B 701 -39.57 -46.02 -12.84
CA ALA B 701 -40.30 -45.04 -13.61
C ALA B 701 -39.56 -44.71 -14.89
N ILE B 702 -40.25 -44.81 -16.02
CA ILE B 702 -39.59 -44.71 -17.31
C ILE B 702 -40.27 -43.66 -18.18
N PRO B 703 -39.54 -42.81 -18.88
CA PRO B 703 -40.17 -41.76 -19.68
C PRO B 703 -40.84 -42.30 -20.92
N THR B 704 -41.77 -41.51 -21.46
CA THR B 704 -42.44 -41.82 -22.70
C THR B 704 -42.39 -40.71 -23.74
N ASN B 705 -41.79 -39.58 -23.42
CA ASN B 705 -41.64 -38.47 -24.35
C ASN B 705 -40.40 -37.69 -23.97
N PHE B 706 -39.99 -36.79 -24.85
CA PHE B 706 -38.78 -36.01 -24.66
C PHE B 706 -39.06 -34.55 -25.00
N THR B 707 -38.10 -33.68 -24.70
CA THR B 707 -38.14 -32.30 -25.17
C THR B 707 -36.74 -31.85 -25.57
N ILE B 708 -36.66 -31.14 -26.68
CA ILE B 708 -35.41 -30.56 -27.17
C ILE B 708 -35.36 -29.13 -26.68
N SER B 709 -34.27 -28.74 -26.04
CA SER B 709 -34.18 -27.44 -25.44
C SER B 709 -32.82 -26.82 -25.72
N VAL B 710 -32.81 -25.50 -25.91
CA VAL B 710 -31.60 -24.75 -26.22
C VAL B 710 -31.38 -23.71 -25.15
N THR B 711 -30.18 -23.66 -24.61
CA THR B 711 -29.80 -22.65 -23.63
C THR B 711 -28.67 -21.80 -24.20
N THR B 712 -28.20 -20.85 -23.41
CA THR B 712 -27.07 -20.02 -23.83
C THR B 712 -25.99 -20.06 -22.76
N GLU B 713 -24.90 -19.35 -23.03
CA GLU B 713 -23.75 -19.27 -22.14
C GLU B 713 -22.77 -18.21 -22.60
N ILE B 714 -22.39 -17.30 -21.70
CA ILE B 714 -21.59 -16.14 -22.05
C ILE B 714 -20.28 -16.21 -21.28
N LEU B 715 -19.17 -16.07 -21.99
CA LEU B 715 -17.83 -16.06 -21.40
C LEU B 715 -17.02 -14.92 -22.00
N PRO B 716 -16.22 -14.21 -21.21
CA PRO B 716 -15.31 -13.22 -21.77
C PRO B 716 -13.98 -13.81 -22.21
N VAL B 717 -13.41 -13.19 -23.24
CA VAL B 717 -12.16 -13.65 -23.84
C VAL B 717 -11.04 -12.63 -23.65
N SER B 718 -11.31 -11.36 -23.95
CA SER B 718 -10.25 -10.37 -23.99
C SER B 718 -10.72 -9.07 -23.37
N MET B 719 -9.76 -8.20 -23.07
CA MET B 719 -10.07 -6.86 -22.57
C MET B 719 -9.37 -5.80 -23.41
N THR B 720 -9.34 -4.57 -22.93
CA THR B 720 -8.84 -3.45 -23.71
C THR B 720 -7.34 -3.30 -23.56
N LYS B 721 -6.63 -3.27 -24.69
CA LYS B 721 -5.22 -2.95 -24.65
C LYS B 721 -5.08 -1.45 -24.39
N THR B 722 -4.19 -1.08 -23.48
CA THR B 722 -3.98 0.30 -23.13
C THR B 722 -2.50 0.62 -23.16
N SER B 723 -2.17 1.86 -22.84
CA SER B 723 -0.80 2.30 -22.77
C SER B 723 -0.76 3.63 -22.03
N VAL B 724 0.35 3.88 -21.35
CA VAL B 724 0.51 5.06 -20.52
C VAL B 724 1.91 5.60 -20.72
N ASP B 725 2.07 6.89 -20.51
CA ASP B 725 3.34 7.59 -20.72
C ASP B 725 3.65 8.40 -19.48
N CYS B 726 4.67 7.99 -18.72
CA CYS B 726 4.90 8.59 -17.41
C CYS B 726 5.15 10.07 -17.49
N THR B 727 6.05 10.49 -18.36
CA THR B 727 6.46 11.89 -18.31
C THR B 727 5.26 12.80 -18.50
N MET B 728 4.47 12.53 -19.53
CA MET B 728 3.28 13.32 -19.77
C MET B 728 2.29 13.21 -18.63
N TYR B 729 2.05 12.01 -18.11
CA TYR B 729 1.05 11.90 -17.04
C TYR B 729 1.51 12.63 -15.80
N ILE B 730 2.71 12.32 -15.32
CA ILE B 730 3.19 12.85 -14.05
C ILE B 730 3.36 14.36 -14.13
N CYS B 731 3.98 14.84 -15.21
CA CYS B 731 4.11 16.29 -15.37
C CYS B 731 4.28 16.64 -16.83
N GLY B 732 3.25 17.22 -17.42
CA GLY B 732 3.30 17.62 -18.81
C GLY B 732 3.73 19.07 -18.89
N ASP B 733 4.71 19.34 -19.75
CA ASP B 733 5.18 20.70 -20.01
C ASP B 733 5.83 21.31 -18.78
N SER B 734 6.72 20.56 -18.14
CA SER B 734 7.52 21.07 -17.03
C SER B 734 8.91 20.46 -17.13
N THR B 735 9.80 21.19 -17.80
CA THR B 735 11.14 20.68 -18.05
C THR B 735 11.85 20.38 -16.74
N GLU B 736 11.75 21.28 -15.77
CA GLU B 736 12.40 21.07 -14.50
C GLU B 736 11.90 19.80 -13.83
N CYS B 737 10.57 19.59 -13.83
CA CYS B 737 10.04 18.35 -13.30
C CYS B 737 10.61 17.14 -14.02
N SER B 738 10.83 17.27 -15.33
CA SER B 738 11.44 16.15 -16.04
C SER B 738 12.82 15.83 -15.48
N ASN B 739 13.62 16.87 -15.23
CA ASN B 739 14.94 16.60 -14.66
C ASN B 739 14.85 16.03 -13.25
N LEU B 740 13.97 16.56 -12.41
CA LEU B 740 13.86 15.94 -11.09
C LEU B 740 13.30 14.53 -11.16
N LEU B 741 12.59 14.19 -12.23
CA LEU B 741 12.11 12.83 -12.38
C LEU B 741 13.22 11.90 -12.82
N LEU B 742 14.17 12.42 -13.60
CA LEU B 742 15.26 11.57 -14.09
C LEU B 742 16.03 10.87 -12.98
N GLN B 743 15.82 11.23 -11.72
CA GLN B 743 16.60 10.70 -10.60
C GLN B 743 15.84 9.63 -9.84
N TYR B 744 15.05 8.80 -10.51
CA TYR B 744 14.26 7.81 -9.81
C TYR B 744 14.54 6.39 -10.25
N GLY B 745 14.64 6.13 -11.53
CA GLY B 745 15.10 4.81 -11.90
C GLY B 745 14.31 4.26 -13.07
N SER B 746 14.11 2.95 -13.03
CA SER B 746 13.57 2.19 -14.14
C SER B 746 12.06 2.02 -14.06
N PHE B 747 11.37 2.97 -13.43
CA PHE B 747 9.95 2.77 -13.17
C PHE B 747 9.14 2.76 -14.46
N CYS B 748 9.38 3.71 -15.35
CA CYS B 748 8.65 3.66 -16.62
C CYS B 748 9.07 2.51 -17.50
N THR B 749 10.32 2.09 -17.46
CA THR B 749 10.66 0.88 -18.19
C THR B 749 9.80 -0.28 -17.71
N GLN B 750 9.68 -0.42 -16.39
CA GLN B 750 8.88 -1.50 -15.83
C GLN B 750 7.42 -1.39 -16.24
N LEU B 751 6.87 -0.18 -16.19
CA LEU B 751 5.47 0.00 -16.51
C LEU B 751 5.19 -0.35 -17.97
N LYS B 752 6.07 0.10 -18.87
CA LYS B 752 5.88 -0.24 -20.28
C LYS B 752 5.97 -1.75 -20.49
N ARG B 753 6.93 -2.41 -19.85
CA ARG B 753 7.01 -3.86 -20.02
C ARG B 753 5.76 -4.56 -19.54
N ALA B 754 5.23 -4.17 -18.38
CA ALA B 754 4.04 -4.84 -17.87
C ALA B 754 2.87 -4.66 -18.83
N LEU B 755 2.61 -3.43 -19.25
CA LEU B 755 1.47 -3.21 -20.11
C LEU B 755 1.64 -3.87 -21.47
N THR B 756 2.88 -3.94 -21.99
CA THR B 756 3.08 -4.64 -23.25
C THR B 756 2.78 -6.11 -23.12
N GLY B 757 3.20 -6.71 -22.00
CA GLY B 757 2.87 -8.11 -21.79
C GLY B 757 1.39 -8.37 -21.83
N ILE B 758 0.61 -7.52 -21.15
CA ILE B 758 -0.84 -7.72 -21.16
C ILE B 758 -1.38 -7.56 -22.59
N ALA B 759 -0.89 -6.55 -23.30
CA ALA B 759 -1.41 -6.27 -24.63
C ALA B 759 -1.21 -7.46 -25.56
N VAL B 760 -0.03 -8.07 -25.53
CA VAL B 760 0.21 -9.25 -26.36
C VAL B 760 -0.68 -10.41 -25.94
N GLU B 761 -0.82 -10.60 -24.63
CA GLU B 761 -1.62 -11.71 -24.14
C GLU B 761 -3.03 -11.66 -24.66
N GLN B 762 -3.59 -10.47 -24.86
CA GLN B 762 -4.98 -10.38 -25.30
C GLN B 762 -5.18 -11.01 -26.67
N ASP B 763 -4.32 -10.64 -27.62
CA ASP B 763 -4.42 -11.22 -28.96
C ASP B 763 -4.16 -12.69 -28.93
N LYS B 764 -3.26 -13.15 -28.06
CA LYS B 764 -3.10 -14.59 -27.95
C LYS B 764 -4.39 -15.26 -27.51
N ASN B 765 -5.10 -14.64 -26.57
CA ASN B 765 -6.31 -15.28 -26.04
C ASN B 765 -7.34 -15.47 -27.14
N THR B 766 -7.60 -14.40 -27.89
CA THR B 766 -8.60 -14.52 -28.95
C THR B 766 -8.14 -15.48 -30.03
N GLN B 767 -6.84 -15.51 -30.31
CA GLN B 767 -6.31 -16.47 -31.28
C GLN B 767 -6.65 -17.88 -30.87
N GLU B 768 -6.40 -18.22 -29.60
CA GLU B 768 -6.64 -19.59 -29.16
C GLU B 768 -8.11 -19.93 -29.25
N VAL B 769 -8.99 -19.03 -28.82
CA VAL B 769 -10.40 -19.38 -28.80
C VAL B 769 -10.92 -19.63 -30.21
N PHE B 770 -10.57 -18.76 -31.16
CA PHE B 770 -11.27 -18.77 -32.43
C PHE B 770 -10.51 -19.45 -33.56
N ALA B 771 -9.20 -19.25 -33.68
CA ALA B 771 -8.45 -19.84 -34.79
C ALA B 771 -8.16 -21.29 -34.46
N GLN B 772 -9.16 -22.13 -34.67
CA GLN B 772 -9.04 -23.56 -34.42
C GLN B 772 -9.28 -24.37 -35.67
N VAL B 773 -9.39 -23.72 -36.82
CA VAL B 773 -9.55 -24.38 -38.11
C VAL B 773 -8.69 -23.66 -39.11
N LYS B 774 -8.01 -24.42 -39.96
CA LYS B 774 -7.14 -23.82 -40.95
C LYS B 774 -7.84 -23.52 -42.25
N GLN B 775 -8.92 -24.22 -42.56
CA GLN B 775 -9.61 -24.11 -43.84
C GLN B 775 -10.95 -23.44 -43.62
N ILE B 776 -11.24 -22.43 -44.41
CA ILE B 776 -12.52 -21.74 -44.34
C ILE B 776 -13.54 -22.51 -45.15
N TYR B 777 -14.64 -22.88 -44.52
CA TYR B 777 -15.69 -23.65 -45.15
C TYR B 777 -16.83 -22.73 -45.54
N LYS B 778 -17.66 -23.15 -46.49
CA LYS B 778 -18.90 -22.45 -46.79
C LYS B 778 -20.06 -23.41 -46.88
N THR B 779 -21.22 -22.89 -46.61
CA THR B 779 -22.42 -23.68 -46.69
C THR B 779 -22.90 -23.74 -48.14
N PRO B 780 -23.65 -24.79 -48.50
CA PRO B 780 -24.14 -24.89 -49.86
C PRO B 780 -25.10 -23.76 -50.17
N PRO B 781 -25.23 -23.38 -51.44
CA PRO B 781 -26.16 -22.30 -51.80
C PRO B 781 -27.60 -22.60 -51.43
N ILE B 782 -28.04 -23.85 -51.56
CA ILE B 782 -29.41 -24.22 -51.24
C ILE B 782 -29.48 -24.72 -49.81
N LYS B 783 -30.38 -24.14 -49.03
CA LYS B 783 -30.45 -24.43 -47.60
C LYS B 783 -31.62 -25.38 -47.34
N TYR B 784 -31.37 -26.66 -47.56
CA TYR B 784 -32.27 -27.71 -47.11
C TYR B 784 -31.50 -28.71 -46.26
N PHE B 785 -31.97 -28.92 -45.03
CA PHE B 785 -31.24 -29.74 -44.07
C PHE B 785 -32.17 -30.67 -43.34
N GLY B 786 -33.09 -31.27 -44.07
CA GLY B 786 -34.00 -32.23 -43.45
C GLY B 786 -35.13 -31.59 -42.68
N GLY B 787 -35.44 -30.34 -42.93
CA GLY B 787 -36.46 -29.64 -42.18
C GLY B 787 -35.95 -28.84 -41.02
N PHE B 788 -34.64 -28.82 -40.80
CA PHE B 788 -34.05 -28.11 -39.68
C PHE B 788 -33.67 -26.72 -40.18
N ASN B 789 -34.13 -25.70 -39.48
CA ASN B 789 -34.05 -24.32 -39.96
C ASN B 789 -32.93 -23.59 -39.22
N PHE B 790 -31.95 -23.10 -39.97
CA PHE B 790 -30.73 -22.54 -39.41
C PHE B 790 -30.54 -21.08 -39.76
N SER B 791 -31.61 -20.36 -40.11
CA SER B 791 -31.45 -19.00 -40.60
C SER B 791 -30.88 -18.08 -39.55
N GLN B 792 -31.35 -18.20 -38.32
CA GLN B 792 -30.98 -17.26 -37.26
C GLN B 792 -29.52 -17.28 -36.91
N ILE B 793 -28.77 -18.29 -37.33
CA ILE B 793 -27.36 -18.41 -36.97
C ILE B 793 -26.43 -18.40 -38.16
N LEU B 794 -26.91 -18.44 -39.31
CA LEU B 794 -25.98 -18.33 -40.43
C LEU B 794 -25.87 -16.90 -40.91
N PRO B 795 -24.72 -16.54 -41.48
CA PRO B 795 -24.50 -15.15 -41.88
C PRO B 795 -25.52 -14.70 -42.91
N ASP B 796 -25.91 -13.45 -42.80
CA ASP B 796 -26.92 -12.85 -43.65
C ASP B 796 -26.23 -11.93 -44.62
N PRO B 797 -26.24 -12.20 -45.93
CA PRO B 797 -25.44 -11.41 -46.86
C PRO B 797 -26.03 -10.05 -47.17
N SER B 798 -27.33 -9.85 -46.96
CA SER B 798 -27.96 -8.59 -47.33
C SER B 798 -27.36 -7.43 -46.55
N LYS B 799 -27.16 -7.61 -45.25
CA LYS B 799 -26.59 -6.56 -44.44
C LYS B 799 -25.12 -6.34 -44.79
N PRO B 800 -24.63 -5.10 -44.70
CA PRO B 800 -23.25 -4.82 -45.10
C PRO B 800 -22.21 -5.59 -44.31
N SER B 801 -22.48 -5.88 -43.04
CA SER B 801 -21.63 -6.73 -42.23
C SER B 801 -22.28 -8.11 -42.17
N LYS B 802 -21.58 -9.12 -42.67
CA LYS B 802 -22.17 -10.44 -42.84
C LYS B 802 -22.32 -11.07 -41.45
N ARG B 803 -23.35 -10.66 -40.75
CA ARG B 803 -23.56 -11.08 -39.38
C ARG B 803 -24.95 -11.68 -39.24
N SER B 804 -25.03 -12.81 -38.56
CA SER B 804 -26.29 -13.49 -38.40
C SER B 804 -27.23 -12.64 -37.58
N PRO B 805 -28.54 -12.86 -37.71
CA PRO B 805 -29.48 -12.03 -36.95
C PRO B 805 -29.28 -12.06 -35.46
N ILE B 806 -28.80 -13.16 -34.88
CA ILE B 806 -28.57 -13.18 -33.44
C ILE B 806 -27.33 -12.38 -33.07
N GLU B 807 -26.28 -12.45 -33.90
CA GLU B 807 -25.07 -11.69 -33.61
C GLU B 807 -25.35 -10.19 -33.64
N ASP B 808 -26.23 -9.75 -34.53
CA ASP B 808 -26.60 -8.34 -34.53
C ASP B 808 -27.27 -7.95 -33.23
N LEU B 809 -28.14 -8.80 -32.71
CA LEU B 809 -28.83 -8.43 -31.48
C LEU B 809 -27.86 -8.25 -30.33
N LEU B 810 -26.85 -9.11 -30.23
CA LEU B 810 -25.88 -8.96 -29.15
C LEU B 810 -25.09 -7.67 -29.30
N PHE B 811 -24.68 -7.34 -30.53
CA PHE B 811 -23.84 -6.17 -30.70
C PHE B 811 -24.55 -4.91 -30.23
N ASN B 812 -25.84 -4.80 -30.50
CA ASN B 812 -26.59 -3.63 -30.06
C ASN B 812 -26.94 -3.67 -28.58
N LYS B 813 -26.84 -4.82 -27.93
CA LYS B 813 -27.20 -4.87 -26.52
C LYS B 813 -26.06 -4.43 -25.63
N VAL B 814 -24.83 -4.60 -26.06
CA VAL B 814 -23.68 -4.25 -25.24
C VAL B 814 -22.86 -3.16 -25.92
N THR B 815 -23.42 -2.48 -26.91
CA THR B 815 -22.68 -1.46 -27.64
C THR B 815 -22.57 -0.19 -26.85
N LEU B 816 -22.16 -0.31 -25.59
CA LEU B 816 -22.04 0.85 -24.71
C LEU B 816 -20.58 1.22 -24.49
N ALA B 817 -19.76 0.99 -25.50
CA ALA B 817 -18.34 1.32 -25.45
C ALA B 817 -18.13 2.80 -25.21
N CYS B 839 -11.44 11.64 -25.47
CA CYS B 839 -10.42 12.62 -25.80
C CYS B 839 -9.84 13.27 -24.57
N ALA B 840 -10.65 13.41 -23.52
CA ALA B 840 -10.13 13.94 -22.27
C ALA B 840 -9.03 13.04 -21.71
N GLN B 841 -9.22 11.73 -21.81
CA GLN B 841 -8.17 10.80 -21.41
C GLN B 841 -7.05 10.73 -22.42
N LYS B 842 -7.29 11.15 -23.66
CA LYS B 842 -6.23 11.07 -24.65
C LYS B 842 -5.11 12.02 -24.31
N PHE B 843 -5.45 13.20 -23.80
CA PHE B 843 -4.47 14.03 -23.14
C PHE B 843 -4.04 13.30 -21.87
N LYS B 844 -3.05 13.84 -21.16
CA LYS B 844 -2.46 13.14 -20.03
C LYS B 844 -1.92 11.76 -20.40
N GLY B 845 -1.72 11.49 -21.68
CA GLY B 845 -0.94 10.34 -22.10
C GLY B 845 -1.50 8.97 -21.77
N LEU B 846 -2.80 8.77 -21.95
CA LEU B 846 -3.44 7.48 -21.72
C LEU B 846 -4.20 7.10 -22.97
N THR B 847 -3.79 6.00 -23.62
CA THR B 847 -4.31 5.64 -24.93
C THR B 847 -4.87 4.23 -24.92
N VAL B 848 -5.44 3.84 -26.06
CA VAL B 848 -6.03 2.53 -26.27
C VAL B 848 -5.61 2.01 -27.62
N LEU B 849 -5.06 0.89 -27.66
CA LEU B 849 -4.52 0.29 -28.86
C LEU B 849 -5.54 -0.65 -29.49
N PRO B 850 -5.61 -0.73 -30.82
CA PRO B 850 -6.63 -1.53 -31.46
C PRO B 850 -6.20 -2.98 -31.61
N PRO B 851 -7.14 -3.92 -31.57
CA PRO B 851 -6.81 -5.33 -31.64
C PRO B 851 -6.42 -5.79 -33.05
N LEU B 852 -5.81 -6.97 -33.10
CA LEU B 852 -5.36 -7.53 -34.37
C LEU B 852 -6.52 -7.99 -35.24
N LEU B 853 -7.43 -8.76 -34.67
CA LEU B 853 -8.44 -9.45 -35.45
C LEU B 853 -9.75 -8.67 -35.41
N THR B 854 -10.14 -8.12 -36.55
CA THR B 854 -11.33 -7.32 -36.58
C THR B 854 -12.58 -8.20 -36.49
N ASP B 855 -13.71 -7.53 -36.29
CA ASP B 855 -14.96 -8.26 -36.12
C ASP B 855 -15.35 -8.98 -37.39
N GLU B 856 -14.94 -8.46 -38.54
CA GLU B 856 -15.17 -9.19 -39.79
C GLU B 856 -14.44 -10.52 -39.78
N MET B 857 -13.18 -10.53 -39.36
CA MET B 857 -12.44 -11.79 -39.35
C MET B 857 -12.98 -12.75 -38.31
N ILE B 858 -13.39 -12.24 -37.16
CA ILE B 858 -13.92 -13.13 -36.14
C ILE B 858 -15.23 -13.74 -36.61
N ALA B 859 -16.05 -12.97 -37.31
CA ALA B 859 -17.26 -13.51 -37.91
C ALA B 859 -16.94 -14.57 -38.94
N GLN B 860 -15.90 -14.36 -39.74
CA GLN B 860 -15.53 -15.36 -40.72
C GLN B 860 -15.18 -16.67 -40.06
N TYR B 861 -14.44 -16.60 -38.95
CA TYR B 861 -14.09 -17.83 -38.24
C TYR B 861 -15.34 -18.55 -37.74
N THR B 862 -16.26 -17.83 -37.12
CA THR B 862 -17.45 -18.50 -36.61
C THR B 862 -18.26 -19.13 -37.73
N SER B 863 -18.37 -18.43 -38.87
CA SER B 863 -19.13 -19.00 -39.97
C SER B 863 -18.45 -20.24 -40.54
N ALA B 864 -17.12 -20.25 -40.57
CA ALA B 864 -16.42 -21.45 -41.02
C ALA B 864 -16.71 -22.62 -40.10
N LEU B 865 -16.68 -22.39 -38.80
CA LEU B 865 -17.00 -23.47 -37.86
C LEU B 865 -18.41 -23.97 -38.07
N LEU B 866 -19.36 -23.06 -38.26
CA LEU B 866 -20.76 -23.47 -38.43
C LEU B 866 -20.96 -24.27 -39.70
N ALA B 867 -20.36 -23.85 -40.80
CA ALA B 867 -20.52 -24.60 -42.03
C ALA B 867 -19.94 -25.99 -41.91
N GLY B 868 -18.76 -26.10 -41.31
CA GLY B 868 -18.16 -27.41 -41.15
C GLY B 868 -19.02 -28.33 -40.30
N THR B 869 -19.53 -27.82 -39.17
CA THR B 869 -20.28 -28.68 -38.28
C THR B 869 -21.64 -29.05 -38.85
N ILE B 870 -22.22 -28.20 -39.69
CA ILE B 870 -23.47 -28.58 -40.33
C ILE B 870 -23.22 -29.67 -41.35
N THR B 871 -22.18 -29.52 -42.17
CA THR B 871 -22.02 -30.43 -43.28
C THR B 871 -21.45 -31.77 -42.85
N SER B 872 -20.24 -31.79 -42.31
CA SER B 872 -19.64 -33.02 -41.82
C SER B 872 -19.61 -32.98 -40.31
N GLY B 873 -20.12 -34.01 -39.68
CA GLY B 873 -20.50 -33.87 -38.28
C GLY B 873 -19.43 -33.46 -37.31
N TRP B 874 -18.54 -34.38 -36.98
CA TRP B 874 -17.41 -34.08 -36.11
C TRP B 874 -16.09 -34.45 -36.74
N THR B 875 -16.09 -34.76 -38.03
CA THR B 875 -14.91 -35.28 -38.69
C THR B 875 -13.91 -34.21 -39.06
N PHE B 876 -14.34 -32.96 -39.20
CA PHE B 876 -13.36 -31.93 -39.48
C PHE B 876 -12.52 -31.63 -38.26
N GLY B 877 -12.99 -31.99 -37.08
CA GLY B 877 -12.15 -31.87 -35.90
C GLY B 877 -10.98 -32.83 -35.91
N ALA B 878 -11.20 -34.07 -36.36
CA ALA B 878 -10.18 -35.09 -36.36
C ALA B 878 -9.30 -35.04 -37.61
N GLY B 879 -9.89 -35.21 -38.78
CA GLY B 879 -9.11 -35.24 -39.99
C GLY B 879 -9.75 -34.46 -41.12
N PRO B 880 -9.73 -35.03 -42.31
CA PRO B 880 -10.45 -34.41 -43.42
C PRO B 880 -11.95 -34.47 -43.21
N ALA B 881 -12.64 -33.47 -43.76
CA ALA B 881 -14.09 -33.39 -43.63
C ALA B 881 -14.77 -34.40 -44.53
N LEU B 882 -15.84 -34.98 -44.03
CA LEU B 882 -16.51 -36.10 -44.67
C LEU B 882 -18.00 -35.86 -44.63
N GLN B 883 -18.59 -35.45 -45.74
CA GLN B 883 -19.97 -35.00 -45.70
C GLN B 883 -20.89 -36.14 -45.30
N ILE B 884 -22.04 -35.79 -44.74
CA ILE B 884 -23.05 -36.77 -44.32
C ILE B 884 -24.40 -36.07 -44.27
N PRO B 885 -25.49 -36.74 -44.61
CA PRO B 885 -26.81 -36.13 -44.42
C PRO B 885 -27.07 -35.79 -42.96
N PHE B 886 -27.77 -34.69 -42.76
CA PHE B 886 -27.99 -34.16 -41.42
C PHE B 886 -28.84 -35.06 -40.54
N PRO B 887 -29.96 -35.61 -41.03
CA PRO B 887 -30.68 -36.57 -40.19
C PRO B 887 -29.85 -37.77 -39.77
N MET B 888 -28.98 -38.27 -40.64
CA MET B 888 -28.10 -39.35 -40.22
C MET B 888 -27.16 -38.90 -39.13
N GLN B 889 -26.66 -37.68 -39.23
CA GLN B 889 -25.78 -37.17 -38.19
C GLN B 889 -26.49 -37.12 -36.84
N MET B 890 -27.72 -36.61 -36.85
CA MET B 890 -28.44 -36.50 -35.57
C MET B 890 -28.84 -37.88 -35.04
N ALA B 891 -29.03 -38.86 -35.93
CA ALA B 891 -29.24 -40.22 -35.45
C ALA B 891 -28.01 -40.77 -34.75
N TYR B 892 -26.83 -40.48 -35.31
CA TYR B 892 -25.59 -40.88 -34.68
C TYR B 892 -25.53 -40.33 -33.27
N ARG B 893 -25.90 -39.06 -33.13
CA ARG B 893 -25.84 -38.41 -31.82
C ARG B 893 -26.86 -38.99 -30.85
N PHE B 894 -28.03 -39.41 -31.34
CA PHE B 894 -28.95 -40.15 -30.47
C PHE B 894 -28.32 -41.44 -29.95
N ASN B 895 -27.71 -42.21 -30.85
CA ASN B 895 -26.95 -43.37 -30.37
C ASN B 895 -25.95 -42.98 -29.31
N GLY B 896 -25.28 -41.85 -29.50
CA GLY B 896 -24.34 -41.41 -28.50
C GLY B 896 -24.98 -41.26 -27.13
N ILE B 897 -26.17 -40.64 -27.09
CA ILE B 897 -26.87 -40.50 -25.83
C ILE B 897 -27.16 -41.86 -25.22
N GLY B 898 -27.65 -42.79 -26.02
CA GLY B 898 -28.09 -44.04 -25.45
C GLY B 898 -29.51 -44.37 -25.84
N VAL B 899 -29.94 -43.82 -26.97
CA VAL B 899 -31.25 -44.09 -27.55
C VAL B 899 -31.03 -44.68 -28.93
N THR B 900 -31.78 -45.72 -29.26
CA THR B 900 -31.75 -46.26 -30.60
C THR B 900 -32.27 -45.23 -31.61
N GLN B 901 -31.99 -45.49 -32.87
CA GLN B 901 -32.18 -44.48 -33.92
C GLN B 901 -33.54 -44.52 -34.60
N ASN B 902 -34.28 -45.62 -34.52
CA ASN B 902 -35.63 -45.58 -35.06
C ASN B 902 -36.43 -44.49 -34.40
N VAL B 903 -36.06 -44.11 -33.18
CA VAL B 903 -36.76 -43.03 -32.49
C VAL B 903 -36.70 -41.76 -33.31
N LEU B 904 -35.51 -41.40 -33.79
CA LEU B 904 -35.41 -40.19 -34.61
C LEU B 904 -36.09 -40.38 -35.94
N TYR B 905 -35.80 -41.49 -36.62
CA TYR B 905 -36.36 -41.63 -37.95
C TYR B 905 -37.87 -41.64 -37.95
N GLU B 906 -38.50 -41.92 -36.81
CA GLU B 906 -39.95 -41.89 -36.74
C GLU B 906 -40.50 -40.71 -35.99
N ASN B 907 -39.66 -39.84 -35.42
CA ASN B 907 -40.17 -38.59 -34.88
C ASN B 907 -39.58 -37.36 -35.56
N GLN B 908 -39.00 -37.54 -36.75
CA GLN B 908 -38.23 -36.49 -37.41
C GLN B 908 -38.96 -35.15 -37.49
N LYS B 909 -40.21 -35.16 -37.93
CA LYS B 909 -40.94 -33.89 -38.08
C LYS B 909 -41.11 -33.19 -36.75
N LEU B 910 -41.56 -33.92 -35.74
CA LEU B 910 -41.79 -33.32 -34.44
C LEU B 910 -40.51 -32.77 -33.86
N ILE B 911 -39.40 -33.49 -34.02
CA ILE B 911 -38.13 -33.03 -33.47
C ILE B 911 -37.68 -31.77 -34.19
N ALA B 912 -37.89 -31.70 -35.50
CA ALA B 912 -37.54 -30.49 -36.24
C ALA B 912 -38.35 -29.30 -35.74
N ASN B 913 -39.64 -29.50 -35.50
CA ASN B 913 -40.48 -28.40 -35.04
C ASN B 913 -40.04 -27.90 -33.68
N GLN B 914 -39.73 -28.81 -32.76
CA GLN B 914 -39.23 -28.40 -31.45
C GLN B 914 -37.94 -27.61 -31.56
N PHE B 915 -37.02 -28.07 -32.41
CA PHE B 915 -35.76 -27.34 -32.57
C PHE B 915 -36.02 -25.94 -33.08
N ASN B 916 -36.88 -25.81 -34.08
CA ASN B 916 -37.14 -24.50 -34.65
C ASN B 916 -37.75 -23.57 -33.62
N SER B 917 -38.70 -24.08 -32.82
CA SER B 917 -39.32 -23.23 -31.82
C SER B 917 -38.31 -22.74 -30.80
N ALA B 918 -37.42 -23.62 -30.34
CA ALA B 918 -36.44 -23.18 -29.34
C ALA B 918 -35.48 -22.14 -29.91
N ILE B 919 -35.01 -22.35 -31.14
CA ILE B 919 -34.14 -21.35 -31.76
C ILE B 919 -34.87 -20.03 -31.90
N GLY B 920 -36.16 -20.07 -32.20
CA GLY B 920 -36.92 -18.84 -32.26
C GLY B 920 -37.00 -18.14 -30.92
N LYS B 921 -37.29 -18.90 -29.87
CA LYS B 921 -37.50 -18.29 -28.56
C LYS B 921 -36.21 -17.79 -27.91
N ILE B 922 -35.04 -18.15 -28.42
CA ILE B 922 -33.82 -17.64 -27.80
C ILE B 922 -33.76 -16.12 -27.89
N GLN B 923 -34.14 -15.57 -29.04
CA GLN B 923 -33.95 -14.15 -29.30
C GLN B 923 -34.74 -13.28 -28.34
N ASP B 924 -35.98 -13.68 -28.03
CA ASP B 924 -36.80 -12.91 -27.11
C ASP B 924 -36.16 -12.84 -25.73
N SER B 925 -35.70 -13.98 -25.22
CA SER B 925 -35.10 -14.00 -23.90
C SER B 925 -33.85 -13.16 -23.86
N LEU B 926 -33.05 -13.20 -24.93
CA LEU B 926 -31.89 -12.31 -24.97
C LEU B 926 -32.33 -10.85 -24.95
N SER B 927 -33.37 -10.53 -25.72
CA SER B 927 -33.84 -9.16 -25.82
C SER B 927 -34.54 -8.67 -24.57
N SER B 928 -34.91 -9.55 -23.65
CA SER B 928 -35.48 -9.11 -22.39
C SER B 928 -34.48 -8.20 -21.68
N THR B 929 -35.02 -7.14 -21.06
CA THR B 929 -34.21 -6.09 -20.45
C THR B 929 -33.30 -6.50 -19.29
N PRO B 930 -33.52 -7.60 -18.56
CA PRO B 930 -32.57 -7.96 -17.51
C PRO B 930 -31.16 -8.13 -18.07
N SER B 931 -30.19 -8.05 -17.15
CA SER B 931 -28.78 -8.11 -17.51
C SER B 931 -28.45 -9.55 -17.92
N ALA B 932 -28.77 -9.88 -19.16
CA ALA B 932 -28.32 -11.16 -19.69
C ALA B 932 -26.82 -11.12 -19.97
N LEU B 933 -26.33 -10.00 -20.49
CA LEU B 933 -24.93 -9.85 -20.87
C LEU B 933 -24.15 -9.02 -19.88
N GLY B 934 -24.53 -9.06 -18.60
CA GLY B 934 -23.77 -8.32 -17.62
C GLY B 934 -22.33 -8.80 -17.56
N LYS B 935 -22.10 -10.07 -17.85
CA LYS B 935 -20.76 -10.60 -17.77
C LYS B 935 -19.84 -9.94 -18.79
N LEU B 936 -20.39 -9.51 -19.92
CA LEU B 936 -19.59 -8.75 -20.88
C LEU B 936 -19.64 -7.26 -20.64
N GLN B 937 -20.70 -6.75 -20.01
CA GLN B 937 -20.72 -5.32 -19.72
C GLN B 937 -19.71 -4.94 -18.64
N ASP B 938 -19.47 -5.83 -17.70
CA ASP B 938 -18.56 -5.51 -16.62
C ASP B 938 -17.17 -5.21 -17.11
N VAL B 939 -16.76 -5.80 -18.23
CA VAL B 939 -15.41 -5.53 -18.73
C VAL B 939 -15.27 -4.06 -19.11
N VAL B 940 -16.21 -3.55 -19.91
CA VAL B 940 -16.11 -2.17 -20.34
C VAL B 940 -16.28 -1.25 -19.14
N ASN B 941 -17.16 -1.61 -18.21
CA ASN B 941 -17.36 -0.76 -17.04
C ASN B 941 -16.09 -0.67 -16.21
N HIS B 942 -15.44 -1.79 -15.96
CA HIS B 942 -14.23 -1.78 -15.16
C HIS B 942 -13.16 -0.93 -15.82
N ASN B 943 -12.98 -1.11 -17.13
CA ASN B 943 -11.92 -0.37 -17.79
C ASN B 943 -12.17 1.13 -17.72
N ALA B 944 -13.39 1.55 -18.07
CA ALA B 944 -13.70 2.97 -18.10
C ALA B 944 -13.55 3.58 -16.72
N GLN B 945 -14.03 2.88 -15.69
CA GLN B 945 -13.93 3.41 -14.34
C GLN B 945 -12.49 3.53 -13.88
N ALA B 946 -11.64 2.56 -14.20
CA ALA B 946 -10.25 2.64 -13.78
C ALA B 946 -9.54 3.82 -14.44
N LEU B 947 -9.72 3.98 -15.75
CA LEU B 947 -9.09 5.12 -16.41
C LEU B 947 -9.62 6.44 -15.87
N ASN B 948 -10.91 6.50 -15.60
CA ASN B 948 -11.49 7.74 -15.08
C ASN B 948 -10.94 8.09 -13.72
N THR B 949 -10.77 7.10 -12.86
CA THR B 949 -10.15 7.36 -11.57
C THR B 949 -8.74 7.89 -11.76
N LEU B 950 -7.99 7.29 -12.68
CA LEU B 950 -6.63 7.72 -12.89
C LEU B 950 -6.57 9.18 -13.32
N VAL B 951 -7.47 9.61 -14.21
CA VAL B 951 -7.43 11.01 -14.63
C VAL B 951 -7.96 11.93 -13.55
N LYS B 952 -9.00 11.52 -12.83
CA LYS B 952 -9.58 12.41 -11.82
C LYS B 952 -8.63 12.62 -10.66
N GLN B 953 -7.77 11.66 -10.39
CA GLN B 953 -6.88 11.80 -9.25
C GLN B 953 -5.70 12.71 -9.53
N LEU B 954 -5.63 13.27 -10.72
CA LEU B 954 -4.53 14.14 -11.07
C LEU B 954 -4.72 15.55 -10.57
N SER B 955 -5.52 15.75 -9.52
CA SER B 955 -5.85 17.08 -9.06
C SER B 955 -5.84 17.14 -7.55
N SER B 956 -4.84 16.52 -6.92
CA SER B 956 -4.80 16.38 -5.47
C SER B 956 -3.52 16.98 -4.94
N LYS B 957 -3.62 17.78 -3.89
CA LYS B 957 -2.46 18.53 -3.43
C LYS B 957 -1.47 17.65 -2.68
N PHE B 958 -1.92 16.59 -2.04
CA PHE B 958 -1.03 15.62 -1.41
C PHE B 958 -0.17 16.27 -0.32
N GLY B 959 -0.67 17.33 0.29
CA GLY B 959 0.12 18.05 1.25
C GLY B 959 1.05 19.09 0.67
N ALA B 960 0.78 19.56 -0.54
CA ALA B 960 1.55 20.64 -1.15
C ALA B 960 0.73 21.92 -1.11
N ILE B 961 1.33 23.00 -1.61
CA ILE B 961 0.59 24.25 -1.70
C ILE B 961 -0.56 24.13 -2.69
N SER B 962 -0.29 23.63 -3.88
CA SER B 962 -1.29 23.57 -4.93
C SER B 962 -1.08 22.30 -5.75
N SER B 963 -1.74 22.22 -6.90
CA SER B 963 -1.70 21.03 -7.74
C SER B 963 -1.25 21.33 -9.15
N VAL B 964 -0.67 22.50 -9.39
CA VAL B 964 -0.22 22.90 -10.72
C VAL B 964 1.25 23.21 -10.63
N LEU B 965 2.07 22.43 -11.32
CA LEU B 965 3.51 22.55 -11.17
C LEU B 965 4.03 23.87 -11.69
N ASN B 966 3.48 24.34 -12.82
CA ASN B 966 3.90 25.64 -13.31
C ASN B 966 3.53 26.72 -12.30
N ASP B 967 2.40 26.54 -11.63
CA ASP B 967 2.01 27.45 -10.57
C ASP B 967 3.02 27.42 -9.42
N ILE B 968 3.43 26.24 -9.00
CA ILE B 968 4.40 26.14 -7.91
C ILE B 968 5.70 26.81 -8.30
N PHE B 969 6.15 26.61 -9.53
CA PHE B 969 7.38 27.25 -9.93
C PHE B 969 7.23 28.76 -9.94
N SER B 970 6.14 29.24 -10.52
CA SER B 970 5.99 30.68 -10.63
C SER B 970 5.84 31.34 -9.28
N ARG B 971 5.41 30.62 -8.26
CA ARG B 971 5.32 31.23 -6.95
C ARG B 971 6.56 31.01 -6.10
N LEU B 972 6.90 29.76 -5.81
CA LEU B 972 7.98 29.54 -4.86
C LEU B 972 9.34 29.71 -5.52
N ASP B 973 10.38 29.26 -4.84
CA ASP B 973 11.76 29.57 -5.16
C ASP B 973 12.50 28.25 -5.16
N PRO B 974 13.32 27.96 -6.17
CA PRO B 974 13.74 26.58 -6.42
C PRO B 974 14.43 25.92 -5.24
N PRO B 975 15.06 26.65 -4.34
CA PRO B 975 15.50 26.01 -3.09
C PRO B 975 14.38 25.48 -2.22
N GLU B 976 13.16 25.97 -2.36
CA GLU B 976 12.09 25.49 -1.49
C GLU B 976 10.79 25.22 -2.23
N ALA B 977 10.84 25.04 -3.54
CA ALA B 977 9.71 24.50 -4.27
C ALA B 977 9.84 23.01 -4.54
N GLU B 978 11.06 22.50 -4.54
CA GLU B 978 11.24 21.09 -4.86
C GLU B 978 10.64 20.20 -3.79
N VAL B 979 10.44 20.68 -2.57
CA VAL B 979 9.76 19.86 -1.58
C VAL B 979 8.34 19.54 -2.03
N GLN B 980 7.61 20.57 -2.42
CA GLN B 980 6.27 20.35 -2.96
C GLN B 980 6.33 19.49 -4.21
N ILE B 981 7.33 19.73 -5.06
CA ILE B 981 7.46 18.90 -6.25
C ILE B 981 7.61 17.44 -5.88
N ASP B 982 8.39 17.15 -4.85
CA ASP B 982 8.57 15.77 -4.43
C ASP B 982 7.27 15.18 -3.92
N ARG B 983 6.51 15.93 -3.14
CA ARG B 983 5.22 15.41 -2.71
C ARG B 983 4.37 15.01 -3.91
N LEU B 984 4.28 15.91 -4.89
CA LEU B 984 3.44 15.64 -6.05
C LEU B 984 3.92 14.42 -6.82
N ILE B 985 5.22 14.36 -7.10
CA ILE B 985 5.75 13.25 -7.87
C ILE B 985 5.51 11.94 -7.17
N THR B 986 5.74 11.89 -5.86
CA THR B 986 5.54 10.66 -5.13
C THR B 986 4.10 10.20 -5.23
N GLY B 987 3.16 11.11 -5.08
CA GLY B 987 1.76 10.71 -5.16
C GLY B 987 1.37 10.19 -6.53
N ARG B 988 1.76 10.91 -7.59
CA ARG B 988 1.42 10.44 -8.94
C ARG B 988 2.03 9.06 -9.21
N LEU B 989 3.25 8.84 -8.74
CA LEU B 989 3.86 7.53 -8.91
C LEU B 989 3.06 6.45 -8.22
N GLN B 990 2.61 6.71 -7.00
CA GLN B 990 1.81 5.71 -6.31
C GLN B 990 0.55 5.38 -7.09
N SER B 991 -0.08 6.41 -7.65
CA SER B 991 -1.30 6.19 -8.42
C SER B 991 -1.05 5.24 -9.58
N LEU B 992 -0.01 5.53 -10.37
CA LEU B 992 0.30 4.65 -11.49
C LEU B 992 0.58 3.23 -11.03
N GLN B 993 1.30 3.09 -9.93
CA GLN B 993 1.71 1.77 -9.47
C GLN B 993 0.48 0.93 -9.15
N THR B 994 -0.46 1.52 -8.42
CA THR B 994 -1.69 0.81 -8.09
C THR B 994 -2.44 0.39 -9.35
N TYR B 995 -2.54 1.30 -10.31
CA TYR B 995 -3.22 0.97 -11.56
C TYR B 995 -2.62 -0.27 -12.21
N VAL B 996 -1.31 -0.30 -12.34
CA VAL B 996 -0.69 -1.40 -13.07
C VAL B 996 -0.89 -2.72 -12.34
N THR B 997 -0.79 -2.69 -11.01
CA THR B 997 -1.06 -3.91 -10.26
C THR B 997 -2.47 -4.44 -10.52
N GLN B 998 -3.47 -3.55 -10.47
CA GLN B 998 -4.83 -4.04 -10.66
C GLN B 998 -5.03 -4.62 -12.05
N GLN B 999 -4.42 -4.01 -13.05
CA GLN B 999 -4.54 -4.57 -14.39
C GLN B 999 -3.94 -5.96 -14.47
N LEU B 1000 -2.79 -6.17 -13.85
CA LEU B 1000 -2.20 -7.51 -13.86
C LEU B 1000 -3.15 -8.53 -13.26
N ILE B 1001 -3.70 -8.20 -12.09
CA ILE B 1001 -4.57 -9.15 -11.41
C ILE B 1001 -5.80 -9.46 -12.25
N ARG B 1002 -6.33 -8.46 -12.94
CA ARG B 1002 -7.52 -8.71 -13.76
C ARG B 1002 -7.20 -9.52 -15.00
N ALA B 1003 -6.04 -9.29 -15.60
CA ALA B 1003 -5.63 -10.08 -16.75
C ALA B 1003 -5.54 -11.55 -16.41
N ALA B 1004 -5.15 -11.87 -15.18
CA ALA B 1004 -5.13 -13.29 -14.78
C ALA B 1004 -6.51 -13.93 -14.95
N GLU B 1005 -7.54 -13.28 -14.42
CA GLU B 1005 -8.92 -13.71 -14.66
C GLU B 1005 -9.24 -13.93 -16.11
N ILE B 1006 -8.96 -12.92 -16.94
CA ILE B 1006 -9.42 -13.02 -18.30
C ILE B 1006 -8.72 -14.18 -19.02
N ARG B 1007 -7.46 -14.42 -18.69
CA ARG B 1007 -6.75 -15.56 -19.25
C ARG B 1007 -7.41 -16.87 -18.84
N ALA B 1008 -7.80 -17.00 -17.58
CA ALA B 1008 -8.45 -18.23 -17.15
C ALA B 1008 -9.76 -18.46 -17.91
N SER B 1009 -10.57 -17.42 -18.05
CA SER B 1009 -11.82 -17.57 -18.78
C SER B 1009 -11.58 -17.93 -20.23
N ALA B 1010 -10.57 -17.33 -20.86
CA ALA B 1010 -10.29 -17.66 -22.25
C ALA B 1010 -9.87 -19.11 -22.40
N ASN B 1011 -9.07 -19.62 -21.47
CA ASN B 1011 -8.70 -21.02 -21.52
C ASN B 1011 -9.92 -21.92 -21.45
N LEU B 1012 -10.84 -21.61 -20.55
CA LEU B 1012 -12.04 -22.43 -20.44
C LEU B 1012 -12.87 -22.37 -21.70
N ALA B 1013 -12.99 -21.19 -22.31
CA ALA B 1013 -13.76 -21.09 -23.54
C ALA B 1013 -13.12 -21.87 -24.67
N ALA B 1014 -11.79 -21.93 -24.71
CA ALA B 1014 -11.13 -22.77 -25.69
C ALA B 1014 -11.46 -24.24 -25.49
N THR B 1015 -11.44 -24.71 -24.24
CA THR B 1015 -11.84 -26.08 -23.96
C THR B 1015 -13.28 -26.35 -24.39
N LYS B 1016 -14.18 -25.42 -24.10
CA LYS B 1016 -15.57 -25.61 -24.50
C LYS B 1016 -15.74 -25.59 -26.00
N MET B 1017 -14.91 -24.84 -26.72
CA MET B 1017 -14.97 -24.86 -28.17
C MET B 1017 -14.54 -26.19 -28.72
N SER B 1018 -13.49 -26.78 -28.13
CA SER B 1018 -12.98 -28.03 -28.67
C SER B 1018 -13.84 -29.22 -28.28
N GLU B 1019 -14.57 -29.16 -27.18
CA GLU B 1019 -15.39 -30.31 -26.82
C GLU B 1019 -16.87 -30.11 -27.10
N CYS B 1020 -17.44 -28.99 -26.68
CA CYS B 1020 -18.84 -28.73 -26.98
C CYS B 1020 -19.09 -28.75 -28.48
N VAL B 1021 -18.32 -27.97 -29.22
CA VAL B 1021 -18.64 -27.68 -30.61
C VAL B 1021 -18.11 -28.72 -31.56
N LEU B 1022 -16.88 -29.17 -31.39
CA LEU B 1022 -16.28 -30.11 -32.32
C LEU B 1022 -16.43 -31.56 -31.89
N GLY B 1023 -17.50 -31.90 -31.19
CA GLY B 1023 -17.69 -33.27 -30.75
C GLY B 1023 -18.92 -33.40 -29.91
N GLN B 1024 -19.02 -34.50 -29.19
CA GLN B 1024 -20.12 -34.71 -28.27
C GLN B 1024 -19.56 -35.05 -26.90
N SER B 1025 -20.14 -34.48 -25.85
CA SER B 1025 -19.53 -34.52 -24.53
C SER B 1025 -20.28 -35.47 -23.62
N LYS B 1026 -19.52 -36.29 -22.90
CA LYS B 1026 -20.07 -37.13 -21.85
C LYS B 1026 -19.88 -36.55 -20.46
N ARG B 1027 -19.09 -35.49 -20.33
CA ARG B 1027 -19.01 -34.80 -19.06
C ARG B 1027 -20.37 -34.24 -18.70
N VAL B 1028 -20.81 -34.47 -17.47
CA VAL B 1028 -22.13 -34.04 -17.03
C VAL B 1028 -22.10 -32.54 -16.78
N ASP B 1029 -23.09 -31.84 -17.31
CA ASP B 1029 -23.29 -30.41 -17.06
C ASP B 1029 -22.16 -29.53 -17.55
N PHE B 1030 -21.16 -30.10 -18.22
CA PHE B 1030 -20.17 -29.27 -18.88
C PHE B 1030 -20.81 -28.45 -19.98
N CYS B 1031 -21.53 -29.12 -20.87
CA CYS B 1031 -22.02 -28.55 -22.11
C CYS B 1031 -23.54 -28.55 -21.99
N GLY B 1032 -24.10 -27.55 -21.33
CA GLY B 1032 -25.55 -27.49 -21.22
C GLY B 1032 -26.15 -28.00 -19.93
N LYS B 1033 -27.37 -28.52 -20.01
CA LYS B 1033 -28.09 -29.02 -18.84
C LYS B 1033 -29.09 -30.06 -19.34
N GLY B 1034 -28.67 -31.33 -19.35
CA GLY B 1034 -29.46 -32.41 -19.90
C GLY B 1034 -28.50 -33.44 -20.45
N TYR B 1035 -28.76 -33.98 -21.63
CA TYR B 1035 -27.79 -34.82 -22.31
C TYR B 1035 -27.35 -34.12 -23.58
N HIS B 1036 -26.05 -33.90 -23.72
CA HIS B 1036 -25.55 -33.03 -24.75
C HIS B 1036 -25.75 -33.65 -26.12
N LEU B 1037 -26.24 -32.84 -27.04
CA LEU B 1037 -26.45 -33.24 -28.43
C LEU B 1037 -25.54 -32.47 -29.38
N MET B 1038 -25.56 -31.14 -29.32
CA MET B 1038 -24.82 -30.29 -30.25
C MET B 1038 -24.54 -28.96 -29.59
N SER B 1039 -23.88 -28.07 -30.32
CA SER B 1039 -23.55 -26.77 -29.79
C SER B 1039 -23.03 -25.89 -30.92
N PHE B 1040 -23.38 -24.61 -30.89
CA PHE B 1040 -23.06 -23.65 -31.94
C PHE B 1040 -22.51 -22.37 -31.34
N PRO B 1041 -21.47 -21.81 -31.92
CA PRO B 1041 -20.91 -20.58 -31.37
C PRO B 1041 -21.39 -19.33 -32.07
N GLN B 1042 -21.41 -18.22 -31.36
CA GLN B 1042 -21.67 -16.92 -31.96
C GLN B 1042 -20.68 -15.94 -31.40
N SER B 1043 -20.38 -14.91 -32.16
CA SER B 1043 -19.46 -13.89 -31.70
C SER B 1043 -20.18 -12.90 -30.79
N ALA B 1044 -19.40 -12.08 -30.10
CA ALA B 1044 -19.90 -10.95 -29.35
C ALA B 1044 -18.74 -10.01 -29.09
N PRO B 1045 -19.02 -8.76 -28.73
CA PRO B 1045 -17.93 -7.88 -28.31
C PRO B 1045 -17.26 -8.44 -27.06
N HIS B 1046 -15.96 -8.63 -27.14
CA HIS B 1046 -15.11 -9.03 -26.03
C HIS B 1046 -15.34 -10.45 -25.53
N GLY B 1047 -16.12 -11.26 -26.21
CA GLY B 1047 -16.49 -12.56 -25.67
C GLY B 1047 -16.99 -13.52 -26.69
N VAL B 1048 -17.90 -14.39 -26.27
CA VAL B 1048 -18.42 -15.46 -27.11
C VAL B 1048 -19.66 -16.03 -26.44
N VAL B 1049 -20.62 -16.49 -27.22
CA VAL B 1049 -21.84 -17.06 -26.69
C VAL B 1049 -22.06 -18.43 -27.30
N PHE B 1050 -22.30 -19.43 -26.47
CA PHE B 1050 -22.61 -20.77 -26.93
C PHE B 1050 -24.08 -21.06 -26.78
N LEU B 1051 -24.60 -21.89 -27.68
CA LEU B 1051 -25.98 -22.36 -27.65
C LEU B 1051 -25.96 -23.87 -27.57
N HIS B 1052 -26.30 -24.41 -26.42
CA HIS B 1052 -26.20 -25.83 -26.15
C HIS B 1052 -27.54 -26.50 -26.40
N VAL B 1053 -27.52 -27.61 -27.13
CA VAL B 1053 -28.74 -28.35 -27.48
C VAL B 1053 -28.75 -29.67 -26.73
N THR B 1054 -29.82 -29.92 -25.98
CA THR B 1054 -29.86 -31.09 -25.11
C THR B 1054 -31.17 -31.83 -25.28
N TYR B 1055 -31.26 -32.99 -24.64
CA TYR B 1055 -32.39 -33.90 -24.75
C TYR B 1055 -32.89 -34.18 -23.35
N VAL B 1056 -34.13 -33.84 -23.05
CA VAL B 1056 -34.67 -33.89 -21.69
C VAL B 1056 -35.87 -34.83 -21.67
N PRO B 1057 -35.91 -35.82 -20.79
CA PRO B 1057 -37.04 -36.74 -20.76
C PRO B 1057 -38.29 -36.11 -20.17
N ALA B 1058 -39.44 -36.73 -20.47
CA ALA B 1058 -40.71 -36.19 -19.99
C ALA B 1058 -41.77 -37.27 -20.00
N GLN B 1059 -42.79 -37.06 -19.18
CA GLN B 1059 -44.01 -37.89 -19.15
C GLN B 1059 -43.69 -39.35 -18.81
N GLU B 1060 -43.27 -39.56 -17.58
CA GLU B 1060 -42.92 -40.89 -17.11
C GLU B 1060 -44.15 -41.65 -16.61
N LYS B 1061 -43.94 -42.89 -16.20
CA LYS B 1061 -44.99 -43.76 -15.71
C LYS B 1061 -44.42 -44.75 -14.69
N ASN B 1062 -45.32 -45.49 -14.06
CA ASN B 1062 -45.01 -46.48 -13.05
C ASN B 1062 -44.79 -47.83 -13.72
N PHE B 1063 -43.88 -48.64 -13.17
CA PHE B 1063 -43.88 -50.05 -13.53
C PHE B 1063 -43.32 -50.90 -12.40
N THR B 1064 -43.70 -52.17 -12.41
CA THR B 1064 -43.04 -53.15 -11.58
C THR B 1064 -41.78 -53.62 -12.30
N THR B 1065 -40.89 -54.26 -11.56
CA THR B 1065 -39.62 -54.65 -12.13
C THR B 1065 -39.04 -55.82 -11.36
N ALA B 1066 -38.07 -56.50 -11.98
CA ALA B 1066 -37.46 -57.66 -11.35
C ALA B 1066 -36.07 -57.86 -11.91
N PRO B 1067 -35.11 -58.27 -11.09
CA PRO B 1067 -33.73 -58.36 -11.58
C PRO B 1067 -33.53 -59.36 -12.69
N ALA B 1068 -34.26 -60.47 -12.68
CA ALA B 1068 -34.03 -61.53 -13.66
C ALA B 1068 -35.29 -62.37 -13.81
N ILE B 1069 -35.24 -63.33 -14.71
CA ILE B 1069 -36.36 -64.20 -15.03
C ILE B 1069 -35.86 -65.64 -15.02
N CYS B 1070 -36.60 -66.52 -14.36
CA CYS B 1070 -36.14 -67.89 -14.14
C CYS B 1070 -36.99 -68.81 -15.01
N HIS B 1071 -36.40 -69.35 -16.08
CA HIS B 1071 -37.18 -70.08 -17.08
C HIS B 1071 -37.20 -71.59 -16.85
N ASP B 1072 -36.04 -72.26 -16.98
CA ASP B 1072 -35.92 -73.68 -16.70
C ASP B 1072 -34.73 -73.83 -15.77
N GLY B 1073 -34.92 -73.54 -14.50
CA GLY B 1073 -33.79 -73.53 -13.60
C GLY B 1073 -32.62 -72.70 -14.10
N LYS B 1074 -32.82 -71.86 -15.11
CA LYS B 1074 -31.81 -70.94 -15.60
C LYS B 1074 -32.25 -69.51 -15.33
N ALA B 1075 -31.29 -68.67 -15.02
CA ALA B 1075 -31.55 -67.25 -14.82
C ALA B 1075 -31.23 -66.51 -16.11
N HIS B 1076 -32.11 -65.60 -16.49
CA HIS B 1076 -31.93 -64.78 -17.68
C HIS B 1076 -31.76 -63.33 -17.25
N PHE B 1077 -30.65 -62.73 -17.61
CA PHE B 1077 -30.47 -61.32 -17.35
C PHE B 1077 -30.61 -60.54 -18.64
N PRO B 1078 -31.10 -59.32 -18.61
CA PRO B 1078 -31.26 -58.56 -19.86
C PRO B 1078 -29.92 -58.15 -20.42
N ARG B 1079 -29.84 -58.05 -21.74
CA ARG B 1079 -28.58 -57.66 -22.37
C ARG B 1079 -28.40 -56.15 -22.31
N GLU B 1080 -29.31 -55.39 -22.93
CA GLU B 1080 -29.37 -53.94 -22.77
C GLU B 1080 -30.82 -53.56 -22.50
N GLY B 1081 -31.15 -53.31 -21.24
CA GLY B 1081 -32.50 -52.88 -20.92
C GLY B 1081 -32.87 -53.31 -19.51
N VAL B 1082 -34.13 -53.04 -19.17
CA VAL B 1082 -34.69 -53.40 -17.87
C VAL B 1082 -35.90 -54.28 -18.12
N PHE B 1083 -36.28 -55.05 -17.10
CA PHE B 1083 -37.49 -55.86 -17.16
C PHE B 1083 -38.64 -55.09 -16.52
N VAL B 1084 -39.76 -54.98 -17.22
CA VAL B 1084 -40.90 -54.26 -16.70
C VAL B 1084 -42.18 -55.05 -16.92
N SER B 1085 -43.23 -54.65 -16.22
CA SER B 1085 -44.50 -55.36 -16.24
C SER B 1085 -45.66 -54.40 -16.11
N ASN B 1086 -46.62 -54.49 -17.02
CA ASN B 1086 -47.80 -53.63 -16.98
C ASN B 1086 -48.92 -54.21 -16.14
N GLY B 1087 -48.63 -55.17 -15.28
CA GLY B 1087 -49.65 -55.74 -14.44
C GLY B 1087 -49.87 -57.22 -14.67
N THR B 1088 -49.82 -57.65 -15.92
CA THR B 1088 -50.04 -59.06 -16.22
C THR B 1088 -48.89 -59.72 -16.98
N HIS B 1089 -48.32 -59.04 -17.96
CA HIS B 1089 -47.24 -59.59 -18.77
C HIS B 1089 -45.93 -58.85 -18.52
N TRP B 1090 -44.85 -59.51 -18.88
CA TRP B 1090 -43.50 -58.98 -18.81
C TRP B 1090 -42.97 -58.62 -20.20
N PHE B 1091 -42.07 -57.64 -20.22
CA PHE B 1091 -41.43 -57.18 -21.43
C PHE B 1091 -39.98 -56.85 -21.10
N VAL B 1092 -39.27 -56.31 -22.07
CA VAL B 1092 -37.98 -55.69 -21.84
C VAL B 1092 -37.94 -54.42 -22.67
N THR B 1093 -37.49 -53.33 -22.09
CA THR B 1093 -37.42 -52.06 -22.80
C THR B 1093 -36.02 -51.52 -22.71
N GLN B 1094 -35.80 -50.41 -23.39
CA GLN B 1094 -34.52 -49.74 -23.36
C GLN B 1094 -34.49 -48.78 -22.17
N ARG B 1095 -33.48 -47.91 -22.15
CA ARG B 1095 -33.19 -47.12 -20.97
C ARG B 1095 -34.12 -45.94 -20.83
N ASN B 1096 -34.09 -45.02 -21.79
CA ASN B 1096 -34.70 -43.71 -21.63
C ASN B 1096 -35.94 -43.48 -22.47
N PHE B 1097 -36.40 -44.46 -23.23
CA PHE B 1097 -37.62 -44.32 -24.01
C PHE B 1097 -38.43 -45.59 -23.81
N TYR B 1098 -39.67 -45.45 -23.38
CA TYR B 1098 -40.49 -46.63 -23.15
C TYR B 1098 -40.92 -47.26 -24.46
N GLU B 1099 -40.38 -48.43 -24.74
CA GLU B 1099 -40.76 -49.19 -25.94
C GLU B 1099 -40.58 -50.67 -25.61
N PRO B 1100 -41.67 -51.38 -25.35
CA PRO B 1100 -41.58 -52.76 -24.87
C PRO B 1100 -41.50 -53.79 -25.97
N GLN B 1101 -40.81 -54.87 -25.67
CA GLN B 1101 -40.64 -55.97 -26.60
C GLN B 1101 -40.77 -57.28 -25.84
N ILE B 1102 -41.18 -58.33 -26.55
CA ILE B 1102 -41.25 -59.64 -25.92
C ILE B 1102 -39.85 -60.13 -25.59
N ILE B 1103 -39.79 -61.13 -24.73
CA ILE B 1103 -38.54 -61.61 -24.16
C ILE B 1103 -38.13 -62.86 -24.91
N THR B 1104 -36.96 -62.83 -25.55
CA THR B 1104 -36.46 -63.98 -26.28
C THR B 1104 -35.06 -64.31 -25.82
N THR B 1105 -34.45 -65.28 -26.49
CA THR B 1105 -33.09 -65.67 -26.19
C THR B 1105 -32.06 -64.84 -26.94
N ASP B 1106 -32.49 -63.85 -27.71
CA ASP B 1106 -31.55 -62.87 -28.23
C ASP B 1106 -31.55 -61.56 -27.46
N ASN B 1107 -32.62 -61.28 -26.72
CA ASN B 1107 -32.67 -60.10 -25.88
C ASN B 1107 -31.86 -60.26 -24.61
N THR B 1108 -31.68 -61.49 -24.14
CA THR B 1108 -31.13 -61.76 -22.83
C THR B 1108 -29.99 -62.77 -22.93
N PHE B 1109 -29.27 -62.93 -21.84
CA PHE B 1109 -28.21 -63.93 -21.75
C PHE B 1109 -28.34 -64.66 -20.43
N VAL B 1110 -27.93 -65.92 -20.44
CA VAL B 1110 -28.22 -66.85 -19.36
C VAL B 1110 -26.93 -67.18 -18.62
N SER B 1111 -26.99 -67.17 -17.30
CA SER B 1111 -25.80 -67.47 -16.51
C SER B 1111 -26.25 -67.91 -15.12
N GLY B 1112 -26.16 -69.19 -14.84
CA GLY B 1112 -26.30 -69.66 -13.49
C GLY B 1112 -27.63 -70.33 -13.21
N ASN B 1113 -27.91 -70.44 -11.92
CA ASN B 1113 -29.05 -71.16 -11.39
C ASN B 1113 -30.17 -70.19 -11.03
N CYS B 1114 -31.21 -70.70 -10.39
CA CYS B 1114 -32.39 -69.89 -10.08
C CYS B 1114 -32.51 -69.61 -8.59
N ASP B 1115 -31.42 -69.59 -7.84
CA ASP B 1115 -31.57 -69.47 -6.40
C ASP B 1115 -30.69 -68.39 -5.77
N VAL B 1116 -29.56 -68.08 -6.37
CA VAL B 1116 -28.67 -67.09 -5.78
C VAL B 1116 -29.28 -65.69 -5.87
N VAL B 1117 -29.97 -65.39 -6.96
CA VAL B 1117 -30.45 -64.04 -7.20
C VAL B 1117 -31.70 -63.78 -6.35
N ILE B 1118 -31.73 -62.62 -5.70
CA ILE B 1118 -32.84 -62.25 -4.84
C ILE B 1118 -33.87 -61.50 -5.68
N GLY B 1119 -35.12 -61.94 -5.64
CA GLY B 1119 -36.18 -61.27 -6.35
C GLY B 1119 -36.47 -61.80 -7.73
N ILE B 1120 -35.84 -62.91 -8.12
CA ILE B 1120 -36.10 -63.49 -9.42
C ILE B 1120 -37.56 -63.87 -9.55
N VAL B 1121 -38.05 -63.90 -10.79
CA VAL B 1121 -39.47 -64.02 -11.07
C VAL B 1121 -39.70 -65.03 -12.18
N ASN B 1122 -40.65 -65.94 -11.98
CA ASN B 1122 -40.99 -66.89 -13.04
C ASN B 1122 -41.63 -66.20 -14.23
N ASN B 1123 -41.34 -66.73 -15.41
CA ASN B 1123 -41.99 -66.35 -16.65
C ASN B 1123 -41.49 -67.30 -17.74
N THR B 1124 -41.84 -67.01 -18.98
CA THR B 1124 -41.43 -67.82 -20.11
C THR B 1124 -40.53 -66.98 -21.00
N VAL B 1125 -39.62 -67.65 -21.69
CA VAL B 1125 -38.70 -66.99 -22.62
C VAL B 1125 -38.96 -67.62 -23.98
N TYR B 1126 -39.66 -66.92 -24.85
CA TYR B 1126 -39.99 -67.46 -26.15
C TYR B 1126 -38.75 -67.48 -27.03
N ASP B 1127 -38.62 -68.51 -27.86
CA ASP B 1127 -37.47 -68.70 -28.72
C ASP B 1127 -37.90 -68.51 -30.17
N PRO B 1128 -37.25 -67.63 -30.93
CA PRO B 1128 -37.73 -67.36 -32.29
C PRO B 1128 -37.67 -68.55 -33.23
N LEU B 1129 -36.88 -69.57 -32.90
CA LEU B 1129 -36.71 -70.70 -33.82
C LEU B 1129 -37.89 -71.65 -33.82
N GLN B 1130 -38.80 -71.55 -32.84
CA GLN B 1130 -39.87 -72.53 -32.73
C GLN B 1130 -40.79 -72.58 -33.94
N PRO B 1131 -41.28 -71.46 -34.48
CA PRO B 1131 -42.17 -71.57 -35.66
C PRO B 1131 -41.50 -72.21 -36.86
N GLU B 1132 -40.32 -71.74 -37.24
CA GLU B 1132 -39.60 -72.32 -38.36
C GLU B 1132 -39.12 -73.73 -38.07
N LEU B 1133 -39.10 -74.15 -36.80
CA LEU B 1133 -38.82 -75.54 -36.48
C LEU B 1133 -39.83 -76.46 -37.15
N ASP B 1134 -41.05 -75.98 -37.34
CA ASP B 1134 -42.03 -76.70 -38.14
C ASP B 1134 -41.50 -76.83 -39.57
N SER B 1135 -41.56 -78.03 -40.11
CA SER B 1135 -41.01 -78.35 -41.42
C SER B 1135 -39.57 -77.85 -41.57
N ALA C 18 39.58 -17.67 41.15
CA ALA C 18 38.40 -18.52 41.21
C ALA C 18 37.32 -17.98 40.29
N TYR C 19 36.46 -18.86 39.78
CA TYR C 19 35.34 -18.43 38.95
C TYR C 19 34.18 -19.37 39.15
N THR C 20 32.99 -18.89 38.74
CA THR C 20 31.78 -19.69 38.80
C THR C 20 30.84 -19.25 37.70
N ASN C 21 29.91 -20.13 37.34
CA ASN C 21 28.99 -19.88 36.26
C ASN C 21 27.88 -18.93 36.74
N SER C 22 27.24 -18.26 35.77
CA SER C 22 26.26 -17.22 36.08
C SER C 22 24.84 -17.73 36.21
N PHE C 23 24.44 -18.75 35.46
CA PHE C 23 23.13 -19.38 35.58
C PHE C 23 21.99 -18.41 35.31
N THR C 24 21.91 -17.91 34.08
CA THR C 24 20.77 -17.16 33.55
C THR C 24 20.22 -16.13 34.55
N ARG C 25 21.08 -15.21 34.96
CA ARG C 25 20.72 -14.22 35.96
C ARG C 25 21.21 -12.85 35.54
N GLY C 26 20.57 -11.82 36.08
CA GLY C 26 21.02 -10.46 35.84
C GLY C 26 20.22 -9.67 34.83
N VAL C 27 18.89 -9.75 34.88
CA VAL C 27 18.03 -8.99 34.00
C VAL C 27 17.26 -7.96 34.81
N TYR C 28 16.89 -6.86 34.16
CA TYR C 28 16.25 -5.74 34.82
C TYR C 28 15.16 -5.16 33.94
N TYR C 29 14.16 -4.55 34.56
CA TYR C 29 13.09 -3.93 33.80
C TYR C 29 13.68 -2.82 32.95
N PRO C 30 13.49 -2.83 31.65
CA PRO C 30 14.24 -1.91 30.79
C PRO C 30 13.60 -0.55 30.64
N ASP C 31 12.32 -0.41 30.93
CA ASP C 31 11.62 0.84 30.64
C ASP C 31 10.66 1.17 31.78
N LYS C 32 9.79 2.13 31.52
CA LYS C 32 8.98 2.77 32.55
C LYS C 32 7.54 2.29 32.57
N VAL C 33 7.08 1.59 31.53
CA VAL C 33 5.66 1.42 31.24
C VAL C 33 5.23 0.00 31.58
N PHE C 34 3.95 -0.14 31.90
CA PHE C 34 3.39 -1.42 32.32
C PHE C 34 2.88 -2.18 31.10
N ARG C 35 3.04 -3.50 31.12
CA ARG C 35 2.59 -4.35 30.04
C ARG C 35 2.08 -5.67 30.60
N SER C 36 1.26 -6.36 29.83
CA SER C 36 0.67 -7.60 30.29
C SER C 36 0.46 -8.57 29.14
N SER C 37 0.78 -9.84 29.39
CA SER C 37 0.51 -10.94 28.46
C SER C 37 1.10 -10.68 27.07
N VAL C 38 2.36 -10.27 27.05
CA VAL C 38 3.04 -9.84 25.83
C VAL C 38 4.46 -10.36 25.87
N LEU C 39 5.09 -10.43 24.71
CA LEU C 39 6.50 -10.74 24.59
C LEU C 39 7.20 -9.59 23.91
N HIS C 40 8.21 -9.02 24.56
CA HIS C 40 8.82 -7.79 24.11
C HIS C 40 10.33 -7.95 23.98
N SER C 41 10.89 -7.42 22.91
CA SER C 41 12.30 -7.56 22.60
C SER C 41 13.00 -6.22 22.69
N THR C 42 14.06 -6.15 23.49
CA THR C 42 14.79 -4.91 23.72
C THR C 42 16.26 -5.12 23.41
N GLN C 43 16.93 -4.02 23.05
CA GLN C 43 18.37 -4.01 22.76
C GLN C 43 19.05 -3.04 23.71
N ASP C 44 19.90 -3.57 24.58
CA ASP C 44 20.54 -2.76 25.62
C ASP C 44 21.68 -3.61 26.16
N LEU C 45 22.45 -3.04 27.09
CA LEU C 45 23.58 -3.73 27.67
C LEU C 45 23.10 -4.61 28.82
N PHE C 46 23.22 -5.93 28.67
CA PHE C 46 22.83 -6.87 29.71
C PHE C 46 23.98 -7.83 30.00
N LEU C 47 23.72 -8.77 30.91
CA LEU C 47 24.70 -9.78 31.28
C LEU C 47 24.36 -11.09 30.60
N PRO C 48 25.26 -11.66 29.80
CA PRO C 48 24.94 -12.86 29.04
C PRO C 48 24.59 -14.03 29.96
N PHE C 49 23.71 -14.89 29.47
CA PHE C 49 23.37 -16.11 30.21
C PHE C 49 24.53 -17.08 30.19
N PHE C 50 24.62 -17.89 31.25
CA PHE C 50 25.61 -18.94 31.34
C PHE C 50 27.00 -18.38 31.14
N SER C 51 27.21 -17.17 31.63
CA SER C 51 28.53 -16.58 31.68
C SER C 51 29.23 -17.04 32.95
N ASN C 52 30.45 -16.55 33.16
CA ASN C 52 31.19 -16.91 34.36
C ASN C 52 31.95 -15.72 34.91
N VAL C 53 31.96 -15.64 36.24
CA VAL C 53 32.18 -14.39 36.96
C VAL C 53 33.20 -14.61 38.05
N THR C 54 34.14 -13.68 38.20
CA THR C 54 35.09 -13.75 39.28
C THR C 54 34.37 -13.60 40.61
N TRP C 55 34.85 -14.30 41.63
CA TRP C 55 34.15 -14.30 42.91
C TRP C 55 35.14 -14.46 44.05
N PHE C 56 34.97 -13.66 45.08
CA PHE C 56 35.95 -13.45 46.13
C PHE C 56 35.42 -13.97 47.45
N HIS C 57 36.27 -13.91 48.48
CA HIS C 57 35.88 -14.33 49.81
C HIS C 57 36.61 -13.48 50.84
N VAL C 58 35.93 -13.20 51.95
CA VAL C 58 36.52 -12.44 53.04
C VAL C 58 36.14 -13.08 54.36
N ASP C 69 41.88 -8.18 50.04
CA ASP C 69 40.62 -8.87 49.84
C ASP C 69 39.64 -8.01 49.05
N ASN C 70 40.18 -7.01 48.35
CA ASN C 70 39.41 -6.16 47.45
C ASN C 70 40.35 -5.45 46.48
N PRO C 71 40.59 -6.03 45.33
CA PRO C 71 41.49 -5.40 44.36
C PRO C 71 40.83 -4.23 43.66
N VAL C 72 41.52 -3.67 42.66
CA VAL C 72 40.97 -2.60 41.83
C VAL C 72 40.51 -3.21 40.51
N LEU C 73 39.27 -3.67 40.48
CA LEU C 73 38.73 -4.22 39.25
C LEU C 73 38.44 -3.09 38.26
N PRO C 74 38.60 -3.35 36.96
CA PRO C 74 38.21 -2.36 35.97
C PRO C 74 36.70 -2.29 35.84
N PHE C 75 36.24 -1.31 35.06
CA PHE C 75 34.83 -1.00 34.89
C PHE C 75 34.67 -0.61 33.42
N ASN C 76 34.37 -1.59 32.56
CA ASN C 76 34.39 -1.34 31.13
C ASN C 76 33.05 -0.79 30.63
N ASP C 77 31.97 -1.51 30.86
CA ASP C 77 30.67 -1.07 30.40
C ASP C 77 29.58 -1.12 31.44
N GLY C 78 29.84 -1.71 32.59
CA GLY C 78 28.80 -1.86 33.59
C GLY C 78 28.95 -3.20 34.25
N VAL C 79 28.68 -3.28 35.55
CA VAL C 79 29.00 -4.45 36.33
C VAL C 79 27.78 -4.89 37.12
N TYR C 80 27.58 -6.19 37.19
CA TYR C 80 26.55 -6.77 38.04
C TYR C 80 27.26 -7.28 39.27
N PHE C 81 26.96 -6.69 40.42
CA PHE C 81 27.68 -6.94 41.65
C PHE C 81 26.67 -7.45 42.65
N ALA C 82 26.81 -8.71 43.06
CA ALA C 82 25.88 -9.31 44.01
C ALA C 82 26.67 -9.81 45.21
N SER C 83 26.15 -9.53 46.41
CA SER C 83 26.81 -9.89 47.65
C SER C 83 25.93 -10.86 48.42
N ILE C 84 26.58 -11.75 49.17
CA ILE C 84 25.91 -12.75 49.97
C ILE C 84 26.46 -12.64 51.39
N GLU C 85 25.57 -12.58 52.39
CA GLU C 85 26.01 -12.30 53.76
C GLU C 85 24.85 -12.44 54.74
N LYS C 86 25.18 -12.49 56.03
CA LYS C 86 24.19 -12.49 57.11
C LYS C 86 23.96 -11.10 57.70
N SER C 87 24.99 -10.51 58.27
CA SER C 87 24.93 -9.13 58.71
C SER C 87 25.45 -8.25 57.59
N ASN C 88 25.67 -6.97 57.87
CA ASN C 88 26.19 -6.03 56.89
C ASN C 88 27.70 -5.95 57.05
N ILE C 89 28.44 -6.43 56.05
CA ILE C 89 29.89 -6.36 56.08
C ILE C 89 30.47 -5.61 54.88
N ILE C 90 29.76 -5.54 53.76
CA ILE C 90 30.24 -4.82 52.58
C ILE C 90 29.37 -3.58 52.42
N ARG C 91 30.01 -2.41 52.40
CA ARG C 91 29.30 -1.13 52.36
C ARG C 91 29.98 -0.21 51.38
N GLY C 92 29.25 0.21 50.35
CA GLY C 92 29.68 1.29 49.50
C GLY C 92 30.70 0.88 48.46
N TRP C 93 30.86 1.76 47.48
CA TRP C 93 31.78 1.53 46.38
C TRP C 93 32.51 2.83 46.08
N ILE C 94 33.72 2.71 45.55
CA ILE C 94 34.47 3.84 45.02
C ILE C 94 34.54 3.71 43.52
N PHE C 95 34.21 4.79 42.82
CA PHE C 95 34.38 4.87 41.39
C PHE C 95 35.38 5.96 41.08
N GLY C 96 36.22 5.72 40.07
CA GLY C 96 37.19 6.73 39.73
C GLY C 96 37.85 6.49 38.39
N THR C 97 38.12 7.56 37.66
CA THR C 97 38.79 7.44 36.38
C THR C 97 40.18 6.83 36.55
N THR C 98 40.99 7.41 37.44
CA THR C 98 42.30 6.87 37.76
C THR C 98 42.55 6.80 39.26
N LEU C 99 41.51 6.99 40.08
CA LEU C 99 41.60 6.85 41.54
C LEU C 99 42.72 7.71 42.11
N ASP C 100 42.56 9.02 41.96
CA ASP C 100 43.47 9.98 42.57
C ASP C 100 42.78 11.33 42.64
N SER C 101 43.32 12.21 43.48
CA SER C 101 42.75 13.54 43.63
C SER C 101 43.05 14.45 42.45
N LYS C 102 43.95 14.05 41.56
CA LYS C 102 44.25 14.87 40.39
C LYS C 102 43.03 14.95 39.47
N THR C 103 42.30 13.86 39.31
CA THR C 103 41.15 13.80 38.41
C THR C 103 39.88 13.49 39.20
N GLN C 104 38.78 14.11 38.78
CA GLN C 104 37.51 13.98 39.48
C GLN C 104 37.07 12.52 39.61
N SER C 105 36.65 12.15 40.82
CA SER C 105 36.19 10.79 41.10
C SER C 105 34.84 10.81 41.79
N LEU C 106 34.40 9.67 42.32
CA LEU C 106 33.06 9.56 42.86
C LEU C 106 33.08 8.64 44.08
N LEU C 107 32.19 8.91 45.02
CA LEU C 107 32.13 8.20 46.29
C LEU C 107 30.69 7.85 46.62
N ILE C 108 30.46 6.62 47.05
CA ILE C 108 29.16 6.18 47.53
C ILE C 108 29.35 5.36 48.79
N VAL C 109 28.66 5.74 49.86
CA VAL C 109 28.75 5.04 51.13
C VAL C 109 27.34 4.78 51.64
N ASN C 110 27.06 3.56 52.02
CA ASN C 110 25.81 3.20 52.67
C ASN C 110 26.14 2.92 54.12
N ASN C 111 25.71 3.81 55.01
CA ASN C 111 25.86 3.60 56.43
C ASN C 111 24.48 3.26 57.03
N ALA C 112 24.42 3.17 58.36
CA ALA C 112 23.15 2.85 59.01
C ALA C 112 22.16 4.00 58.87
N THR C 113 22.62 5.23 59.07
CA THR C 113 21.70 6.37 59.09
C THR C 113 21.15 6.68 57.70
N ASN C 114 22.01 6.73 56.70
CA ASN C 114 21.59 7.13 55.35
C ASN C 114 22.73 6.87 54.38
N VAL C 115 22.43 6.99 53.10
CA VAL C 115 23.45 6.91 52.07
C VAL C 115 23.97 8.31 51.78
N VAL C 116 25.28 8.44 51.60
CA VAL C 116 25.93 9.69 51.29
C VAL C 116 26.66 9.55 49.98
N ILE C 117 26.45 10.51 49.08
CA ILE C 117 27.07 10.49 47.77
C ILE C 117 27.88 11.77 47.57
N LYS C 118 29.10 11.58 47.08
CA LYS C 118 30.05 12.66 46.93
C LYS C 118 30.64 12.59 45.53
N VAL C 119 30.94 13.74 44.98
CA VAL C 119 31.73 13.80 43.75
C VAL C 119 32.77 14.88 43.92
N CYS C 120 33.98 14.50 44.34
CA CYS C 120 35.02 15.47 44.65
C CYS C 120 36.39 14.87 44.36
N GLU C 121 37.42 15.66 44.63
CA GLU C 121 38.80 15.18 44.60
C GLU C 121 39.15 14.60 45.96
N PHE C 122 39.60 13.36 45.97
CA PHE C 122 39.90 12.70 47.23
C PHE C 122 41.31 12.13 47.20
N GLN C 123 41.95 12.17 48.37
CA GLN C 123 43.20 11.45 48.62
C GLN C 123 42.85 10.16 49.34
N PHE C 124 42.52 9.13 48.55
CA PHE C 124 42.17 7.84 49.13
C PHE C 124 43.33 7.25 49.92
N CYS C 125 42.99 6.60 51.03
CA CYS C 125 43.97 5.80 51.73
C CYS C 125 44.30 4.54 50.94
N ASN C 126 45.43 3.91 51.28
CA ASN C 126 45.85 2.71 50.58
C ASN C 126 44.83 1.59 50.74
N ASP C 127 44.30 1.42 51.94
CA ASP C 127 43.21 0.48 52.18
C ASP C 127 42.03 1.12 52.90
N PRO C 128 40.86 1.20 52.27
CA PRO C 128 39.66 1.71 52.94
C PRO C 128 38.98 0.60 53.72
N PHE C 129 39.02 0.71 55.04
CA PHE C 129 38.33 -0.25 55.91
C PHE C 129 37.44 0.51 56.88
N LEU C 130 36.22 0.02 57.06
CA LEU C 130 35.21 0.72 57.84
C LEU C 130 34.79 -0.16 59.01
N ASP C 131 34.87 0.38 60.22
CA ASP C 131 34.48 -0.35 61.43
C ASP C 131 33.17 0.17 62.01
N GLU C 140 33.96 3.11 61.32
CA GLU C 140 33.49 4.39 60.81
C GLU C 140 34.60 5.09 60.04
N SER C 141 34.73 4.75 58.76
CA SER C 141 35.79 5.26 57.91
C SER C 141 35.30 6.31 56.92
N GLU C 142 34.08 6.82 57.11
CA GLU C 142 33.46 7.66 56.10
C GLU C 142 34.30 8.87 55.77
N PHE C 143 35.16 9.29 56.70
CA PHE C 143 36.04 10.42 56.47
C PHE C 143 37.51 10.05 56.45
N ARG C 144 37.89 8.84 56.82
CA ARG C 144 39.28 8.41 56.73
C ARG C 144 39.55 7.49 55.55
N VAL C 145 38.57 7.27 54.67
CA VAL C 145 38.92 6.71 53.38
C VAL C 145 39.70 7.72 52.55
N TYR C 146 39.40 9.01 52.69
CA TYR C 146 40.14 10.08 52.03
C TYR C 146 40.73 11.00 53.09
N SER C 147 41.44 12.02 52.62
CA SER C 147 42.00 13.03 53.52
C SER C 147 41.76 14.43 52.99
N SER C 148 41.51 14.56 51.69
CA SER C 148 41.23 15.84 51.06
C SER C 148 39.92 15.76 50.29
N ALA C 149 39.20 16.88 50.28
CA ALA C 149 37.91 16.96 49.60
C ALA C 149 37.62 18.43 49.34
N ASN C 150 37.65 18.83 48.07
CA ASN C 150 37.51 20.25 47.73
C ASN C 150 37.16 20.38 46.25
N ASN C 151 36.89 21.62 45.85
CA ASN C 151 36.76 22.01 44.45
C ASN C 151 35.60 21.26 43.79
N CYS C 152 34.60 20.90 44.56
CA CYS C 152 33.68 19.86 44.13
C CYS C 152 32.23 20.31 44.25
N THR C 153 31.37 19.62 43.51
CA THR C 153 30.05 20.14 43.16
C THR C 153 28.90 19.37 43.79
N PHE C 154 28.78 18.08 43.50
CA PHE C 154 27.52 17.38 43.73
C PHE C 154 27.39 16.91 45.17
N GLU C 155 26.15 16.90 45.66
CA GLU C 155 25.81 16.45 47.00
C GLU C 155 24.58 15.55 46.93
N TYR C 156 24.49 14.61 47.85
CA TYR C 156 23.28 13.79 47.96
C TYR C 156 23.26 12.99 49.26
N VAL C 157 22.14 13.07 49.97
CA VAL C 157 21.82 12.16 51.05
C VAL C 157 20.38 11.72 50.83
N SER C 158 20.03 10.55 51.33
CA SER C 158 18.69 10.02 51.08
C SER C 158 18.43 8.87 52.04
N GLN C 159 17.32 8.18 51.81
CA GLN C 159 16.93 7.02 52.59
C GLN C 159 17.93 5.90 52.34
N PRO C 160 18.55 5.33 53.38
CA PRO C 160 19.59 4.31 53.15
C PRO C 160 19.07 3.09 52.40
N PHE C 161 19.94 2.53 51.57
CA PHE C 161 19.56 1.43 50.68
C PHE C 161 19.21 0.17 51.46
N LEU C 162 19.99 -0.15 52.49
CA LEU C 162 19.82 -1.41 53.20
C LEU C 162 18.79 -1.22 54.32
N MET C 163 17.54 -1.09 53.88
CA MET C 163 16.38 -1.35 54.72
C MET C 163 15.72 -2.67 54.39
N ASP C 164 16.16 -3.32 53.32
CA ASP C 164 15.69 -4.66 53.00
C ASP C 164 16.33 -5.65 53.96
N LEU C 165 15.76 -5.74 55.16
CA LEU C 165 16.26 -6.66 56.18
C LEU C 165 15.26 -7.79 56.39
N GLN C 169 17.91 -14.00 61.25
CA GLN C 169 16.94 -15.07 60.98
C GLN C 169 17.67 -16.40 60.84
N GLY C 170 16.91 -17.47 60.68
CA GLY C 170 17.47 -18.81 60.55
C GLY C 170 17.12 -19.42 59.21
N ASN C 171 18.10 -20.09 58.59
CA ASN C 171 17.96 -20.79 57.32
C ASN C 171 17.84 -19.78 56.18
N PHE C 172 17.78 -18.50 56.51
CA PHE C 172 17.68 -17.44 55.52
C PHE C 172 19.06 -16.84 55.26
N LYS C 173 19.22 -16.32 54.05
CA LYS C 173 20.45 -15.70 53.63
C LYS C 173 20.08 -14.47 52.82
N ASN C 174 20.98 -13.50 52.75
CA ASN C 174 20.69 -12.20 52.14
C ASN C 174 21.45 -12.06 50.82
N LEU C 175 20.71 -12.00 49.72
CA LEU C 175 21.28 -11.75 48.39
C LEU C 175 20.77 -10.41 47.89
N ARG C 176 21.69 -9.54 47.50
CA ARG C 176 21.33 -8.24 46.94
C ARG C 176 22.06 -8.05 45.62
N GLU C 177 21.32 -7.67 44.58
CA GLU C 177 21.87 -7.53 43.24
C GLU C 177 21.71 -6.10 42.74
N PHE C 178 22.81 -5.53 42.28
CA PHE C 178 22.82 -4.21 41.68
C PHE C 178 23.40 -4.27 40.27
N VAL C 179 23.08 -3.25 39.50
CA VAL C 179 23.69 -3.03 38.19
C VAL C 179 24.06 -1.57 38.09
N PHE C 180 25.32 -1.30 37.80
CA PHE C 180 25.82 0.06 37.64
C PHE C 180 26.12 0.26 36.16
N LYS C 181 25.47 1.24 35.55
CA LYS C 181 25.80 1.60 34.18
C LYS C 181 25.85 3.12 34.07
N ASN C 182 26.86 3.61 33.35
CA ASN C 182 27.11 5.03 33.18
C ASN C 182 27.07 5.31 31.69
N ILE C 183 26.09 6.09 31.25
CA ILE C 183 25.92 6.43 29.84
C ILE C 183 25.73 7.94 29.72
N ASP C 184 26.46 8.54 28.77
CA ASP C 184 26.34 9.94 28.35
C ASP C 184 26.18 10.95 29.49
N GLY C 185 26.84 10.72 30.61
CA GLY C 185 26.74 11.62 31.74
C GLY C 185 25.60 11.32 32.69
N TYR C 186 25.06 10.11 32.64
CA TYR C 186 24.02 9.68 33.57
C TYR C 186 24.47 8.38 34.21
N PHE C 187 24.21 8.24 35.50
CA PHE C 187 24.64 7.07 36.26
C PHE C 187 23.40 6.41 36.85
N LYS C 188 23.25 5.11 36.61
CA LYS C 188 22.00 4.40 36.90
C LYS C 188 22.23 3.24 37.85
N ILE C 189 21.29 3.04 38.77
CA ILE C 189 21.33 1.98 39.76
C ILE C 189 20.03 1.19 39.66
N TYR C 190 20.13 -0.13 39.64
CA TYR C 190 18.99 -1.03 39.71
C TYR C 190 19.19 -1.94 40.91
N SER C 191 18.09 -2.46 41.46
CA SER C 191 18.21 -3.19 42.70
C SER C 191 17.09 -4.18 42.85
N LYS C 192 17.39 -5.29 43.52
CA LYS C 192 16.37 -6.25 43.90
C LYS C 192 16.98 -7.15 44.97
N HIS C 193 16.32 -7.28 46.11
CA HIS C 193 16.72 -8.17 47.18
C HIS C 193 15.86 -9.42 47.13
N THR C 194 16.51 -10.58 47.08
CA THR C 194 15.82 -11.86 47.15
C THR C 194 16.16 -12.54 48.45
N PRO C 195 15.19 -12.94 49.27
CA PRO C 195 15.50 -13.74 50.45
C PRO C 195 15.90 -15.15 50.05
N ILE C 196 17.17 -15.47 50.17
CA ILE C 196 17.72 -16.71 49.62
C ILE C 196 17.98 -17.69 50.75
N ILE C 197 17.61 -18.95 50.53
CA ILE C 197 18.07 -20.08 51.34
C ILE C 197 18.94 -20.94 50.43
N VAL C 198 20.13 -21.29 50.90
CA VAL C 198 21.11 -21.94 50.05
C VAL C 198 22.10 -22.68 50.93
N ARG C 199 22.46 -23.89 50.51
CA ARG C 199 23.35 -24.75 51.30
C ARG C 199 24.82 -24.56 50.96
N GLU C 200 25.15 -23.84 49.89
CA GLU C 200 26.55 -23.60 49.56
C GLU C 200 26.77 -22.11 49.30
N PRO C 201 27.74 -21.49 49.97
CA PRO C 201 27.98 -20.05 49.81
C PRO C 201 28.93 -19.66 48.68
N GLU C 202 29.14 -20.53 47.69
CA GLU C 202 30.02 -20.19 46.58
C GLU C 202 29.30 -20.12 45.24
N ASP C 203 28.04 -20.52 45.16
CA ASP C 203 27.35 -20.62 43.88
C ASP C 203 25.99 -19.96 43.94
N LEU C 204 25.65 -19.23 42.89
CA LEU C 204 24.34 -18.59 42.78
C LEU C 204 23.29 -19.63 42.39
N PRO C 205 22.06 -19.46 42.85
CA PRO C 205 21.02 -20.42 42.49
C PRO C 205 20.40 -20.09 41.15
N GLN C 206 20.11 -21.14 40.38
CA GLN C 206 19.52 -20.98 39.06
C GLN C 206 18.04 -20.66 39.21
N GLY C 207 17.75 -19.38 39.42
CA GLY C 207 16.39 -18.89 39.49
C GLY C 207 16.18 -17.73 38.53
N PHE C 208 15.07 -17.02 38.65
CA PHE C 208 14.83 -15.89 37.76
C PHE C 208 14.19 -14.74 38.53
N SER C 209 14.73 -13.54 38.34
CA SER C 209 14.17 -12.33 38.92
C SER C 209 14.68 -11.14 38.13
N ALA C 210 13.93 -10.04 38.20
CA ALA C 210 14.31 -8.82 37.52
C ALA C 210 14.55 -7.70 38.52
N LEU C 211 15.40 -6.76 38.17
CA LEU C 211 15.87 -5.73 39.09
C LEU C 211 15.13 -4.43 38.82
N GLU C 212 14.36 -3.96 39.79
CA GLU C 212 13.66 -2.71 39.62
C GLU C 212 14.65 -1.55 39.64
N PRO C 213 14.31 -0.43 39.00
CA PRO C 213 15.16 0.75 39.10
C PRO C 213 15.19 1.30 40.50
N LEU C 214 16.30 1.95 40.85
CA LEU C 214 16.47 2.51 42.19
C LEU C 214 16.64 4.02 42.16
N VAL C 215 17.63 4.53 41.43
CA VAL C 215 17.91 5.96 41.41
C VAL C 215 18.83 6.25 40.24
N ASP C 216 18.63 7.39 39.60
CA ASP C 216 19.48 7.88 38.53
C ASP C 216 20.27 9.07 39.00
N LEU C 217 21.47 9.23 38.44
CA LEU C 217 22.41 10.24 38.92
C LEU C 217 22.92 11.08 37.75
N PRO C 218 23.02 12.39 37.91
CA PRO C 218 23.44 13.26 36.81
C PRO C 218 24.93 13.55 36.72
N ILE C 219 25.77 12.69 37.29
CA ILE C 219 27.21 12.92 37.29
C ILE C 219 27.77 12.79 35.87
N GLY C 220 28.68 13.70 35.51
CA GLY C 220 29.23 13.77 34.17
C GLY C 220 30.73 13.53 34.03
N ILE C 221 31.26 12.53 34.73
CA ILE C 221 32.68 12.21 34.72
C ILE C 221 32.90 10.87 34.07
N ASN C 222 34.14 10.60 33.65
CA ASN C 222 34.49 9.29 33.12
C ASN C 222 34.84 8.35 34.28
N ILE C 223 34.31 7.13 34.20
CA ILE C 223 34.61 6.09 35.18
C ILE C 223 35.22 4.94 34.42
N THR C 224 36.51 4.68 34.66
CA THR C 224 37.21 3.59 34.02
C THR C 224 37.65 2.51 34.97
N ARG C 225 37.71 2.79 36.27
CA ARG C 225 38.19 1.84 37.26
C ARG C 225 37.22 1.86 38.44
N PHE C 226 37.35 0.87 39.30
CA PHE C 226 36.31 0.62 40.28
C PHE C 226 36.90 -0.11 41.47
N GLN C 227 36.39 0.19 42.66
CA GLN C 227 36.90 -0.39 43.89
C GLN C 227 35.77 -0.49 44.90
N THR C 228 35.80 -1.53 45.71
CA THR C 228 34.81 -1.73 46.76
C THR C 228 35.45 -1.56 48.13
N LEU C 229 34.62 -1.21 49.12
CA LEU C 229 35.07 -0.96 50.48
C LEU C 229 34.48 -2.01 51.41
N LEU C 230 35.20 -3.11 51.59
CA LEU C 230 34.85 -4.06 52.63
C LEU C 230 34.98 -3.39 53.99
N ALA C 231 33.97 -3.58 54.83
CA ALA C 231 33.92 -2.91 56.12
C ALA C 231 34.35 -3.87 57.23
N LEU C 232 35.34 -3.46 58.02
CA LEU C 232 35.84 -4.26 59.13
C LEU C 232 35.50 -3.63 60.48
N ALA C 250 31.98 -14.08 57.78
CA ALA C 250 32.44 -14.39 56.43
C ALA C 250 31.44 -13.91 55.39
N ALA C 251 31.95 -13.31 54.31
CA ALA C 251 31.11 -12.79 53.25
C ALA C 251 31.75 -13.10 51.91
N ALA C 252 30.93 -13.09 50.86
CA ALA C 252 31.39 -13.34 49.51
C ALA C 252 30.64 -12.43 48.55
N TYR C 253 31.36 -11.84 47.61
CA TYR C 253 30.72 -11.02 46.59
C TYR C 253 31.22 -11.41 45.21
N TYR C 254 30.36 -11.20 44.21
CA TYR C 254 30.59 -11.64 42.85
C TYR C 254 30.61 -10.44 41.92
N VAL C 255 31.35 -10.56 40.82
CA VAL C 255 31.51 -9.49 39.86
C VAL C 255 31.37 -10.03 38.45
N GLY C 256 30.47 -9.45 37.67
CA GLY C 256 30.35 -9.80 36.26
C GLY C 256 30.27 -8.56 35.41
N TYR C 257 30.69 -8.70 34.16
CA TYR C 257 30.74 -7.59 33.23
C TYR C 257 29.67 -7.78 32.16
N LEU C 258 28.92 -6.73 31.89
CA LEU C 258 27.78 -6.77 31.00
C LEU C 258 28.08 -6.02 29.71
N GLN C 259 27.62 -6.57 28.59
CA GLN C 259 27.95 -6.07 27.26
C GLN C 259 26.70 -6.07 26.40
N PRO C 260 26.71 -5.35 25.27
CA PRO C 260 25.47 -5.17 24.50
C PRO C 260 24.91 -6.48 23.99
N ARG C 261 23.59 -6.61 24.05
CA ARG C 261 22.93 -7.83 23.60
C ARG C 261 21.55 -7.45 23.08
N THR C 262 20.71 -8.47 22.91
CA THR C 262 19.30 -8.29 22.63
C THR C 262 18.54 -9.45 23.26
N PHE C 263 17.60 -9.15 24.13
CA PHE C 263 16.87 -10.17 24.86
C PHE C 263 15.41 -10.17 24.40
N LEU C 264 14.67 -11.17 24.87
CA LEU C 264 13.25 -11.31 24.56
C LEU C 264 12.53 -11.61 25.87
N LEU C 265 11.83 -10.63 26.40
CA LEU C 265 11.22 -10.75 27.71
C LEU C 265 9.81 -11.33 27.59
N LYS C 266 9.26 -11.70 28.74
CA LYS C 266 7.94 -12.29 28.81
C LYS C 266 7.20 -11.71 29.99
N TYR C 267 5.98 -11.25 29.79
CA TYR C 267 5.18 -10.62 30.82
C TYR C 267 3.92 -11.45 31.07
N ASN C 268 3.69 -11.82 32.32
CA ASN C 268 2.54 -12.65 32.64
C ASN C 268 1.29 -11.79 32.66
N GLU C 269 0.20 -12.32 33.20
CA GLU C 269 -1.05 -11.57 33.21
C GLU C 269 -1.08 -10.49 34.29
N ASN C 270 -0.10 -10.47 35.18
CA ASN C 270 -0.08 -9.51 36.28
C ASN C 270 0.88 -8.37 36.03
N GLY C 271 1.74 -8.48 35.03
CA GLY C 271 2.64 -7.41 34.67
C GLY C 271 4.07 -7.54 35.14
N THR C 272 4.52 -8.74 35.46
CA THR C 272 5.89 -8.95 35.93
C THR C 272 6.59 -9.98 35.07
N ILE C 273 7.90 -9.77 34.89
CA ILE C 273 8.69 -10.62 34.03
C ILE C 273 8.80 -12.02 34.60
N THR C 274 8.72 -13.03 33.74
CA THR C 274 8.88 -14.41 34.14
C THR C 274 10.16 -15.04 33.61
N ASP C 275 10.49 -14.86 32.33
CA ASP C 275 11.72 -15.42 31.77
C ASP C 275 12.07 -14.69 30.48
N ALA C 276 13.31 -14.91 30.03
CA ALA C 276 13.81 -14.29 28.81
C ALA C 276 14.81 -15.21 28.15
N VAL C 277 15.04 -15.00 26.86
CA VAL C 277 15.92 -15.86 26.07
C VAL C 277 17.00 -15.00 25.41
N ASP C 278 18.24 -15.23 25.80
CA ASP C 278 19.35 -14.54 25.15
C ASP C 278 19.38 -14.91 23.69
N CYS C 279 19.50 -13.91 22.84
CA CYS C 279 19.30 -14.13 21.42
C CYS C 279 20.60 -14.45 20.72
N ALA C 280 21.69 -14.56 21.46
CA ALA C 280 23.00 -14.87 20.90
C ALA C 280 23.68 -16.03 21.63
N LEU C 281 22.92 -16.80 22.40
CA LEU C 281 23.51 -17.94 23.08
C LEU C 281 23.88 -19.04 22.10
N ASP C 282 22.94 -19.42 21.23
CA ASP C 282 23.13 -20.58 20.37
C ASP C 282 22.10 -20.51 19.24
N PRO C 283 22.22 -21.38 18.23
CA PRO C 283 21.28 -21.34 17.12
C PRO C 283 19.83 -21.51 17.50
N LEU C 284 19.53 -22.37 18.47
CA LEU C 284 18.13 -22.52 18.87
C LEU C 284 17.60 -21.23 19.46
N SER C 285 18.41 -20.54 20.25
CA SER C 285 17.98 -19.28 20.81
C SER C 285 17.75 -18.24 19.73
N GLU C 286 18.63 -18.18 18.74
CA GLU C 286 18.43 -17.22 17.67
C GLU C 286 17.17 -17.54 16.89
N THR C 287 16.86 -18.82 16.73
CA THR C 287 15.61 -19.21 16.06
C THR C 287 14.40 -18.72 16.84
N LYS C 288 14.39 -18.96 18.16
CA LYS C 288 13.27 -18.49 18.96
C LYS C 288 13.17 -16.98 18.88
N CYS C 289 14.31 -16.31 18.81
CA CYS C 289 14.32 -14.86 18.69
C CYS C 289 13.57 -14.42 17.43
N THR C 290 13.95 -14.98 16.28
CA THR C 290 13.32 -14.53 15.04
C THR C 290 11.85 -14.91 14.98
N LEU C 291 11.48 -16.09 15.47
CA LEU C 291 10.08 -16.44 15.46
C LEU C 291 9.27 -15.65 16.47
N LYS C 292 9.92 -15.04 17.46
CA LYS C 292 9.25 -14.31 18.53
C LYS C 292 8.24 -15.20 19.25
N SER C 293 8.70 -16.39 19.62
CA SER C 293 7.93 -17.26 20.49
C SER C 293 8.89 -18.19 21.20
N PHE C 294 8.41 -18.79 22.28
CA PHE C 294 9.23 -19.65 23.10
C PHE C 294 9.09 -21.13 22.76
N THR C 295 8.27 -21.49 21.78
CA THR C 295 8.15 -22.86 21.32
C THR C 295 8.29 -22.90 19.80
N VAL C 296 8.91 -23.96 19.29
CA VAL C 296 9.12 -24.14 17.86
C VAL C 296 8.62 -25.52 17.49
N GLU C 297 8.04 -25.63 16.30
CA GLU C 297 7.60 -26.90 15.77
C GLU C 297 8.67 -27.49 14.86
N LYS C 298 8.41 -28.68 14.34
CA LYS C 298 9.41 -29.42 13.58
C LYS C 298 9.52 -28.85 12.17
N GLY C 299 10.72 -28.45 11.78
CA GLY C 299 10.92 -27.93 10.44
C GLY C 299 12.31 -27.37 10.26
N ILE C 300 12.47 -26.57 9.22
CA ILE C 300 13.72 -25.89 8.92
C ILE C 300 13.44 -24.40 8.79
N TYR C 301 14.23 -23.58 9.47
CA TYR C 301 13.97 -22.15 9.55
C TYR C 301 15.18 -21.35 9.12
N GLN C 302 14.94 -20.17 8.58
CA GLN C 302 15.99 -19.21 8.25
C GLN C 302 16.02 -18.14 9.33
N THR C 303 17.18 -17.97 9.96
CA THR C 303 17.32 -17.09 11.10
C THR C 303 18.24 -15.94 10.77
N SER C 304 17.79 -14.73 11.08
CA SER C 304 18.55 -13.52 10.79
C SER C 304 19.80 -13.47 11.66
N ASN C 305 20.60 -12.42 11.47
CA ASN C 305 21.87 -12.28 12.17
C ASN C 305 21.66 -11.51 13.46
N PHE C 306 22.16 -12.04 14.56
CA PHE C 306 22.15 -11.35 15.84
C PHE C 306 23.50 -11.27 16.52
N ARG C 307 24.48 -12.06 16.08
CA ARG C 307 25.83 -11.94 16.59
C ARG C 307 26.51 -10.73 15.95
N VAL C 308 27.35 -10.04 16.72
CA VAL C 308 27.91 -8.76 16.29
C VAL C 308 29.43 -8.78 16.44
N GLN C 309 30.07 -7.88 15.73
CA GLN C 309 31.51 -7.75 15.69
C GLN C 309 31.89 -6.28 15.61
N PRO C 310 33.04 -5.90 16.13
CA PRO C 310 33.48 -4.50 16.07
C PRO C 310 34.41 -4.25 14.89
N THR C 311 34.69 -2.96 14.66
CA THR C 311 35.51 -2.53 13.54
C THR C 311 36.34 -1.32 13.95
N GLU C 312 37.35 -1.01 13.12
CA GLU C 312 38.18 0.17 13.29
C GLU C 312 38.29 0.92 11.96
N SER C 313 38.60 2.21 12.06
CA SER C 313 38.66 3.08 10.90
C SER C 313 40.09 3.18 10.37
N ILE C 314 40.20 3.29 9.05
CA ILE C 314 41.49 3.47 8.37
C ILE C 314 41.32 4.49 7.26
N VAL C 315 42.29 5.39 7.14
CA VAL C 315 42.28 6.43 6.11
C VAL C 315 43.64 6.48 5.44
N ARG C 316 43.66 6.52 4.10
CA ARG C 316 44.88 6.63 3.33
C ARG C 316 44.73 7.68 2.25
N PHE C 317 45.73 8.54 2.13
CA PHE C 317 45.70 9.73 1.30
C PHE C 317 46.92 9.76 0.37
N PRO C 318 46.90 10.65 -0.67
CA PRO C 318 47.84 10.49 -1.80
C PRO C 318 49.26 10.09 -1.44
N ASN C 319 50.00 10.91 -0.69
CA ASN C 319 51.25 10.45 -0.06
C ASN C 319 51.88 11.62 0.69
N SER C 518 48.36 8.70 5.74
CA SER C 518 48.31 8.78 7.19
C SER C 518 48.33 7.38 7.82
N THR C 519 47.15 6.90 8.20
CA THR C 519 47.04 5.61 8.86
C THR C 519 47.43 4.49 7.90
N ASN C 520 47.90 3.39 8.46
CA ASN C 520 48.28 2.24 7.65
C ASN C 520 47.10 1.27 7.59
N LEU C 521 46.89 0.69 6.41
CA LEU C 521 45.74 -0.17 6.17
C LEU C 521 45.91 -1.52 6.89
N VAL C 522 44.80 -2.25 6.99
CA VAL C 522 44.81 -3.62 7.46
C VAL C 522 44.11 -4.49 6.44
N LYS C 523 44.38 -5.79 6.49
CA LYS C 523 43.84 -6.74 5.55
C LYS C 523 43.21 -7.91 6.29
N ASN C 524 42.21 -8.52 5.67
CA ASN C 524 41.53 -9.70 6.18
C ASN C 524 40.82 -9.45 7.49
N LYS C 525 40.46 -8.21 7.77
CA LYS C 525 39.69 -7.85 8.96
C LYS C 525 38.82 -6.66 8.58
N CYS C 526 37.50 -6.87 8.51
CA CYS C 526 36.67 -5.88 7.86
C CYS C 526 36.65 -4.59 8.67
N VAL C 527 36.87 -3.49 7.97
CA VAL C 527 37.10 -2.17 8.54
C VAL C 527 36.47 -1.16 7.59
N ASN C 528 36.30 0.07 8.07
CA ASN C 528 35.76 1.13 7.22
C ASN C 528 36.88 2.09 6.82
N PHE C 529 36.88 2.47 5.55
CA PHE C 529 38.03 3.08 4.91
C PHE C 529 37.71 4.47 4.38
N ASN C 530 38.77 5.15 3.93
CA ASN C 530 38.69 6.46 3.30
C ASN C 530 39.84 6.55 2.30
N PHE C 531 39.57 6.23 1.05
CA PHE C 531 40.60 6.21 0.01
C PHE C 531 40.34 7.39 -0.91
N ASN C 532 40.91 8.54 -0.56
CA ASN C 532 40.76 9.77 -1.34
C ASN C 532 39.29 10.11 -1.54
N GLY C 533 38.49 9.92 -0.50
CA GLY C 533 37.08 10.25 -0.56
C GLY C 533 36.13 9.11 -0.80
N LEU C 534 36.60 7.87 -0.75
CA LEU C 534 35.73 6.70 -0.88
C LEU C 534 35.34 6.23 0.50
N LYS C 535 34.03 6.09 0.73
CA LYS C 535 33.50 5.66 2.01
C LYS C 535 32.88 4.28 1.88
N GLY C 536 33.17 3.41 2.83
CA GLY C 536 32.60 2.07 2.81
C GLY C 536 33.25 1.20 3.86
N THR C 537 32.73 -0.02 3.96
CA THR C 537 33.15 -0.96 4.97
C THR C 537 33.36 -2.32 4.32
N GLY C 538 34.31 -3.08 4.83
CA GLY C 538 34.45 -4.46 4.42
C GLY C 538 35.88 -4.93 4.46
N VAL C 539 36.04 -6.25 4.41
CA VAL C 539 37.37 -6.84 4.38
C VAL C 539 38.08 -6.41 3.11
N LEU C 540 39.35 -6.05 3.25
CA LEU C 540 40.20 -5.76 2.11
C LEU C 540 41.20 -6.90 1.95
N THR C 541 41.28 -7.45 0.75
CA THR C 541 42.11 -8.62 0.47
C THR C 541 43.07 -8.30 -0.66
N GLU C 542 43.68 -9.35 -1.21
CA GLU C 542 44.56 -9.24 -2.35
C GLU C 542 43.82 -9.70 -3.60
N SER C 543 43.89 -8.90 -4.66
CA SER C 543 43.13 -9.13 -5.87
C SER C 543 44.05 -9.20 -7.08
N ASN C 544 43.67 -10.01 -8.05
CA ASN C 544 44.45 -10.23 -9.26
C ASN C 544 43.96 -9.41 -10.43
N LYS C 545 43.04 -8.47 -10.19
CA LYS C 545 42.55 -7.63 -11.27
C LYS C 545 43.68 -6.75 -11.82
N LYS C 546 43.60 -6.44 -13.12
CA LYS C 546 44.53 -5.52 -13.74
C LYS C 546 43.80 -4.25 -14.13
N PHE C 547 44.43 -3.11 -13.85
CA PHE C 547 43.86 -1.81 -14.14
C PHE C 547 44.73 -1.13 -15.18
N LEU C 548 44.10 -0.42 -16.10
CA LEU C 548 44.87 0.40 -17.01
C LEU C 548 45.62 1.46 -16.21
N PRO C 549 46.80 1.86 -16.66
CA PRO C 549 47.71 2.62 -15.80
C PRO C 549 47.11 3.91 -15.24
N PHE C 550 46.06 4.40 -15.87
CA PHE C 550 45.46 5.67 -15.50
C PHE C 550 44.19 5.50 -14.69
N GLN C 551 43.97 4.34 -14.08
CA GLN C 551 42.62 3.95 -13.71
C GLN C 551 42.64 3.42 -12.29
N GLN C 552 41.87 4.03 -11.40
CA GLN C 552 42.04 3.81 -9.96
C GLN C 552 41.13 2.73 -9.39
N PHE C 553 39.81 2.86 -9.54
CA PHE C 553 38.89 1.96 -8.90
C PHE C 553 37.82 1.50 -9.88
N GLY C 554 37.36 0.27 -9.69
CA GLY C 554 36.39 -0.32 -10.58
C GLY C 554 35.20 -0.88 -9.83
N ARG C 555 34.09 -0.99 -10.54
CA ARG C 555 32.82 -1.33 -9.91
C ARG C 555 32.17 -2.52 -10.60
N ASP C 556 31.19 -3.10 -9.91
CA ASP C 556 30.56 -4.35 -10.30
C ASP C 556 29.32 -4.06 -11.14
N ILE C 557 28.45 -5.06 -11.28
CA ILE C 557 27.27 -4.95 -12.13
C ILE C 557 26.39 -3.80 -11.68
N ALA C 558 26.09 -3.73 -10.39
CA ALA C 558 25.18 -2.71 -9.89
C ALA C 558 25.80 -1.34 -9.76
N ASP C 559 26.95 -1.10 -10.39
CA ASP C 559 27.66 0.18 -10.27
C ASP C 559 27.94 0.51 -8.80
N THR C 560 28.64 -0.42 -8.14
CA THR C 560 29.08 -0.25 -6.76
C THR C 560 30.53 -0.66 -6.65
N THR C 561 31.27 0.04 -5.80
CA THR C 561 32.71 -0.16 -5.74
C THR C 561 33.05 -1.58 -5.30
N ASP C 562 34.01 -2.20 -6.00
CA ASP C 562 34.51 -3.50 -5.57
C ASP C 562 36.00 -3.68 -5.77
N ALA C 563 36.75 -2.61 -6.01
CA ALA C 563 38.19 -2.71 -6.18
C ALA C 563 38.80 -1.31 -6.11
N VAL C 564 39.83 -1.13 -5.31
CA VAL C 564 40.42 0.18 -5.10
C VAL C 564 41.93 0.08 -5.27
N ARG C 565 42.54 1.19 -5.69
CA ARG C 565 43.99 1.30 -5.74
C ARG C 565 44.45 2.18 -4.58
N ASP C 566 45.45 1.70 -3.86
CA ASP C 566 45.97 2.45 -2.73
C ASP C 566 46.58 3.76 -3.22
N PRO C 567 46.38 4.85 -2.51
CA PRO C 567 47.00 6.12 -2.93
C PRO C 567 48.51 6.14 -2.79
N GLN C 568 49.06 5.83 -1.60
CA GLN C 568 50.49 6.02 -1.40
C GLN C 568 51.30 5.04 -2.23
N THR C 569 51.16 3.75 -1.95
CA THR C 569 51.67 2.75 -2.86
C THR C 569 50.57 2.31 -3.81
N LEU C 570 50.94 1.59 -4.86
CA LEU C 570 50.03 1.35 -5.98
C LEU C 570 49.80 -0.15 -6.16
N GLU C 571 48.82 -0.70 -5.46
CA GLU C 571 48.40 -2.07 -5.71
C GLU C 571 46.87 -2.10 -5.80
N ILE C 572 46.38 -3.18 -6.40
CA ILE C 572 44.95 -3.36 -6.58
C ILE C 572 44.44 -4.21 -5.43
N LEU C 573 43.58 -3.62 -4.60
CA LEU C 573 42.92 -4.37 -3.54
C LEU C 573 41.53 -4.78 -3.99
N ASP C 574 40.84 -5.49 -3.10
CA ASP C 574 39.51 -6.00 -3.35
C ASP C 574 38.66 -5.75 -2.12
N ILE C 575 37.34 -5.67 -2.31
CA ILE C 575 36.42 -5.33 -1.23
C ILE C 575 35.38 -6.44 -1.12
N THR C 576 35.14 -6.89 0.11
CA THR C 576 34.31 -8.05 0.41
C THR C 576 33.48 -7.77 1.65
N PRO C 577 32.26 -8.30 1.72
CA PRO C 577 31.41 -8.06 2.91
C PRO C 577 32.02 -8.58 4.19
N CYS C 578 31.58 -7.99 5.31
CA CYS C 578 32.05 -8.39 6.63
C CYS C 578 31.68 -9.84 6.95
N SER C 579 30.39 -10.12 7.11
CA SER C 579 29.97 -11.43 7.61
C SER C 579 28.75 -11.95 6.87
N PHE C 580 28.66 -13.28 6.81
CA PHE C 580 27.52 -13.98 6.26
C PHE C 580 26.38 -13.90 7.26
N GLY C 581 25.23 -13.40 6.82
CA GLY C 581 24.16 -13.03 7.73
C GLY C 581 23.43 -14.13 8.44
N GLY C 582 22.62 -14.90 7.72
CA GLY C 582 21.72 -15.87 8.33
C GLY C 582 22.04 -17.30 7.95
N VAL C 583 21.67 -18.22 8.85
CA VAL C 583 21.86 -19.64 8.64
C VAL C 583 20.50 -20.32 8.68
N SER C 584 20.47 -21.63 8.52
CA SER C 584 19.24 -22.40 8.55
C SER C 584 19.34 -23.48 9.62
N VAL C 585 18.32 -23.57 10.46
CA VAL C 585 18.35 -24.40 11.65
C VAL C 585 17.32 -25.51 11.52
N ILE C 586 17.72 -26.74 11.80
CA ILE C 586 16.87 -27.92 11.67
C ILE C 586 16.50 -28.40 13.07
N THR C 587 15.23 -28.32 13.42
CA THR C 587 14.85 -28.74 14.76
C THR C 587 13.82 -29.84 14.72
N PRO C 588 13.90 -30.82 15.61
CA PRO C 588 12.83 -31.82 15.72
C PRO C 588 11.60 -31.29 16.39
N GLY C 589 11.68 -30.15 17.05
CA GLY C 589 10.57 -29.62 17.81
C GLY C 589 10.89 -29.51 19.28
N THR C 590 10.74 -28.30 19.83
CA THR C 590 11.07 -28.07 21.23
C THR C 590 10.29 -28.99 22.15
N ASN C 591 9.12 -29.45 21.69
CA ASN C 591 8.45 -30.54 22.37
C ASN C 591 9.34 -31.75 22.55
N THR C 592 10.04 -32.15 21.50
CA THR C 592 10.69 -33.46 21.57
C THR C 592 12.05 -33.39 22.24
N SER C 593 12.88 -32.44 21.83
CA SER C 593 14.21 -32.34 22.43
C SER C 593 14.75 -30.93 22.20
N ASN C 594 16.05 -30.78 22.34
CA ASN C 594 16.69 -29.48 22.16
C ASN C 594 17.88 -29.54 21.21
N GLN C 595 18.16 -30.68 20.60
CA GLN C 595 19.20 -30.74 19.61
C GLN C 595 18.78 -30.02 18.34
N VAL C 596 19.77 -29.56 17.57
CA VAL C 596 19.54 -28.89 16.32
C VAL C 596 20.59 -29.36 15.31
N ALA C 597 20.53 -28.79 14.12
CA ALA C 597 21.62 -28.85 13.17
C ALA C 597 21.58 -27.55 12.37
N VAL C 598 22.73 -27.13 11.87
CA VAL C 598 22.85 -25.84 11.21
C VAL C 598 23.39 -26.04 9.80
N LEU C 599 22.84 -25.30 8.85
CA LEU C 599 23.19 -25.41 7.45
C LEU C 599 23.78 -24.10 6.96
N TYR C 600 24.95 -24.18 6.35
CA TYR C 600 25.67 -23.00 5.88
C TYR C 600 25.54 -22.97 4.37
N GLN C 601 24.52 -22.28 3.90
CA GLN C 601 24.23 -22.26 2.47
C GLN C 601 25.35 -21.59 1.69
N GLY C 602 25.83 -22.26 0.67
CA GLY C 602 26.73 -21.64 -0.27
C GLY C 602 28.19 -21.60 0.14
N VAL C 603 28.54 -22.18 1.28
CA VAL C 603 29.95 -22.21 1.67
C VAL C 603 30.39 -23.66 1.74
N ASN C 604 31.65 -23.86 2.08
CA ASN C 604 32.28 -25.17 1.97
C ASN C 604 32.90 -25.51 3.31
N CYS C 605 33.07 -26.80 3.57
CA CYS C 605 33.32 -27.23 4.94
C CYS C 605 34.60 -26.61 5.51
N THR C 606 35.66 -26.57 4.71
CA THR C 606 36.98 -26.26 5.23
C THR C 606 37.12 -24.83 5.72
N GLU C 607 36.37 -23.89 5.16
CA GLU C 607 36.49 -22.49 5.55
C GLU C 607 35.27 -21.98 6.29
N VAL C 608 34.43 -22.88 6.81
CA VAL C 608 33.27 -22.42 7.58
C VAL C 608 33.64 -21.66 8.84
N PRO C 609 34.68 -22.02 9.61
CA PRO C 609 35.01 -21.16 10.77
C PRO C 609 35.40 -19.75 10.37
N VAL C 610 36.00 -19.59 9.20
CA VAL C 610 36.14 -18.28 8.60
C VAL C 610 34.83 -17.89 7.91
N ALA C 611 34.63 -16.59 7.71
CA ALA C 611 33.44 -16.05 7.06
C ALA C 611 32.21 -16.23 7.96
N ILE C 612 32.40 -16.91 9.07
CA ILE C 612 31.54 -16.74 10.24
C ILE C 612 32.31 -16.15 11.42
N HIS C 613 33.62 -15.99 11.28
CA HIS C 613 34.48 -15.41 12.32
C HIS C 613 34.29 -16.14 13.64
N ALA C 614 34.46 -17.46 13.58
CA ALA C 614 34.10 -18.32 14.71
C ALA C 614 34.90 -17.97 15.95
N ASP C 615 36.08 -17.38 15.79
CA ASP C 615 36.91 -17.07 16.95
C ASP C 615 36.23 -16.07 17.88
N GLN C 616 35.66 -14.99 17.33
CA GLN C 616 35.03 -13.99 18.19
C GLN C 616 33.67 -14.45 18.71
N LEU C 617 33.06 -15.44 18.08
CA LEU C 617 31.77 -15.91 18.56
C LEU C 617 31.91 -16.55 19.93
N THR C 618 30.85 -16.49 20.71
CA THR C 618 30.84 -17.09 22.02
C THR C 618 30.96 -18.61 21.89
N PRO C 619 31.43 -19.29 22.94
CA PRO C 619 31.24 -20.74 23.00
C PRO C 619 29.76 -21.08 22.93
N THR C 620 29.48 -22.34 22.68
CA THR C 620 28.17 -22.87 22.31
C THR C 620 27.74 -22.39 20.93
N TRP C 621 28.49 -21.49 20.30
CA TRP C 621 28.44 -21.31 18.87
C TRP C 621 29.66 -21.91 18.18
N ARG C 622 30.81 -21.91 18.86
CA ARG C 622 31.99 -22.58 18.35
C ARG C 622 31.87 -24.10 18.38
N VAL C 623 30.88 -24.65 19.07
CA VAL C 623 30.70 -26.11 19.04
C VAL C 623 30.37 -26.55 17.62
N TYR C 624 29.53 -25.78 16.93
CA TYR C 624 29.39 -25.90 15.50
C TYR C 624 30.57 -25.17 14.85
N SER C 625 30.57 -25.09 13.53
CA SER C 625 31.68 -24.58 12.73
C SER C 625 32.90 -25.50 12.74
N THR C 626 32.86 -26.62 13.45
CA THR C 626 33.91 -27.62 13.44
C THR C 626 33.41 -28.83 14.19
N GLY C 627 34.12 -29.93 14.05
CA GLY C 627 33.80 -31.11 14.81
C GLY C 627 33.97 -32.36 13.96
N SER C 628 33.32 -33.43 14.42
CA SER C 628 33.40 -34.73 13.77
C SER C 628 32.20 -35.04 12.89
N ASN C 629 31.06 -34.39 13.13
CA ASN C 629 29.89 -34.54 12.29
C ASN C 629 29.83 -33.35 11.35
N VAL C 630 30.59 -33.43 10.27
CA VAL C 630 30.65 -32.39 9.27
C VAL C 630 30.37 -33.03 7.93
N PHE C 631 29.39 -32.48 7.22
CA PHE C 631 28.94 -33.04 5.96
C PHE C 631 28.87 -31.96 4.90
N GLN C 632 29.12 -32.35 3.65
CA GLN C 632 29.12 -31.44 2.51
C GLN C 632 27.99 -31.82 1.57
N THR C 633 27.15 -30.86 1.25
CA THR C 633 26.02 -31.06 0.36
C THR C 633 26.11 -30.08 -0.79
N ARG C 634 25.37 -30.36 -1.84
CA ARG C 634 25.30 -29.42 -2.95
C ARG C 634 24.70 -28.09 -2.52
N ALA C 635 23.92 -28.10 -1.45
CA ALA C 635 23.34 -26.87 -0.95
C ALA C 635 24.24 -26.15 0.05
N GLY C 636 25.14 -26.86 0.71
CA GLY C 636 26.05 -26.20 1.63
C GLY C 636 26.66 -27.20 2.60
N CYS C 637 27.21 -26.65 3.68
CA CYS C 637 27.87 -27.43 4.72
C CYS C 637 26.92 -27.65 5.88
N LEU C 638 26.76 -28.90 6.27
CA LEU C 638 25.81 -29.28 7.31
C LEU C 638 26.59 -29.84 8.50
N ILE C 639 26.35 -29.26 9.67
CA ILE C 639 27.07 -29.64 10.88
C ILE C 639 26.06 -29.97 11.96
N GLY C 640 26.21 -31.12 12.58
CA GLY C 640 25.35 -31.50 13.68
C GLY C 640 24.58 -32.78 13.47
N ALA C 641 24.62 -33.37 12.28
CA ALA C 641 23.94 -34.62 12.00
C ALA C 641 24.82 -35.47 11.11
N GLU C 642 24.72 -36.79 11.25
CA GLU C 642 25.57 -37.72 10.53
C GLU C 642 24.80 -38.38 9.40
N TYR C 643 25.55 -39.02 8.52
CA TYR C 643 25.02 -39.52 7.24
C TYR C 643 24.95 -41.03 7.27
N VAL C 644 23.74 -41.55 7.42
CA VAL C 644 23.49 -42.98 7.31
C VAL C 644 23.56 -43.36 5.84
N ASN C 645 23.48 -44.66 5.55
CA ASN C 645 23.52 -45.15 4.17
C ASN C 645 22.15 -45.57 3.66
N ASN C 646 21.40 -46.35 4.43
CA ASN C 646 20.06 -46.75 4.01
C ASN C 646 19.16 -45.54 3.84
N SER C 647 17.96 -45.76 3.32
CA SER C 647 17.09 -44.68 2.87
C SER C 647 15.70 -44.78 3.49
N TYR C 648 15.06 -43.62 3.62
CA TYR C 648 13.70 -43.53 4.12
C TYR C 648 12.96 -42.46 3.33
N GLU C 649 11.68 -42.29 3.63
CA GLU C 649 10.92 -41.21 3.04
C GLU C 649 11.29 -39.87 3.67
N CYS C 650 11.06 -38.79 2.93
CA CYS C 650 11.48 -37.49 3.41
C CYS C 650 10.69 -37.07 4.63
N ASP C 651 11.38 -36.42 5.57
CA ASP C 651 10.79 -35.84 6.76
C ASP C 651 11.01 -34.34 6.84
N ILE C 652 12.24 -33.88 6.69
CA ILE C 652 12.54 -32.46 6.66
C ILE C 652 13.49 -32.21 5.49
N PRO C 653 13.09 -31.47 4.47
CA PRO C 653 13.96 -31.28 3.31
C PRO C 653 15.19 -30.45 3.62
N ILE C 654 16.27 -30.75 2.90
CA ILE C 654 17.48 -29.96 2.99
C ILE C 654 17.92 -29.52 1.60
N GLY C 655 17.57 -30.29 0.57
CA GLY C 655 17.91 -29.91 -0.77
C GLY C 655 18.78 -30.92 -1.47
N ALA C 656 18.68 -31.00 -2.79
CA ALA C 656 19.49 -31.88 -3.62
C ALA C 656 19.35 -33.34 -3.19
N GLY C 657 18.13 -33.78 -2.99
CA GLY C 657 17.89 -35.17 -2.68
C GLY C 657 18.21 -35.60 -1.27
N ILE C 658 18.58 -34.66 -0.39
CA ILE C 658 18.99 -34.97 0.96
C ILE C 658 17.87 -34.53 1.90
N CYS C 659 17.47 -35.42 2.80
CA CYS C 659 16.47 -35.09 3.80
C CYS C 659 17.13 -35.26 5.17
N ALA C 660 16.33 -35.14 6.23
CA ALA C 660 16.85 -35.33 7.58
C ALA C 660 15.72 -35.70 8.51
N SER C 661 16.03 -36.38 9.60
CA SER C 661 15.01 -36.77 10.55
C SER C 661 15.63 -37.12 11.89
N TYR C 662 14.78 -37.13 12.92
CA TYR C 662 15.16 -37.46 14.28
C TYR C 662 14.73 -38.88 14.59
N GLN C 663 15.68 -39.71 14.98
CA GLN C 663 15.41 -41.15 15.06
C GLN C 663 16.60 -41.85 15.68
N THR C 664 16.32 -42.95 16.36
CA THR C 664 17.34 -43.80 16.98
C THR C 664 18.44 -44.24 16.03
N SER C 677 21.74 -42.53 21.71
CA SER C 677 20.46 -43.22 21.88
C SER C 677 19.40 -42.62 20.97
N GLN C 678 19.23 -41.31 21.06
CA GLN C 678 18.31 -40.57 20.21
C GLN C 678 19.11 -39.44 19.58
N SER C 679 19.02 -39.29 18.26
CA SER C 679 19.86 -38.31 17.59
C SER C 679 19.19 -37.89 16.29
N ILE C 680 19.87 -37.04 15.54
CA ILE C 680 19.38 -36.52 14.26
C ILE C 680 20.25 -37.09 13.16
N ILE C 681 19.63 -37.76 12.20
CA ILE C 681 20.33 -38.35 11.08
C ILE C 681 19.91 -37.66 9.79
N ALA C 682 20.74 -37.81 8.77
CA ALA C 682 20.46 -37.22 7.47
C ALA C 682 20.80 -38.23 6.39
N TYR C 683 19.89 -38.42 5.44
CA TYR C 683 20.03 -39.48 4.46
C TYR C 683 19.68 -38.94 3.08
N THR C 684 19.47 -39.87 2.16
CA THR C 684 18.97 -39.60 0.82
C THR C 684 17.56 -40.18 0.74
N MET C 685 16.67 -39.52 0.01
CA MET C 685 15.32 -40.04 -0.10
C MET C 685 15.32 -41.39 -0.80
N SER C 686 14.25 -42.13 -0.57
CA SER C 686 13.94 -43.32 -1.34
C SER C 686 12.75 -42.99 -2.21
N LEU C 687 12.93 -43.14 -3.53
CA LEU C 687 11.87 -42.81 -4.47
C LEU C 687 10.68 -43.74 -4.36
N GLY C 688 10.89 -44.95 -3.88
CA GLY C 688 9.80 -45.90 -3.75
C GLY C 688 10.31 -47.32 -3.76
N ALA C 689 9.37 -48.24 -3.60
CA ALA C 689 9.71 -49.65 -3.58
C ALA C 689 10.19 -50.10 -4.96
N GLU C 690 10.84 -51.24 -4.98
CA GLU C 690 11.43 -51.77 -6.20
C GLU C 690 10.54 -52.88 -6.74
N ASN C 691 10.40 -52.94 -8.05
CA ASN C 691 9.53 -53.95 -8.65
C ASN C 691 9.92 -54.15 -10.09
N SER C 692 9.55 -55.30 -10.63
CA SER C 692 9.77 -55.61 -12.04
C SER C 692 8.78 -56.68 -12.43
N VAL C 693 8.01 -56.43 -13.48
CA VAL C 693 6.93 -57.34 -13.88
C VAL C 693 7.32 -58.03 -15.18
N ALA C 694 6.77 -59.23 -15.37
CA ALA C 694 7.21 -60.13 -16.42
C ALA C 694 6.43 -59.89 -17.71
N TYR C 695 7.14 -59.56 -18.78
CA TYR C 695 6.56 -59.43 -20.10
C TYR C 695 6.90 -60.65 -20.93
N SER C 696 5.88 -61.29 -21.49
CA SER C 696 6.09 -62.44 -22.33
C SER C 696 5.21 -62.32 -23.57
N ASN C 697 5.51 -63.14 -24.57
CA ASN C 697 4.81 -63.02 -25.84
C ASN C 697 3.34 -63.38 -25.71
N ASN C 698 3.02 -64.37 -24.90
CA ASN C 698 1.69 -64.94 -24.90
C ASN C 698 1.22 -65.27 -23.49
N SER C 699 1.40 -64.35 -22.56
CA SER C 699 0.93 -64.54 -21.20
C SER C 699 0.12 -63.34 -20.78
N ILE C 700 -0.99 -63.59 -20.09
CA ILE C 700 -1.90 -62.53 -19.68
C ILE C 700 -2.40 -62.83 -18.28
N ALA C 701 -2.48 -61.80 -17.45
CA ALA C 701 -2.88 -61.93 -16.06
C ALA C 701 -4.27 -61.33 -15.88
N ILE C 702 -5.15 -62.05 -15.19
CA ILE C 702 -6.55 -61.67 -15.07
C ILE C 702 -7.02 -61.74 -13.62
N PRO C 703 -7.66 -60.69 -13.11
CA PRO C 703 -8.09 -60.70 -11.71
C PRO C 703 -9.20 -61.70 -11.48
N THR C 704 -9.31 -62.18 -10.25
CA THR C 704 -10.35 -63.15 -9.90
C THR C 704 -11.14 -62.75 -8.67
N ASN C 705 -11.07 -61.51 -8.23
CA ASN C 705 -11.77 -61.04 -7.04
C ASN C 705 -11.63 -59.53 -7.02
N PHE C 706 -12.41 -58.88 -6.17
CA PHE C 706 -12.45 -57.43 -6.17
C PHE C 706 -12.55 -56.93 -4.75
N THR C 707 -12.17 -55.67 -4.56
CA THR C 707 -12.39 -54.98 -3.30
C THR C 707 -12.96 -53.61 -3.57
N ILE C 708 -13.75 -53.11 -2.63
CA ILE C 708 -14.36 -51.79 -2.68
C ILE C 708 -13.73 -50.94 -1.61
N SER C 709 -13.33 -49.74 -1.98
CA SER C 709 -12.59 -48.86 -1.10
C SER C 709 -13.20 -47.48 -1.15
N VAL C 710 -13.06 -46.73 -0.07
CA VAL C 710 -13.59 -45.38 0.01
C VAL C 710 -12.47 -44.45 0.45
N THR C 711 -12.34 -43.32 -0.24
CA THR C 711 -11.30 -42.35 0.02
C THR C 711 -11.91 -40.97 0.12
N THR C 712 -11.16 -40.02 0.64
CA THR C 712 -11.67 -38.68 0.90
C THR C 712 -10.96 -37.63 0.07
N GLU C 713 -11.59 -36.47 -0.03
CA GLU C 713 -11.00 -35.34 -0.72
C GLU C 713 -11.43 -34.06 -0.05
N ILE C 714 -10.48 -33.29 0.45
CA ILE C 714 -10.78 -32.07 1.17
C ILE C 714 -10.51 -30.90 0.24
N LEU C 715 -11.46 -29.99 0.12
CA LEU C 715 -11.28 -28.81 -0.71
C LEU C 715 -11.81 -27.56 -0.01
N PRO C 716 -11.13 -26.42 -0.15
CA PRO C 716 -11.68 -25.16 0.34
C PRO C 716 -12.67 -24.56 -0.64
N VAL C 717 -13.55 -23.71 -0.11
CA VAL C 717 -14.56 -23.11 -0.96
C VAL C 717 -14.60 -21.60 -0.79
N SER C 718 -14.26 -21.10 0.40
CA SER C 718 -14.45 -19.67 0.66
C SER C 718 -13.54 -19.24 1.80
N MET C 719 -13.46 -17.93 1.99
CA MET C 719 -12.60 -17.38 3.02
C MET C 719 -13.36 -16.32 3.80
N THR C 720 -12.72 -15.75 4.79
CA THR C 720 -13.38 -14.80 5.67
C THR C 720 -13.62 -13.48 4.96
N LYS C 721 -14.75 -12.85 5.26
CA LYS C 721 -15.08 -11.53 4.74
C LYS C 721 -14.71 -10.48 5.77
N THR C 722 -13.98 -9.46 5.35
CA THR C 722 -13.48 -8.42 6.23
C THR C 722 -13.86 -7.06 5.68
N SER C 723 -13.68 -6.03 6.51
CA SER C 723 -13.84 -4.65 6.08
C SER C 723 -12.99 -3.77 6.98
N VAL C 724 -12.73 -2.56 6.51
CA VAL C 724 -11.75 -1.67 7.12
C VAL C 724 -12.27 -0.24 7.14
N ASP C 725 -11.81 0.53 8.12
CA ASP C 725 -12.10 1.95 8.26
C ASP C 725 -10.82 2.75 8.15
N CYS C 726 -10.64 3.47 7.03
CA CYS C 726 -9.45 4.29 6.88
C CYS C 726 -9.31 5.30 8.00
N THR C 727 -10.36 6.08 8.24
CA THR C 727 -10.23 7.19 9.15
C THR C 727 -9.93 6.71 10.55
N MET C 728 -10.62 5.68 10.99
CA MET C 728 -10.36 5.12 12.31
C MET C 728 -8.97 4.51 12.37
N TYR C 729 -8.45 4.01 11.26
CA TYR C 729 -7.17 3.32 11.32
C TYR C 729 -6.02 4.32 11.32
N ILE C 730 -5.92 5.12 10.27
CA ILE C 730 -4.86 6.11 10.17
C ILE C 730 -5.03 7.19 11.21
N CYS C 731 -6.22 7.76 11.30
CA CYS C 731 -6.48 8.98 12.05
C CYS C 731 -7.13 8.55 13.37
N GLY C 732 -6.30 8.12 14.31
CA GLY C 732 -6.89 7.70 15.56
C GLY C 732 -7.41 8.88 16.33
N ASP C 733 -8.74 9.01 16.40
CA ASP C 733 -9.46 10.00 17.19
C ASP C 733 -8.88 11.41 17.13
N SER C 734 -8.27 11.79 16.01
CA SER C 734 -7.71 13.11 15.83
C SER C 734 -8.40 13.78 14.65
N THR C 735 -8.78 15.05 14.83
CA THR C 735 -9.52 15.76 13.81
C THR C 735 -8.61 16.45 12.80
N GLU C 736 -7.52 17.04 13.27
CA GLU C 736 -6.53 17.60 12.35
C GLU C 736 -6.13 16.56 11.31
N CYS C 737 -5.98 15.31 11.74
CA CYS C 737 -5.50 14.29 10.84
C CYS C 737 -6.56 13.99 9.80
N SER C 738 -7.83 14.01 10.19
CA SER C 738 -8.89 13.76 9.22
C SER C 738 -8.95 14.87 8.18
N ASN C 739 -8.83 16.12 8.62
CA ASN C 739 -8.83 17.21 7.65
C ASN C 739 -7.64 17.12 6.71
N LEU C 740 -6.48 16.71 7.20
CA LEU C 740 -5.34 16.61 6.31
C LEU C 740 -5.44 15.39 5.40
N LEU C 741 -6.11 14.34 5.85
CA LEU C 741 -6.21 13.16 5.02
C LEU C 741 -7.22 13.36 3.91
N LEU C 742 -8.27 14.13 4.16
CA LEU C 742 -9.34 14.22 3.18
C LEU C 742 -8.90 14.91 1.90
N GLN C 743 -7.72 15.51 1.88
CA GLN C 743 -7.19 16.10 0.65
C GLN C 743 -6.22 15.19 -0.09
N TYR C 744 -6.00 13.97 0.38
CA TYR C 744 -5.10 13.09 -0.36
C TYR C 744 -5.73 12.63 -1.67
N GLY C 745 -6.81 11.86 -1.59
CA GLY C 745 -7.44 11.44 -2.82
C GLY C 745 -8.60 10.49 -2.62
N SER C 746 -8.66 9.45 -3.43
CA SER C 746 -9.72 8.46 -3.36
C SER C 746 -9.20 7.11 -2.88
N PHE C 747 -8.19 7.11 -2.02
CA PHE C 747 -7.59 5.85 -1.61
C PHE C 747 -8.58 4.97 -0.87
N CYS C 748 -9.34 5.54 0.06
CA CYS C 748 -10.34 4.74 0.74
C CYS C 748 -11.50 4.34 -0.15
N THR C 749 -11.88 5.17 -1.10
CA THR C 749 -12.87 4.70 -2.05
C THR C 749 -12.37 3.44 -2.75
N GLN C 750 -11.12 3.46 -3.19
CA GLN C 750 -10.58 2.30 -3.88
C GLN C 750 -10.52 1.08 -2.98
N LEU C 751 -10.04 1.25 -1.75
CA LEU C 751 -9.92 0.09 -0.87
C LEU C 751 -11.28 -0.50 -0.54
N LYS C 752 -12.26 0.35 -0.28
CA LYS C 752 -13.60 -0.13 0.01
C LYS C 752 -14.17 -0.89 -1.17
N ARG C 753 -13.96 -0.37 -2.38
CA ARG C 753 -14.41 -1.08 -3.56
C ARG C 753 -13.80 -2.47 -3.63
N ALA C 754 -12.49 -2.57 -3.43
CA ALA C 754 -11.82 -3.86 -3.59
C ALA C 754 -12.34 -4.88 -2.59
N LEU C 755 -12.42 -4.48 -1.33
CA LEU C 755 -12.86 -5.42 -0.32
C LEU C 755 -14.30 -5.84 -0.54
N THR C 756 -15.15 -4.91 -1.00
CA THR C 756 -16.54 -5.28 -1.23
C THR C 756 -16.64 -6.32 -2.34
N GLY C 757 -15.86 -6.14 -3.40
CA GLY C 757 -15.89 -7.12 -4.47
C GLY C 757 -15.48 -8.50 -4.00
N ILE C 758 -14.41 -8.56 -3.20
CA ILE C 758 -13.98 -9.85 -2.67
C ILE C 758 -15.09 -10.48 -1.84
N ALA C 759 -15.72 -9.69 -0.99
CA ALA C 759 -16.72 -10.24 -0.08
C ALA C 759 -17.92 -10.80 -0.84
N VAL C 760 -18.38 -10.11 -1.87
CA VAL C 760 -19.49 -10.64 -2.65
C VAL C 760 -19.10 -11.95 -3.33
N GLU C 761 -17.91 -11.97 -3.93
CA GLU C 761 -17.50 -13.18 -4.61
C GLU C 761 -17.48 -14.38 -3.68
N GLN C 762 -17.15 -14.16 -2.41
CA GLN C 762 -17.12 -15.31 -1.49
C GLN C 762 -18.50 -15.96 -1.37
N ASP C 763 -19.56 -15.17 -1.36
CA ASP C 763 -20.90 -15.76 -1.35
C ASP C 763 -21.21 -16.47 -2.66
N LYS C 764 -20.74 -15.90 -3.76
CA LYS C 764 -20.97 -16.52 -5.05
C LYS C 764 -20.39 -17.93 -5.11
N ASN C 765 -19.19 -18.12 -4.56
CA ASN C 765 -18.56 -19.44 -4.61
C ASN C 765 -19.40 -20.51 -3.93
N THR C 766 -19.88 -20.24 -2.73
CA THR C 766 -20.70 -21.22 -2.03
C THR C 766 -21.98 -21.49 -2.79
N GLN C 767 -22.58 -20.44 -3.35
CA GLN C 767 -23.78 -20.65 -4.15
C GLN C 767 -23.52 -21.61 -5.30
N GLU C 768 -22.42 -21.39 -6.02
CA GLU C 768 -22.11 -22.24 -7.16
C GLU C 768 -21.89 -23.68 -6.75
N VAL C 769 -21.15 -23.90 -5.66
CA VAL C 769 -20.82 -25.27 -5.30
C VAL C 769 -22.06 -26.03 -4.85
N PHE C 770 -22.81 -25.46 -3.89
CA PHE C 770 -23.85 -26.24 -3.22
C PHE C 770 -25.25 -26.06 -3.78
N ALA C 771 -25.54 -25.01 -4.54
CA ALA C 771 -26.91 -24.74 -4.97
C ALA C 771 -27.23 -25.36 -6.32
N GLN C 772 -26.66 -26.52 -6.62
CA GLN C 772 -26.86 -27.09 -7.94
C GLN C 772 -28.27 -27.66 -8.10
N VAL C 773 -28.76 -28.40 -7.11
CA VAL C 773 -30.09 -28.98 -7.24
C VAL C 773 -31.14 -27.88 -7.18
N LYS C 774 -32.34 -28.22 -7.63
CA LYS C 774 -33.44 -27.26 -7.67
C LYS C 774 -34.55 -27.54 -6.67
N GLN C 775 -34.73 -28.79 -6.27
CA GLN C 775 -35.77 -29.16 -5.34
C GLN C 775 -35.16 -29.88 -4.15
N ILE C 776 -35.88 -29.86 -3.05
CA ILE C 776 -35.40 -30.39 -1.79
C ILE C 776 -36.06 -31.74 -1.60
N TYR C 777 -35.29 -32.80 -1.74
CA TYR C 777 -35.81 -34.16 -1.65
C TYR C 777 -35.73 -34.66 -0.23
N LYS C 778 -36.42 -35.76 0.04
CA LYS C 778 -36.33 -36.41 1.35
C LYS C 778 -36.27 -37.92 1.18
N THR C 779 -35.59 -38.57 2.10
CA THR C 779 -35.49 -40.02 2.05
C THR C 779 -36.74 -40.65 2.63
N PRO C 780 -37.05 -41.89 2.24
CA PRO C 780 -38.19 -42.56 2.82
C PRO C 780 -37.98 -42.79 4.31
N PRO C 781 -39.06 -42.85 5.08
CA PRO C 781 -38.91 -43.15 6.50
C PRO C 781 -38.28 -44.50 6.78
N ILE C 782 -38.51 -45.50 5.92
CA ILE C 782 -37.97 -46.84 6.12
C ILE C 782 -36.63 -46.93 5.42
N LYS C 783 -35.58 -47.16 6.20
CA LYS C 783 -34.22 -47.21 5.65
C LYS C 783 -33.85 -48.67 5.40
N TYR C 784 -34.38 -49.23 4.32
CA TYR C 784 -33.89 -50.50 3.81
C TYR C 784 -33.45 -50.31 2.38
N PHE C 785 -32.15 -50.43 2.15
CA PHE C 785 -31.57 -50.16 0.85
C PHE C 785 -30.75 -51.33 0.36
N GLY C 786 -31.29 -52.53 0.45
CA GLY C 786 -30.61 -53.69 -0.09
C GLY C 786 -29.51 -54.26 0.76
N GLY C 787 -29.28 -53.72 1.94
CA GLY C 787 -28.20 -54.15 2.79
C GLY C 787 -27.12 -53.12 2.97
N PHE C 788 -27.05 -52.11 2.12
CA PHE C 788 -26.11 -51.02 2.32
C PHE C 788 -26.66 -50.09 3.37
N ASN C 789 -25.83 -49.80 4.38
CA ASN C 789 -26.30 -49.10 5.57
C ASN C 789 -25.68 -47.72 5.51
N PHE C 790 -26.51 -46.73 5.20
CA PHE C 790 -26.07 -45.37 4.93
C PHE C 790 -26.18 -44.48 6.15
N SER C 791 -26.16 -45.04 7.35
CA SER C 791 -26.45 -44.26 8.55
C SER C 791 -25.43 -43.18 8.80
N GLN C 792 -24.15 -43.49 8.59
CA GLN C 792 -23.09 -42.58 8.96
C GLN C 792 -23.07 -41.30 8.15
N ILE C 793 -23.86 -41.19 7.09
CA ILE C 793 -23.84 -39.99 6.25
C ILE C 793 -25.19 -39.31 6.14
N LEU C 794 -26.24 -39.89 6.63
CA LEU C 794 -27.54 -39.28 6.58
C LEU C 794 -27.78 -38.42 7.81
N PRO C 795 -28.68 -37.44 7.72
CA PRO C 795 -28.93 -36.57 8.87
C PRO C 795 -29.44 -37.35 10.06
N ASP C 796 -29.04 -36.91 11.24
CA ASP C 796 -29.30 -37.59 12.50
C ASP C 796 -30.33 -36.79 13.27
N PRO C 797 -31.53 -37.32 13.53
CA PRO C 797 -32.59 -36.50 14.12
C PRO C 797 -32.34 -36.08 15.56
N SER C 798 -31.65 -36.90 16.36
CA SER C 798 -31.53 -36.61 17.79
C SER C 798 -30.73 -35.34 18.05
N LYS C 799 -29.55 -35.24 17.45
CA LYS C 799 -28.69 -34.08 17.64
C LYS C 799 -29.41 -32.86 17.09
N PRO C 800 -29.49 -31.74 17.85
CA PRO C 800 -30.32 -30.60 17.44
C PRO C 800 -30.21 -30.15 15.98
N SER C 801 -29.05 -29.67 15.54
CA SER C 801 -28.90 -29.42 14.11
C SER C 801 -28.63 -30.75 13.42
N LYS C 802 -29.14 -30.87 12.20
CA LYS C 802 -29.34 -32.20 11.64
C LYS C 802 -28.09 -32.74 10.96
N ARG C 803 -26.91 -32.33 11.39
CA ARG C 803 -25.70 -32.80 10.77
C ARG C 803 -25.49 -34.27 11.04
N SER C 804 -24.96 -34.97 10.05
CA SER C 804 -24.67 -36.38 10.18
C SER C 804 -23.48 -36.57 11.12
N PRO C 805 -23.24 -37.79 11.59
CA PRO C 805 -22.11 -38.01 12.49
C PRO C 805 -20.76 -37.56 11.94
N ILE C 806 -20.47 -37.81 10.67
CA ILE C 806 -19.19 -37.38 10.15
C ILE C 806 -19.12 -35.86 10.10
N GLU C 807 -20.22 -35.20 9.75
CA GLU C 807 -20.21 -33.75 9.71
C GLU C 807 -19.98 -33.19 11.11
N ASP C 808 -20.57 -33.81 12.12
CA ASP C 808 -20.30 -33.42 13.50
C ASP C 808 -18.83 -33.53 13.83
N LEU C 809 -18.22 -34.66 13.49
CA LEU C 809 -16.82 -34.86 13.79
C LEU C 809 -15.96 -33.83 13.07
N LEU C 810 -16.29 -33.52 11.81
CA LEU C 810 -15.49 -32.56 11.05
C LEU C 810 -15.57 -31.18 11.66
N PHE C 811 -16.76 -30.77 12.07
CA PHE C 811 -16.88 -29.47 12.72
C PHE C 811 -16.08 -29.44 14.02
N ASN C 812 -16.10 -30.52 14.78
CA ASN C 812 -15.32 -30.52 16.00
C ASN C 812 -13.83 -30.41 15.71
N LYS C 813 -13.34 -31.07 14.66
CA LYS C 813 -11.90 -31.06 14.42
C LYS C 813 -11.42 -29.73 13.87
N VAL C 814 -12.16 -29.12 12.95
CA VAL C 814 -11.64 -27.88 12.38
C VAL C 814 -12.01 -26.67 13.21
N THR C 815 -13.13 -26.71 13.93
CA THR C 815 -13.71 -25.48 14.44
C THR C 815 -12.82 -24.88 15.52
N LEU C 816 -11.68 -24.35 15.06
CA LEU C 816 -10.88 -23.42 15.82
C LEU C 816 -11.08 -22.00 15.31
N ALA C 817 -12.29 -21.70 14.84
CA ALA C 817 -12.55 -20.50 14.07
C ALA C 817 -12.22 -19.23 14.82
N ASP C 818 -12.92 -18.94 15.91
CA ASP C 818 -12.65 -17.75 16.71
C ASP C 818 -13.36 -17.80 18.06
N ASP C 836 -7.81 -10.18 24.81
CA ASP C 836 -8.50 -10.66 23.61
C ASP C 836 -7.98 -10.00 22.36
N LEU C 837 -8.27 -10.60 21.22
CA LEU C 837 -7.83 -10.10 19.93
C LEU C 837 -8.93 -9.41 19.14
N ILE C 838 -10.12 -10.01 19.10
CA ILE C 838 -11.22 -9.43 18.35
C ILE C 838 -11.52 -8.03 18.85
N CYS C 839 -11.42 -7.83 20.16
CA CYS C 839 -11.64 -6.51 20.72
C CYS C 839 -10.60 -5.51 20.22
N ALA C 840 -9.34 -5.93 20.14
CA ALA C 840 -8.30 -5.03 19.64
C ALA C 840 -8.59 -4.63 18.21
N GLN C 841 -8.90 -5.59 17.35
CA GLN C 841 -9.21 -5.25 15.97
C GLN C 841 -10.42 -4.33 15.90
N LYS C 842 -11.45 -4.62 16.68
CA LYS C 842 -12.66 -3.80 16.63
C LYS C 842 -12.35 -2.38 17.04
N PHE C 843 -11.47 -2.20 18.01
CA PHE C 843 -11.09 -0.86 18.40
C PHE C 843 -10.20 -0.19 17.38
N LYS C 844 -9.57 -0.94 16.50
CA LYS C 844 -8.72 -0.33 15.48
C LYS C 844 -9.41 -0.18 14.12
N GLY C 845 -10.68 -0.53 14.00
CA GLY C 845 -11.40 -0.32 12.76
C GLY C 845 -11.46 -1.48 11.80
N LEU C 846 -11.06 -2.67 12.22
CA LEU C 846 -11.00 -3.85 11.36
C LEU C 846 -12.05 -4.85 11.82
N THR C 847 -12.98 -5.20 10.94
CA THR C 847 -14.14 -6.02 11.30
C THR C 847 -14.33 -7.18 10.34
N VAL C 848 -15.28 -8.04 10.70
CA VAL C 848 -15.57 -9.29 10.00
C VAL C 848 -17.07 -9.34 9.73
N LEU C 849 -17.46 -9.88 8.58
CA LEU C 849 -18.87 -9.86 8.24
C LEU C 849 -19.42 -11.28 8.10
N PRO C 850 -20.67 -11.50 8.46
CA PRO C 850 -21.23 -12.86 8.46
C PRO C 850 -21.59 -13.32 7.07
N PRO C 851 -21.62 -14.63 6.84
CA PRO C 851 -21.98 -15.14 5.53
C PRO C 851 -23.47 -15.13 5.30
N LEU C 852 -23.86 -15.20 4.02
CA LEU C 852 -25.26 -15.20 3.70
C LEU C 852 -25.91 -16.53 4.04
N LEU C 853 -25.26 -17.63 3.71
CA LEU C 853 -25.82 -18.95 3.93
C LEU C 853 -25.31 -19.51 5.25
N THR C 854 -26.23 -19.74 6.18
CA THR C 854 -25.84 -20.34 7.43
C THR C 854 -25.60 -21.84 7.26
N ASP C 855 -25.02 -22.43 8.30
CA ASP C 855 -24.58 -23.81 8.22
C ASP C 855 -25.76 -24.77 8.10
N GLU C 856 -26.86 -24.47 8.76
CA GLU C 856 -28.04 -25.31 8.65
C GLU C 856 -28.51 -25.36 7.21
N MET C 857 -28.44 -24.23 6.51
CA MET C 857 -28.84 -24.23 5.12
C MET C 857 -27.90 -25.04 4.25
N ILE C 858 -26.59 -24.91 4.49
CA ILE C 858 -25.65 -25.71 3.69
C ILE C 858 -25.86 -27.19 3.94
N ALA C 859 -26.04 -27.58 5.18
CA ALA C 859 -26.29 -28.98 5.47
C ALA C 859 -27.59 -29.45 4.87
N GLN C 860 -28.58 -28.57 4.76
CA GLN C 860 -29.83 -28.96 4.11
C GLN C 860 -29.62 -29.25 2.64
N TYR C 861 -28.84 -28.42 1.97
CA TYR C 861 -28.51 -28.69 0.56
C TYR C 861 -27.82 -30.03 0.41
N THR C 862 -26.85 -30.31 1.29
CA THR C 862 -26.15 -31.58 1.22
C THR C 862 -27.09 -32.76 1.41
N SER C 863 -28.01 -32.67 2.37
CA SER C 863 -28.96 -33.74 2.57
C SER C 863 -29.87 -33.93 1.36
N ALA C 864 -30.23 -32.84 0.69
CA ALA C 864 -31.03 -32.97 -0.53
C ALA C 864 -30.28 -33.74 -1.60
N LEU C 865 -29.01 -33.39 -1.81
CA LEU C 865 -28.21 -34.08 -2.82
C LEU C 865 -28.12 -35.56 -2.49
N LEU C 866 -27.90 -35.90 -1.23
CA LEU C 866 -27.75 -37.29 -0.85
C LEU C 866 -29.04 -38.07 -1.04
N ALA C 867 -30.16 -37.51 -0.61
CA ALA C 867 -31.44 -38.19 -0.75
C ALA C 867 -31.76 -38.43 -2.22
N GLY C 868 -31.57 -37.43 -3.06
CA GLY C 868 -31.80 -37.62 -4.48
C GLY C 868 -30.91 -38.69 -5.08
N THR C 869 -29.61 -38.64 -4.78
CA THR C 869 -28.70 -39.64 -5.30
C THR C 869 -29.14 -41.04 -4.92
N ILE C 870 -29.32 -41.27 -3.62
CA ILE C 870 -29.63 -42.60 -3.13
C ILE C 870 -30.92 -43.11 -3.72
N THR C 871 -31.93 -42.25 -3.79
CA THR C 871 -33.23 -42.74 -4.22
C THR C 871 -33.29 -42.94 -5.73
N SER C 872 -32.67 -42.08 -6.55
CA SER C 872 -32.99 -42.11 -7.97
C SER C 872 -31.78 -42.12 -8.89
N GLY C 873 -30.60 -42.51 -8.42
CA GLY C 873 -29.55 -42.62 -9.40
C GLY C 873 -29.07 -41.27 -9.90
N TRP C 874 -28.60 -41.26 -11.13
CA TRP C 874 -28.10 -40.05 -11.76
C TRP C 874 -29.15 -39.29 -12.55
N THR C 875 -30.42 -39.56 -12.33
CA THR C 875 -31.44 -39.00 -13.19
C THR C 875 -31.76 -37.56 -12.84
N PHE C 876 -31.77 -37.23 -11.55
CA PHE C 876 -32.28 -35.94 -11.14
C PHE C 876 -31.41 -34.81 -11.66
N GLY C 877 -30.16 -35.09 -12.01
CA GLY C 877 -29.31 -34.06 -12.57
C GLY C 877 -29.69 -33.71 -13.99
N ALA C 878 -30.18 -34.69 -14.74
CA ALA C 878 -30.50 -34.49 -16.15
C ALA C 878 -31.96 -34.16 -16.39
N GLY C 879 -32.83 -34.38 -15.41
CA GLY C 879 -34.21 -34.01 -15.55
C GLY C 879 -35.02 -34.30 -14.31
N PRO C 880 -36.27 -34.71 -14.48
CA PRO C 880 -37.04 -35.17 -13.33
C PRO C 880 -36.48 -36.44 -12.74
N ALA C 881 -36.69 -36.61 -11.44
CA ALA C 881 -36.21 -37.79 -10.76
C ALA C 881 -37.02 -39.00 -11.17
N LEU C 882 -36.37 -40.17 -11.20
CA LEU C 882 -37.04 -41.40 -11.56
C LEU C 882 -36.54 -42.51 -10.66
N GLN C 883 -37.43 -43.09 -9.87
CA GLN C 883 -36.99 -44.00 -8.83
C GLN C 883 -36.47 -45.31 -9.41
N ILE C 884 -35.69 -46.03 -8.60
CA ILE C 884 -35.06 -47.29 -8.97
C ILE C 884 -34.50 -47.98 -7.72
N PRO C 885 -34.58 -49.30 -7.64
CA PRO C 885 -33.98 -49.99 -6.49
C PRO C 885 -32.48 -49.86 -6.47
N PHE C 886 -31.93 -49.75 -5.27
CA PHE C 886 -30.49 -49.58 -5.15
C PHE C 886 -29.66 -50.73 -5.68
N PRO C 887 -29.99 -52.00 -5.43
CA PRO C 887 -29.20 -53.05 -6.07
C PRO C 887 -29.16 -52.90 -7.57
N MET C 888 -30.28 -52.54 -8.19
CA MET C 888 -30.27 -52.37 -9.64
C MET C 888 -29.41 -51.19 -10.06
N GLN C 889 -29.45 -50.11 -9.30
CA GLN C 889 -28.61 -48.97 -9.63
C GLN C 889 -27.14 -49.34 -9.55
N MET C 890 -26.75 -50.06 -8.50
CA MET C 890 -25.36 -50.46 -8.42
C MET C 890 -25.00 -51.42 -9.54
N ALA C 891 -25.94 -52.23 -10.01
CA ALA C 891 -25.64 -53.10 -11.14
C ALA C 891 -25.45 -52.31 -12.43
N TYR C 892 -26.26 -51.28 -12.61
CA TYR C 892 -26.13 -50.47 -13.82
C TYR C 892 -24.83 -49.69 -13.79
N ARG C 893 -24.33 -49.38 -12.60
CA ARG C 893 -23.04 -48.74 -12.45
C ARG C 893 -21.88 -49.71 -12.60
N PHE C 894 -22.06 -50.97 -12.23
CA PHE C 894 -21.12 -52.02 -12.61
C PHE C 894 -20.98 -52.13 -14.12
N ASN C 895 -22.07 -52.02 -14.86
CA ASN C 895 -21.94 -52.03 -16.32
C ASN C 895 -21.00 -50.95 -16.82
N GLY C 896 -20.87 -49.83 -16.12
CA GLY C 896 -20.10 -48.74 -16.67
C GLY C 896 -18.61 -48.93 -16.62
N ILE C 897 -18.13 -49.88 -15.83
CA ILE C 897 -16.71 -50.19 -15.76
C ILE C 897 -16.37 -51.48 -16.49
N GLY C 898 -17.27 -51.99 -17.30
CA GLY C 898 -16.99 -53.17 -18.09
C GLY C 898 -17.11 -54.49 -17.38
N VAL C 899 -17.95 -54.58 -16.37
CA VAL C 899 -18.20 -55.83 -15.66
C VAL C 899 -19.69 -56.12 -15.74
N THR C 900 -20.03 -57.38 -15.99
CA THR C 900 -21.40 -57.73 -16.32
C THR C 900 -22.32 -57.58 -15.12
N GLN C 901 -23.61 -57.80 -15.36
CA GLN C 901 -24.61 -57.54 -14.34
C GLN C 901 -24.60 -58.62 -13.28
N ASN C 902 -24.46 -59.87 -13.69
CA ASN C 902 -24.65 -60.98 -12.78
C ASN C 902 -23.69 -60.95 -11.61
N VAL C 903 -22.52 -60.30 -11.76
CA VAL C 903 -21.56 -60.32 -10.68
C VAL C 903 -22.15 -59.69 -9.42
N LEU C 904 -22.82 -58.56 -9.57
CA LEU C 904 -23.44 -57.93 -8.40
C LEU C 904 -24.53 -58.82 -7.81
N TYR C 905 -25.45 -59.30 -8.64
CA TYR C 905 -26.58 -60.02 -8.11
C TYR C 905 -26.15 -61.29 -7.40
N GLU C 906 -25.02 -61.86 -7.80
CA GLU C 906 -24.55 -63.06 -7.14
C GLU C 906 -23.62 -62.78 -5.98
N ASN C 907 -23.00 -61.61 -5.91
CA ASN C 907 -22.12 -61.28 -4.80
C ASN C 907 -22.66 -60.16 -3.94
N GLN C 908 -23.98 -59.97 -3.94
CA GLN C 908 -24.61 -58.85 -3.25
C GLN C 908 -24.19 -58.74 -1.80
N LYS C 909 -24.32 -59.81 -1.03
CA LYS C 909 -24.05 -59.71 0.40
C LYS C 909 -22.59 -59.37 0.66
N LEU C 910 -21.68 -60.00 -0.06
CA LEU C 910 -20.27 -59.71 0.12
C LEU C 910 -19.98 -58.25 -0.18
N ILE C 911 -20.55 -57.73 -1.27
CA ILE C 911 -20.30 -56.35 -1.65
C ILE C 911 -20.83 -55.39 -0.60
N ALA C 912 -22.04 -55.64 -0.11
CA ALA C 912 -22.59 -54.79 0.92
C ALA C 912 -21.70 -54.79 2.14
N ASN C 913 -21.22 -55.96 2.56
CA ASN C 913 -20.40 -56.02 3.74
C ASN C 913 -19.13 -55.18 3.59
N GLN C 914 -18.49 -55.29 2.42
CA GLN C 914 -17.28 -54.49 2.19
C GLN C 914 -17.59 -53.00 2.28
N PHE C 915 -18.73 -52.59 1.73
CA PHE C 915 -19.08 -51.17 1.78
C PHE C 915 -19.21 -50.68 3.23
N ASN C 916 -20.00 -51.39 4.03
CA ASN C 916 -20.20 -50.97 5.43
C ASN C 916 -18.88 -50.89 6.19
N SER C 917 -18.05 -51.93 6.06
CA SER C 917 -16.78 -51.90 6.79
C SER C 917 -15.93 -50.72 6.37
N ALA C 918 -15.90 -50.42 5.08
CA ALA C 918 -15.09 -49.31 4.60
C ALA C 918 -15.55 -47.99 5.21
N ILE C 919 -16.87 -47.78 5.30
CA ILE C 919 -17.34 -46.51 5.86
C ILE C 919 -16.95 -46.39 7.33
N GLY C 920 -17.07 -47.48 8.09
CA GLY C 920 -16.63 -47.42 9.47
C GLY C 920 -15.16 -47.02 9.58
N LYS C 921 -14.32 -47.62 8.77
CA LYS C 921 -12.91 -47.27 8.82
C LYS C 921 -12.68 -45.82 8.43
N ILE C 922 -13.49 -45.30 7.51
CA ILE C 922 -13.35 -43.89 7.14
C ILE C 922 -13.53 -43.00 8.33
N GLN C 923 -14.59 -43.26 9.11
CA GLN C 923 -14.80 -42.41 10.27
C GLN C 923 -13.63 -42.49 11.24
N ASP C 924 -13.13 -43.69 11.50
CA ASP C 924 -12.02 -43.81 12.44
C ASP C 924 -10.77 -43.09 11.93
N SER C 925 -10.45 -43.28 10.65
CA SER C 925 -9.25 -42.68 10.08
C SER C 925 -9.31 -41.17 10.14
N LEU C 926 -10.47 -40.58 9.84
CA LEU C 926 -10.59 -39.15 10.04
C LEU C 926 -10.38 -38.81 11.51
N SER C 927 -10.94 -39.61 12.40
CA SER C 927 -10.82 -39.33 13.82
C SER C 927 -9.39 -39.43 14.32
N SER C 928 -8.48 -39.99 13.51
CA SER C 928 -7.08 -40.05 13.92
C SER C 928 -6.56 -38.65 14.21
N THR C 929 -5.68 -38.57 15.21
CA THR C 929 -5.14 -37.29 15.63
C THR C 929 -4.41 -36.49 14.55
N PRO C 930 -3.58 -37.08 13.68
CA PRO C 930 -2.78 -36.24 12.77
C PRO C 930 -3.66 -35.33 11.94
N SER C 931 -3.15 -34.13 11.70
CA SER C 931 -3.93 -33.10 11.02
C SER C 931 -4.22 -33.51 9.58
N ALA C 932 -5.43 -33.96 9.34
CA ALA C 932 -5.88 -34.26 7.99
C ALA C 932 -6.62 -33.11 7.35
N LEU C 933 -6.88 -32.05 8.09
CA LEU C 933 -7.72 -30.97 7.64
C LEU C 933 -6.94 -29.66 7.61
N GLY C 934 -5.64 -29.77 7.36
CA GLY C 934 -4.80 -28.60 7.30
C GLY C 934 -5.17 -27.67 6.18
N LYS C 935 -5.64 -28.22 5.06
CA LYS C 935 -6.05 -27.37 3.95
C LYS C 935 -7.17 -26.44 4.35
N LEU C 936 -7.92 -26.77 5.39
CA LEU C 936 -8.98 -25.92 5.90
C LEU C 936 -8.55 -25.12 7.12
N GLN C 937 -7.57 -25.59 7.88
CA GLN C 937 -7.01 -24.77 8.94
C GLN C 937 -6.22 -23.59 8.40
N ASP C 938 -5.59 -23.74 7.24
CA ASP C 938 -4.78 -22.66 6.71
C ASP C 938 -5.62 -21.45 6.34
N VAL C 939 -6.84 -21.66 5.87
CA VAL C 939 -7.68 -20.54 5.50
C VAL C 939 -7.97 -19.68 6.72
N VAL C 940 -8.12 -20.32 7.87
CA VAL C 940 -8.31 -19.59 9.12
C VAL C 940 -7.02 -18.88 9.52
N ASN C 941 -5.92 -19.62 9.54
CA ASN C 941 -4.69 -19.09 10.10
C ASN C 941 -4.21 -17.89 9.32
N HIS C 942 -4.33 -17.93 8.01
CA HIS C 942 -3.79 -16.87 7.19
C HIS C 942 -4.48 -15.55 7.51
N ASN C 943 -5.80 -15.58 7.65
CA ASN C 943 -6.52 -14.36 7.98
C ASN C 943 -6.15 -13.87 9.36
N ALA C 944 -6.01 -14.78 10.32
CA ALA C 944 -5.62 -14.34 11.66
C ALA C 944 -4.29 -13.60 11.62
N GLN C 945 -3.28 -14.18 10.97
CA GLN C 945 -1.98 -13.50 10.95
C GLN C 945 -2.05 -12.19 10.20
N ALA C 946 -2.81 -12.14 9.10
CA ALA C 946 -2.87 -10.89 8.35
C ALA C 946 -3.39 -9.76 9.23
N LEU C 947 -4.48 -10.00 9.94
CA LEU C 947 -5.01 -8.95 10.80
C LEU C 947 -4.05 -8.61 11.94
N ASN C 948 -3.40 -9.61 12.53
CA ASN C 948 -2.48 -9.33 13.62
C ASN C 948 -1.35 -8.43 13.16
N THR C 949 -0.76 -8.74 12.02
CA THR C 949 0.32 -7.89 11.53
C THR C 949 -0.18 -6.49 11.23
N LEU C 950 -1.37 -6.38 10.66
CA LEU C 950 -1.89 -5.06 10.32
C LEU C 950 -2.05 -4.22 11.56
N VAL C 951 -2.48 -4.83 12.67
CA VAL C 951 -2.59 -4.09 13.92
C VAL C 951 -1.22 -3.73 14.47
N LYS C 952 -0.30 -4.69 14.46
CA LYS C 952 1.06 -4.44 14.93
C LYS C 952 1.71 -3.26 14.23
N GLN C 953 1.40 -3.05 12.96
CA GLN C 953 2.11 -2.01 12.22
C GLN C 953 1.86 -0.62 12.75
N LEU C 954 0.86 -0.44 13.60
CA LEU C 954 0.53 0.90 14.08
C LEU C 954 1.61 1.48 14.95
N SER C 955 2.48 0.65 15.51
CA SER C 955 3.47 1.08 16.48
C SER C 955 4.82 1.36 15.85
N SER C 956 4.85 1.80 14.60
CA SER C 956 6.10 2.07 13.90
C SER C 956 6.19 3.55 13.60
N LYS C 957 7.34 4.13 13.92
CA LYS C 957 7.47 5.58 13.82
C LYS C 957 7.61 6.06 12.38
N PHE C 958 8.13 5.21 11.50
CA PHE C 958 8.24 5.53 10.08
C PHE C 958 9.12 6.73 9.83
N GLY C 959 10.00 7.06 10.78
CA GLY C 959 10.88 8.21 10.66
C GLY C 959 10.26 9.52 11.14
N ALA C 960 9.83 9.56 12.39
CA ALA C 960 9.21 10.74 12.96
C ALA C 960 9.66 10.88 14.42
N ILE C 961 9.21 11.93 15.08
CA ILE C 961 9.54 12.09 16.49
C ILE C 961 8.85 11.03 17.33
N SER C 962 7.61 10.72 16.98
CA SER C 962 6.81 9.80 17.76
C SER C 962 5.72 9.24 16.86
N SER C 963 5.06 8.21 17.34
CA SER C 963 3.98 7.60 16.59
C SER C 963 2.61 8.03 17.08
N VAL C 964 2.52 9.06 17.92
CA VAL C 964 1.26 9.50 18.46
C VAL C 964 0.95 10.87 17.90
N LEU C 965 -0.15 10.96 17.16
CA LEU C 965 -0.47 12.19 16.45
C LEU C 965 -0.72 13.32 17.42
N ASN C 966 -1.44 13.04 18.50
CA ASN C 966 -1.73 14.07 19.49
C ASN C 966 -0.45 14.61 20.08
N ASP C 967 0.52 13.74 20.35
CA ASP C 967 1.80 14.21 20.89
C ASP C 967 2.54 15.06 19.88
N ILE C 968 2.57 14.63 18.62
CA ILE C 968 3.29 15.38 17.60
C ILE C 968 2.74 16.79 17.52
N PHE C 969 1.42 16.92 17.48
CA PHE C 969 0.83 18.25 17.40
C PHE C 969 0.82 18.99 18.73
N SER C 970 0.94 18.28 19.85
CA SER C 970 1.07 18.98 21.12
C SER C 970 2.40 19.67 21.22
N ARG C 971 3.45 19.04 20.72
CA ARG C 971 4.77 19.62 20.86
C ARG C 971 5.10 20.59 19.74
N LEU C 972 4.87 20.21 18.49
CA LEU C 972 5.33 21.03 17.38
C LEU C 972 4.27 22.04 16.97
N ASP C 973 4.70 23.03 16.21
CA ASP C 973 3.84 24.05 15.64
C ASP C 973 3.35 23.65 14.26
N PRO C 974 2.23 24.24 13.80
CA PRO C 974 1.65 23.82 12.52
C PRO C 974 2.62 23.91 11.36
N PRO C 975 3.46 24.95 11.28
CA PRO C 975 4.44 24.98 10.18
C PRO C 975 5.51 23.92 10.27
N GLU C 976 5.53 23.09 11.31
CA GLU C 976 6.54 22.06 11.43
C GLU C 976 5.98 20.67 11.68
N ALA C 977 4.71 20.54 12.02
CA ALA C 977 4.13 19.23 12.23
C ALA C 977 3.72 18.56 10.94
N GLU C 978 3.60 19.32 9.85
CA GLU C 978 3.06 18.74 8.62
C GLU C 978 4.00 17.70 8.04
N VAL C 979 5.31 17.91 8.16
CA VAL C 979 6.23 16.91 7.61
C VAL C 979 6.08 15.59 8.36
N GLN C 980 5.97 15.65 9.68
CA GLN C 980 5.87 14.42 10.45
C GLN C 980 4.54 13.73 10.22
N ILE C 981 3.45 14.50 10.19
CA ILE C 981 2.15 13.93 9.90
C ILE C 981 2.15 13.30 8.52
N ASP C 982 2.83 13.94 7.58
CA ASP C 982 2.93 13.39 6.23
C ASP C 982 3.60 12.03 6.27
N ARG C 983 4.70 11.92 7.02
CA ARG C 983 5.40 10.65 7.08
C ARG C 983 4.52 9.55 7.65
N LEU C 984 3.85 9.85 8.77
CA LEU C 984 2.99 8.83 9.39
C LEU C 984 1.88 8.41 8.45
N ILE C 985 1.23 9.38 7.82
CA ILE C 985 0.08 9.07 6.97
C ILE C 985 0.51 8.21 5.79
N THR C 986 1.63 8.55 5.16
CA THR C 986 2.07 7.73 4.03
C THR C 986 2.39 6.32 4.48
N GLY C 987 3.00 6.17 5.65
CA GLY C 987 3.30 4.82 6.10
C GLY C 987 2.07 3.97 6.33
N ARG C 988 1.07 4.53 7.03
CA ARG C 988 -0.15 3.76 7.26
C ARG C 988 -0.83 3.42 5.95
N LEU C 989 -0.88 4.37 5.02
CA LEU C 989 -1.48 4.10 3.73
C LEU C 989 -0.78 2.93 3.04
N GLN C 990 0.54 2.89 3.14
CA GLN C 990 1.29 1.80 2.51
C GLN C 990 0.95 0.46 3.13
N SER C 991 0.84 0.40 4.45
CA SER C 991 0.48 -0.86 5.09
C SER C 991 -0.89 -1.34 4.60
N LEU C 992 -1.85 -0.42 4.50
CA LEU C 992 -3.16 -0.82 4.00
C LEU C 992 -3.09 -1.33 2.57
N GLN C 993 -2.30 -0.67 1.73
CA GLN C 993 -2.18 -1.12 0.36
C GLN C 993 -1.61 -2.54 0.29
N THR C 994 -0.60 -2.82 1.08
CA THR C 994 -0.06 -4.17 1.11
C THR C 994 -1.14 -5.17 1.46
N TYR C 995 -1.95 -4.87 2.47
CA TYR C 995 -2.97 -5.82 2.89
C TYR C 995 -3.95 -6.10 1.77
N VAL C 996 -4.42 -5.04 1.09
CA VAL C 996 -5.42 -5.24 0.04
C VAL C 996 -4.83 -6.04 -1.11
N THR C 997 -3.61 -5.72 -1.52
CA THR C 997 -3.02 -6.42 -2.64
C THR C 997 -2.86 -7.90 -2.33
N GLN C 998 -2.40 -8.21 -1.12
CA GLN C 998 -2.24 -9.61 -0.73
C GLN C 998 -3.56 -10.34 -0.76
N GLN C 999 -4.63 -9.72 -0.25
CA GLN C 999 -5.92 -10.37 -0.24
C GLN C 999 -6.44 -10.61 -1.65
N LEU C 1000 -6.26 -9.66 -2.55
CA LEU C 1000 -6.70 -9.87 -3.92
C LEU C 1000 -5.95 -11.02 -4.57
N ILE C 1001 -4.63 -11.07 -4.38
CA ILE C 1001 -3.87 -12.19 -4.95
C ILE C 1001 -4.36 -13.50 -4.37
N ARG C 1002 -4.65 -13.53 -3.09
CA ARG C 1002 -4.95 -14.78 -2.40
C ARG C 1002 -6.38 -15.24 -2.63
N ALA C 1003 -7.28 -14.37 -3.09
CA ALA C 1003 -8.64 -14.81 -3.37
C ALA C 1003 -8.75 -15.63 -4.65
N ALA C 1004 -7.80 -15.47 -5.58
CA ALA C 1004 -7.80 -16.29 -6.79
C ALA C 1004 -7.59 -17.76 -6.48
N GLU C 1005 -6.79 -18.06 -5.46
CA GLU C 1005 -6.64 -19.45 -5.02
C GLU C 1005 -7.99 -20.05 -4.70
N ILE C 1006 -8.74 -19.38 -3.84
CA ILE C 1006 -10.01 -19.91 -3.37
C ILE C 1006 -10.99 -20.01 -4.52
N ARG C 1007 -10.94 -19.07 -5.45
CA ARG C 1007 -11.81 -19.19 -6.61
C ARG C 1007 -11.47 -20.40 -7.45
N ALA C 1008 -10.19 -20.68 -7.67
CA ALA C 1008 -9.82 -21.85 -8.45
C ALA C 1008 -10.29 -23.13 -7.78
N SER C 1009 -10.15 -23.20 -6.46
CA SER C 1009 -10.67 -24.36 -5.74
C SER C 1009 -12.18 -24.44 -5.83
N ALA C 1010 -12.87 -23.32 -5.78
CA ALA C 1010 -14.32 -23.35 -5.85
C ALA C 1010 -14.78 -23.90 -7.18
N ASN C 1011 -14.15 -23.48 -8.26
CA ASN C 1011 -14.50 -24.00 -9.57
C ASN C 1011 -14.22 -25.49 -9.65
N LEU C 1012 -13.09 -25.92 -9.11
CA LEU C 1012 -12.81 -27.36 -9.15
C LEU C 1012 -13.84 -28.14 -8.36
N ALA C 1013 -14.24 -27.64 -7.19
CA ALA C 1013 -15.20 -28.38 -6.38
C ALA C 1013 -16.56 -28.41 -7.04
N ALA C 1014 -16.94 -27.36 -7.75
CA ALA C 1014 -18.18 -27.40 -8.49
C ALA C 1014 -18.13 -28.43 -9.61
N THR C 1015 -16.99 -28.51 -10.31
CA THR C 1015 -16.84 -29.53 -11.34
C THR C 1015 -16.90 -30.92 -10.76
N LYS C 1016 -16.26 -31.14 -9.62
CA LYS C 1016 -16.30 -32.45 -9.01
C LYS C 1016 -17.69 -32.80 -8.52
N MET C 1017 -18.46 -31.82 -8.05
CA MET C 1017 -19.83 -32.14 -7.69
C MET C 1017 -20.65 -32.52 -8.91
N SER C 1018 -20.52 -31.77 -10.00
CA SER C 1018 -21.34 -32.07 -11.17
C SER C 1018 -20.99 -33.42 -11.76
N GLU C 1019 -19.73 -33.79 -11.76
CA GLU C 1019 -19.34 -35.01 -12.45
C GLU C 1019 -19.27 -36.22 -11.54
N CYS C 1020 -18.58 -36.10 -10.42
CA CYS C 1020 -18.51 -37.18 -9.44
C CYS C 1020 -19.88 -37.56 -8.92
N VAL C 1021 -20.64 -36.59 -8.42
CA VAL C 1021 -21.81 -36.88 -7.59
C VAL C 1021 -23.05 -37.11 -8.43
N LEU C 1022 -23.35 -36.20 -9.35
CA LEU C 1022 -24.51 -36.32 -10.21
C LEU C 1022 -24.22 -37.12 -11.47
N GLY C 1023 -23.23 -37.99 -11.45
CA GLY C 1023 -22.96 -38.84 -12.59
C GLY C 1023 -21.79 -39.74 -12.30
N GLN C 1024 -21.51 -40.63 -13.24
CA GLN C 1024 -20.39 -41.55 -13.16
C GLN C 1024 -19.37 -41.19 -14.23
N SER C 1025 -18.12 -40.98 -13.84
CA SER C 1025 -17.13 -40.41 -14.72
C SER C 1025 -16.13 -41.45 -15.20
N LYS C 1026 -15.49 -41.14 -16.32
CA LYS C 1026 -14.47 -41.99 -16.90
C LYS C 1026 -13.14 -41.28 -17.06
N ARG C 1027 -13.05 -40.04 -16.62
CA ARG C 1027 -11.78 -39.37 -16.50
C ARG C 1027 -10.97 -40.09 -15.43
N VAL C 1028 -9.74 -40.47 -15.75
CA VAL C 1028 -8.94 -41.29 -14.84
C VAL C 1028 -8.44 -40.46 -13.68
N ASP C 1029 -8.66 -40.96 -12.46
CA ASP C 1029 -8.16 -40.38 -11.22
C ASP C 1029 -8.72 -38.99 -10.95
N PHE C 1030 -9.62 -38.51 -11.80
CA PHE C 1030 -10.35 -37.31 -11.45
C PHE C 1030 -11.19 -37.55 -10.22
N CYS C 1031 -12.00 -38.61 -10.25
CA CYS C 1031 -12.96 -38.88 -9.19
C CYS C 1031 -12.49 -40.14 -8.47
N GLY C 1032 -11.51 -39.99 -7.59
CA GLY C 1032 -10.99 -41.10 -6.83
C GLY C 1032 -9.98 -41.94 -7.61
N LYS C 1033 -9.35 -42.86 -6.88
CA LYS C 1033 -8.28 -43.72 -7.40
C LYS C 1033 -8.79 -45.15 -7.56
N GLY C 1034 -8.94 -45.61 -8.80
CA GLY C 1034 -9.54 -46.87 -9.15
C GLY C 1034 -10.58 -46.65 -10.23
N TYR C 1035 -11.48 -47.60 -10.40
CA TYR C 1035 -12.61 -47.42 -11.28
C TYR C 1035 -13.78 -46.86 -10.48
N HIS C 1036 -14.30 -45.73 -10.91
CA HIS C 1036 -15.26 -44.97 -10.13
C HIS C 1036 -16.62 -45.65 -10.13
N LEU C 1037 -17.29 -45.61 -8.98
CA LEU C 1037 -18.66 -46.09 -8.83
C LEU C 1037 -19.62 -45.01 -8.38
N MET C 1038 -19.29 -44.21 -7.38
CA MET C 1038 -20.15 -43.11 -6.96
C MET C 1038 -19.42 -42.21 -5.98
N SER C 1039 -20.05 -41.09 -5.62
CA SER C 1039 -19.49 -40.19 -4.62
C SER C 1039 -20.59 -39.59 -3.77
N PHE C 1040 -20.21 -39.08 -2.62
CA PHE C 1040 -21.06 -38.60 -1.54
C PHE C 1040 -20.47 -37.35 -0.90
N PRO C 1041 -21.16 -36.22 -0.90
CA PRO C 1041 -20.59 -35.01 -0.33
C PRO C 1041 -20.93 -34.82 1.13
N GLN C 1042 -20.01 -34.17 1.86
CA GLN C 1042 -20.26 -33.73 3.22
C GLN C 1042 -19.88 -32.27 3.34
N SER C 1043 -20.18 -31.68 4.49
CA SER C 1043 -20.02 -30.25 4.69
C SER C 1043 -19.03 -29.98 5.81
N ALA C 1044 -18.10 -29.07 5.57
CA ALA C 1044 -17.06 -28.72 6.51
C ALA C 1044 -16.99 -27.22 6.64
N PRO C 1045 -16.36 -26.71 7.69
CA PRO C 1045 -16.13 -25.26 7.78
C PRO C 1045 -15.30 -24.78 6.60
N HIS C 1046 -15.84 -23.80 5.89
CA HIS C 1046 -15.18 -23.19 4.75
C HIS C 1046 -14.88 -24.17 3.63
N GLY C 1047 -15.48 -25.34 3.60
CA GLY C 1047 -15.01 -26.37 2.71
C GLY C 1047 -16.03 -27.41 2.36
N VAL C 1048 -15.54 -28.60 2.04
CA VAL C 1048 -16.35 -29.70 1.53
C VAL C 1048 -15.48 -30.94 1.53
N VAL C 1049 -16.07 -32.10 1.75
CA VAL C 1049 -15.36 -33.38 1.74
C VAL C 1049 -16.16 -34.37 0.91
N PHE C 1050 -15.53 -34.96 -0.09
CA PHE C 1050 -16.14 -35.98 -0.91
C PHE C 1050 -15.67 -37.35 -0.45
N LEU C 1051 -16.56 -38.33 -0.44
CA LEU C 1051 -16.20 -39.72 -0.19
C LEU C 1051 -16.39 -40.51 -1.47
N HIS C 1052 -15.30 -40.96 -2.06
CA HIS C 1052 -15.34 -41.65 -3.32
C HIS C 1052 -15.39 -43.15 -3.10
N VAL C 1053 -16.23 -43.84 -3.87
CA VAL C 1053 -16.37 -45.28 -3.81
C VAL C 1053 -15.90 -45.85 -5.14
N THR C 1054 -14.86 -46.68 -5.11
CA THR C 1054 -14.24 -47.18 -6.33
C THR C 1054 -14.22 -48.70 -6.34
N TYR C 1055 -13.62 -49.26 -7.38
CA TYR C 1055 -13.49 -50.68 -7.61
C TYR C 1055 -12.02 -50.98 -7.85
N VAL C 1056 -11.47 -51.97 -7.16
CA VAL C 1056 -10.05 -52.30 -7.25
C VAL C 1056 -9.92 -53.80 -7.44
N PRO C 1057 -9.29 -54.28 -8.52
CA PRO C 1057 -9.20 -55.71 -8.74
C PRO C 1057 -8.20 -56.34 -7.79
N ALA C 1058 -8.27 -57.66 -7.67
CA ALA C 1058 -7.37 -58.36 -6.77
C ALA C 1058 -7.23 -59.80 -7.19
N GLN C 1059 -6.17 -60.44 -6.71
CA GLN C 1059 -5.96 -61.89 -6.80
C GLN C 1059 -5.96 -62.37 -8.25
N GLU C 1060 -4.93 -61.95 -8.98
CA GLU C 1060 -4.83 -62.30 -10.38
C GLU C 1060 -4.09 -63.62 -10.57
N LYS C 1061 -4.27 -64.22 -11.74
CA LYS C 1061 -3.53 -65.41 -12.13
C LYS C 1061 -3.03 -65.28 -13.56
N ASN C 1062 -1.95 -66.00 -13.87
CA ASN C 1062 -1.44 -66.01 -15.23
C ASN C 1062 -2.16 -67.04 -16.08
N PHE C 1063 -2.33 -66.73 -17.35
CA PHE C 1063 -2.79 -67.69 -18.33
C PHE C 1063 -1.99 -67.51 -19.60
N THR C 1064 -2.25 -68.33 -20.60
CA THR C 1064 -1.68 -68.15 -21.92
C THR C 1064 -2.79 -67.86 -22.91
N THR C 1065 -2.52 -66.99 -23.87
CA THR C 1065 -3.57 -66.40 -24.68
C THR C 1065 -3.13 -66.36 -26.14
N ALA C 1066 -4.09 -66.11 -27.03
CA ALA C 1066 -3.85 -66.05 -28.46
C ALA C 1066 -4.71 -64.98 -29.09
N PRO C 1067 -4.27 -64.41 -30.21
CA PRO C 1067 -5.07 -63.40 -30.91
C PRO C 1067 -6.39 -63.92 -31.44
N ALA C 1068 -6.34 -64.95 -32.27
CA ALA C 1068 -7.53 -65.50 -32.89
C ALA C 1068 -7.46 -67.01 -32.78
N ILE C 1069 -8.35 -67.70 -33.46
CA ILE C 1069 -8.42 -69.16 -33.43
C ILE C 1069 -8.79 -69.65 -34.82
N CYS C 1070 -7.92 -70.46 -35.43
CA CYS C 1070 -8.19 -70.97 -36.77
C CYS C 1070 -9.09 -72.17 -36.71
N HIS C 1071 -10.04 -72.22 -37.64
CA HIS C 1071 -11.03 -73.29 -37.67
C HIS C 1071 -11.66 -73.31 -39.05
N ASP C 1072 -11.44 -74.38 -39.80
CA ASP C 1072 -12.02 -74.53 -41.13
C ASP C 1072 -11.54 -73.45 -42.08
N GLY C 1073 -10.29 -73.03 -41.93
CA GLY C 1073 -9.79 -71.97 -42.77
C GLY C 1073 -10.42 -70.63 -42.50
N LYS C 1074 -10.99 -70.44 -41.30
CA LYS C 1074 -11.60 -69.18 -40.91
C LYS C 1074 -11.04 -68.78 -39.56
N ALA C 1075 -10.95 -67.48 -39.33
CA ALA C 1075 -10.38 -66.94 -38.11
C ALA C 1075 -11.48 -66.27 -37.30
N HIS C 1076 -11.69 -66.77 -36.09
CA HIS C 1076 -12.63 -66.19 -35.15
C HIS C 1076 -11.87 -65.29 -34.18
N PHE C 1077 -12.39 -64.11 -33.97
CA PHE C 1077 -11.95 -63.11 -33.04
C PHE C 1077 -12.99 -62.95 -31.95
N PRO C 1078 -12.59 -62.68 -30.71
CA PRO C 1078 -13.58 -62.55 -29.65
C PRO C 1078 -14.40 -61.28 -29.82
N ARG C 1079 -15.61 -61.32 -29.26
CA ARG C 1079 -16.52 -60.21 -29.46
C ARG C 1079 -16.36 -59.16 -28.37
N GLU C 1080 -16.39 -59.57 -27.11
CA GLU C 1080 -16.03 -58.68 -26.00
C GLU C 1080 -15.20 -59.41 -24.96
N GLY C 1081 -14.10 -60.02 -25.36
CA GLY C 1081 -13.31 -60.72 -24.39
C GLY C 1081 -11.96 -61.10 -24.94
N VAL C 1082 -11.31 -62.02 -24.23
CA VAL C 1082 -9.96 -62.44 -24.56
C VAL C 1082 -9.87 -63.95 -24.38
N PHE C 1083 -9.28 -64.64 -25.37
CA PHE C 1083 -9.12 -66.08 -25.26
C PHE C 1083 -8.05 -66.43 -24.25
N VAL C 1084 -8.33 -67.41 -23.40
CA VAL C 1084 -7.35 -67.89 -22.43
C VAL C 1084 -7.44 -69.40 -22.36
N SER C 1085 -6.36 -70.03 -21.92
CA SER C 1085 -6.34 -71.47 -21.76
C SER C 1085 -5.71 -71.85 -20.43
N ASN C 1086 -6.18 -72.96 -19.87
CA ASN C 1086 -5.61 -73.51 -18.65
C ASN C 1086 -4.61 -74.62 -18.92
N GLY C 1087 -4.01 -74.64 -20.11
CA GLY C 1087 -3.09 -75.66 -20.51
C GLY C 1087 -3.70 -76.76 -21.34
N THR C 1088 -5.00 -76.97 -21.25
CA THR C 1088 -5.65 -78.02 -22.01
C THR C 1088 -6.71 -77.52 -22.97
N HIS C 1089 -7.63 -76.68 -22.53
CA HIS C 1089 -8.72 -76.21 -23.36
C HIS C 1089 -8.72 -74.70 -23.42
N TRP C 1090 -9.38 -74.16 -24.44
CA TRP C 1090 -9.45 -72.74 -24.68
C TRP C 1090 -10.85 -72.22 -24.40
N PHE C 1091 -10.94 -71.22 -23.55
CA PHE C 1091 -12.18 -70.54 -23.22
C PHE C 1091 -12.11 -69.11 -23.70
N VAL C 1092 -13.18 -68.36 -23.44
CA VAL C 1092 -13.18 -66.92 -23.63
C VAL C 1092 -13.86 -66.29 -22.42
N THR C 1093 -13.22 -65.27 -21.84
CA THR C 1093 -13.72 -64.66 -20.62
C THR C 1093 -13.86 -63.17 -20.83
N GLN C 1094 -14.66 -62.52 -19.99
CA GLN C 1094 -14.58 -61.09 -19.92
C GLN C 1094 -13.26 -60.68 -19.32
N ARG C 1095 -13.03 -59.38 -19.26
CA ARG C 1095 -11.70 -58.85 -19.23
C ARG C 1095 -11.22 -58.43 -17.85
N ASN C 1096 -12.13 -57.99 -16.97
CA ASN C 1096 -11.80 -57.55 -15.62
C ASN C 1096 -12.19 -58.55 -14.54
N PHE C 1097 -12.74 -59.70 -14.90
CA PHE C 1097 -13.15 -60.67 -13.92
C PHE C 1097 -13.16 -62.02 -14.59
N TYR C 1098 -12.67 -63.04 -13.92
CA TYR C 1098 -12.37 -64.30 -14.58
C TYR C 1098 -13.64 -65.16 -14.62
N GLU C 1099 -14.21 -65.31 -15.81
CA GLU C 1099 -15.32 -66.24 -16.05
C GLU C 1099 -15.09 -66.98 -17.35
N PRO C 1100 -14.56 -68.18 -17.30
CA PRO C 1100 -14.38 -68.95 -18.52
C PRO C 1100 -15.72 -69.38 -19.10
N GLN C 1101 -15.76 -69.49 -20.41
CA GLN C 1101 -16.95 -69.97 -21.09
C GLN C 1101 -16.55 -70.73 -22.34
N ILE C 1102 -17.49 -71.52 -22.85
CA ILE C 1102 -17.23 -72.34 -24.02
C ILE C 1102 -17.26 -71.45 -25.25
N ILE C 1103 -16.28 -71.63 -26.14
CA ILE C 1103 -16.21 -70.84 -27.36
C ILE C 1103 -17.30 -71.32 -28.30
N THR C 1104 -18.22 -70.44 -28.66
CA THR C 1104 -19.26 -70.79 -29.62
C THR C 1104 -19.33 -69.74 -30.71
N THR C 1105 -20.33 -69.85 -31.57
CA THR C 1105 -20.49 -68.84 -32.61
C THR C 1105 -21.11 -67.56 -32.07
N ASP C 1106 -21.96 -67.65 -31.06
CA ASP C 1106 -22.52 -66.45 -30.46
C ASP C 1106 -21.46 -65.57 -29.83
N ASN C 1107 -20.31 -66.14 -29.48
CA ASN C 1107 -19.28 -65.40 -28.76
C ASN C 1107 -18.29 -64.69 -29.67
N THR C 1108 -18.15 -65.11 -30.92
CA THR C 1108 -17.05 -64.67 -31.76
C THR C 1108 -17.57 -64.19 -33.10
N PHE C 1109 -16.68 -63.57 -33.87
CA PHE C 1109 -17.00 -63.16 -35.23
C PHE C 1109 -15.83 -63.53 -36.13
N VAL C 1110 -16.11 -63.67 -37.42
CA VAL C 1110 -15.17 -64.26 -38.37
C VAL C 1110 -14.78 -63.26 -39.44
N SER C 1111 -13.50 -63.23 -39.78
CA SER C 1111 -13.01 -62.30 -40.79
C SER C 1111 -11.74 -62.87 -41.41
N GLY C 1112 -11.81 -63.26 -42.67
CA GLY C 1112 -10.63 -63.71 -43.38
C GLY C 1112 -10.30 -65.15 -43.08
N ASN C 1113 -9.12 -65.56 -43.54
CA ASN C 1113 -8.61 -66.89 -43.29
C ASN C 1113 -7.30 -66.81 -42.50
N CYS C 1114 -6.66 -67.96 -42.31
CA CYS C 1114 -5.72 -68.13 -41.21
C CYS C 1114 -4.26 -67.87 -41.58
N ASP C 1115 -3.97 -67.22 -42.70
CA ASP C 1115 -2.57 -67.06 -43.07
C ASP C 1115 -2.00 -65.70 -42.69
N VAL C 1116 -2.86 -64.73 -42.36
CA VAL C 1116 -2.40 -63.36 -42.15
C VAL C 1116 -2.07 -63.11 -40.69
N VAL C 1117 -2.94 -63.51 -39.77
CA VAL C 1117 -2.75 -63.21 -38.36
C VAL C 1117 -1.56 -63.98 -37.82
N ILE C 1118 -0.72 -63.30 -37.04
CA ILE C 1118 0.45 -63.91 -36.44
C ILE C 1118 0.10 -64.41 -35.05
N GLY C 1119 0.47 -65.64 -34.74
CA GLY C 1119 0.18 -66.21 -33.44
C GLY C 1119 -1.16 -66.89 -33.32
N ILE C 1120 -1.79 -67.22 -34.45
CA ILE C 1120 -3.08 -67.90 -34.40
C ILE C 1120 -2.89 -69.33 -33.92
N VAL C 1121 -3.95 -69.90 -33.35
CA VAL C 1121 -3.89 -71.27 -32.84
C VAL C 1121 -4.98 -72.12 -33.46
N ASN C 1122 -5.02 -73.40 -33.09
CA ASN C 1122 -5.96 -74.37 -33.64
C ASN C 1122 -6.92 -74.81 -32.55
N ASN C 1123 -8.21 -74.80 -32.85
CA ASN C 1123 -9.22 -75.31 -31.92
C ASN C 1123 -10.54 -75.40 -32.66
N THR C 1124 -11.56 -75.86 -31.94
CA THR C 1124 -12.88 -76.04 -32.50
C THR C 1124 -13.85 -75.05 -31.88
N VAL C 1125 -14.82 -74.62 -32.67
CA VAL C 1125 -15.85 -73.70 -32.21
C VAL C 1125 -17.18 -74.40 -32.31
N TYR C 1126 -17.75 -74.74 -31.16
CA TYR C 1126 -19.01 -75.46 -31.11
C TYR C 1126 -20.14 -74.59 -31.65
N ASP C 1127 -21.05 -75.22 -32.40
CA ASP C 1127 -22.19 -74.54 -32.99
C ASP C 1127 -23.43 -74.93 -32.20
N PRO C 1128 -24.17 -73.99 -31.62
CA PRO C 1128 -25.35 -74.36 -30.82
C PRO C 1128 -26.45 -75.05 -31.61
N LEU C 1129 -26.63 -74.74 -32.89
CA LEU C 1129 -27.80 -75.19 -33.61
C LEU C 1129 -27.73 -76.66 -34.01
N GLN C 1130 -26.55 -77.13 -34.41
CA GLN C 1130 -26.45 -78.48 -34.96
C GLN C 1130 -26.86 -79.57 -33.98
N PRO C 1131 -26.45 -79.56 -32.71
CA PRO C 1131 -26.95 -80.60 -31.79
C PRO C 1131 -28.46 -80.60 -31.66
N GLU C 1132 -29.11 -79.45 -31.76
CA GLU C 1132 -30.56 -79.44 -31.87
C GLU C 1132 -31.00 -80.13 -33.15
N LEU C 1133 -30.29 -79.87 -34.26
CA LEU C 1133 -30.59 -80.51 -35.53
C LEU C 1133 -29.93 -81.89 -35.57
N ASP C 1134 -30.44 -82.78 -34.71
CA ASP C 1134 -29.97 -84.16 -34.72
C ASP C 1134 -30.31 -84.85 -36.03
N SER C 1135 -31.52 -84.61 -36.55
CA SER C 1135 -31.93 -85.17 -37.83
C SER C 1135 -33.05 -84.34 -38.45
N MET D 2 -3.23 31.47 46.07
CA MET D 2 -3.80 32.73 46.51
C MET D 2 -3.14 33.24 47.76
N GLN D 3 -2.12 34.08 47.61
CA GLN D 3 -1.45 34.65 48.76
C GLN D 3 -0.53 35.76 48.31
N LEU D 4 -0.19 36.63 49.26
CA LEU D 4 0.88 37.61 49.11
C LEU D 4 1.94 37.32 50.14
N VAL D 5 3.20 37.45 49.75
CA VAL D 5 4.32 37.28 50.65
C VAL D 5 5.06 38.59 50.71
N GLN D 6 5.37 39.05 51.91
CA GLN D 6 5.98 40.35 52.10
C GLN D 6 7.44 40.20 52.49
N SER D 7 8.14 41.32 52.55
CA SER D 7 9.55 41.32 52.90
C SER D 7 9.71 41.06 54.39
N GLY D 8 10.92 41.26 54.90
CA GLY D 8 11.22 41.00 56.29
C GLY D 8 11.41 42.24 57.13
N PRO D 9 11.47 42.06 58.44
CA PRO D 9 11.61 43.21 59.34
C PRO D 9 12.93 43.90 59.14
N GLU D 10 12.96 45.20 59.42
CA GLU D 10 14.14 45.98 59.12
C GLU D 10 14.10 47.30 59.86
N VAL D 11 15.24 47.69 60.45
CA VAL D 11 15.34 48.87 61.29
C VAL D 11 16.27 49.88 60.62
N LYS D 12 15.82 51.13 60.55
CA LYS D 12 16.58 52.21 59.93
C LYS D 12 16.82 53.34 60.91
N LYS D 13 17.77 54.11 60.62
CA LYS D 13 18.08 55.31 61.36
C LYS D 13 17.34 56.50 60.76
N PRO D 14 17.08 57.54 61.53
CA PRO D 14 16.30 58.67 61.00
C PRO D 14 17.00 59.33 59.83
N GLY D 15 16.20 59.81 58.89
CA GLY D 15 16.68 60.52 57.73
C GLY D 15 16.85 59.67 56.49
N THR D 16 17.02 58.37 56.64
CA THR D 16 17.31 57.49 55.51
C THR D 16 16.03 57.18 54.73
N SER D 17 16.08 56.16 53.89
CA SER D 17 14.91 55.71 53.14
C SER D 17 14.82 54.19 53.15
N VAL D 18 13.59 53.68 53.06
CA VAL D 18 13.31 52.26 53.18
C VAL D 18 12.45 51.81 52.00
N LYS D 19 12.63 50.56 51.61
CA LYS D 19 11.96 49.98 50.44
C LYS D 19 11.31 48.67 50.84
N VAL D 20 10.01 48.54 50.59
CA VAL D 20 9.24 47.36 50.99
C VAL D 20 8.71 46.71 49.73
N SER D 21 8.55 45.39 49.76
CA SER D 21 8.18 44.65 48.57
C SER D 21 7.11 43.62 48.88
N CYS D 22 6.24 43.37 47.90
CA CYS D 22 5.11 42.46 48.05
C CYS D 22 5.17 41.42 46.94
N LYS D 23 5.40 40.17 47.30
CA LYS D 23 5.34 39.09 46.32
C LYS D 23 3.92 38.91 45.82
N ALA D 24 3.79 38.14 44.74
CA ALA D 24 2.46 37.81 44.23
C ALA D 24 2.51 36.45 43.57
N SER D 25 1.62 35.55 43.98
CA SER D 25 1.61 34.21 43.41
C SER D 25 0.29 33.55 43.70
N GLY D 26 -0.20 32.80 42.72
CA GLY D 26 -1.44 32.09 42.86
C GLY D 26 -2.63 32.69 42.16
N PHE D 27 -2.47 33.80 41.46
CA PHE D 27 -3.61 34.40 40.77
C PHE D 27 -3.11 35.23 39.59
N ARG D 28 -4.07 35.80 38.87
CA ARG D 28 -3.79 36.61 37.68
C ARG D 28 -3.54 38.04 38.11
N PHE D 29 -2.29 38.46 38.03
CA PHE D 29 -1.83 39.74 38.53
C PHE D 29 -1.90 40.85 37.49
N SER D 30 -2.16 40.53 36.24
CA SER D 30 -2.11 41.56 35.22
C SER D 30 -3.30 42.51 35.28
N ILE D 31 -4.29 42.25 36.12
CA ILE D 31 -5.50 43.06 36.13
C ILE D 31 -5.69 43.77 37.47
N SER D 32 -5.14 43.20 38.53
CA SER D 32 -5.51 43.58 39.88
C SER D 32 -4.99 44.98 40.23
N ALA D 33 -5.17 45.37 41.47
CA ALA D 33 -4.59 46.58 42.01
C ALA D 33 -4.08 46.27 43.40
N VAL D 34 -3.10 47.03 43.86
CA VAL D 34 -2.52 46.81 45.18
C VAL D 34 -2.57 48.11 45.96
N GLN D 35 -3.00 48.03 47.21
CA GLN D 35 -3.06 49.18 48.10
C GLN D 35 -2.18 48.93 49.32
N TRP D 36 -1.78 50.00 49.99
CA TRP D 36 -0.86 49.92 51.12
C TRP D 36 -1.46 50.56 52.34
N VAL D 37 -1.42 49.86 53.47
CA VAL D 37 -2.04 50.30 54.71
C VAL D 37 -1.04 50.15 55.84
N ARG D 38 -0.84 51.23 56.59
CA ARG D 38 0.08 51.26 57.70
C ARG D 38 -0.69 51.30 59.01
N GLN D 39 -0.29 50.49 59.97
CA GLN D 39 -0.95 50.47 61.27
C GLN D 39 0.11 50.49 62.35
N ALA D 40 0.05 51.48 63.24
CA ALA D 40 0.99 51.55 64.34
C ALA D 40 0.60 50.51 65.37
N ARG D 41 1.18 50.58 66.56
CA ARG D 41 0.86 49.61 67.58
C ARG D 41 -0.45 49.98 68.26
N GLY D 42 -1.43 49.09 68.18
CA GLY D 42 -2.66 49.26 68.91
C GLY D 42 -3.50 50.44 68.52
N GLN D 43 -3.24 51.04 67.36
CA GLN D 43 -3.99 52.17 66.87
C GLN D 43 -4.91 51.72 65.74
N ARG D 44 -5.58 52.70 65.13
CA ARG D 44 -6.41 52.43 63.99
C ARG D 44 -5.55 52.08 62.78
N LEU D 45 -6.20 51.80 61.66
CA LEU D 45 -5.49 51.63 60.40
C LEU D 45 -5.42 52.96 59.67
N GLU D 46 -4.39 53.12 58.86
CA GLU D 46 -4.17 54.33 58.09
C GLU D 46 -3.97 53.98 56.63
N TRP D 47 -4.31 54.91 55.76
CA TRP D 47 -4.22 54.68 54.33
C TRP D 47 -3.00 55.38 53.77
N ILE D 48 -2.43 54.80 52.71
CA ILE D 48 -1.27 55.42 52.09
C ILE D 48 -1.55 55.73 50.63
N GLY D 49 -1.76 54.69 49.82
CA GLY D 49 -2.04 54.91 48.41
C GLY D 49 -2.21 53.59 47.70
N TRP D 50 -2.65 53.67 46.46
CA TRP D 50 -2.95 52.47 45.69
C TRP D 50 -2.49 52.65 44.26
N ILE D 51 -2.22 51.51 43.62
CA ILE D 51 -1.70 51.50 42.25
C ILE D 51 -2.46 50.46 41.45
N VAL D 52 -2.76 50.79 40.21
CA VAL D 52 -3.27 49.83 39.25
C VAL D 52 -2.09 49.23 38.53
N VAL D 53 -2.08 47.90 38.38
CA VAL D 53 -0.85 47.25 37.97
C VAL D 53 -0.54 47.58 36.52
N GLY D 54 -1.45 47.21 35.61
CA GLY D 54 -1.13 47.30 34.20
C GLY D 54 -0.81 48.71 33.75
N SER D 55 -1.64 49.66 34.15
CA SER D 55 -1.43 51.03 33.69
C SER D 55 -0.29 51.70 34.43
N GLY D 56 -0.05 51.34 35.68
CA GLY D 56 0.97 51.98 36.47
C GLY D 56 0.52 53.22 37.21
N ASP D 57 -0.71 53.67 36.99
CA ASP D 57 -1.17 54.89 37.62
C ASP D 57 -1.20 54.74 39.13
N THR D 58 -0.94 55.84 39.82
CA THR D 58 -0.89 55.84 41.27
C THR D 58 -1.85 56.86 41.83
N ASN D 59 -2.06 56.78 43.14
CA ASN D 59 -2.81 57.77 43.87
C ASN D 59 -2.31 57.74 45.30
N TYR D 60 -2.24 58.90 45.93
CA TYR D 60 -1.64 59.01 47.25
C TYR D 60 -2.53 59.82 48.17
N ALA D 61 -2.32 59.62 49.47
CA ALA D 61 -2.92 60.51 50.44
C ALA D 61 -2.19 61.83 50.48
N GLN D 62 -2.89 62.86 50.95
CA GLN D 62 -2.29 64.19 50.99
C GLN D 62 -1.07 64.22 51.90
N LYS D 63 -1.17 63.57 53.06
CA LYS D 63 -0.05 63.59 53.99
C LYS D 63 1.16 62.90 53.41
N PHE D 64 0.97 61.76 52.75
CA PHE D 64 2.06 61.02 52.13
C PHE D 64 2.22 61.45 50.68
N GLN D 65 2.64 62.70 50.49
CA GLN D 65 2.70 63.23 49.14
C GLN D 65 4.11 63.48 48.65
N GLU D 66 5.08 63.68 49.53
CA GLU D 66 6.46 63.87 49.12
C GLU D 66 7.38 62.78 49.67
N ARG D 67 6.82 61.61 49.98
CA ARG D 67 7.66 60.57 50.55
C ARG D 67 7.39 59.18 50.02
N VAL D 68 6.46 58.98 49.10
CA VAL D 68 6.09 57.65 48.66
C VAL D 68 6.20 57.58 47.15
N THR D 69 6.70 56.45 46.66
CA THR D 69 6.74 56.17 45.23
C THR D 69 6.36 54.71 45.04
N ILE D 70 5.07 54.47 44.81
CA ILE D 70 4.57 53.10 44.68
C ILE D 70 4.73 52.67 43.23
N THR D 71 5.66 51.76 42.99
CA THR D 71 5.92 51.26 41.65
C THR D 71 5.90 49.74 41.66
N ARG D 72 5.52 49.15 40.55
CA ARG D 72 5.46 47.71 40.40
C ARG D 72 6.43 47.25 39.33
N ASP D 73 6.47 45.95 39.13
CA ASP D 73 7.35 45.32 38.14
C ASP D 73 6.70 44.04 37.66
N MET D 74 6.18 44.06 36.43
CA MET D 74 5.45 42.91 35.93
C MET D 74 6.32 41.67 35.85
N SER D 75 7.60 41.85 35.54
CA SER D 75 8.47 40.72 35.29
C SER D 75 8.43 39.72 36.43
N THR D 76 8.85 40.15 37.61
CA THR D 76 8.84 39.28 38.77
C THR D 76 7.49 39.28 39.49
N SER D 77 6.55 40.10 39.05
CA SER D 77 5.23 40.19 39.67
C SER D 77 5.35 40.53 41.15
N THR D 78 5.80 41.76 41.39
CA THR D 78 5.89 42.33 42.73
C THR D 78 5.49 43.79 42.68
N ALA D 79 5.15 44.33 43.84
CA ALA D 79 4.85 45.75 43.99
C ALA D 79 5.70 46.31 45.11
N TYR D 80 6.26 47.49 44.86
CA TYR D 80 7.26 48.07 45.75
C TYR D 80 6.77 49.37 46.34
N MET D 81 7.29 49.71 47.51
CA MET D 81 7.00 50.99 48.12
C MET D 81 8.25 51.53 48.81
N GLU D 82 8.54 52.80 48.57
CA GLU D 82 9.70 53.46 49.15
C GLU D 82 9.23 54.61 50.02
N LEU D 83 9.75 54.67 51.24
CA LEU D 83 9.45 55.76 52.16
C LEU D 83 10.73 56.52 52.42
N SER D 84 10.70 57.83 52.22
CA SER D 84 11.88 58.66 52.31
C SER D 84 11.78 59.62 53.48
N SER D 85 12.94 60.04 53.98
CA SER D 85 13.04 60.94 55.12
C SER D 85 12.22 60.41 56.29
N LEU D 86 12.65 59.25 56.80
CA LEU D 86 11.95 58.63 57.90
C LEU D 86 12.00 59.51 59.13
N ARG D 87 11.00 59.38 59.99
CA ARG D 87 10.96 60.09 61.25
C ARG D 87 10.49 59.14 62.33
N PHE D 88 10.52 59.62 63.58
CA PHE D 88 10.16 58.78 64.71
C PHE D 88 8.72 58.29 64.61
N GLU D 89 7.86 59.04 63.94
CA GLU D 89 6.44 58.71 63.91
C GLU D 89 6.11 57.65 62.88
N ASP D 90 7.09 57.16 62.14
CA ASP D 90 6.81 56.25 61.05
C ASP D 90 6.96 54.80 61.42
N THR D 91 7.16 54.48 62.70
CA THR D 91 7.40 53.10 63.08
C THR D 91 6.06 52.39 63.18
N ALA D 92 5.79 51.49 62.24
CA ALA D 92 4.54 50.75 62.29
C ALA D 92 4.70 49.46 61.49
N VAL D 93 3.58 48.82 61.19
CA VAL D 93 3.53 47.59 60.44
C VAL D 93 2.82 47.88 59.13
N TYR D 94 3.42 47.46 58.03
CA TYR D 94 2.92 47.84 56.70
C TYR D 94 2.35 46.62 55.99
N TYR D 95 1.09 46.70 55.59
CA TYR D 95 0.40 45.61 54.90
C TYR D 95 0.18 45.96 53.44
N CYS D 96 -0.25 44.95 52.70
CA CYS D 96 -0.36 44.95 51.25
C CYS D 96 -1.54 44.09 50.87
N ALA D 97 -2.46 44.63 50.08
CA ALA D 97 -3.68 43.90 49.78
C ALA D 97 -4.07 44.06 48.32
N ALA D 98 -4.72 43.04 47.78
CA ALA D 98 -5.10 43.02 46.38
C ALA D 98 -6.31 42.14 46.21
N PRO D 99 -7.23 42.47 45.31
CA PRO D 99 -8.39 41.61 45.12
C PRO D 99 -7.98 40.31 44.44
N TYR D 100 -8.68 39.25 44.80
CA TYR D 100 -8.54 38.01 44.06
C TYR D 100 -9.09 38.25 42.68
N CYS D 101 -8.33 37.89 41.65
CA CYS D 101 -8.74 38.20 40.29
C CYS D 101 -8.30 37.07 39.37
N GLY D 102 -9.25 36.24 38.97
CA GLY D 102 -9.02 35.28 37.91
C GLY D 102 -9.47 35.86 36.59
N GLY D 103 -10.55 35.32 36.03
CA GLY D 103 -11.16 35.96 34.87
C GLY D 103 -11.75 37.31 35.21
N ASP D 104 -12.31 37.44 36.40
CA ASP D 104 -12.87 38.68 36.91
C ASP D 104 -12.31 38.97 38.28
N CYS D 105 -12.23 40.26 38.61
CA CYS D 105 -11.78 40.62 39.94
C CYS D 105 -12.91 40.47 40.94
N SER D 106 -12.56 40.48 42.22
CA SER D 106 -13.46 40.05 43.27
C SER D 106 -14.22 41.18 43.95
N ASP D 107 -14.10 42.41 43.48
CA ASP D 107 -14.84 43.54 44.05
C ASP D 107 -14.57 43.70 45.55
N GLY D 108 -13.31 43.62 45.94
CA GLY D 108 -12.96 43.86 47.32
C GLY D 108 -11.65 43.19 47.67
N PHE D 109 -10.83 43.84 48.50
CA PHE D 109 -9.49 43.37 48.75
C PHE D 109 -9.54 42.23 49.75
N ASP D 110 -9.62 41.00 49.25
CA ASP D 110 -9.71 39.82 50.10
C ASP D 110 -8.44 38.97 50.08
N ILE D 111 -7.31 39.53 49.65
CA ILE D 111 -6.01 38.89 49.80
C ILE D 111 -5.14 39.88 50.53
N TRP D 112 -4.71 39.53 51.74
CA TRP D 112 -3.93 40.43 52.57
C TRP D 112 -2.60 39.79 52.92
N GLY D 113 -1.54 40.56 52.80
CA GLY D 113 -0.23 40.05 53.12
C GLY D 113 -0.02 39.97 54.61
N GLN D 114 1.11 39.37 55.00
CA GLN D 114 1.31 39.09 56.40
C GLN D 114 1.81 40.29 57.18
N GLY D 115 2.18 41.37 56.51
CA GLY D 115 2.61 42.56 57.20
C GLY D 115 4.05 42.54 57.66
N THR D 116 4.77 43.64 57.42
CA THR D 116 6.17 43.76 57.77
C THR D 116 6.37 44.93 58.72
N MET D 117 7.46 44.87 59.48
CA MET D 117 7.72 45.85 60.52
C MET D 117 8.93 46.69 60.18
N VAL D 118 8.91 47.94 60.60
CA VAL D 118 10.06 48.84 60.43
C VAL D 118 10.11 49.80 61.59
N THR D 119 11.27 49.89 62.23
CA THR D 119 11.47 50.68 63.43
C THR D 119 12.45 51.80 63.13
N VAL D 120 12.03 53.04 63.36
CA VAL D 120 12.88 54.19 63.13
C VAL D 120 13.50 54.55 64.47
N SER D 121 14.76 54.16 64.68
CA SER D 121 15.42 54.33 65.96
C SER D 121 16.84 54.81 65.73
N SER D 122 17.56 55.03 66.83
CA SER D 122 18.93 55.54 66.79
C SER D 122 19.78 54.86 67.85
N ALA D 123 19.75 53.53 67.90
CA ALA D 123 20.54 52.80 68.89
C ALA D 123 20.93 51.42 68.40
N GLU E 21 -13.13 65.41 52.13
CA GLU E 21 -12.65 64.14 52.64
C GLU E 21 -13.72 63.43 53.44
N ILE E 22 -14.06 62.21 53.02
CA ILE E 22 -15.03 61.41 53.76
C ILE E 22 -14.48 61.06 55.12
N VAL E 23 -15.28 61.26 56.16
CA VAL E 23 -14.92 60.89 57.51
C VAL E 23 -15.98 59.93 58.02
N LEU E 24 -15.55 58.77 58.49
CA LEU E 24 -16.47 57.76 59.02
C LEU E 24 -16.31 57.70 60.53
N THR E 25 -17.44 57.65 61.22
CA THR E 25 -17.46 57.64 62.69
C THR E 25 -18.09 56.35 63.15
N GLN E 26 -17.26 55.35 63.42
CA GLN E 26 -17.73 54.03 63.82
C GLN E 26 -18.06 54.05 65.30
N SER E 27 -19.33 53.84 65.63
CA SER E 27 -19.81 53.79 66.99
C SER E 27 -20.69 52.57 67.15
N PRO E 28 -20.84 52.05 68.37
CA PRO E 28 -20.25 52.42 69.66
C PRO E 28 -18.82 51.93 69.82
N GLY E 29 -18.10 52.51 70.78
CA GLY E 29 -16.69 52.19 70.94
C GLY E 29 -16.45 50.77 71.41
N THR E 30 -17.23 50.30 72.38
CA THR E 30 -17.02 48.98 72.96
C THR E 30 -18.37 48.37 73.29
N LEU E 31 -18.50 47.07 73.05
CA LEU E 31 -19.76 46.38 73.26
C LEU E 31 -19.45 45.04 73.91
N SER E 32 -20.29 44.60 74.84
CA SER E 32 -19.87 43.61 75.84
C SER E 32 -20.87 42.48 76.00
N LEU E 33 -21.31 41.86 74.91
CA LEU E 33 -22.29 40.80 75.09
C LEU E 33 -21.65 39.50 75.55
N SER E 34 -22.48 38.65 76.13
CA SER E 34 -22.17 37.26 76.41
C SER E 34 -22.39 36.42 75.16
N PRO E 35 -21.67 35.31 75.02
CA PRO E 35 -21.78 34.51 73.80
C PRO E 35 -23.18 33.97 73.61
N GLY E 36 -23.61 33.92 72.35
CA GLY E 36 -24.93 33.49 71.98
C GLY E 36 -25.93 34.59 71.75
N GLU E 37 -25.50 35.83 71.66
CA GLU E 37 -26.40 36.97 71.65
C GLU E 37 -26.36 37.65 70.27
N ARG E 38 -26.99 38.82 70.20
CA ARG E 38 -27.15 39.56 68.96
C ARG E 38 -26.35 40.86 69.01
N ALA E 39 -25.47 41.06 68.03
CA ALA E 39 -24.55 42.19 68.01
C ALA E 39 -24.81 43.10 66.82
N THR E 40 -24.68 44.41 67.03
CA THR E 40 -24.85 45.40 65.97
C THR E 40 -23.75 46.45 66.05
N LEU E 41 -23.39 47.01 64.89
CA LEU E 41 -22.37 48.06 64.83
C LEU E 41 -22.83 49.18 63.90
N SER E 42 -21.97 50.15 63.58
CA SER E 42 -22.40 51.29 62.77
C SER E 42 -21.21 51.99 62.14
N CYS E 43 -21.44 52.52 60.94
CA CYS E 43 -20.49 53.25 60.10
C CYS E 43 -21.09 54.53 59.54
N ARG E 44 -21.65 55.36 60.41
CA ARG E 44 -22.26 56.60 59.95
C ARG E 44 -21.23 57.51 59.27
N ALA E 45 -21.60 58.03 58.10
CA ALA E 45 -20.69 58.76 57.23
C ALA E 45 -20.99 60.24 57.24
N SER E 46 -20.02 61.03 56.74
CA SER E 46 -20.17 62.48 56.74
C SER E 46 -21.00 62.96 55.57
N GLN E 47 -20.49 62.77 54.35
CA GLN E 47 -21.30 62.96 53.16
C GLN E 47 -21.95 61.64 52.79
N SER E 48 -22.49 61.55 51.58
CA SER E 48 -23.01 60.30 51.08
C SER E 48 -21.96 59.60 50.24
N VAL E 49 -21.91 58.28 50.37
CA VAL E 49 -21.00 57.44 49.59
C VAL E 49 -21.83 56.46 48.79
N SER E 50 -21.42 56.21 47.56
CA SER E 50 -22.08 55.19 46.77
C SER E 50 -22.04 53.86 47.49
N SER E 51 -23.18 53.19 47.55
CA SER E 51 -23.20 51.87 48.17
C SER E 51 -22.37 50.88 47.39
N SER E 52 -21.83 51.28 46.25
CA SER E 52 -21.04 50.37 45.45
C SER E 52 -19.82 49.88 46.20
N TYR E 53 -19.19 50.75 46.98
CA TYR E 53 -17.96 50.40 47.68
C TYR E 53 -18.08 50.76 49.15
N LEU E 54 -18.07 49.74 49.99
CA LEU E 54 -17.93 49.86 51.43
C LEU E 54 -17.76 48.45 51.98
N ALA E 55 -16.76 48.23 52.83
CA ALA E 55 -16.44 46.89 53.27
C ALA E 55 -16.18 46.88 54.76
N TRP E 56 -16.62 45.83 55.42
CA TRP E 56 -16.27 45.58 56.81
C TRP E 56 -15.18 44.53 56.90
N TYR E 57 -14.38 44.63 57.95
CA TYR E 57 -13.20 43.78 58.15
C TYR E 57 -13.19 43.28 59.57
N GLN E 58 -12.41 42.23 59.82
CA GLN E 58 -12.26 41.68 61.17
C GLN E 58 -10.80 41.47 61.47
N GLN E 59 -10.32 42.12 62.51
CA GLN E 59 -8.90 42.16 62.85
C GLN E 59 -8.66 41.43 64.17
N LYS E 60 -8.29 40.17 64.09
CA LYS E 60 -7.85 39.45 65.27
C LYS E 60 -6.54 40.04 65.75
N PRO E 61 -6.25 39.97 67.05
CA PRO E 61 -5.02 40.59 67.56
C PRO E 61 -3.79 39.83 67.08
N GLY E 62 -2.84 40.57 66.51
CA GLY E 62 -1.65 39.98 65.95
C GLY E 62 -1.81 39.42 64.55
N GLN E 63 -2.83 39.82 63.82
CA GLN E 63 -3.09 39.28 62.50
C GLN E 63 -3.37 40.39 61.52
N ALA E 64 -3.20 40.09 60.25
CA ALA E 64 -3.78 40.94 59.23
C ALA E 64 -5.29 40.85 59.32
N PRO E 65 -6.00 41.84 58.84
CA PRO E 65 -7.46 41.75 58.87
C PRO E 65 -7.97 40.79 57.82
N ARG E 66 -9.28 40.75 57.61
CA ARG E 66 -9.85 39.96 56.53
C ARG E 66 -11.17 40.58 56.12
N LEU E 67 -11.65 40.21 54.94
CA LEU E 67 -12.83 40.85 54.37
C LEU E 67 -14.06 40.00 54.70
N LEU E 68 -15.04 40.61 55.34
CA LEU E 68 -16.28 39.93 55.67
C LEU E 68 -17.40 40.21 54.68
N ILE E 69 -17.84 41.45 54.57
CA ILE E 69 -19.03 41.82 53.80
C ILE E 69 -18.65 42.95 52.86
N TYR E 70 -18.24 42.62 51.66
CA TYR E 70 -17.93 43.61 50.65
C TYR E 70 -19.21 44.03 49.93
N GLY E 71 -19.15 45.21 49.32
CA GLY E 71 -20.27 45.72 48.57
C GLY E 71 -21.45 46.15 49.40
N ALA E 72 -21.36 46.08 50.72
CA ALA E 72 -22.33 46.50 51.72
C ALA E 72 -23.46 45.51 51.91
N SER E 73 -23.59 44.48 51.09
CA SER E 73 -24.61 43.48 51.38
C SER E 73 -24.09 42.06 51.22
N SER E 74 -23.15 41.87 50.30
CA SER E 74 -22.72 40.54 49.90
C SER E 74 -21.64 40.01 50.82
N ARG E 75 -21.76 38.75 51.16
CA ARG E 75 -20.77 38.08 51.99
C ARG E 75 -19.61 37.61 51.15
N ALA E 76 -18.42 37.63 51.74
CA ALA E 76 -17.25 37.12 51.06
C ALA E 76 -17.24 35.60 51.09
N THR E 77 -16.44 35.02 50.21
CA THR E 77 -16.42 33.57 50.06
C THR E 77 -15.91 32.90 51.33
N GLY E 78 -16.49 31.76 51.64
CA GLY E 78 -16.05 31.02 52.81
C GLY E 78 -16.32 31.72 54.12
N ILE E 79 -17.50 32.28 54.29
CA ILE E 79 -17.87 32.97 55.51
C ILE E 79 -19.20 32.44 56.03
N PRO E 80 -19.31 32.16 57.32
CA PRO E 80 -20.58 31.64 57.85
C PRO E 80 -21.70 32.63 57.63
N ASP E 81 -22.91 32.09 57.47
CA ASP E 81 -24.08 32.91 57.19
C ASP E 81 -24.51 33.77 58.37
N ARG E 82 -23.75 33.78 59.46
CA ARG E 82 -24.14 34.58 60.61
C ARG E 82 -24.06 36.07 60.30
N PHE E 83 -23.08 36.47 59.50
CA PHE E 83 -22.85 37.87 59.21
C PHE E 83 -23.79 38.36 58.13
N SER E 84 -24.42 39.52 58.34
CA SER E 84 -25.37 40.02 57.36
C SER E 84 -24.96 41.34 56.72
N GLY E 85 -24.86 42.42 57.48
CA GLY E 85 -24.60 43.71 56.88
C GLY E 85 -25.80 44.27 56.12
N SER E 86 -25.98 45.58 56.10
CA SER E 86 -27.11 46.19 55.39
C SER E 86 -26.92 47.69 55.36
N GLY E 87 -27.90 48.37 54.78
CA GLY E 87 -28.01 49.82 54.82
C GLY E 87 -27.33 50.48 53.65
N SER E 88 -27.85 51.65 53.29
CA SER E 88 -27.27 52.46 52.22
C SER E 88 -27.46 53.94 52.54
N GLY E 89 -26.91 54.77 51.68
CA GLY E 89 -27.00 56.19 51.89
C GLY E 89 -25.88 56.69 52.77
N THR E 90 -26.15 56.84 54.07
CA THR E 90 -25.13 57.24 55.02
C THR E 90 -25.02 56.34 56.23
N ASP E 91 -25.87 55.31 56.33
CA ASP E 91 -25.90 54.45 57.51
C ASP E 91 -25.75 53.00 57.07
N PHE E 92 -24.85 52.28 57.70
CA PHE E 92 -24.61 50.88 57.38
C PHE E 92 -24.39 50.11 58.67
N THR E 93 -25.00 48.93 58.78
CA THR E 93 -24.92 48.13 59.98
C THR E 93 -24.49 46.72 59.65
N LEU E 94 -23.97 46.05 60.66
CA LEU E 94 -23.52 44.67 60.58
C LEU E 94 -24.06 43.93 61.79
N THR E 95 -24.81 42.87 61.55
CA THR E 95 -25.44 42.15 62.64
C THR E 95 -24.96 40.71 62.66
N ILE E 96 -24.56 40.25 63.83
CA ILE E 96 -24.08 38.88 64.04
C ILE E 96 -25.19 38.14 64.76
N SER E 97 -25.66 37.04 64.18
CA SER E 97 -26.85 36.39 64.71
C SER E 97 -26.59 35.83 66.11
N ARG E 98 -25.66 34.90 66.23
CA ARG E 98 -25.30 34.34 67.53
C ARG E 98 -23.81 34.45 67.74
N LEU E 99 -23.43 34.70 68.98
CA LEU E 99 -22.05 35.04 69.31
C LEU E 99 -21.34 33.79 69.81
N GLU E 100 -20.41 33.32 69.04
CA GLU E 100 -19.54 32.22 69.42
C GLU E 100 -18.14 32.72 69.75
N PRO E 101 -17.41 32.02 70.62
CA PRO E 101 -16.25 32.64 71.27
C PRO E 101 -15.12 33.03 70.35
N GLU E 102 -15.25 32.87 69.04
CA GLU E 102 -14.20 33.26 68.11
C GLU E 102 -14.57 34.49 67.31
N ASP E 103 -15.62 35.20 67.69
CA ASP E 103 -16.01 36.43 67.01
C ASP E 103 -15.64 37.66 67.81
N PHE E 104 -14.65 37.58 68.68
CA PHE E 104 -14.32 38.67 69.59
C PHE E 104 -13.04 39.30 69.07
N ALA E 105 -13.19 40.37 68.29
CA ALA E 105 -12.07 40.97 67.62
C ALA E 105 -12.34 42.46 67.53
N VAL E 106 -11.70 43.13 66.58
CA VAL E 106 -11.94 44.54 66.33
C VAL E 106 -12.31 44.72 64.86
N TYR E 107 -13.42 45.40 64.60
CA TYR E 107 -14.03 45.44 63.29
C TYR E 107 -13.86 46.82 62.68
N TYR E 108 -13.38 46.87 61.45
CA TYR E 108 -13.18 48.14 60.77
C TYR E 108 -14.08 48.23 59.55
N CYS E 109 -14.46 49.46 59.21
CA CYS E 109 -15.27 49.74 58.03
C CYS E 109 -14.55 50.73 57.15
N GLN E 110 -14.36 50.37 55.89
CA GLN E 110 -13.55 51.13 54.95
C GLN E 110 -14.36 51.44 53.72
N GLN E 111 -14.40 52.70 53.33
CA GLN E 111 -14.95 53.09 52.06
C GLN E 111 -13.84 53.31 51.06
N TYR E 112 -14.09 52.96 49.81
CA TYR E 112 -13.18 53.28 48.73
C TYR E 112 -13.98 53.73 47.54
N GLY E 113 -14.89 54.65 47.76
CA GLY E 113 -15.68 55.22 46.69
C GLY E 113 -14.90 56.31 45.98
N ASN E 114 -14.48 57.34 46.70
CA ASN E 114 -13.75 58.43 46.12
C ASN E 114 -12.54 58.75 46.98
N SER E 115 -11.51 59.28 46.34
CA SER E 115 -10.25 59.51 47.03
C SER E 115 -10.39 60.62 48.07
N PRO E 116 -9.69 60.52 49.19
CA PRO E 116 -8.92 59.36 49.63
C PRO E 116 -9.82 58.28 50.20
N TRP E 117 -9.35 57.05 50.21
CA TRP E 117 -10.08 55.95 50.82
C TRP E 117 -9.66 55.86 52.27
N THR E 118 -10.63 55.95 53.17
CA THR E 118 -10.35 56.12 54.57
C THR E 118 -11.08 55.06 55.37
N PHE E 119 -10.57 54.79 56.56
CA PHE E 119 -11.03 53.71 57.42
C PHE E 119 -11.91 54.24 58.53
N GLY E 120 -12.25 53.37 59.47
CA GLY E 120 -13.01 53.71 60.64
C GLY E 120 -12.13 53.88 61.86
N GLN E 121 -12.74 53.70 63.02
CA GLN E 121 -12.02 53.79 64.29
C GLN E 121 -11.82 52.45 64.98
N GLY E 122 -12.74 51.51 64.81
CA GLY E 122 -12.66 50.26 65.52
C GLY E 122 -13.85 50.06 66.44
N THR E 123 -14.14 48.81 66.80
CA THR E 123 -15.27 48.52 67.65
C THR E 123 -15.00 47.17 68.30
N LYS E 124 -14.56 47.19 69.54
CA LYS E 124 -14.09 45.99 70.21
C LYS E 124 -15.28 45.27 70.84
N VAL E 125 -15.47 44.01 70.47
CA VAL E 125 -16.50 43.17 71.05
C VAL E 125 -15.82 42.24 72.05
N GLU E 126 -16.26 42.27 73.30
CA GLU E 126 -15.65 41.48 74.34
C GLU E 126 -16.72 40.64 75.02
N ILE E 127 -16.31 39.86 76.02
CA ILE E 127 -17.24 38.97 76.70
C ILE E 127 -18.25 39.76 77.51
C1 NAG F . -2.26 -47.21 -47.09
C2 NAG F . -2.01 -48.05 -48.33
C3 NAG F . -0.62 -48.66 -48.28
C4 NAG F . 0.43 -47.58 -48.04
C5 NAG F . 0.06 -46.78 -46.81
C6 NAG F . 1.00 -45.64 -46.53
C7 NAG F . -3.93 -49.11 -49.40
C8 NAG F . -4.89 -50.26 -49.38
N2 NAG F . -3.01 -49.09 -48.45
O3 NAG F . -0.36 -49.32 -49.51
O4 NAG F . 1.70 -48.18 -47.83
O5 NAG F . -1.25 -46.23 -46.98
O6 NAG F . 1.52 -45.09 -47.74
O7 NAG F . -4.01 -48.23 -50.25
C1 NAG F . 2.55 -47.96 -48.96
C2 NAG F . 3.95 -48.40 -48.60
C3 NAG F . 4.88 -48.24 -49.79
C4 NAG F . 4.31 -48.97 -51.00
C5 NAG F . 2.87 -48.55 -51.26
C6 NAG F . 2.21 -49.36 -52.33
C7 NAG F . 4.72 -48.20 -46.28
C8 NAG F . 5.23 -47.29 -45.22
N2 NAG F . 4.46 -47.64 -47.47
O3 NAG F . 6.16 -48.78 -49.47
O4 NAG F . 5.09 -48.67 -52.15
O5 NAG F . 2.09 -48.72 -50.07
O6 NAG F . 1.66 -50.57 -51.80
O7 NAG F . 4.56 -49.41 -46.07
C1 NAG G . 15.33 -49.28 -33.32
C2 NAG G . 16.14 -50.44 -33.89
C3 NAG G . 17.63 -50.14 -33.83
C4 NAG G . 17.94 -48.79 -34.46
C5 NAG G . 17.07 -47.72 -33.81
C6 NAG G . 17.24 -46.37 -34.44
C7 NAG G . 16.12 -52.88 -33.63
C8 NAG G . 15.76 -54.03 -32.74
N2 NAG G . 15.84 -51.66 -33.16
O3 NAG G . 18.33 -51.15 -34.54
O4 NAG G . 19.30 -48.46 -34.28
O5 NAG G . 15.70 -48.09 -33.98
O6 NAG G . 17.07 -46.46 -35.85
O7 NAG G . 16.65 -53.05 -34.72
C1 NAG G . 19.91 -48.46 -35.60
C2 NAG G . 21.04 -47.45 -35.66
C3 NAG G . 21.63 -47.43 -37.05
C4 NAG G . 22.11 -48.84 -37.42
C5 NAG G . 21.02 -49.88 -37.20
C6 NAG G . 21.54 -51.29 -37.31
C7 NAG G . 21.22 -45.40 -34.34
C8 NAG G . 20.66 -44.03 -34.07
N2 NAG G . 20.60 -46.11 -35.29
O3 NAG G . 22.71 -46.51 -37.10
O4 NAG G . 22.51 -48.86 -38.79
O5 NAG G . 20.43 -49.77 -35.90
O6 NAG G . 22.58 -51.51 -36.36
O7 NAG G . 22.18 -45.84 -33.74
C1 NAG H . -18.90 40.90 18.83
C2 NAG H . -17.92 40.18 19.74
C3 NAG H . -18.69 39.24 20.65
C4 NAG H . -19.75 39.99 21.42
C5 NAG H . -20.60 40.89 20.49
C6 NAG H . -21.46 41.87 21.26
C7 NAG H . -15.61 39.70 19.09
C8 NAG H . -14.71 38.86 18.23
N2 NAG H . -16.93 39.46 18.97
O3 NAG H . -17.77 38.62 21.53
O4 NAG H . -20.65 39.06 22.01
O5 NAG H . -19.77 41.67 19.61
O6 NAG H . -21.36 43.18 20.71
O7 NAG H . -15.18 40.55 19.86
C1 NAG H . -20.32 38.72 23.37
C2 NAG H . -21.63 38.58 24.12
C3 NAG H . -21.36 38.13 25.56
C4 NAG H . -20.52 36.86 25.56
C5 NAG H . -19.25 37.08 24.75
C6 NAG H . -18.44 35.82 24.62
C7 NAG H . -23.61 39.91 23.60
C8 NAG H . -24.24 41.27 23.66
N2 NAG H . -22.38 39.82 24.11
O3 NAG H . -22.60 37.89 26.21
O4 NAG H . -20.16 36.52 26.90
O5 NAG H . -19.59 37.50 23.42
O6 NAG H . -19.27 34.70 24.34
O7 NAG H . -24.19 38.94 23.13
C1 NAG I . -45.03 -36.24 -27.12
C2 NAG I . -46.46 -36.68 -27.43
C3 NAG I . -47.00 -35.92 -28.64
C4 NAG I . -46.86 -34.43 -28.44
C5 NAG I . -45.40 -34.11 -28.17
C6 NAG I . -45.15 -32.65 -27.88
C7 NAG I . -47.09 -38.96 -26.80
C8 NAG I . -47.08 -40.41 -27.20
N2 NAG I . -46.53 -38.10 -27.66
O3 NAG I . -48.37 -36.25 -28.83
O4 NAG I . -47.28 -33.73 -29.60
O5 NAG I . -44.98 -34.83 -27.00
O6 NAG I . -45.69 -32.29 -26.61
O7 NAG I . -47.59 -38.59 -25.76
C1 NAG I . -48.53 -33.04 -29.34
C2 NAG I . -48.56 -31.72 -30.08
C3 NAG I . -49.88 -31.02 -29.83
C4 NAG I . -51.04 -31.93 -30.22
C5 NAG I . -50.92 -33.28 -29.52
C6 NAG I . -51.94 -34.28 -30.00
C7 NAG I . -46.66 -30.27 -30.60
C8 NAG I . -45.56 -29.42 -30.05
N2 NAG I . -47.45 -30.86 -29.70
O3 NAG I . -49.93 -29.82 -30.58
O4 NAG I . -52.28 -31.32 -29.86
O5 NAG I . -49.63 -33.86 -29.75
O6 NAG I . -51.74 -34.61 -31.37
O7 NAG I . -46.81 -30.44 -31.81
C1 NAG J . -36.50 -20.18 -40.83
C2 NAG J . -37.55 -20.27 -41.93
C3 NAG J . -37.92 -18.89 -42.45
C4 NAG J . -38.27 -17.96 -41.31
C5 NAG J . -37.15 -17.96 -40.27
C6 NAG J . -37.48 -17.15 -39.05
C7 NAG J . -37.84 -21.51 -44.03
C8 NAG J . -37.18 -22.35 -45.07
N2 NAG J . -37.07 -21.11 -43.03
O3 NAG J . -39.03 -18.99 -43.33
O4 NAG J . -38.41 -16.63 -41.81
O5 NAG J . -36.96 -19.30 -39.82
O6 NAG J . -38.82 -17.34 -38.64
O7 NAG J . -39.03 -21.21 -44.11
C1 NAG J . -39.75 -16.14 -41.56
C2 NAG J . -39.70 -14.63 -41.50
C3 NAG J . -41.09 -14.09 -41.21
C4 NAG J . -42.06 -14.59 -42.28
C5 NAG J . -41.99 -16.11 -42.42
C6 NAG J . -42.76 -16.61 -43.61
C7 NAG J . -37.58 -13.62 -40.82
C8 NAG J . -36.71 -13.18 -39.67
N2 NAG J . -38.76 -14.16 -40.50
O3 NAG J . -41.05 -12.67 -41.21
O4 NAG J . -43.38 -14.21 -41.92
O5 NAG J . -40.64 -16.55 -42.60
O6 NAG J . -41.99 -16.49 -44.79
O7 NAG J . -37.22 -13.49 -41.99
C1 NAG K . 37.40 9.49 29.63
C2 NAG K . 37.88 9.97 28.24
C3 NAG K . 39.16 9.25 27.84
C4 NAG K . 40.21 9.46 28.90
C5 NAG K . 39.70 8.91 30.22
C6 NAG K . 40.68 9.13 31.35
C7 NAG K . 36.87 10.42 26.05
C8 NAG K . 35.74 10.11 25.10
N2 NAG K . 36.85 9.79 27.23
O3 NAG K . 39.63 9.76 26.59
O4 NAG K . 41.47 8.90 28.50
O5 NAG K . 38.49 9.60 30.59
O6 NAG K . 41.41 7.94 31.63
O7 NAG K . 37.75 11.23 25.76
C1 NAG K . 41.53 7.47 28.41
C2 NAG K . 42.04 7.07 27.02
C3 NAG K . 42.25 5.56 26.95
C4 NAG K . 43.16 5.11 28.07
C5 NAG K . 42.62 5.56 29.41
C6 NAG K . 43.55 5.27 30.56
C7 NAG K . 41.52 7.72 24.72
C8 NAG K . 40.45 8.18 23.77
N2 NAG K . 41.13 7.52 25.98
O3 NAG K . 42.80 5.23 25.68
O4 NAG K . 43.27 3.69 28.06
O5 NAG K . 42.42 6.98 29.40
O6 NAG K . 44.87 5.03 30.10
O7 NAG K . 42.68 7.56 24.36
C1 NAG L . -12.65 -62.35 -2.41
C2 NAG L . -12.77 -63.84 -2.14
C3 NAG L . -13.72 -64.09 -0.98
C4 NAG L . -13.28 -63.29 0.23
C5 NAG L . -13.14 -61.82 -0.15
C6 NAG L . -12.62 -60.96 0.97
C7 NAG L . -12.90 -65.84 -3.54
C8 NAG L . -13.42 -66.44 -4.81
N2 NAG L . -13.21 -64.56 -3.32
O3 NAG L . -13.73 -65.47 -0.67
O4 NAG L . -14.27 -63.39 1.25
O5 NAG L . -12.22 -61.68 -1.24
O6 NAG L . -12.52 -59.61 0.57
O7 NAG L . -12.22 -66.48 -2.75
C1 NAG L . -13.75 -64.07 2.40
C2 NAG L . -14.51 -63.58 3.62
C3 NAG L . -14.02 -64.31 4.87
C4 NAG L . -14.13 -65.81 4.68
C5 NAG L . -13.42 -66.23 3.39
C6 NAG L . -13.66 -67.69 3.05
C7 NAG L . -15.44 -61.33 3.88
C8 NAG L . -15.14 -59.88 4.06
N2 NAG L . -14.39 -62.14 3.79
O3 NAG L . -14.82 -63.91 5.98
O4 NAG L . -13.55 -66.48 5.78
O5 NAG L . -13.91 -65.48 2.27
O6 NAG L . -15.04 -67.93 2.80
O7 NAG L . -16.60 -61.75 3.80
C1 NAG M . -25.68 -49.12 10.47
C2 NAG M . -26.51 -50.08 11.32
C3 NAG M . -26.65 -49.56 12.75
C4 NAG M . -25.27 -49.27 13.33
C5 NAG M . -24.55 -48.29 12.41
C6 NAG M . -23.17 -47.95 12.88
C7 NAG M . -28.57 -51.36 10.99
C8 NAG M . -29.90 -51.41 10.30
N2 NAG M . -27.82 -50.29 10.73
O3 NAG M . -27.30 -50.55 13.54
O4 NAG M . -25.40 -48.72 14.64
O5 NAG M . -24.43 -48.88 11.11
O6 NAG M . -22.49 -49.12 13.35
O7 NAG M . -28.20 -52.24 11.75
C1 NAG M . -24.71 -49.60 15.56
C2 NAG M . -24.50 -48.84 16.85
C3 NAG M . -23.77 -49.73 17.85
C4 NAG M . -24.56 -51.01 18.07
C5 NAG M . -24.86 -51.69 16.73
C6 NAG M . -25.82 -52.85 16.89
C7 NAG M . -24.31 -46.42 16.83
C8 NAG M . -23.43 -45.23 16.56
N2 NAG M . -23.76 -47.61 16.64
O3 NAG M . -23.63 -49.03 19.08
O4 NAG M . -23.83 -51.90 18.89
O5 NAG M . -25.48 -50.78 15.81
O6 NAG M . -27.06 -52.41 17.40
O7 NAG M . -25.47 -46.28 17.20
C1 NAG N . 28.44 18.26 -45.19
C2 NAG N . 27.10 17.53 -45.11
C3 NAG N . 26.54 17.28 -46.51
C4 NAG N . 26.50 18.58 -47.31
C5 NAG N . 27.87 19.24 -47.31
C6 NAG N . 27.89 20.58 -47.99
C7 NAG N . 26.73 16.06 -43.18
C8 NAG N . 26.96 14.71 -42.59
N2 NAG N . 27.23 16.26 -44.40
O3 NAG N . 25.24 16.73 -46.41
O4 NAG N . 26.09 18.34 -48.65
O5 NAG N . 28.30 19.46 -45.95
O6 NAG N . 26.62 21.20 -47.93
O7 NAG N . 26.12 16.94 -42.58
C1 NAG O . 62.72 23.13 -24.09
C2 NAG O . 64.22 22.95 -24.15
C3 NAG O . 64.77 22.68 -22.75
C4 NAG O . 64.33 23.78 -21.79
C5 NAG O . 62.82 23.95 -21.83
C6 NAG O . 62.34 25.14 -21.02
C7 NAG O . 65.49 22.03 -26.03
C8 NAG O . 66.12 23.40 -26.14
N2 NAG O . 64.59 21.88 -25.06
O3 NAG O . 66.18 22.61 -22.80
O4 NAG O . 64.73 23.45 -20.46
O5 NAG O . 62.38 24.18 -23.18
O6 NAG O . 62.82 26.36 -21.57
O7 NAG O . 65.80 21.11 -26.78
C1 NAG P . 47.64 41.52 -13.58
C2 NAG P . 46.22 41.63 -13.03
C3 NAG P . 45.89 43.09 -12.71
C4 NAG P . 46.95 43.69 -11.80
C5 NAG P . 48.34 43.49 -12.38
C6 NAG P . 49.45 43.91 -11.45
C7 NAG P . 44.21 40.35 -13.58
C8 NAG P . 43.32 39.84 -14.68
N2 NAG P . 45.26 41.08 -13.97
O3 NAG P . 44.62 43.14 -12.08
O4 NAG P . 46.71 45.09 -11.65
O5 NAG P . 48.56 42.09 -12.65
O6 NAG P . 50.24 42.79 -11.06
O7 NAG P . 43.99 40.10 -12.39
C1 NAG Q . 33.46 34.15 -19.45
C2 NAG Q . 32.77 34.85 -18.28
C3 NAG Q . 31.28 35.03 -18.57
C4 NAG Q . 31.09 35.75 -19.90
C5 NAG Q . 31.84 35.01 -20.99
C6 NAG Q . 31.80 35.73 -22.32
C7 NAG Q . 34.05 34.21 -16.28
C8 NAG Q . 34.08 33.36 -15.04
N2 NAG Q . 32.96 34.10 -17.04
O3 NAG Q . 30.69 35.78 -17.52
O4 NAG Q . 29.71 35.80 -20.21
O5 NAG Q . 33.23 34.88 -20.65
O6 NAG Q . 32.70 36.82 -22.35
O7 NAG Q . 34.98 34.96 -16.58
C1 NAG R . 43.86 -8.90 -22.81
C2 NAG R . 45.33 -8.52 -22.95
C3 NAG R . 46.15 -9.71 -23.42
C4 NAG R . 45.92 -10.90 -22.50
C5 NAG R . 44.44 -11.19 -22.35
C6 NAG R . 44.15 -12.25 -21.31
C7 NAG R . 45.43 -6.12 -23.43
C8 NAG R . 45.62 -5.08 -24.50
N2 NAG R . 45.49 -7.39 -23.84
O3 NAG R . 47.53 -9.37 -23.43
O4 NAG R . 46.59 -12.06 -22.99
O5 NAG R . 43.74 -10.02 -21.92
O6 NAG R . 44.34 -11.71 -20.01
O7 NAG R . 45.24 -5.82 -22.26
C1 NAG S . -6.73 48.40 -24.63
C2 NAG S . -7.01 47.85 -26.02
C3 NAG S . -8.46 48.09 -26.42
C4 NAG S . -9.41 47.57 -25.36
C5 NAG S . -9.03 48.17 -24.01
C6 NAG S . -9.85 47.64 -22.87
C7 NAG S . -5.21 47.71 -27.69
C8 NAG S . -5.18 46.25 -27.41
N2 NAG S . -6.10 48.43 -27.00
O3 NAG S . -8.72 47.42 -27.65
O4 NAG S . -10.75 47.92 -25.67
O5 NAG S . -7.66 47.86 -23.72
O6 NAG S . -9.05 47.38 -21.73
O7 NAG S . -4.45 48.24 -28.50
C1 NAG T . 10.36 57.30 -0.21
C2 NAG T . 10.19 56.43 -1.47
C3 NAG T . 11.52 56.28 -2.22
C4 NAG T . 12.13 57.65 -2.51
C5 NAG T . 12.27 58.42 -1.20
C6 NAG T . 12.78 59.83 -1.40
C7 NAG T . 8.98 54.39 -2.05
C8 NAG T . 8.51 53.06 -1.59
N2 NAG T . 9.65 55.12 -1.16
O3 NAG T . 11.30 55.60 -3.45
O4 NAG T . 13.41 57.45 -3.09
O5 NAG T . 10.99 58.54 -0.57
O6 NAG T . 12.69 60.25 -2.75
O7 NAG T . 8.77 54.79 -3.19
C1 NAG U . -6.77 13.29 -41.89
C2 NAG U . -8.04 12.53 -41.51
C3 NAG U . -9.09 12.66 -42.60
C4 NAG U . -9.31 14.12 -42.97
C5 NAG U . -7.97 14.80 -43.28
C6 NAG U . -8.10 16.28 -43.53
C7 NAG U . -8.59 10.24 -40.79
C8 NAG U . -8.09 8.84 -40.64
N2 NAG U . -7.72 11.12 -41.28
O3 NAG U . -10.32 12.11 -42.15
O4 NAG U . -10.14 14.21 -44.12
O5 NAG U . -7.10 14.65 -42.16
O6 NAG U . -6.86 16.84 -43.96
O7 NAG U . -9.74 10.56 -40.48
C1 NAG V . -32.60 -34.26 -51.00
C2 NAG V . -34.11 -34.13 -50.78
C3 NAG V . -34.74 -33.30 -51.89
C4 NAG V . -34.03 -31.97 -52.05
C5 NAG V . -32.54 -32.22 -52.26
C6 NAG V . -31.73 -30.94 -52.37
C7 NAG V . -35.25 -35.95 -49.58
C8 NAG V . -35.17 -35.07 -48.36
N2 NAG V . -34.72 -35.45 -50.70
O3 NAG V . -36.11 -33.06 -51.59
O4 NAG V . -34.54 -31.25 -53.16
O5 NAG V . -32.01 -32.95 -51.14
O6 NAG V . -30.47 -31.08 -51.73
O7 NAG V . -35.76 -37.06 -49.54
C1 NAG W . -17.65 -36.78 -54.02
C2 NAG W . -16.20 -36.53 -54.39
C3 NAG W . -15.89 -35.04 -54.36
C4 NAG W . -16.83 -34.30 -55.29
C5 NAG W . -18.29 -34.62 -54.92
C6 NAG W . -19.27 -34.05 -55.91
C7 NAG W . -14.34 -38.08 -54.03
C8 NAG W . -13.47 -38.77 -53.02
N2 NAG W . -15.27 -37.26 -53.54
O3 NAG W . -14.55 -34.82 -54.76
O4 NAG W . -16.62 -32.90 -55.21
O5 NAG W . -18.51 -36.04 -54.91
O6 NAG W . -19.61 -35.02 -56.90
O7 NAG W . -14.22 -38.28 -55.23
C1 NAG X . -19.64 -53.46 -57.39
C2 NAG X . -19.90 -54.93 -57.72
C3 NAG X . -19.30 -55.29 -59.06
C4 NAG X . -19.74 -54.32 -60.13
C5 NAG X . -19.43 -52.89 -59.69
C6 NAG X . -19.92 -51.85 -60.66
C7 NAG X . -20.15 -56.55 -55.89
C8 NAG X . -19.43 -57.38 -54.87
N2 NAG X . -19.38 -55.78 -56.67
O3 NAG X . -19.68 -56.61 -59.41
O4 NAG X . -19.08 -54.59 -61.36
O5 NAG X . -20.09 -52.65 -58.45
O6 NAG X . -21.27 -51.47 -60.37
O7 NAG X . -21.37 -56.58 -56.01
C1 NAG Y . -40.37 -51.22 -52.34
C2 NAG Y . -40.79 -50.13 -53.33
C3 NAG Y . -42.30 -49.87 -53.28
C4 NAG Y . -43.08 -51.18 -53.39
C5 NAG Y . -42.55 -52.20 -52.39
C6 NAG Y . -43.21 -53.54 -52.54
C7 NAG Y . -39.87 -47.98 -54.05
C8 NAG Y . -39.11 -46.75 -53.64
N2 NAG Y . -40.07 -48.89 -53.10
O3 NAG Y . -42.67 -49.03 -54.36
O4 NAG Y . -44.45 -50.92 -53.10
O5 NAG Y . -41.14 -52.39 -52.56
O6 NAG Y . -44.05 -53.56 -53.69
O7 NAG Y . -40.28 -48.14 -55.20
C1 NAG Z . -40.91 25.19 12.32
C2 NAG Z . -41.19 23.68 12.23
C3 NAG Z . -42.52 23.36 12.88
C4 NAG Z . -42.53 23.87 14.32
C5 NAG Z . -42.21 25.36 14.35
C6 NAG Z . -42.09 25.91 15.75
C7 NAG Z . -40.35 22.28 10.39
C8 NAG Z . -40.48 21.93 8.94
N2 NAG Z . -41.18 23.23 10.85
O3 NAG Z . -42.74 21.95 12.87
O4 NAG Z . -43.81 23.67 14.91
O5 NAG Z . -40.95 25.59 13.70
O6 NAG Z . -40.79 26.47 15.97
O7 NAG Z . -39.55 21.72 11.12
C1 NAG AA . -29.24 59.10 -4.78
C2 NAG AA . -29.66 60.48 -5.28
C3 NAG AA . -28.56 61.10 -6.11
C4 NAG AA . -27.25 61.15 -5.32
C5 NAG AA . -26.90 59.75 -4.83
C6 NAG AA . -25.69 59.73 -3.94
C7 NAG AA . -32.01 61.02 -5.69
C8 NAG AA . -33.18 60.85 -6.61
N2 NAG AA . -30.89 60.40 -6.05
O3 NAG AA . -28.93 62.41 -6.50
O4 NAG AA . -26.20 61.65 -6.13
O5 NAG AA . -27.99 59.22 -4.06
O6 NAG AA . -25.97 60.24 -2.65
O7 NAG AA . -32.08 61.69 -4.66
C1 NAG BA . -14.61 59.85 16.35
C2 NAG BA . -13.21 60.04 16.93
C3 NAG BA . -13.33 60.58 18.35
C4 NAG BA . -14.12 61.87 18.35
C5 NAG BA . -15.48 61.66 17.68
C6 NAG BA . -16.26 62.94 17.51
C7 NAG BA . -11.18 58.77 16.47
C8 NAG BA . -10.52 57.44 16.50
N2 NAG BA . -12.44 58.81 16.90
O3 NAG BA . -12.03 60.79 18.89
O4 NAG BA . -14.33 62.31 19.69
O5 NAG BA . -15.31 61.09 16.37
O6 NAG BA . -16.31 63.66 18.73
O7 NAG BA . -10.59 59.77 16.06
C1 NAG CA . -26.66 25.56 -24.50
C2 NAG CA . -28.19 25.52 -24.44
C3 NAG CA . -28.78 25.29 -25.83
C4 NAG CA . -28.26 26.34 -26.79
C5 NAG CA . -26.73 26.36 -26.77
C6 NAG CA . -26.14 27.45 -27.63
C7 NAG CA . -29.61 24.72 -22.62
C8 NAG CA . -29.98 23.56 -21.74
N2 NAG CA . -28.65 24.50 -23.52
O3 NAG CA . -30.20 25.39 -25.74
O4 NAG CA . -28.71 26.05 -28.11
O5 NAG CA . -26.26 26.58 -25.43
O6 NAG CA . -25.79 28.59 -26.84
O7 NAG CA . -30.16 25.82 -22.51
C1 NAG DA . -3.25 17.86 46.37
C2 NAG DA . -3.75 18.56 47.63
C3 NAG DA . -3.48 17.69 48.85
C4 NAG DA . -4.04 16.29 48.65
C5 NAG DA . -3.51 15.71 47.34
C6 NAG DA . -4.11 14.36 47.02
C7 NAG DA . -3.77 20.98 48.08
C8 NAG DA . -2.94 22.21 48.19
N2 NAG DA . -3.10 19.86 47.78
O3 NAG DA . -4.09 18.29 50.00
O4 NAG DA . -3.65 15.44 49.72
O5 NAG DA . -3.86 16.58 46.26
O6 NAG DA . -5.46 14.28 47.44
O7 NAG DA . -4.98 20.98 48.25
C1 NAG EA . 18.79 41.33 36.77
C2 NAG EA . 17.54 42.13 36.45
C3 NAG EA . 17.79 43.62 36.64
C4 NAG EA . 18.38 43.91 38.02
C5 NAG EA . 19.63 43.06 38.22
C6 NAG EA . 20.24 43.20 39.60
C7 NAG EA . 15.84 41.87 34.68
C8 NAG EA . 15.60 41.56 33.24
N2 NAG EA . 17.12 41.85 35.08
O3 NAG EA . 16.56 44.32 36.49
O4 NAG EA . 18.74 45.28 38.13
O5 NAG EA . 19.27 41.67 38.07
O6 NAG EA . 19.25 43.33 40.61
O7 NAG EA . 14.93 42.15 35.45
C1 NAG FA . -37.92 4.21 -14.74
C2 NAG FA . -37.13 3.44 -15.81
C3 NAG FA . -38.00 3.21 -17.04
C4 NAG FA . -39.30 2.53 -16.66
C5 NAG FA . -40.02 3.36 -15.60
C6 NAG FA . -41.29 2.74 -15.10
C7 NAG FA . -34.77 4.03 -15.51
C8 NAG FA . -33.62 4.87 -16.02
N2 NAG FA . -35.93 4.17 -16.16
O3 NAG FA . -37.29 2.40 -17.98
O4 NAG FA . -40.13 2.38 -17.80
O5 NAG FA . -39.15 3.52 -14.46
O6 NAG FA . -41.97 3.60 -14.19
O7 NAG FA . -34.64 3.26 -14.57
C1 NAG GA . -28.81 -7.56 23.15
C2 NAG GA . -28.09 -8.88 22.89
C3 NAG GA . -28.98 -10.04 23.30
C4 NAG GA . -29.38 -9.87 24.76
C5 NAG GA . -30.00 -8.49 25.00
C6 NAG GA . -30.23 -8.21 26.45
C7 NAG GA . -26.40 -9.20 21.14
C8 NAG GA . -26.15 -9.30 19.67
N2 NAG GA . -27.68 -9.01 21.50
O3 NAG GA . -28.28 -11.27 23.12
O4 NAG GA . -30.33 -10.88 25.12
O5 NAG GA . -29.13 -7.46 24.52
O6 NAG GA . -29.25 -7.31 26.95
O7 NAG GA . -25.50 -9.28 21.97
C1 NAG HA . -38.25 -54.64 0.91
C2 NAG HA . -39.43 -54.01 1.66
C3 NAG HA . -39.14 -53.95 3.15
C4 NAG HA . -38.69 -55.30 3.68
C5 NAG HA . -37.54 -55.84 2.84
C6 NAG HA . -37.12 -57.23 3.24
C7 NAG HA . -40.90 -52.06 1.34
C8 NAG HA . -41.03 -50.70 0.75
N2 NAG HA . -39.72 -52.68 1.15
O3 NAG HA . -40.30 -53.53 3.84
O4 NAG HA . -38.26 -55.17 5.02
O5 NAG HA . -37.95 -55.91 1.46
O6 NAG HA . -38.20 -58.15 3.14
O7 NAG HA . -41.81 -52.61 1.95
C1 NAG IA . -45.78 -44.02 -9.63
C2 NAG IA . -46.10 -44.48 -8.20
C3 NAG IA . -46.75 -43.33 -7.42
C4 NAG IA . -45.91 -42.07 -7.52
C5 NAG IA . -45.61 -41.74 -8.98
C6 NAG IA . -44.69 -40.56 -9.15
C7 NAG IA . -46.56 -46.90 -8.42
C8 NAG IA . -47.63 -47.94 -8.43
N2 NAG IA . -46.97 -45.63 -8.22
O3 NAG IA . -46.92 -43.71 -6.06
O4 NAG IA . -46.60 -40.98 -6.93
O5 NAG IA . -44.95 -42.87 -9.58
O6 NAG IA . -45.38 -39.32 -9.04
O7 NAG IA . -45.37 -47.17 -8.58
C1 NAG JA . -50.44 -55.27 -20.83
C2 NAG JA . -51.96 -55.13 -20.76
C3 NAG JA . -52.63 -56.26 -21.52
C4 NAG JA . -52.09 -56.33 -22.94
C5 NAG JA . -50.56 -56.40 -22.93
C6 NAG JA . -49.96 -56.34 -24.31
C7 NAG JA . -52.88 -53.99 -18.80
C8 NAG JA . -53.32 -54.14 -17.38
N2 NAG JA . -52.42 -55.10 -19.38
O3 NAG JA . -54.03 -56.04 -21.55
O4 NAG JA . -52.60 -57.49 -23.59
O5 NAG JA . -50.03 -55.30 -22.18
O6 NAG JA . -49.10 -55.21 -24.44
O7 NAG JA . -52.93 -52.92 -19.40
C1 NAG KA . -40.93 -70.19 -9.68
C2 NAG KA . -41.75 -70.34 -8.42
C3 NAG KA . -41.20 -71.49 -7.58
C4 NAG KA . -41.22 -72.77 -8.40
C5 NAG KA . -40.41 -72.57 -9.67
C6 NAG KA . -40.45 -73.76 -10.61
C7 NAG KA . -42.78 -68.77 -6.86
C8 NAG KA . -42.64 -67.46 -6.15
N2 NAG KA . -41.76 -69.11 -7.66
O3 NAG KA . -41.99 -71.65 -6.41
O4 NAG KA . -40.67 -73.84 -7.64
O5 NAG KA . -40.91 -71.44 -10.41
O6 NAG KA . -41.76 -74.29 -10.74
O7 NAG KA . -43.76 -69.49 -6.72
C1 NAG LA . 34.83 -19.01 31.66
C2 NAG LA . 36.18 -19.20 32.37
C3 NAG LA . 37.31 -19.50 31.37
C4 NAG LA . 36.90 -20.58 30.36
C5 NAG LA . 35.57 -20.21 29.74
C6 NAG LA . 35.06 -21.25 28.76
C7 NAG LA . 36.72 -16.79 32.93
C8 NAG LA . 36.59 -16.39 31.48
N2 NAG LA . 36.52 -18.10 33.25
O3 NAG LA . 38.46 -19.92 32.08
O4 NAG LA . 37.88 -20.66 29.34
O5 NAG LA . 34.59 -20.10 30.77
O6 NAG LA . 35.68 -21.10 27.50
O7 NAG LA . 37.00 -15.97 33.79
C1 NAG MA . 40.69 24.13 42.52
C2 NAG MA . 41.55 24.27 41.27
C3 NAG MA . 42.65 25.28 41.51
C4 NAG MA . 42.06 26.60 42.02
C5 NAG MA . 41.14 26.34 43.22
C6 NAG MA . 40.40 27.58 43.67
C7 NAG MA . 41.48 22.13 40.06
C8 NAG MA . 42.20 20.86 39.75
N2 NAG MA . 42.10 22.98 40.87
O3 NAG MA . 43.37 25.51 40.31
O4 NAG MA . 43.12 27.47 42.43
O5 NAG MA . 40.13 25.39 42.85
O6 NAG MA . 39.00 27.36 43.73
O7 NAG MA . 40.37 22.37 39.59
C1 NAG NA . -1.85 -12.36 39.75
C2 NAG NA . -1.16 -13.61 40.26
C3 NAG NA . -2.20 -14.68 40.60
C4 NAG NA . -3.22 -14.12 41.58
C5 NAG NA . -3.81 -12.81 41.05
C6 NAG NA . -4.71 -12.14 42.07
C7 NAG NA . -0.46 -14.62 38.12
C8 NAG NA . 0.71 -15.10 37.31
N2 NAG NA . -0.17 -14.13 39.33
O3 NAG NA . -1.55 -15.82 41.15
O4 NAG NA . -4.27 -15.07 41.76
O5 NAG NA . -2.78 -11.88 40.73
O6 NAG NA . -4.51 -10.72 42.06
O7 NAG NA . -1.61 -14.67 37.69
C1 NAG OA . 55.55 8.16 -0.70
C2 NAG OA . 56.41 7.45 -1.72
C3 NAG OA . 57.31 6.46 -1.00
C4 NAG OA . 58.12 7.17 0.07
C5 NAG OA . 57.22 8.01 0.99
C6 NAG OA . 57.99 8.88 1.93
C7 NAG OA . 55.14 7.43 -3.81
C8 NAG OA . 54.35 6.61 -4.77
N2 NAG OA . 55.62 6.79 -2.74
O3 NAG OA . 58.19 5.83 -1.94
O4 NAG OA . 58.82 6.21 0.86
O5 NAG OA . 56.36 8.88 0.21
O6 NAG OA . 59.33 9.08 1.47
O7 NAG OA . 55.33 8.62 -3.98
C1 NAG PA . 4.51 -32.28 23.66
C2 NAG PA . 3.55 -31.69 24.67
C3 NAG PA . 2.83 -32.82 25.41
C4 NAG PA . 2.18 -33.78 24.42
C5 NAG PA . 3.18 -34.24 23.38
C6 NAG PA . 2.56 -35.06 22.27
C7 NAG PA . 3.65 -29.81 26.22
C8 NAG PA . 4.52 -29.01 27.15
N2 NAG PA . 4.24 -30.83 25.60
O3 NAG PA . 1.84 -32.26 26.27
O4 NAG PA . 1.67 -34.91 25.12
O5 NAG PA . 3.80 -33.11 22.75
O6 NAG PA . 2.65 -34.37 21.02
O7 NAG PA . 2.47 -29.53 26.03
C1 NAG QA . 36.31 -27.07 -0.24
C2 NAG QA . 36.17 -27.69 -1.63
C3 NAG QA . 37.32 -28.64 -1.91
C4 NAG QA . 38.65 -27.94 -1.69
C5 NAG QA . 38.69 -27.33 -0.29
C6 NAG QA . 39.93 -26.50 -0.05
C7 NAG QA . 34.34 -28.63 -2.98
C8 NAG QA . 33.01 -29.33 -2.95
N2 NAG QA . 34.88 -28.36 -1.79
O3 NAG QA . 37.24 -29.12 -3.24
O4 NAG QA . 39.72 -28.87 -1.81
O5 NAG QA . 37.57 -26.43 -0.13
O6 NAG QA . 39.61 -25.11 0.02
O7 NAG QA . 34.89 -28.34 -4.04
C1 NAG RA . 8.84 -63.74 -28.44
C2 NAG RA . 9.99 -64.25 -27.58
C3 NAG RA . 11.28 -63.58 -28.03
C4 NAG RA . 11.49 -63.78 -29.52
C5 NAG RA . 10.25 -63.38 -30.31
C6 NAG RA . 10.34 -63.73 -31.77
C7 NAG RA . 9.43 -64.98 -25.33
C8 NAG RA . 9.21 -64.57 -23.90
N2 NAG RA . 9.75 -64.01 -26.18
O3 NAG RA . 12.37 -64.15 -27.30
O4 NAG RA . 12.58 -62.97 -29.95
O5 NAG RA . 9.09 -64.04 -29.79
O6 NAG RA . 9.61 -64.93 -32.05
O7 NAG RA . 9.32 -66.16 -25.68
C1 NAG SA . 2.95 -65.76 -13.01
C2 NAG SA . 4.27 -66.22 -13.58
C3 NAG SA . 5.41 -65.87 -12.64
C4 NAG SA . 5.37 -64.39 -12.29
C5 NAG SA . 3.97 -63.98 -11.81
C6 NAG SA . 3.83 -62.49 -11.62
C7 NAG SA . 4.07 -68.17 -15.07
C8 NAG SA . 3.94 -67.19 -16.20
N2 NAG SA . 4.24 -67.65 -13.85
O3 NAG SA . 6.65 -66.18 -13.26
O4 NAG SA . 6.32 -64.11 -11.27
O5 NAG SA . 2.99 -64.37 -12.78
O6 NAG SA . 4.01 -62.12 -10.25
O7 NAG SA . 4.05 -69.38 -15.26
C1 NAG TA . -9.03 -76.96 -17.68
C2 NAG TA . -8.62 -78.10 -16.74
C3 NAG TA . -9.40 -79.36 -17.08
C4 NAG TA . -10.90 -79.08 -17.09
C5 NAG TA . -11.19 -77.91 -18.01
C6 NAG TA . -12.65 -77.50 -18.00
C7 NAG TA . -6.38 -78.20 -15.78
C8 NAG TA . -4.93 -78.48 -16.04
N2 NAG TA . -7.20 -78.34 -16.82
O3 NAG TA . -9.11 -80.35 -16.10
O4 NAG TA . -11.59 -80.23 -17.56
O5 NAG TA . -10.43 -76.76 -17.59
O6 NAG TA . -13.04 -77.00 -16.73
O7 NAG TA . -6.79 -77.86 -14.68
C1 NAG UA . -3.38 -75.95 -37.46
C2 NAG UA . -1.90 -76.30 -37.55
C3 NAG UA . -1.44 -76.33 -38.99
C4 NAG UA . -2.32 -77.26 -39.81
C5 NAG UA . -3.78 -76.86 -39.64
C6 NAG UA . -4.73 -77.80 -40.34
C7 NAG UA . -0.64 -75.65 -35.56
C8 NAG UA . 0.17 -74.58 -34.88
N2 NAG UA . -1.10 -75.36 -36.78
O3 NAG UA . -0.08 -76.76 -39.06
O4 NAG UA . -1.97 -77.17 -41.19
O5 NAG UA . -4.13 -76.87 -38.25
O6 NAG UA . -4.25 -78.13 -41.63
O7 NAG UA . -0.85 -76.74 -35.02
#